data_7ZGU
#
_entry.id   7ZGU
#
_cell.length_a   1.00
_cell.length_b   1.00
_cell.length_c   1.00
_cell.angle_alpha   90.00
_cell.angle_beta   90.00
_cell.angle_gamma   90.00
#
_symmetry.space_group_name_H-M   'P 1'
#
loop_
_entity.id
_entity.type
_entity.pdbx_description
1 polymer 'NACHT, LRR and PYD domains-containing protein 3'
2 non-polymer "ADENOSINE-5'-DIPHOSPHATE"
#
_entity_poly.entity_id   1
_entity_poly.type   'polypeptide(L)'
_entity_poly.pdbx_seq_one_letter_code
;MRISICKMKKDYRKKYRKYVRSRFQCIEDRNARLGESVSLNKRYTRLRLIKEHRSQQEREQELLAIGKTKTCESPVSPIK
MELLFDPDDEHSEPVHTVVFQGAAGIGKTILARKMMLDWASGTLYQDRFDYLFYIHCREVSLVTQRSLGDLIMSCCPDPN
PPIHKIVRKPSRILFLMDGFDELQGAFDEHIGPLCTDWQKAERGDILLSSLIRKKLLPEASLLITTRPVALEKLQHLLDH
PRHVEILGFSEAKRKEYFFKYFSDEAQARAAFSLIQENEVLFTMCFIPLVCWIVCTGLKQQMESGKSLAQTSKTTTAVYV
FFLSSLLQPRGGSQEHGLCAHLWGLCSLAADGIWNQKILFEESDLRNHGLQKADVSAFLRMNLFQKEVDCEKFYSFIHMT
FQEFFAAMYYLLEEEKEGRTNVPGSRLKLPSRDVTVLLENYGKFEKGYLIFVVRFLFGLVNQERTSYLEKKLSCKISQQI
RLELLKWIEVKAKAKKLQIQPSQLELFYCLYEMQEEDFVQRAMDYFPKIEINLSTRMDHMVSSFCIENCHRVESLSLGFL
HNMPKEEEEEEKEGRHLDMVQCVLPSSSHAACSHGLVNSHLTSSFCRGLFSVLSTSQSLTELDLSDNSLGDPGMRVLCET
LQHPGCNIRRLWLGRCGLSHECCFDISLVLSSNQKLVELDLSDNALGDFGIRLLCVGLKHLLCNLKKLWLVSCCLTSACC
QDLASVLSTSHSLTRLYVGENALGDSGVAILCEKAKNPQCNLQKLGLVNSGLTSVCCSALSSVLSTNQNLTHLYLRGNTL
GDKGIKLLCEGLLHPDCKLQVLELDNCNLTSHCCWDLSTLLTSSQSLRKLSLGNNDLGDLGVMMFCEVLKQQSCLLQNLG
LSEMYFNYETKSALETLQEEKPELTVVFEPSWGSGGDYKDDDDK
;
_entity_poly.pdbx_strand_id   A,B,C,D,E,F
#
loop_
_chem_comp.id
_chem_comp.type
_chem_comp.name
_chem_comp.formula
ADP non-polymer ADENOSINE-5'-DIPHOSPHATE 'C10 H15 N5 O10 P2'
#
# COMPACT_ATOMS: atom_id res chain seq x y z
N LYS A 10 -24.69 34.74 0.38
CA LYS A 10 -25.05 34.27 -0.95
C LYS A 10 -26.26 35.04 -1.49
N ASP A 11 -26.58 36.17 -0.86
CA ASP A 11 -27.72 36.96 -1.27
C ASP A 11 -27.41 37.77 -2.52
N TYR A 12 -26.42 38.67 -2.43
CA TYR A 12 -26.08 39.49 -3.58
C TYR A 12 -25.36 38.70 -4.67
N ARG A 13 -24.71 37.59 -4.29
CA ARG A 13 -24.07 36.74 -5.29
C ARG A 13 -25.11 36.18 -6.27
N LYS A 14 -26.25 35.73 -5.76
CA LYS A 14 -27.32 35.28 -6.63
C LYS A 14 -27.88 36.42 -7.46
N LYS A 15 -28.06 37.60 -6.84
CA LYS A 15 -28.61 38.74 -7.58
C LYS A 15 -27.67 39.19 -8.68
N TYR A 16 -26.37 39.24 -8.41
CA TYR A 16 -25.41 39.61 -9.45
C TYR A 16 -25.41 38.59 -10.58
N ARG A 17 -25.44 37.30 -10.24
CA ARG A 17 -25.43 36.27 -11.28
C ARG A 17 -26.67 36.38 -12.16
N LYS A 18 -27.83 36.66 -11.55
CA LYS A 18 -29.04 36.86 -12.35
C LYS A 18 -28.97 38.17 -13.13
N TYR A 19 -28.30 39.18 -12.58
CA TYR A 19 -28.20 40.47 -13.26
C TYR A 19 -27.44 40.34 -14.57
N VAL A 20 -26.38 39.53 -14.59
CA VAL A 20 -25.59 39.34 -15.81
C VAL A 20 -26.42 38.64 -16.88
N ARG A 21 -27.29 37.71 -16.47
CA ARG A 21 -28.05 36.93 -17.43
C ARG A 21 -28.93 37.82 -18.32
N SER A 22 -29.63 38.79 -17.71
CA SER A 22 -30.51 39.64 -18.48
C SER A 22 -29.75 40.62 -19.36
N ARG A 23 -28.63 41.15 -18.85
CA ARG A 23 -27.88 42.16 -19.60
C ARG A 23 -27.31 41.59 -20.89
N PHE A 24 -26.81 40.36 -20.84
CA PHE A 24 -26.04 39.79 -21.94
C PHE A 24 -26.81 38.70 -22.68
N GLN A 25 -28.14 38.65 -22.51
CA GLN A 25 -28.94 37.66 -23.20
C GLN A 25 -28.83 37.82 -24.72
N CYS A 26 -28.79 39.06 -25.19
CA CYS A 26 -28.64 39.36 -26.61
C CYS A 26 -27.57 40.42 -26.78
N ILE A 27 -27.03 40.51 -28.00
CA ILE A 27 -25.97 41.47 -28.31
C ILE A 27 -26.66 42.77 -28.70
N GLU A 28 -27.02 43.55 -27.68
CA GLU A 28 -27.72 44.82 -27.84
C GLU A 28 -28.98 44.69 -28.69
N SER A 37 -31.25 41.56 -30.22
CA SER A 37 -32.34 41.01 -31.00
C SER A 37 -32.33 39.48 -30.93
N VAL A 38 -31.54 38.85 -31.81
CA VAL A 38 -31.44 37.41 -31.81
C VAL A 38 -30.73 36.95 -30.55
N SER A 39 -31.21 35.84 -29.98
CA SER A 39 -30.62 35.31 -28.76
C SER A 39 -29.16 34.94 -28.97
N LEU A 40 -28.31 35.36 -28.03
CA LEU A 40 -26.90 34.98 -28.08
C LEU A 40 -26.73 33.48 -27.95
N ASN A 41 -27.64 32.80 -27.26
CA ASN A 41 -27.64 31.35 -27.17
C ASN A 41 -27.94 30.67 -28.50
N LYS A 42 -28.50 31.40 -29.47
CA LYS A 42 -28.93 30.81 -30.73
C LYS A 42 -27.85 30.89 -31.80
N ARG A 43 -27.41 32.11 -32.14
CA ARG A 43 -26.55 32.32 -33.29
C ARG A 43 -25.07 32.11 -32.98
N TYR A 44 -24.70 31.97 -31.70
CA TYR A 44 -23.30 31.74 -31.38
C TYR A 44 -22.86 30.36 -31.85
N THR A 45 -21.63 30.27 -32.35
CA THR A 45 -21.06 29.01 -32.80
C THR A 45 -19.60 28.95 -32.36
N ARG A 46 -19.07 27.73 -32.34
CA ARG A 46 -17.73 27.50 -31.83
C ARG A 46 -16.67 28.18 -32.71
N LEU A 47 -15.70 28.79 -32.07
CA LEU A 47 -14.56 29.40 -32.73
C LEU A 47 -13.31 28.55 -32.52
N ARG A 48 -12.32 28.75 -33.40
CA ARG A 48 -11.09 27.99 -33.29
C ARG A 48 -10.25 28.48 -32.12
N LEU A 49 -10.43 27.84 -30.96
CA LEU A 49 -9.68 28.19 -29.76
C LEU A 49 -8.36 27.43 -29.76
N ILE A 50 -7.46 27.84 -30.65
CA ILE A 50 -6.17 27.18 -30.80
C ILE A 50 -5.25 27.68 -29.70
N LYS A 51 -4.72 26.76 -28.90
CA LYS A 51 -3.80 27.10 -27.83
C LYS A 51 -2.41 27.33 -28.43
N GLU A 52 -1.90 28.55 -28.32
CA GLU A 52 -0.59 28.89 -28.83
C GLU A 52 0.46 28.28 -27.90
N HIS A 53 0.93 27.09 -28.25
CA HIS A 53 1.91 26.35 -27.46
C HIS A 53 1.42 26.11 -26.03
N PHE A 85 -8.04 22.89 -27.82
CA PHE A 85 -8.07 23.48 -26.48
C PHE A 85 -9.52 23.61 -26.00
N ASP A 86 -9.84 22.88 -24.95
CA ASP A 86 -11.22 22.82 -24.45
C ASP A 86 -11.64 24.16 -23.90
N PRO A 87 -12.90 24.57 -24.07
CA PRO A 87 -13.39 25.77 -23.38
C PRO A 87 -13.51 25.59 -21.88
N ASP A 88 -13.16 24.41 -21.37
CA ASP A 88 -13.34 24.12 -19.95
C ASP A 88 -12.19 24.68 -19.11
N ASP A 89 -10.96 24.62 -19.62
CA ASP A 89 -9.79 24.73 -18.76
C ASP A 89 -8.74 25.72 -19.26
N GLU A 90 -9.13 26.96 -19.57
CA GLU A 90 -8.12 28.00 -19.78
C GLU A 90 -7.35 28.29 -18.50
N HIS A 91 -7.95 28.02 -17.34
CA HIS A 91 -7.38 28.42 -16.06
C HIS A 91 -7.16 27.22 -15.13
N SER A 92 -7.15 26.00 -15.66
CA SER A 92 -6.91 24.83 -14.83
C SER A 92 -5.50 24.84 -14.26
N GLU A 93 -4.51 25.19 -15.08
CA GLU A 93 -3.12 25.20 -14.68
C GLU A 93 -2.88 26.39 -13.75
N PRO A 94 -1.91 26.32 -12.83
CA PRO A 94 -1.71 27.43 -11.88
C PRO A 94 -1.31 28.75 -12.53
N VAL A 95 -1.21 28.82 -13.85
CA VAL A 95 -1.01 30.11 -14.50
C VAL A 95 -2.23 30.99 -14.26
N HIS A 96 -2.00 32.20 -13.79
CA HIS A 96 -3.06 33.10 -13.34
C HIS A 96 -3.19 34.30 -14.27
N THR A 97 -2.81 34.13 -15.54
CA THR A 97 -2.95 35.21 -16.52
C THR A 97 -3.07 34.64 -17.92
N VAL A 98 -4.16 34.99 -18.62
CA VAL A 98 -4.43 34.50 -19.97
C VAL A 98 -4.62 35.70 -20.88
N VAL A 99 -4.00 35.65 -22.05
CA VAL A 99 -4.15 36.68 -23.09
C VAL A 99 -4.62 36.02 -24.36
N PHE A 100 -5.58 36.65 -25.03
CA PHE A 100 -6.15 36.14 -26.27
C PHE A 100 -5.72 37.02 -27.44
N GLN A 101 -5.18 36.40 -28.48
CA GLN A 101 -4.77 37.08 -29.69
C GLN A 101 -5.78 36.81 -30.79
N GLY A 102 -6.23 37.87 -31.46
CA GLY A 102 -7.18 37.73 -32.54
C GLY A 102 -7.28 38.98 -33.39
N ALA A 103 -7.39 38.81 -34.71
CA ALA A 103 -7.48 39.93 -35.61
C ALA A 103 -8.83 40.64 -35.45
N ALA A 104 -8.91 41.85 -35.98
CA ALA A 104 -10.13 42.63 -35.90
C ALA A 104 -11.27 41.90 -36.59
N GLY A 105 -12.41 41.80 -35.90
CA GLY A 105 -13.57 41.12 -36.43
C GLY A 105 -13.57 39.62 -36.25
N ILE A 106 -12.54 39.04 -35.63
CA ILE A 106 -12.52 37.60 -35.42
C ILE A 106 -13.46 37.16 -34.31
N GLY A 107 -13.97 38.08 -33.52
CA GLY A 107 -14.92 37.78 -32.48
C GLY A 107 -14.42 37.84 -31.05
N LYS A 108 -13.36 38.60 -30.77
CA LYS A 108 -12.87 38.70 -29.40
C LYS A 108 -13.89 39.39 -28.50
N THR A 109 -14.57 40.42 -29.01
CA THR A 109 -15.46 41.21 -28.18
C THR A 109 -16.62 40.38 -27.63
N ILE A 110 -17.22 39.53 -28.46
CA ILE A 110 -18.37 38.76 -28.01
C ILE A 110 -18.00 37.36 -27.57
N LEU A 111 -16.75 36.93 -27.74
CA LEU A 111 -16.32 35.67 -27.14
C LEU A 111 -16.37 35.75 -25.62
N ALA A 112 -15.94 36.88 -25.06
CA ALA A 112 -16.07 37.08 -23.62
C ALA A 112 -17.52 37.18 -23.19
N ARG A 113 -18.37 37.81 -24.01
CA ARG A 113 -19.79 37.90 -23.67
C ARG A 113 -20.44 36.53 -23.61
N LYS A 114 -20.13 35.66 -24.58
CA LYS A 114 -20.60 34.28 -24.50
C LYS A 114 -20.03 33.58 -23.29
N MET A 115 -18.75 33.81 -22.99
CA MET A 115 -18.12 33.16 -21.84
C MET A 115 -18.79 33.58 -20.53
N MET A 116 -19.17 34.85 -20.41
CA MET A 116 -19.74 35.33 -19.16
C MET A 116 -21.21 34.94 -19.00
N LEU A 117 -21.97 34.88 -20.10
CA LEU A 117 -23.31 34.29 -20.00
C LEU A 117 -23.23 32.79 -19.72
N ASP A 118 -22.30 32.10 -20.39
CA ASP A 118 -22.16 30.67 -20.15
C ASP A 118 -21.78 30.39 -18.70
N TRP A 119 -20.97 31.27 -18.11
CA TRP A 119 -20.74 31.24 -16.68
C TRP A 119 -22.03 31.45 -15.90
N ALA A 120 -22.84 32.42 -16.33
CA ALA A 120 -23.99 32.84 -15.54
C ALA A 120 -24.98 31.70 -15.32
N SER A 121 -25.03 30.73 -16.23
CA SER A 121 -25.86 29.55 -16.06
C SER A 121 -25.16 28.46 -15.25
N GLY A 122 -23.93 28.69 -14.82
CA GLY A 122 -23.19 27.71 -14.04
C GLY A 122 -22.49 26.64 -14.84
N THR A 123 -22.55 26.70 -16.18
CA THR A 123 -21.94 25.65 -16.99
C THR A 123 -20.42 25.77 -17.02
N LEU A 124 -19.89 26.98 -16.81
CA LEU A 124 -18.46 27.22 -16.89
C LEU A 124 -17.98 27.83 -15.59
N TYR A 125 -17.00 27.17 -14.96
CA TYR A 125 -16.32 27.66 -13.76
C TYR A 125 -17.31 28.05 -12.67
N GLN A 126 -18.05 27.05 -12.19
CA GLN A 126 -18.96 27.28 -11.08
C GLN A 126 -18.24 27.21 -9.74
N ASP A 127 -17.05 26.62 -9.70
CA ASP A 127 -16.38 26.38 -8.43
C ASP A 127 -15.36 27.44 -8.06
N ARG A 128 -14.33 27.67 -8.89
CA ARG A 128 -13.31 28.63 -8.50
C ARG A 128 -13.82 30.07 -8.59
N PHE A 129 -14.91 30.29 -9.30
CA PHE A 129 -15.29 31.69 -9.46
C PHE A 129 -16.80 31.84 -9.35
N ASP A 130 -17.20 32.91 -8.65
CA ASP A 130 -18.59 33.30 -8.53
C ASP A 130 -18.80 34.79 -8.80
N TYR A 131 -17.74 35.52 -9.12
CA TYR A 131 -17.82 36.94 -9.46
C TYR A 131 -17.02 37.20 -10.72
N LEU A 132 -17.66 37.84 -11.71
CA LEU A 132 -17.01 38.18 -12.96
C LEU A 132 -17.23 39.66 -13.25
N PHE A 133 -16.16 40.35 -13.64
CA PHE A 133 -16.18 41.79 -13.86
C PHE A 133 -15.71 42.07 -15.28
N TYR A 134 -16.53 42.83 -16.03
CA TYR A 134 -16.24 43.12 -17.42
C TYR A 134 -15.63 44.52 -17.54
N ILE A 135 -14.43 44.61 -18.10
CA ILE A 135 -13.76 45.89 -18.29
C ILE A 135 -13.64 46.19 -19.77
N HIS A 136 -14.59 46.96 -20.30
CA HIS A 136 -14.59 47.33 -21.71
C HIS A 136 -13.62 48.50 -21.90
N CYS A 137 -12.47 48.22 -22.53
CA CYS A 137 -11.46 49.25 -22.72
C CYS A 137 -11.95 50.39 -23.59
N ARG A 138 -12.89 50.12 -24.50
CA ARG A 138 -13.47 51.18 -25.31
C ARG A 138 -14.12 52.25 -24.45
N GLU A 139 -14.90 51.84 -23.46
CA GLU A 139 -15.58 52.81 -22.60
C GLU A 139 -14.69 53.36 -21.52
N VAL A 140 -13.47 52.84 -21.36
CA VAL A 140 -12.60 53.27 -20.26
C VAL A 140 -12.01 54.63 -20.58
N SER A 141 -12.18 55.57 -19.66
CA SER A 141 -11.53 56.88 -19.71
C SER A 141 -10.41 56.86 -18.68
N LEU A 142 -9.19 56.68 -19.14
CA LEU A 142 -8.05 56.40 -18.26
C LEU A 142 -7.18 57.61 -17.98
N VAL A 143 -7.55 58.80 -18.43
CA VAL A 143 -6.71 59.96 -18.20
C VAL A 143 -7.04 60.62 -16.87
N THR A 144 -6.53 60.02 -15.79
CA THR A 144 -6.65 60.55 -14.42
C THR A 144 -8.12 60.80 -14.03
N GLN A 145 -8.96 59.77 -14.20
CA GLN A 145 -10.30 59.81 -13.65
C GLN A 145 -10.60 58.68 -12.68
N ARG A 146 -10.34 57.43 -13.07
CA ARG A 146 -10.99 56.31 -12.41
C ARG A 146 -10.23 55.86 -11.17
N SER A 147 -10.98 55.53 -10.14
CA SER A 147 -10.59 54.87 -8.90
C SER A 147 -10.96 53.39 -9.03
N LEU A 148 -11.03 52.70 -7.89
CA LEU A 148 -11.65 51.37 -7.94
C LEU A 148 -13.11 51.40 -8.35
N GLY A 149 -13.63 52.55 -8.74
CA GLY A 149 -14.99 52.70 -9.19
C GLY A 149 -15.44 51.71 -10.25
N ASP A 150 -14.48 51.01 -10.86
CA ASP A 150 -14.82 49.93 -11.78
C ASP A 150 -15.67 48.86 -11.08
N LEU A 151 -15.44 48.65 -9.78
CA LEU A 151 -16.20 47.61 -9.09
C LEU A 151 -17.63 48.02 -8.78
N ILE A 152 -17.88 49.25 -8.32
CA ILE A 152 -19.27 49.64 -8.07
C ILE A 152 -20.04 49.77 -9.38
N MET A 153 -19.42 50.33 -10.41
CA MET A 153 -20.17 50.65 -11.62
C MET A 153 -20.69 49.40 -12.31
N SER A 154 -19.97 48.27 -12.16
CA SER A 154 -20.33 47.08 -12.90
C SER A 154 -21.50 46.35 -12.25
N CYS A 155 -21.48 46.16 -10.94
CA CYS A 155 -22.48 45.36 -10.26
C CYS A 155 -23.88 45.95 -10.38
N CYS A 156 -24.08 47.11 -9.78
CA CYS A 156 -25.37 47.79 -9.78
C CYS A 156 -25.10 49.28 -9.60
N PRO A 157 -26.14 50.14 -9.74
CA PRO A 157 -25.92 51.59 -9.58
C PRO A 157 -25.06 52.00 -8.39
N ASP A 158 -25.45 51.64 -7.16
CA ASP A 158 -24.59 52.00 -6.04
C ASP A 158 -24.78 51.16 -4.79
N PRO A 159 -24.62 49.83 -4.85
CA PRO A 159 -24.50 49.04 -3.62
C PRO A 159 -23.03 48.81 -3.26
N ASN A 160 -22.71 48.87 -1.97
CA ASN A 160 -21.34 48.56 -1.59
C ASN A 160 -21.20 47.44 -0.56
N PRO A 161 -21.91 46.31 -0.68
CA PRO A 161 -21.43 45.09 -0.02
C PRO A 161 -20.20 44.51 -0.70
N PRO A 162 -20.20 44.31 -2.03
CA PRO A 162 -19.03 43.65 -2.63
C PRO A 162 -17.75 44.46 -2.54
N ILE A 163 -17.84 45.79 -2.42
CA ILE A 163 -16.64 46.61 -2.35
C ILE A 163 -15.85 46.30 -1.09
N HIS A 164 -16.49 45.67 -0.10
CA HIS A 164 -15.82 45.35 1.15
C HIS A 164 -15.77 43.85 1.43
N LYS A 165 -16.87 43.13 1.18
CA LYS A 165 -16.89 41.71 1.54
C LYS A 165 -16.22 40.85 0.47
N ILE A 166 -16.30 41.27 -0.79
CA ILE A 166 -15.81 40.42 -1.88
C ILE A 166 -14.32 40.66 -2.12
N VAL A 167 -13.84 41.87 -1.85
CA VAL A 167 -12.45 42.20 -2.12
C VAL A 167 -11.53 41.48 -1.14
N ARG A 168 -12.08 40.87 -0.10
CA ARG A 168 -11.26 40.23 0.92
C ARG A 168 -10.50 39.04 0.36
N LYS A 169 -11.18 38.15 -0.37
CA LYS A 169 -10.54 36.94 -0.86
C LYS A 169 -10.22 37.09 -2.34
N PRO A 170 -8.94 37.18 -2.72
CA PRO A 170 -8.59 37.52 -4.10
C PRO A 170 -8.93 36.43 -5.12
N SER A 171 -9.15 35.20 -4.66
CA SER A 171 -9.50 34.08 -5.52
C SER A 171 -10.98 34.07 -5.89
N ARG A 172 -11.64 35.22 -5.78
CA ARG A 172 -13.06 35.37 -6.03
C ARG A 172 -13.36 36.30 -7.20
N ILE A 173 -12.36 36.99 -7.73
CA ILE A 173 -12.53 38.01 -8.74
C ILE A 173 -11.55 37.76 -9.88
N LEU A 174 -12.06 37.82 -11.12
CA LEU A 174 -11.22 37.92 -12.31
C LEU A 174 -11.72 39.08 -13.13
N PHE A 175 -10.87 39.60 -14.00
CA PHE A 175 -11.19 40.80 -14.77
C PHE A 175 -11.12 40.48 -16.25
N LEU A 176 -12.19 40.80 -16.97
CA LEU A 176 -12.30 40.57 -18.41
C LEU A 176 -12.05 41.90 -19.11
N MET A 177 -10.78 42.21 -19.35
CA MET A 177 -10.38 43.44 -20.03
C MET A 177 -10.48 43.20 -21.53
N ASP A 178 -11.61 43.59 -22.11
CA ASP A 178 -11.87 43.32 -23.52
C ASP A 178 -11.23 44.39 -24.39
N GLY A 179 -10.53 43.93 -25.43
CA GLY A 179 -9.98 44.83 -26.43
C GLY A 179 -8.94 45.80 -25.91
N PHE A 180 -7.79 45.28 -25.47
CA PHE A 180 -6.71 46.16 -25.02
C PHE A 180 -6.17 47.00 -26.17
N ASP A 181 -6.31 46.53 -27.41
CA ASP A 181 -5.96 47.34 -28.56
C ASP A 181 -6.82 48.60 -28.66
N GLU A 182 -8.03 48.54 -28.11
CA GLU A 182 -8.94 49.66 -28.19
C GLU A 182 -8.73 50.68 -27.09
N LEU A 183 -7.59 50.63 -26.41
CA LEU A 183 -7.22 51.67 -25.47
C LEU A 183 -7.11 53.01 -26.17
N GLN A 184 -7.52 54.07 -25.48
CA GLN A 184 -7.52 55.42 -26.01
C GLN A 184 -6.49 56.26 -25.27
N GLY A 185 -5.89 57.21 -25.98
CA GLY A 185 -4.95 58.13 -25.39
C GLY A 185 -3.51 57.66 -25.52
N ALA A 186 -2.63 58.41 -24.86
CA ALA A 186 -1.20 58.11 -24.85
C ALA A 186 -0.92 57.16 -23.70
N PHE A 187 -0.64 55.90 -24.03
CA PHE A 187 -0.30 54.88 -23.03
C PHE A 187 1.21 54.77 -22.96
N ASP A 188 1.80 55.49 -22.01
CA ASP A 188 3.24 55.39 -21.78
C ASP A 188 3.58 54.03 -21.17
N GLU A 189 4.80 53.57 -21.42
CA GLU A 189 5.21 52.23 -21.00
C GLU A 189 5.29 52.13 -19.49
N HIS A 190 5.51 53.25 -18.79
CA HIS A 190 5.75 53.24 -17.36
C HIS A 190 5.14 54.49 -16.73
N ILE A 191 3.99 54.31 -16.07
CA ILE A 191 3.34 55.39 -15.33
C ILE A 191 2.85 54.82 -14.00
N GLY A 192 3.09 55.56 -12.92
CA GLY A 192 2.65 55.15 -11.60
C GLY A 192 3.43 53.96 -11.08
N PRO A 193 4.72 54.16 -10.78
CA PRO A 193 5.53 53.05 -10.28
C PRO A 193 5.05 52.51 -8.94
N LEU A 194 4.82 53.38 -7.96
CA LEU A 194 4.36 52.97 -6.64
C LEU A 194 2.83 52.97 -6.62
N CYS A 195 2.25 51.77 -6.57
CA CYS A 195 0.81 51.63 -6.53
C CYS A 195 0.40 50.35 -5.80
N THR A 196 0.09 50.48 -4.50
CA THR A 196 -0.31 49.34 -3.69
C THR A 196 -1.54 49.64 -2.84
N ASP A 197 -1.82 50.91 -2.55
CA ASP A 197 -2.98 51.29 -1.76
C ASP A 197 -4.25 50.83 -2.47
N TRP A 198 -5.19 50.29 -1.68
CA TRP A 198 -6.29 49.55 -2.28
C TRP A 198 -7.36 50.47 -2.86
N GLN A 199 -8.02 51.26 -2.01
CA GLN A 199 -9.25 51.94 -2.39
C GLN A 199 -9.05 53.21 -3.18
N LYS A 200 -7.84 53.76 -3.24
CA LYS A 200 -7.61 55.04 -3.90
C LYS A 200 -6.40 54.95 -4.81
N ALA A 201 -6.63 54.98 -6.12
CA ALA A 201 -5.57 55.12 -7.09
C ALA A 201 -5.78 56.38 -7.92
N GLU A 202 -7.02 56.55 -8.41
CA GLU A 202 -7.51 57.76 -9.07
C GLU A 202 -6.86 57.99 -10.43
N ARG A 203 -5.90 57.16 -10.83
CA ARG A 203 -5.22 57.29 -12.11
C ARG A 203 -5.54 56.08 -12.97
N GLY A 204 -6.05 56.34 -14.18
CA GLY A 204 -6.40 55.24 -15.07
C GLY A 204 -5.21 54.42 -15.50
N ASP A 205 -4.10 55.09 -15.81
CA ASP A 205 -2.88 54.37 -16.17
C ASP A 205 -2.36 53.53 -15.01
N ILE A 206 -2.48 54.06 -13.79
CA ILE A 206 -2.05 53.31 -12.61
C ILE A 206 -2.90 52.05 -12.45
N LEU A 207 -4.22 52.19 -12.62
CA LEU A 207 -5.12 51.03 -12.48
C LEU A 207 -4.76 49.93 -13.47
N LEU A 208 -4.62 50.29 -14.75
CA LEU A 208 -4.31 49.29 -15.77
C LEU A 208 -2.92 48.69 -15.54
N SER A 209 -1.95 49.54 -15.19
CA SER A 209 -0.60 49.03 -14.94
C SER A 209 -0.56 48.14 -13.71
N SER A 210 -1.25 48.55 -12.63
CA SER A 210 -1.22 47.77 -11.40
C SER A 210 -1.97 46.45 -11.55
N LEU A 211 -3.16 46.49 -12.15
CA LEU A 211 -3.96 45.27 -12.29
C LEU A 211 -3.28 44.25 -13.17
N ILE A 212 -2.68 44.69 -14.28
CA ILE A 212 -1.93 43.78 -15.14
C ILE A 212 -0.74 43.20 -14.39
N ARG A 213 -0.01 44.05 -13.66
CA ARG A 213 1.10 43.59 -12.84
C ARG A 213 0.64 42.90 -11.56
N LYS A 214 -0.67 42.87 -11.29
CA LYS A 214 -1.24 42.23 -10.11
C LYS A 214 -0.66 42.82 -8.82
N LYS A 215 -0.51 44.14 -8.82
CA LYS A 215 -0.07 44.88 -7.64
C LYS A 215 -1.21 45.50 -6.86
N LEU A 216 -2.25 45.99 -7.54
CA LEU A 216 -3.43 46.47 -6.84
C LEU A 216 -4.12 45.35 -6.08
N LEU A 217 -4.23 44.18 -6.70
CA LEU A 217 -4.87 43.02 -6.06
C LEU A 217 -4.02 41.81 -6.37
N PRO A 218 -3.12 41.44 -5.45
CA PRO A 218 -2.30 40.25 -5.67
C PRO A 218 -3.15 38.99 -5.75
N GLU A 219 -2.63 38.02 -6.52
CA GLU A 219 -3.36 36.80 -6.86
C GLU A 219 -4.69 37.15 -7.53
N ALA A 220 -4.60 37.76 -8.71
CA ALA A 220 -5.76 38.16 -9.49
C ALA A 220 -5.76 37.43 -10.82
N SER A 221 -6.90 36.84 -11.16
CA SER A 221 -7.05 36.13 -12.42
C SER A 221 -7.39 37.12 -13.52
N LEU A 222 -6.73 36.97 -14.67
CA LEU A 222 -6.91 37.91 -15.77
C LEU A 222 -7.14 37.15 -17.07
N LEU A 223 -7.99 37.73 -17.92
CA LEU A 223 -8.23 37.20 -19.26
C LEU A 223 -8.50 38.40 -20.15
N ILE A 224 -7.54 38.74 -21.01
CA ILE A 224 -7.57 39.96 -21.80
C ILE A 224 -7.55 39.59 -23.27
N THR A 225 -8.33 40.31 -24.06
CA THR A 225 -8.37 40.12 -25.51
C THR A 225 -7.56 41.23 -26.17
N THR A 226 -6.53 40.84 -26.93
CA THR A 226 -5.62 41.79 -27.55
C THR A 226 -5.46 41.46 -29.03
N ARG A 227 -5.39 42.50 -29.84
CA ARG A 227 -5.03 42.34 -31.24
C ARG A 227 -3.55 41.96 -31.35
N PRO A 228 -3.19 41.06 -32.25
CA PRO A 228 -1.80 40.58 -32.30
C PRO A 228 -0.78 41.67 -32.53
N VAL A 229 -1.17 42.77 -33.17
CA VAL A 229 -0.24 43.87 -33.40
C VAL A 229 0.14 44.57 -32.10
N ALA A 230 -0.65 44.39 -31.04
CA ALA A 230 -0.45 45.13 -29.79
C ALA A 230 0.44 44.42 -28.79
N LEU A 231 0.99 43.26 -29.15
CA LEU A 231 1.78 42.49 -28.18
C LEU A 231 3.03 43.23 -27.71
N GLU A 232 3.48 44.25 -28.46
CA GLU A 232 4.67 44.99 -28.04
C GLU A 232 4.42 45.68 -26.70
N LYS A 233 3.24 46.26 -26.51
CA LYS A 233 2.91 46.87 -25.23
C LYS A 233 2.73 45.82 -24.15
N LEU A 234 2.16 44.67 -24.52
CA LEU A 234 1.92 43.62 -23.53
C LEU A 234 3.22 43.08 -22.97
N GLN A 235 4.23 42.87 -23.83
CA GLN A 235 5.48 42.26 -23.40
C GLN A 235 6.20 43.08 -22.34
N HIS A 236 5.98 44.39 -22.31
CA HIS A 236 6.56 45.20 -21.25
C HIS A 236 5.90 44.91 -19.90
N LEU A 237 4.64 44.49 -19.90
CA LEU A 237 3.86 44.36 -18.67
C LEU A 237 3.53 42.92 -18.30
N LEU A 238 3.48 42.00 -19.26
CA LEU A 238 3.10 40.63 -18.95
C LEU A 238 4.16 39.96 -18.09
N ASP A 239 3.72 39.20 -17.09
CA ASP A 239 4.60 38.44 -16.21
C ASP A 239 4.04 37.02 -16.10
N HIS A 240 4.73 36.06 -16.70
CA HIS A 240 4.31 34.67 -16.75
C HIS A 240 2.90 34.53 -17.32
N PRO A 241 2.68 34.91 -18.58
CA PRO A 241 1.34 34.85 -19.17
C PRO A 241 1.10 33.54 -19.91
N ARG A 242 -0.13 33.40 -20.40
CA ARG A 242 -0.52 32.30 -21.26
C ARG A 242 -1.17 32.87 -22.51
N HIS A 243 -0.64 32.50 -23.67
CA HIS A 243 -1.05 33.08 -24.95
C HIS A 243 -1.88 32.07 -25.73
N VAL A 244 -3.03 32.49 -26.22
CA VAL A 244 -3.93 31.65 -27.01
C VAL A 244 -4.36 32.43 -28.24
N GLU A 245 -4.21 31.81 -29.42
CA GLU A 245 -4.58 32.45 -30.67
C GLU A 245 -6.02 32.10 -31.03
N ILE A 246 -6.75 33.08 -31.56
CA ILE A 246 -8.15 32.92 -31.93
C ILE A 246 -8.26 33.03 -33.45
N LEU A 247 -8.66 31.93 -34.09
CA LEU A 247 -8.93 31.91 -35.51
C LEU A 247 -10.43 32.10 -35.75
N GLY A 248 -10.87 31.88 -36.99
CA GLY A 248 -12.24 32.16 -37.34
C GLY A 248 -13.12 30.97 -37.69
N PHE A 249 -13.79 31.04 -38.82
CA PHE A 249 -14.80 30.06 -39.22
C PHE A 249 -14.23 29.05 -40.20
N SER A 250 -14.79 27.84 -40.17
CA SER A 250 -14.49 26.80 -41.13
C SER A 250 -15.55 26.81 -42.23
N GLU A 251 -15.32 26.00 -43.27
CA GLU A 251 -16.32 25.88 -44.33
C GLU A 251 -17.62 25.31 -43.79
N ALA A 252 -17.54 24.27 -42.95
CA ALA A 252 -18.74 23.74 -42.31
C ALA A 252 -19.36 24.76 -41.36
N LYS A 253 -18.52 25.48 -40.60
CA LYS A 253 -19.03 26.49 -39.68
C LYS A 253 -19.70 27.64 -40.44
N ARG A 254 -19.15 28.01 -41.60
CA ARG A 254 -19.77 29.05 -42.41
C ARG A 254 -21.17 28.64 -42.84
N LYS A 255 -21.34 27.38 -43.26
CA LYS A 255 -22.67 26.89 -43.62
C LYS A 255 -23.61 26.91 -42.43
N GLU A 256 -23.11 26.52 -41.24
CA GLU A 256 -23.94 26.53 -40.05
C GLU A 256 -24.38 27.94 -39.69
N TYR A 257 -23.48 28.92 -39.83
CA TYR A 257 -23.84 30.30 -39.51
C TYR A 257 -24.94 30.80 -40.43
N PHE A 258 -24.87 30.48 -41.73
CA PHE A 258 -25.89 30.91 -42.67
C PHE A 258 -27.24 30.30 -42.32
N PHE A 259 -27.25 29.03 -41.91
CA PHE A 259 -28.49 28.40 -41.46
C PHE A 259 -29.02 29.06 -40.20
N LYS A 260 -28.14 29.35 -39.24
CA LYS A 260 -28.56 30.00 -38.01
C LYS A 260 -28.97 31.45 -38.21
N TYR A 261 -28.58 32.06 -39.33
CA TYR A 261 -28.92 33.45 -39.61
C TYR A 261 -30.18 33.57 -40.46
N PHE A 262 -30.26 32.80 -41.55
CA PHE A 262 -31.37 32.91 -42.48
C PHE A 262 -32.55 32.13 -41.95
N SER A 263 -33.64 32.84 -41.62
CA SER A 263 -34.84 32.18 -41.11
C SER A 263 -35.47 31.30 -42.18
N ASP A 264 -35.53 31.78 -43.43
CA ASP A 264 -36.12 31.04 -44.53
C ASP A 264 -35.03 30.22 -45.22
N GLU A 265 -35.03 28.91 -44.95
CA GLU A 265 -34.01 28.02 -45.49
C GLU A 265 -34.16 27.80 -47.00
N ALA A 266 -35.28 28.20 -47.59
CA ALA A 266 -35.46 28.03 -49.03
C ALA A 266 -34.43 28.85 -49.81
N GLN A 267 -34.15 30.06 -49.36
CA GLN A 267 -33.13 30.90 -49.98
C GLN A 267 -31.77 30.77 -49.30
N ALA A 268 -31.71 30.19 -48.11
CA ALA A 268 -30.42 30.03 -47.42
C ALA A 268 -29.47 29.18 -48.24
N ARG A 269 -29.96 28.05 -48.77
CA ARG A 269 -29.14 27.23 -49.64
C ARG A 269 -28.76 27.99 -50.91
N ALA A 270 -29.72 28.73 -51.48
CA ALA A 270 -29.44 29.53 -52.66
C ALA A 270 -28.42 30.62 -52.35
N ALA A 271 -28.58 31.29 -51.21
CA ALA A 271 -27.61 32.31 -50.82
C ALA A 271 -26.25 31.71 -50.51
N PHE A 272 -26.23 30.57 -49.82
CA PHE A 272 -24.96 29.90 -49.53
C PHE A 272 -24.28 29.43 -50.80
N SER A 273 -25.04 28.88 -51.74
CA SER A 273 -24.47 28.44 -53.01
C SER A 273 -23.87 29.62 -53.78
N LEU A 274 -24.57 30.76 -53.77
CA LEU A 274 -24.02 31.96 -54.37
C LEU A 274 -22.75 32.40 -53.65
N ILE A 275 -22.77 32.31 -52.31
CA ILE A 275 -21.55 32.61 -51.54
C ILE A 275 -20.48 31.56 -51.82
N GLN A 276 -20.86 30.28 -51.83
CA GLN A 276 -19.88 29.23 -52.07
C GLN A 276 -19.31 29.29 -53.48
N GLU A 277 -20.08 29.83 -54.44
CA GLU A 277 -19.58 29.94 -55.81
C GLU A 277 -18.37 30.86 -55.88
N ASN A 278 -18.40 31.97 -55.15
CA ASN A 278 -17.24 32.86 -55.10
C ASN A 278 -16.08 32.18 -54.41
N GLU A 279 -14.88 32.41 -54.94
CA GLU A 279 -13.68 31.78 -54.40
C GLU A 279 -12.93 32.67 -53.42
N VAL A 280 -13.03 33.98 -53.58
CA VAL A 280 -12.36 34.91 -52.67
C VAL A 280 -13.24 35.24 -51.48
N LEU A 281 -14.53 35.48 -51.73
CA LEU A 281 -15.45 35.80 -50.65
C LEU A 281 -15.58 34.64 -49.66
N PHE A 282 -15.65 33.40 -50.18
CA PHE A 282 -15.84 32.25 -49.31
C PHE A 282 -14.67 32.08 -48.36
N THR A 283 -13.44 32.23 -48.86
CA THR A 283 -12.28 32.14 -47.98
C THR A 283 -12.12 33.38 -47.13
N MET A 284 -12.72 34.51 -47.54
CA MET A 284 -12.73 35.70 -46.70
C MET A 284 -13.80 35.62 -45.61
N CYS A 285 -14.69 34.64 -45.70
CA CYS A 285 -15.70 34.43 -44.67
C CYS A 285 -15.20 33.57 -43.51
N PHE A 286 -13.89 33.41 -43.36
CA PHE A 286 -13.39 32.79 -42.14
C PHE A 286 -13.53 33.73 -40.96
N ILE A 287 -13.46 35.04 -41.21
CA ILE A 287 -13.72 36.05 -40.18
C ILE A 287 -15.22 36.15 -39.97
N PRO A 288 -15.72 35.95 -38.75
CA PRO A 288 -17.17 36.02 -38.53
C PRO A 288 -17.77 37.38 -38.86
N LEU A 289 -17.00 38.46 -38.71
CA LEU A 289 -17.52 39.79 -39.01
C LEU A 289 -17.91 39.92 -40.47
N VAL A 290 -17.09 39.36 -41.37
CA VAL A 290 -17.42 39.41 -42.80
C VAL A 290 -18.69 38.63 -43.07
N CYS A 291 -18.88 37.50 -42.37
CA CYS A 291 -20.11 36.73 -42.53
C CYS A 291 -21.32 37.56 -42.12
N TRP A 292 -21.19 38.31 -41.03
CA TRP A 292 -22.29 39.19 -40.61
C TRP A 292 -22.58 40.25 -41.65
N ILE A 293 -21.52 40.83 -42.24
CA ILE A 293 -21.70 41.92 -43.20
C ILE A 293 -22.32 41.41 -44.49
N VAL A 294 -21.84 40.27 -45.00
CA VAL A 294 -22.40 39.73 -46.23
C VAL A 294 -23.83 39.28 -46.02
N CYS A 295 -24.15 38.74 -44.85
CA CYS A 295 -25.51 38.31 -44.57
C CYS A 295 -26.45 39.51 -44.46
N THR A 296 -26.04 40.55 -43.74
CA THR A 296 -26.87 41.73 -43.60
C THR A 296 -27.09 42.40 -44.95
N GLY A 297 -26.02 42.55 -45.74
CA GLY A 297 -26.15 43.19 -47.04
C GLY A 297 -27.04 42.40 -47.97
N LEU A 298 -26.92 41.07 -47.97
CA LEU A 298 -27.80 40.25 -48.77
C LEU A 298 -29.24 40.35 -48.28
N LYS A 299 -29.45 40.36 -46.96
CA LYS A 299 -30.80 40.48 -46.43
C LYS A 299 -31.34 41.89 -46.56
N GLN A 300 -30.48 42.90 -46.45
CA GLN A 300 -30.91 44.27 -46.70
C GLN A 300 -31.37 44.44 -48.14
N GLN A 301 -30.65 43.85 -49.08
CA GLN A 301 -31.03 43.86 -50.48
C GLN A 301 -31.97 42.71 -50.84
N MET A 302 -32.31 41.84 -49.88
CA MET A 302 -33.29 40.80 -50.16
C MET A 302 -34.65 41.42 -50.45
N GLU A 303 -35.03 42.47 -49.73
CA GLU A 303 -36.22 43.22 -50.07
C GLU A 303 -36.09 43.91 -51.42
N SER A 304 -34.87 44.11 -51.91
CA SER A 304 -34.62 44.69 -53.22
C SER A 304 -34.36 43.64 -54.29
N GLY A 305 -33.62 42.58 -53.97
CA GLY A 305 -33.38 41.52 -54.92
C GLY A 305 -32.01 41.56 -55.57
N LYS A 306 -30.97 41.80 -54.79
CA LYS A 306 -29.60 41.88 -55.27
C LYS A 306 -28.74 40.83 -54.57
N SER A 307 -27.49 40.71 -55.05
CA SER A 307 -26.53 39.80 -54.44
C SER A 307 -25.30 40.56 -53.97
N LEU A 308 -24.29 39.85 -53.48
CA LEU A 308 -23.10 40.51 -52.95
C LEU A 308 -21.81 39.92 -53.51
N ALA A 309 -21.86 38.64 -53.93
CA ALA A 309 -20.65 37.91 -54.29
C ALA A 309 -20.26 38.14 -55.75
N GLN A 310 -20.14 39.41 -56.12
CA GLN A 310 -19.53 39.78 -57.39
C GLN A 310 -18.40 40.78 -57.23
N THR A 311 -18.55 41.77 -56.35
CA THR A 311 -17.47 42.70 -56.01
C THR A 311 -16.82 42.28 -54.70
N SER A 312 -16.21 41.09 -54.71
CA SER A 312 -15.60 40.49 -53.54
C SER A 312 -14.09 40.34 -53.75
N LYS A 313 -13.48 41.31 -54.43
CA LYS A 313 -12.06 41.21 -54.73
C LYS A 313 -11.22 41.31 -53.46
N THR A 314 -11.46 42.32 -52.62
CA THR A 314 -10.63 42.58 -51.45
C THR A 314 -11.54 43.00 -50.30
N THR A 315 -10.91 43.36 -49.17
CA THR A 315 -11.67 43.80 -48.00
C THR A 315 -12.36 45.13 -48.26
N THR A 316 -11.72 46.03 -49.01
CA THR A 316 -12.34 47.30 -49.32
C THR A 316 -13.61 47.11 -50.14
N ALA A 317 -13.57 46.19 -51.12
CA ALA A 317 -14.71 46.01 -52.02
C ALA A 317 -15.95 45.56 -51.27
N VAL A 318 -15.80 44.59 -50.35
CA VAL A 318 -16.97 44.07 -49.66
C VAL A 318 -17.56 45.11 -48.71
N TYR A 319 -16.72 45.92 -48.07
CA TYR A 319 -17.23 46.97 -47.20
C TYR A 319 -17.79 48.14 -48.00
N VAL A 320 -17.13 48.52 -49.10
CA VAL A 320 -17.66 49.58 -49.95
C VAL A 320 -18.99 49.15 -50.56
N PHE A 321 -19.08 47.90 -51.03
CA PHE A 321 -20.34 47.40 -51.54
C PHE A 321 -21.38 47.26 -50.44
N PHE A 322 -20.96 46.94 -49.22
CA PHE A 322 -21.89 46.99 -48.11
C PHE A 322 -22.38 48.41 -47.90
N LEU A 323 -21.47 49.38 -47.88
CA LEU A 323 -21.86 50.78 -47.78
C LEU A 323 -22.75 51.18 -48.94
N SER A 324 -22.54 50.58 -50.12
CA SER A 324 -23.48 50.75 -51.21
C SER A 324 -24.86 50.29 -50.80
N SER A 325 -24.98 49.02 -50.40
CA SER A 325 -26.24 48.51 -49.88
C SER A 325 -26.64 49.20 -48.58
N LEU A 326 -25.67 49.80 -47.87
CA LEU A 326 -25.98 50.56 -46.66
C LEU A 326 -26.54 51.94 -47.00
N LEU A 327 -26.30 52.41 -48.22
CA LEU A 327 -26.76 53.72 -48.63
C LEU A 327 -27.64 53.70 -49.88
N GLN A 328 -27.67 52.60 -50.63
CA GLN A 328 -28.57 52.53 -51.79
C GLN A 328 -30.03 52.73 -51.41
N PRO A 329 -30.57 52.08 -50.37
CA PRO A 329 -31.91 52.48 -49.91
C PRO A 329 -31.95 53.89 -49.34
N ARG A 330 -30.85 54.39 -48.80
CA ARG A 330 -30.84 55.68 -48.12
C ARG A 330 -30.44 56.82 -49.05
N GLY A 331 -29.23 56.74 -49.64
CA GLY A 331 -28.73 57.78 -50.50
C GLY A 331 -27.32 57.53 -50.99
N GLY A 337 -24.51 66.23 -48.92
CA GLY A 337 -25.39 65.76 -47.85
C GLY A 337 -24.81 64.60 -47.08
N LEU A 338 -24.93 63.40 -47.64
CA LEU A 338 -24.38 62.22 -46.98
C LEU A 338 -22.87 62.30 -46.87
N CYS A 339 -22.20 62.79 -47.93
CA CYS A 339 -20.75 62.95 -47.87
C CYS A 339 -20.37 63.95 -46.78
N ALA A 340 -21.10 65.04 -46.66
CA ALA A 340 -20.89 65.95 -45.54
C ALA A 340 -21.15 65.25 -44.22
N HIS A 341 -22.21 64.45 -44.16
CA HIS A 341 -22.43 63.61 -42.98
C HIS A 341 -21.30 62.60 -42.82
N LEU A 342 -20.84 62.02 -43.92
CA LEU A 342 -19.62 61.23 -43.87
C LEU A 342 -18.43 62.09 -43.44
N TRP A 343 -18.34 63.31 -43.99
CA TRP A 343 -17.31 64.24 -43.53
C TRP A 343 -17.51 64.57 -42.06
N GLY A 344 -18.76 64.71 -41.63
CA GLY A 344 -19.03 64.95 -40.22
C GLY A 344 -18.57 63.81 -39.33
N LEU A 345 -18.60 62.59 -39.84
CA LEU A 345 -18.18 61.44 -39.05
C LEU A 345 -16.76 60.98 -39.37
N CYS A 346 -16.31 61.12 -40.61
CA CYS A 346 -14.94 60.72 -40.96
C CYS A 346 -13.93 61.60 -40.23
N SER A 347 -14.14 62.92 -40.24
CA SER A 347 -13.32 63.81 -39.44
C SER A 347 -13.50 63.50 -37.96
N LEU A 348 -14.73 63.17 -37.56
CA LEU A 348 -14.95 62.68 -36.20
C LEU A 348 -14.26 61.34 -35.98
N ALA A 349 -14.23 60.49 -37.01
CA ALA A 349 -13.42 59.28 -36.95
C ALA A 349 -11.94 59.57 -37.11
N ALA A 350 -11.58 60.72 -37.69
CA ALA A 350 -10.17 61.08 -37.81
C ALA A 350 -9.59 61.45 -36.46
N ASP A 351 -10.08 62.51 -35.84
CA ASP A 351 -9.62 62.86 -34.50
C ASP A 351 -9.99 61.80 -33.47
N GLY A 352 -10.92 60.91 -33.81
CA GLY A 352 -11.20 59.78 -32.94
C GLY A 352 -10.15 58.70 -32.99
N ILE A 353 -9.26 58.76 -33.98
CA ILE A 353 -8.08 57.89 -33.99
C ILE A 353 -6.85 58.78 -33.86
N TRP A 354 -6.96 60.03 -34.32
CA TRP A 354 -5.85 60.96 -34.17
C TRP A 354 -5.61 61.27 -32.69
N ASN A 355 -6.66 61.72 -32.00
CA ASN A 355 -6.64 61.95 -30.56
C ASN A 355 -7.24 60.79 -29.78
N GLN A 356 -7.59 59.69 -30.45
CA GLN A 356 -8.08 58.47 -29.81
C GLN A 356 -9.37 58.72 -29.04
N LYS A 357 -10.42 59.05 -29.77
CA LYS A 357 -11.76 59.22 -29.21
C LYS A 357 -12.73 58.28 -29.93
N ILE A 358 -12.86 57.05 -29.42
CA ILE A 358 -13.80 56.11 -30.00
C ILE A 358 -15.23 56.57 -29.76
N LEU A 359 -15.55 56.95 -28.52
CA LEU A 359 -16.91 57.33 -28.17
C LEU A 359 -17.22 58.74 -28.68
N PHE A 360 -18.48 58.95 -29.03
CA PHE A 360 -18.92 60.20 -29.65
C PHE A 360 -19.92 60.89 -28.72
N GLU A 361 -19.70 62.18 -28.49
CA GLU A 361 -20.55 62.97 -27.64
C GLU A 361 -21.64 63.67 -28.45
N GLU A 362 -22.70 64.10 -27.75
CA GLU A 362 -23.76 64.84 -28.40
C GLU A 362 -23.24 66.16 -28.96
N SER A 363 -22.41 66.86 -28.19
CA SER A 363 -21.79 68.08 -28.68
C SER A 363 -20.89 67.81 -29.88
N ASP A 364 -20.10 66.73 -29.81
CA ASP A 364 -19.26 66.35 -30.95
C ASP A 364 -20.12 65.98 -32.14
N LEU A 365 -21.28 65.36 -31.91
CA LEU A 365 -22.20 65.05 -32.99
C LEU A 365 -22.67 66.32 -33.69
N ARG A 366 -22.99 67.35 -32.90
CA ARG A 366 -23.39 68.64 -33.48
C ARG A 366 -22.19 69.49 -33.87
N ASN A 367 -20.99 69.18 -33.37
CA ASN A 367 -19.81 69.98 -33.70
C ASN A 367 -19.48 69.87 -35.18
N HIS A 368 -19.41 68.64 -35.70
CA HIS A 368 -19.15 68.45 -37.12
C HIS A 368 -20.39 68.73 -37.96
N GLY A 369 -21.58 68.55 -37.39
CA GLY A 369 -22.82 68.85 -38.08
C GLY A 369 -23.53 67.62 -38.59
N LEU A 370 -24.52 67.14 -37.84
CA LEU A 370 -25.35 66.01 -38.21
C LEU A 370 -26.81 66.36 -37.95
N GLN A 371 -27.70 65.44 -38.29
CA GLN A 371 -29.12 65.57 -38.00
C GLN A 371 -29.54 64.39 -37.12
N LYS A 372 -30.30 64.67 -36.07
CA LYS A 372 -30.74 63.62 -35.17
C LYS A 372 -31.58 62.58 -35.90
N ALA A 373 -32.49 63.03 -36.77
CA ALA A 373 -33.25 62.09 -37.59
C ALA A 373 -32.33 61.30 -38.51
N ASP A 374 -31.36 61.99 -39.14
CA ASP A 374 -30.40 61.30 -39.98
C ASP A 374 -29.51 60.37 -39.17
N VAL A 375 -29.12 60.80 -37.96
CA VAL A 375 -28.40 59.91 -37.06
C VAL A 375 -29.27 58.72 -36.70
N SER A 376 -30.55 58.96 -36.39
CA SER A 376 -31.48 57.86 -36.16
C SER A 376 -31.64 57.02 -37.43
N ALA A 377 -31.72 57.69 -38.59
CA ALA A 377 -31.70 56.96 -39.85
C ALA A 377 -30.42 56.17 -40.02
N PHE A 378 -29.29 56.73 -39.53
CA PHE A 378 -28.05 55.97 -39.48
C PHE A 378 -28.12 54.86 -38.44
N LEU A 379 -28.84 55.12 -37.33
CA LEU A 379 -28.98 54.11 -36.29
C LEU A 379 -29.82 52.93 -36.75
N ARG A 380 -30.93 53.20 -37.46
CA ARG A 380 -31.98 52.20 -37.58
C ARG A 380 -31.57 51.02 -38.46
N MET A 381 -30.65 51.23 -39.40
CA MET A 381 -30.21 50.13 -40.25
C MET A 381 -28.69 50.00 -40.25
N ASN A 382 -28.07 50.32 -39.11
CA ASN A 382 -26.72 49.88 -38.75
C ASN A 382 -25.64 50.48 -39.66
N LEU A 383 -25.52 51.82 -39.59
CA LEU A 383 -24.24 52.43 -39.96
C LEU A 383 -23.25 52.28 -38.80
N PHE A 384 -23.57 52.86 -37.66
CA PHE A 384 -22.81 52.65 -36.43
C PHE A 384 -23.69 52.12 -35.31
N GLN A 385 -24.90 52.65 -35.16
CA GLN A 385 -25.99 52.06 -34.36
C GLN A 385 -25.55 51.66 -32.95
N LYS A 386 -24.44 52.27 -32.51
CA LYS A 386 -23.85 51.91 -31.21
C LYS A 386 -24.15 53.05 -30.23
N GLU A 387 -25.22 52.89 -29.46
CA GLU A 387 -25.54 53.76 -28.34
C GLU A 387 -25.45 52.95 -27.06
N VAL A 388 -24.62 53.40 -26.13
CA VAL A 388 -24.41 52.66 -24.89
C VAL A 388 -25.68 52.71 -24.05
N ASP A 389 -26.09 51.55 -23.54
CA ASP A 389 -27.26 51.51 -22.67
C ASP A 389 -26.96 52.08 -21.29
N CYS A 390 -25.70 52.01 -20.86
CA CYS A 390 -25.34 52.54 -19.54
C CYS A 390 -25.52 54.05 -19.49
N GLU A 391 -25.11 54.76 -20.54
CA GLU A 391 -25.27 56.21 -20.61
C GLU A 391 -25.40 56.61 -22.07
N LYS A 392 -26.01 57.78 -22.29
CA LYS A 392 -26.30 58.22 -23.64
C LYS A 392 -25.04 58.70 -24.37
N PHE A 393 -24.28 57.76 -24.93
CA PHE A 393 -23.13 58.09 -25.75
C PHE A 393 -23.29 57.49 -27.14
N TYR A 394 -22.26 57.60 -27.97
CA TYR A 394 -22.33 57.07 -29.33
C TYR A 394 -20.99 56.43 -29.68
N SER A 395 -21.02 55.49 -30.62
CA SER A 395 -19.82 54.78 -31.06
C SER A 395 -20.09 54.18 -32.43
N PHE A 396 -19.01 53.73 -33.07
CA PHE A 396 -19.14 53.02 -34.34
C PHE A 396 -19.47 51.55 -34.10
N ILE A 397 -20.08 50.93 -35.11
CA ILE A 397 -20.52 49.54 -34.99
C ILE A 397 -19.32 48.59 -34.84
N HIS A 398 -18.25 48.82 -35.59
CA HIS A 398 -17.07 47.97 -35.52
C HIS A 398 -15.83 48.79 -35.80
N MET A 399 -14.68 48.20 -35.45
CA MET A 399 -13.43 48.94 -35.47
C MET A 399 -13.02 49.28 -36.89
N THR A 400 -13.23 48.32 -37.80
CA THR A 400 -12.84 48.53 -39.19
C THR A 400 -13.71 49.58 -39.86
N PHE A 401 -14.95 49.76 -39.38
CA PHE A 401 -15.81 50.78 -39.96
C PHE A 401 -15.32 52.18 -39.64
N GLN A 402 -14.88 52.41 -38.40
CA GLN A 402 -14.29 53.69 -38.06
C GLN A 402 -13.01 53.94 -38.85
N GLU A 403 -12.17 52.91 -38.99
CA GLU A 403 -10.95 53.06 -39.76
C GLU A 403 -11.22 53.10 -41.25
N PHE A 404 -12.33 52.48 -41.70
CA PHE A 404 -12.74 52.64 -43.09
C PHE A 404 -13.08 54.08 -43.40
N PHE A 405 -13.83 54.73 -42.50
CA PHE A 405 -14.14 56.14 -42.68
C PHE A 405 -12.96 57.03 -42.38
N ALA A 406 -11.99 56.54 -41.60
CA ALA A 406 -10.76 57.29 -41.41
C ALA A 406 -10.01 57.46 -42.72
N ALA A 407 -9.96 56.39 -43.52
CA ALA A 407 -9.38 56.49 -44.85
C ALA A 407 -10.28 57.25 -45.81
N MET A 408 -11.59 57.30 -45.53
CA MET A 408 -12.49 58.08 -46.37
C MET A 408 -12.15 59.56 -46.34
N TYR A 409 -11.74 60.06 -45.17
CA TYR A 409 -11.32 61.46 -45.07
C TYR A 409 -10.09 61.74 -45.91
N TYR A 410 -9.14 60.82 -45.94
CA TYR A 410 -7.91 60.97 -46.72
C TYR A 410 -8.15 60.91 -48.22
N LEU A 411 -9.40 60.74 -48.66
CA LEU A 411 -9.71 60.67 -50.08
C LEU A 411 -10.86 61.60 -50.46
N LEU A 412 -11.58 62.17 -49.50
CA LEU A 412 -12.64 63.12 -49.81
C LEU A 412 -12.08 64.35 -50.52
N GLU A 413 -11.20 65.09 -49.85
CA GLU A 413 -10.56 66.26 -50.44
C GLU A 413 -9.12 66.38 -49.97
N ARG A 426 -10.54 67.47 -40.47
CA ARG A 426 -10.52 68.90 -40.17
C ARG A 426 -9.32 69.26 -39.30
N LEU A 427 -8.45 68.29 -39.05
CA LEU A 427 -7.27 68.49 -38.22
C LEU A 427 -5.98 68.13 -38.91
N LYS A 428 -5.98 67.21 -39.86
CA LYS A 428 -4.79 66.83 -40.62
C LYS A 428 -5.16 66.71 -42.08
N LEU A 429 -4.62 67.60 -42.91
CA LEU A 429 -4.94 67.58 -44.33
C LEU A 429 -4.42 66.29 -44.96
N PRO A 430 -5.13 65.73 -45.95
CA PRO A 430 -4.70 64.43 -46.49
C PRO A 430 -3.35 64.47 -47.20
N SER A 431 -3.15 65.40 -48.13
CA SER A 431 -1.96 65.36 -48.98
C SER A 431 -0.69 65.61 -48.17
N ARG A 432 -0.67 66.64 -47.34
CA ARG A 432 0.53 66.98 -46.60
C ARG A 432 0.78 66.04 -45.44
N ASP A 433 -0.26 65.65 -44.71
CA ASP A 433 -0.11 64.91 -43.47
C ASP A 433 -0.23 63.40 -43.66
N VAL A 434 -0.34 62.91 -44.89
CA VAL A 434 -0.21 61.47 -45.09
C VAL A 434 1.22 61.03 -44.82
N THR A 435 2.20 61.85 -45.21
CA THR A 435 3.60 61.51 -45.01
C THR A 435 3.95 61.38 -43.54
N VAL A 436 3.47 62.31 -42.71
CA VAL A 436 3.68 62.18 -41.28
C VAL A 436 2.88 61.00 -40.74
N LEU A 437 1.70 60.74 -41.29
CA LEU A 437 0.95 59.54 -40.92
C LEU A 437 1.71 58.28 -41.31
N LEU A 438 2.35 58.29 -42.48
CA LEU A 438 3.10 57.11 -42.92
C LEU A 438 4.25 56.80 -41.99
N GLU A 439 4.83 57.82 -41.34
CA GLU A 439 5.82 57.57 -40.30
C GLU A 439 5.18 57.49 -38.91
N ASN A 440 3.93 57.95 -38.78
CA ASN A 440 3.13 57.72 -37.58
C ASN A 440 2.34 56.41 -37.68
N TYR A 441 2.56 55.65 -38.75
CA TYR A 441 1.83 54.41 -38.97
C TYR A 441 2.06 53.42 -37.84
N GLY A 442 3.32 53.28 -37.38
CA GLY A 442 3.63 52.28 -36.39
C GLY A 442 3.52 52.75 -34.95
N LYS A 443 3.49 54.06 -34.72
CA LYS A 443 3.48 54.56 -33.35
C LYS A 443 2.17 54.25 -32.66
N PHE A 444 2.27 53.64 -31.48
CA PHE A 444 1.10 53.31 -30.68
C PHE A 444 0.41 54.54 -30.08
N GLU A 445 1.09 55.69 -30.09
CA GLU A 445 0.51 56.91 -29.55
C GLU A 445 -0.84 57.22 -30.18
N LYS A 446 -0.95 57.02 -31.50
CA LYS A 446 -2.21 57.19 -32.23
C LYS A 446 -2.89 55.85 -32.49
N GLY A 447 -2.75 54.91 -31.56
CA GLY A 447 -3.26 53.58 -31.81
C GLY A 447 -2.45 52.86 -32.87
N TYR A 448 -3.11 51.99 -33.62
CA TYR A 448 -2.50 51.30 -34.75
C TYR A 448 -3.36 51.54 -35.98
N LEU A 449 -2.72 52.00 -37.06
CA LEU A 449 -3.41 52.36 -38.30
C LEU A 449 -3.22 51.32 -39.37
N ILE A 450 -3.22 50.04 -39.00
CA ILE A 450 -2.99 48.97 -39.97
C ILE A 450 -4.10 48.95 -41.01
N PHE A 451 -5.35 49.07 -40.59
CA PHE A 451 -6.45 49.11 -41.53
C PHE A 451 -6.64 50.48 -42.17
N VAL A 452 -6.10 51.53 -41.57
CA VAL A 452 -6.29 52.88 -42.10
C VAL A 452 -5.68 52.99 -43.50
N VAL A 453 -4.42 52.59 -43.64
CA VAL A 453 -3.79 52.60 -44.95
C VAL A 453 -4.41 51.56 -45.87
N ARG A 454 -4.75 50.38 -45.33
CA ARG A 454 -5.26 49.30 -46.16
C ARG A 454 -6.50 49.74 -46.93
N PHE A 455 -7.48 50.32 -46.24
CA PHE A 455 -8.63 50.87 -46.92
C PHE A 455 -8.24 52.04 -47.82
N LEU A 456 -7.31 52.88 -47.35
CA LEU A 456 -6.81 53.95 -48.20
C LEU A 456 -6.14 53.40 -49.44
N PHE A 457 -5.34 52.33 -49.29
CA PHE A 457 -4.76 51.67 -50.45
C PHE A 457 -5.84 51.10 -51.35
N GLY A 458 -6.85 50.47 -50.75
CA GLY A 458 -7.91 49.87 -51.56
C GLY A 458 -8.81 50.90 -52.23
N LEU A 459 -9.13 51.98 -51.53
CA LEU A 459 -10.16 52.91 -52.02
C LEU A 459 -9.71 53.64 -53.27
N VAL A 460 -8.41 53.91 -53.40
CA VAL A 460 -7.91 54.66 -54.55
C VAL A 460 -8.07 53.89 -55.86
N ASN A 461 -8.38 52.60 -55.78
CA ASN A 461 -8.55 51.77 -56.97
C ASN A 461 -9.95 51.90 -57.58
N GLN A 462 -10.67 52.98 -57.25
CA GLN A 462 -11.99 53.31 -57.79
C GLN A 462 -12.91 52.09 -57.87
N GLU A 463 -13.27 51.54 -56.70
CA GLU A 463 -14.14 50.38 -56.61
C GLU A 463 -15.39 50.55 -57.47
N ARG A 464 -15.87 49.46 -58.07
CA ARG A 464 -16.89 49.50 -59.11
C ARG A 464 -18.25 49.96 -58.61
N THR A 465 -18.38 50.36 -57.35
CA THR A 465 -19.64 50.87 -56.84
C THR A 465 -20.04 52.15 -57.56
N SER A 466 -21.35 52.32 -57.77
CA SER A 466 -21.85 53.44 -58.57
C SER A 466 -21.44 54.78 -57.97
N TYR A 467 -21.90 55.08 -56.76
CA TYR A 467 -21.68 56.38 -56.15
C TYR A 467 -20.51 56.39 -55.17
N LEU A 468 -19.52 55.52 -55.37
CA LEU A 468 -18.28 55.60 -54.62
C LEU A 468 -17.08 55.95 -55.50
N GLU A 469 -17.32 56.33 -56.76
CA GLU A 469 -16.24 56.74 -57.65
C GLU A 469 -16.29 58.24 -57.94
N LYS A 470 -17.47 58.74 -58.27
CA LYS A 470 -17.63 60.05 -58.89
C LYS A 470 -17.94 61.17 -57.91
N LYS A 471 -17.98 60.92 -56.60
CA LYS A 471 -18.05 62.03 -55.65
C LYS A 471 -16.71 62.40 -55.06
N LEU A 472 -15.69 61.57 -55.26
CA LEU A 472 -14.35 61.88 -54.77
C LEU A 472 -13.49 62.46 -55.90
N SER A 473 -12.35 63.01 -55.52
CA SER A 473 -11.51 63.77 -56.43
C SER A 473 -10.29 62.96 -56.85
N CYS A 474 -10.07 62.87 -58.16
CA CYS A 474 -8.94 62.14 -58.70
C CYS A 474 -7.62 62.89 -58.52
N LYS A 475 -7.66 64.21 -58.32
CA LYS A 475 -6.42 64.97 -58.18
C LYS A 475 -5.62 64.53 -56.96
N ILE A 476 -6.29 64.39 -55.82
CA ILE A 476 -5.63 63.89 -54.61
C ILE A 476 -5.31 62.40 -54.74
N SER A 477 -6.21 61.61 -55.32
CA SER A 477 -5.98 60.18 -55.44
C SER A 477 -4.75 59.88 -56.28
N GLN A 478 -4.57 60.61 -57.39
CA GLN A 478 -3.36 60.44 -58.19
C GLN A 478 -2.13 60.84 -57.40
N GLN A 479 -2.22 61.93 -56.63
CA GLN A 479 -1.12 62.30 -55.74
C GLN A 479 -0.91 61.26 -54.66
N ILE A 480 -2.00 60.69 -54.16
CA ILE A 480 -1.90 59.62 -53.16
C ILE A 480 -1.18 58.41 -53.75
N ARG A 481 -1.51 58.05 -54.99
CA ARG A 481 -0.91 56.88 -55.62
C ARG A 481 0.62 57.01 -55.65
N LEU A 482 1.12 58.17 -56.06
CA LEU A 482 2.56 58.37 -56.06
C LEU A 482 3.14 58.35 -54.66
N GLU A 483 2.42 58.94 -53.70
CA GLU A 483 2.90 58.93 -52.31
C GLU A 483 2.92 57.52 -51.74
N LEU A 484 1.87 56.74 -51.99
CA LEU A 484 1.86 55.35 -51.55
C LEU A 484 2.98 54.55 -52.23
N LEU A 485 3.15 54.76 -53.55
CA LEU A 485 4.23 54.09 -54.26
C LEU A 485 5.59 54.49 -53.69
N LYS A 486 5.76 55.77 -53.37
CA LYS A 486 6.99 56.20 -52.72
C LYS A 486 7.14 55.59 -51.33
N TRP A 487 6.03 55.46 -50.60
CA TRP A 487 6.09 54.92 -49.24
C TRP A 487 6.50 53.45 -49.24
N ILE A 488 6.00 52.68 -50.21
CA ILE A 488 6.36 51.26 -50.28
C ILE A 488 7.87 51.11 -50.43
N GLU A 489 8.48 51.91 -51.30
CA GLU A 489 9.93 51.88 -51.44
C GLU A 489 10.61 52.29 -50.15
N VAL A 490 10.05 53.29 -49.45
CA VAL A 490 10.65 53.76 -48.19
C VAL A 490 10.68 52.64 -47.18
N LYS A 491 9.56 51.92 -47.03
CA LYS A 491 9.51 50.80 -46.11
C LYS A 491 10.36 49.64 -46.59
N ALA A 492 10.38 49.39 -47.91
CA ALA A 492 11.17 48.30 -48.45
C ALA A 492 12.67 48.54 -48.24
N LYS A 493 13.12 49.78 -48.44
CA LYS A 493 14.53 50.10 -48.26
C LYS A 493 14.91 50.32 -46.81
N ALA A 494 13.95 50.30 -45.88
CA ALA A 494 14.24 50.47 -44.47
C ALA A 494 15.08 49.29 -43.97
N LYS A 495 16.36 49.55 -43.73
CA LYS A 495 17.25 48.47 -43.26
C LYS A 495 16.85 47.99 -41.87
N LYS A 496 16.45 48.91 -41.00
CA LYS A 496 16.10 48.53 -39.63
C LYS A 496 14.89 47.61 -39.63
N LEU A 497 14.86 46.70 -38.66
CA LEU A 497 13.80 45.69 -38.56
C LEU A 497 12.59 46.29 -37.86
N GLN A 498 11.91 47.19 -38.58
CA GLN A 498 10.65 47.75 -38.10
C GLN A 498 9.60 46.63 -38.09
N ILE A 499 9.12 46.29 -36.89
CA ILE A 499 8.28 45.11 -36.75
C ILE A 499 6.89 45.34 -37.36
N GLN A 500 6.33 46.54 -37.19
CA GLN A 500 4.95 46.75 -37.61
C GLN A 500 4.74 46.80 -39.13
N PRO A 501 5.62 47.43 -39.95
CA PRO A 501 5.38 47.40 -41.40
C PRO A 501 6.06 46.22 -42.07
N SER A 502 5.66 45.01 -41.65
CA SER A 502 6.31 43.80 -42.14
C SER A 502 6.03 43.59 -43.62
N GLN A 503 6.84 42.73 -44.24
CA GLN A 503 6.68 42.45 -45.67
C GLN A 503 5.32 41.85 -45.95
N LEU A 504 4.83 40.97 -45.08
CA LEU A 504 3.50 40.41 -45.26
C LEU A 504 2.43 41.49 -45.18
N GLU A 505 2.59 42.44 -44.25
CA GLU A 505 1.60 43.51 -44.13
C GLU A 505 1.55 44.36 -45.39
N LEU A 506 2.71 44.66 -45.98
CA LEU A 506 2.73 45.41 -47.23
C LEU A 506 2.01 44.64 -48.34
N PHE A 507 2.24 43.33 -48.40
CA PHE A 507 1.55 42.51 -49.40
C PHE A 507 0.05 42.51 -49.20
N TYR A 508 -0.41 42.63 -47.94
CA TYR A 508 -1.84 42.79 -47.70
C TYR A 508 -2.37 44.05 -48.37
N CYS A 509 -1.64 45.16 -48.24
CA CYS A 509 -2.01 46.37 -48.96
C CYS A 509 -1.83 46.21 -50.47
N LEU A 510 -0.75 45.53 -50.88
CA LEU A 510 -0.50 45.33 -52.30
C LEU A 510 -1.57 44.45 -52.93
N TYR A 511 -2.01 43.42 -52.23
CA TYR A 511 -3.11 42.59 -52.73
C TYR A 511 -4.39 43.40 -52.85
N GLU A 512 -4.60 44.37 -51.97
CA GLU A 512 -5.78 45.22 -52.02
C GLU A 512 -5.74 46.19 -53.19
N MET A 513 -4.60 46.33 -53.87
CA MET A 513 -4.52 47.19 -55.03
C MET A 513 -5.42 46.69 -56.16
N GLN A 514 -5.28 45.42 -56.52
CA GLN A 514 -5.94 44.82 -57.68
C GLN A 514 -5.59 45.55 -58.98
N GLU A 515 -4.52 46.32 -58.98
CA GLU A 515 -4.05 47.02 -60.16
C GLU A 515 -2.81 46.31 -60.69
N GLU A 516 -2.86 45.85 -61.94
CA GLU A 516 -1.78 45.00 -62.45
C GLU A 516 -0.47 45.77 -62.59
N ASP A 517 -0.51 46.95 -63.20
CA ASP A 517 0.73 47.66 -63.48
C ASP A 517 1.31 48.30 -62.23
N PHE A 518 0.46 48.76 -61.31
CA PHE A 518 0.95 49.44 -60.12
C PHE A 518 1.74 48.48 -59.22
N VAL A 519 1.20 47.29 -58.97
CA VAL A 519 1.91 46.32 -58.16
C VAL A 519 3.18 45.84 -58.84
N GLN A 520 3.22 45.90 -60.18
CA GLN A 520 4.43 45.52 -60.90
C GLN A 520 5.59 46.44 -60.54
N ARG A 521 5.36 47.75 -60.63
CA ARG A 521 6.42 48.70 -60.32
C ARG A 521 6.63 48.86 -58.82
N ALA A 522 5.57 48.74 -58.03
CA ALA A 522 5.69 48.91 -56.58
C ALA A 522 6.54 47.79 -55.97
N MET A 523 6.32 46.55 -56.40
CA MET A 523 7.02 45.42 -55.81
C MET A 523 8.39 45.20 -56.43
N ASP A 524 8.73 45.90 -57.52
CA ASP A 524 10.06 45.82 -58.09
C ASP A 524 11.14 46.28 -57.13
N TYR A 525 10.78 46.83 -55.98
CA TYR A 525 11.73 47.19 -54.94
C TYR A 525 11.89 46.09 -53.90
N PHE A 526 11.72 44.83 -54.29
CA PHE A 526 11.80 43.67 -53.40
C PHE A 526 12.90 42.74 -53.89
N PRO A 527 14.14 42.93 -53.46
CA PRO A 527 15.20 41.99 -53.87
C PRO A 527 15.10 40.66 -53.15
N LYS A 528 14.84 40.66 -51.85
CA LYS A 528 14.74 39.45 -51.05
C LYS A 528 13.35 39.41 -50.41
N ILE A 529 12.71 38.24 -50.50
CA ILE A 529 11.35 38.05 -49.99
C ILE A 529 11.40 37.02 -48.86
N GLU A 530 10.91 37.41 -47.69
CA GLU A 530 10.82 36.51 -46.54
C GLU A 530 9.40 36.56 -46.02
N ILE A 531 8.69 35.45 -46.11
CA ILE A 531 7.26 35.38 -45.83
C ILE A 531 7.00 34.32 -44.78
N ASN A 532 6.17 34.66 -43.79
CA ASN A 532 5.64 33.71 -42.83
C ASN A 532 4.12 33.68 -42.97
N LEU A 533 3.54 32.48 -43.06
CA LEU A 533 2.13 32.32 -43.34
C LEU A 533 1.46 31.59 -42.18
N SER A 534 0.20 31.94 -41.93
CA SER A 534 -0.56 31.32 -40.85
C SER A 534 -1.91 30.79 -41.28
N THR A 535 -2.62 31.49 -42.17
CA THR A 535 -3.99 31.16 -42.53
C THR A 535 -4.11 30.92 -44.03
N ARG A 536 -5.29 30.41 -44.41
CA ARG A 536 -5.57 30.18 -45.83
C ARG A 536 -5.58 31.49 -46.60
N MET A 537 -6.15 32.54 -46.02
CA MET A 537 -6.15 33.84 -46.68
C MET A 537 -4.73 34.37 -46.85
N ASP A 538 -3.85 34.05 -45.91
CA ASP A 538 -2.45 34.45 -46.05
C ASP A 538 -1.80 33.83 -47.27
N HIS A 539 -2.29 32.67 -47.71
CA HIS A 539 -1.71 32.02 -48.88
C HIS A 539 -2.09 32.75 -50.16
N MET A 540 -3.35 33.21 -50.26
CA MET A 540 -3.79 33.85 -51.49
C MET A 540 -3.23 35.26 -51.62
N VAL A 541 -3.08 36.00 -50.52
CA VAL A 541 -2.50 37.33 -50.60
C VAL A 541 -1.04 37.25 -51.06
N SER A 542 -0.30 36.25 -50.57
CA SER A 542 1.06 36.06 -51.03
C SER A 542 1.10 35.52 -52.46
N SER A 543 0.13 34.67 -52.82
CA SER A 543 0.11 34.11 -54.18
C SER A 543 -0.10 35.21 -55.22
N PHE A 544 -0.96 36.18 -54.92
CA PHE A 544 -1.21 37.26 -55.88
C PHE A 544 0.04 38.11 -56.08
N CYS A 545 0.93 38.15 -55.08
CA CYS A 545 2.14 38.94 -55.22
C CYS A 545 3.19 38.21 -56.04
N ILE A 546 3.55 36.99 -55.63
CA ILE A 546 4.62 36.26 -56.30
C ILE A 546 4.28 35.95 -57.76
N GLU A 547 3.00 35.98 -58.13
CA GLU A 547 2.62 35.60 -59.48
C GLU A 547 3.03 36.64 -60.51
N ASN A 548 3.38 37.84 -60.06
CA ASN A 548 3.82 38.90 -60.97
C ASN A 548 5.05 39.64 -60.45
N CYS A 549 5.80 39.04 -59.53
CA CYS A 549 7.08 39.62 -59.09
C CYS A 549 8.17 39.14 -60.04
N HIS A 550 8.60 40.02 -60.94
CA HIS A 550 9.57 39.69 -61.97
C HIS A 550 11.01 40.03 -61.57
N ARG A 551 11.22 40.49 -60.34
CA ARG A 551 12.57 40.85 -59.89
C ARG A 551 12.98 40.10 -58.63
N VAL A 552 12.24 39.06 -58.24
CA VAL A 552 12.59 38.32 -57.03
C VAL A 552 13.78 37.42 -57.30
N GLU A 553 14.74 37.43 -56.38
CA GLU A 553 15.92 36.58 -56.46
C GLU A 553 15.90 35.45 -55.44
N SER A 554 15.76 35.79 -54.16
CA SER A 554 15.70 34.81 -53.09
C SER A 554 14.33 34.87 -52.43
N LEU A 555 13.75 33.69 -52.19
CA LEU A 555 12.40 33.59 -51.64
C LEU A 555 12.39 32.55 -50.53
N SER A 556 11.46 32.73 -49.59
CA SER A 556 11.34 31.82 -48.46
C SER A 556 9.89 31.78 -48.00
N LEU A 557 9.55 30.73 -47.26
CA LEU A 557 8.22 30.56 -46.70
C LEU A 557 8.30 30.22 -45.23
N GLY A 558 7.28 30.61 -44.49
CA GLY A 558 7.16 30.26 -43.09
C GLY A 558 5.79 29.71 -42.76
N PHE A 559 5.72 28.46 -42.33
CA PHE A 559 4.47 27.81 -41.99
C PHE A 559 4.39 27.62 -40.47
N LEU A 560 3.23 27.94 -39.90
CA LEU A 560 3.01 27.74 -38.47
C LEU A 560 1.71 27.00 -38.16
N HIS A 561 0.79 26.87 -39.10
CA HIS A 561 -0.47 26.17 -38.86
C HIS A 561 -0.24 24.69 -38.63
N HIS A 600 -2.93 23.73 -43.74
CA HIS A 600 -2.97 24.08 -45.15
C HIS A 600 -1.83 23.42 -45.92
N LEU A 601 -1.11 22.52 -45.23
CA LEU A 601 -0.03 21.78 -45.89
C LEU A 601 -0.55 20.71 -46.83
N THR A 602 -1.85 20.45 -46.83
CA THR A 602 -2.43 19.48 -47.75
C THR A 602 -2.27 19.96 -49.20
N SER A 603 -2.16 19.00 -50.12
CA SER A 603 -1.92 19.33 -51.52
C SER A 603 -3.04 20.17 -52.12
N SER A 604 -4.23 20.18 -51.51
CA SER A 604 -5.31 21.02 -52.01
C SER A 604 -5.09 22.49 -51.73
N PHE A 605 -4.10 22.85 -50.90
CA PHE A 605 -3.86 24.24 -50.53
C PHE A 605 -2.50 24.75 -50.98
N CYS A 606 -1.42 24.04 -50.66
CA CYS A 606 -0.10 24.50 -51.04
C CYS A 606 0.15 24.44 -52.53
N ARG A 607 -0.66 23.69 -53.29
CA ARG A 607 -0.45 23.58 -54.72
C ARG A 607 -0.61 24.93 -55.41
N GLY A 608 -1.59 25.72 -54.98
CA GLY A 608 -1.81 27.02 -55.60
C GLY A 608 -0.61 27.94 -55.45
N LEU A 609 0.00 27.97 -54.26
CA LEU A 609 1.17 28.81 -54.05
C LEU A 609 2.40 28.22 -54.74
N PHE A 610 2.57 26.90 -54.65
CA PHE A 610 3.74 26.27 -55.27
C PHE A 610 3.69 26.36 -56.79
N SER A 611 2.49 26.38 -57.38
CA SER A 611 2.39 26.55 -58.82
C SER A 611 2.92 27.91 -59.26
N VAL A 612 2.89 28.89 -58.36
CA VAL A 612 3.42 30.22 -58.67
C VAL A 612 4.93 30.14 -58.89
N LEU A 613 5.64 29.40 -58.04
CA LEU A 613 7.10 29.36 -58.11
C LEU A 613 7.57 28.79 -59.44
N SER A 614 6.90 27.75 -59.93
CA SER A 614 7.34 27.10 -61.17
C SER A 614 7.22 28.04 -62.37
N THR A 615 6.30 29.01 -62.30
CA THR A 615 6.08 29.94 -63.40
C THR A 615 6.81 31.26 -63.22
N SER A 616 7.67 31.37 -62.21
CA SER A 616 8.41 32.59 -61.94
C SER A 616 9.80 32.48 -62.55
N GLN A 617 10.09 33.31 -63.55
CA GLN A 617 11.36 33.23 -64.27
C GLN A 617 12.51 33.74 -63.41
N SER A 618 12.33 34.88 -62.74
CA SER A 618 13.42 35.48 -62.00
C SER A 618 13.81 34.68 -60.76
N LEU A 619 12.95 33.78 -60.31
CA LEU A 619 13.23 33.04 -59.08
C LEU A 619 14.44 32.12 -59.27
N THR A 620 15.32 32.14 -58.29
CA THR A 620 16.54 31.33 -58.34
C THR A 620 16.73 30.48 -57.09
N GLU A 621 16.38 30.99 -55.91
CA GLU A 621 16.61 30.29 -54.65
C GLU A 621 15.29 30.13 -53.91
N LEU A 622 15.12 28.96 -53.28
CA LEU A 622 13.94 28.66 -52.49
C LEU A 622 14.40 28.12 -51.14
N ASP A 623 13.99 28.79 -50.05
CA ASP A 623 14.42 28.44 -48.71
C ASP A 623 13.20 27.95 -47.93
N LEU A 624 12.98 26.64 -47.94
CA LEU A 624 11.88 26.01 -47.23
C LEU A 624 12.34 25.37 -45.93
N SER A 625 13.51 25.72 -45.43
CA SER A 625 14.06 25.06 -44.26
C SER A 625 13.28 25.44 -43.00
N ASP A 626 13.46 24.63 -41.96
CA ASP A 626 12.88 24.87 -40.63
C ASP A 626 11.35 24.94 -40.71
N ASN A 627 10.75 24.00 -41.42
CA ASN A 627 9.31 23.88 -41.54
C ASN A 627 8.89 22.45 -41.24
N SER A 628 7.58 22.27 -41.02
CA SER A 628 7.00 20.96 -40.79
C SER A 628 6.38 20.39 -42.06
N LEU A 629 6.92 20.76 -43.22
CA LEU A 629 6.41 20.28 -44.50
C LEU A 629 6.63 18.78 -44.60
N GLY A 630 5.53 18.02 -44.60
CA GLY A 630 5.59 16.58 -44.61
C GLY A 630 5.76 16.00 -46.00
N ASP A 631 5.76 14.67 -46.05
CA ASP A 631 5.89 13.97 -47.33
C ASP A 631 4.78 14.30 -48.31
N PRO A 632 3.49 14.29 -47.94
CA PRO A 632 2.47 14.70 -48.92
C PRO A 632 2.68 16.12 -49.44
N GLY A 633 3.10 17.03 -48.56
CA GLY A 633 3.47 18.36 -49.02
C GLY A 633 4.71 18.34 -49.90
N MET A 634 5.67 17.49 -49.57
CA MET A 634 6.87 17.36 -50.39
C MET A 634 6.55 16.77 -51.75
N ARG A 635 5.55 15.87 -51.82
CA ARG A 635 5.21 15.24 -53.07
C ARG A 635 4.69 16.25 -54.09
N VAL A 636 3.84 17.18 -53.66
CA VAL A 636 3.30 18.16 -54.59
C VAL A 636 4.37 19.17 -54.98
N LEU A 637 5.37 19.38 -54.12
CA LEU A 637 6.47 20.27 -54.47
C LEU A 637 7.26 19.72 -55.66
N CYS A 638 7.53 18.42 -55.67
CA CYS A 638 8.26 17.83 -56.78
C CYS A 638 7.42 17.82 -58.05
N GLU A 639 6.10 17.75 -57.92
CA GLU A 639 5.23 17.85 -59.09
C GLU A 639 5.39 19.21 -59.77
N THR A 640 5.48 20.27 -58.98
CA THR A 640 5.64 21.61 -59.55
C THR A 640 7.03 21.81 -60.12
N LEU A 641 8.05 21.22 -59.47
CA LEU A 641 9.42 21.41 -59.94
C LEU A 641 9.65 20.79 -61.31
N GLN A 642 8.92 19.73 -61.64
CA GLN A 642 9.05 19.10 -62.95
C GLN A 642 8.47 19.95 -64.07
N HIS A 643 7.74 21.01 -63.75
CA HIS A 643 7.19 21.87 -64.78
C HIS A 643 8.31 22.55 -65.54
N PRO A 644 8.26 22.57 -66.88
CA PRO A 644 9.32 23.25 -67.64
C PRO A 644 9.33 24.75 -67.35
N GLY A 645 10.52 25.33 -67.42
CA GLY A 645 10.70 26.73 -67.16
C GLY A 645 10.96 27.09 -65.71
N CYS A 646 10.91 26.12 -64.80
CA CYS A 646 11.21 26.37 -63.39
C CYS A 646 12.71 26.66 -63.26
N ASN A 647 13.05 27.92 -62.96
CA ASN A 647 14.43 28.36 -62.91
C ASN A 647 15.03 28.28 -61.51
N ILE A 648 14.43 27.50 -60.62
CA ILE A 648 14.99 27.36 -59.28
C ILE A 648 16.28 26.56 -59.35
N ARG A 649 17.36 27.13 -58.82
CA ARG A 649 18.67 26.49 -58.84
C ARG A 649 19.05 25.86 -57.52
N ARG A 650 18.85 26.56 -56.41
CA ARG A 650 19.28 26.11 -55.09
C ARG A 650 18.07 26.08 -54.17
N LEU A 651 17.82 24.93 -53.55
CA LEU A 651 16.76 24.78 -52.56
C LEU A 651 17.34 24.23 -51.27
N TRP A 652 16.88 24.79 -50.14
CA TRP A 652 17.33 24.39 -48.82
C TRP A 652 16.15 23.76 -48.09
N LEU A 653 16.32 22.51 -47.64
CA LEU A 653 15.26 21.74 -47.02
C LEU A 653 15.69 21.22 -45.65
N GLY A 654 16.43 22.02 -44.90
CA GLY A 654 16.87 21.61 -43.59
C GLY A 654 15.74 21.60 -42.58
N ARG A 655 15.86 20.72 -41.60
CA ARG A 655 14.93 20.58 -40.46
C ARG A 655 13.51 20.28 -40.90
N CYS A 656 13.29 19.95 -42.16
CA CYS A 656 11.94 19.60 -42.61
C CYS A 656 11.54 18.23 -42.09
N GLY A 657 10.24 17.96 -42.08
CA GLY A 657 9.73 16.70 -41.61
C GLY A 657 9.79 15.60 -42.65
N LEU A 658 10.76 15.70 -43.56
CA LEU A 658 10.89 14.73 -44.63
C LEU A 658 11.33 13.37 -44.09
N SER A 659 10.80 12.31 -44.69
CA SER A 659 11.14 10.95 -44.33
C SER A 659 11.75 10.25 -45.55
N HIS A 660 11.95 8.94 -45.44
CA HIS A 660 12.58 8.18 -46.51
C HIS A 660 11.75 8.20 -47.79
N GLU A 661 10.43 8.10 -47.66
CA GLU A 661 9.55 7.97 -48.82
C GLU A 661 9.51 9.23 -49.69
N CYS A 662 10.01 10.36 -49.20
CA CYS A 662 10.07 11.56 -50.03
C CYS A 662 11.16 11.49 -51.08
N CYS A 663 12.23 10.73 -50.82
CA CYS A 663 13.35 10.66 -51.75
C CYS A 663 12.95 10.09 -53.10
N PHE A 664 11.87 9.32 -53.16
CA PHE A 664 11.42 8.78 -54.45
C PHE A 664 11.02 9.92 -55.39
N ASP A 665 10.32 10.93 -54.87
CA ASP A 665 9.92 12.05 -55.70
C ASP A 665 11.13 12.91 -56.09
N ILE A 666 12.06 13.10 -55.16
CA ILE A 666 13.22 13.95 -55.44
C ILE A 666 14.08 13.33 -56.53
N SER A 667 14.16 12.01 -56.57
CA SER A 667 14.90 11.34 -57.64
C SER A 667 14.28 11.62 -59.00
N LEU A 668 12.97 11.88 -59.04
CA LEU A 668 12.31 12.14 -60.31
C LEU A 668 12.66 13.51 -60.87
N VAL A 669 12.66 14.55 -60.02
CA VAL A 669 12.94 15.89 -60.52
C VAL A 669 14.39 16.00 -60.98
N LEU A 670 15.31 15.32 -60.29
CA LEU A 670 16.68 15.29 -60.74
C LEU A 670 16.81 14.62 -62.10
N SER A 671 16.12 13.50 -62.30
CA SER A 671 16.15 12.80 -63.57
C SER A 671 15.45 13.55 -64.68
N SER A 672 14.70 14.60 -64.35
CA SER A 672 13.98 15.39 -65.35
C SER A 672 14.53 16.81 -65.47
N ASN A 673 14.60 17.54 -64.35
CA ASN A 673 15.05 18.91 -64.37
C ASN A 673 16.57 18.99 -64.31
N GLN A 674 17.16 19.82 -65.16
CA GLN A 674 18.60 20.04 -65.20
C GLN A 674 19.00 21.38 -64.60
N LYS A 675 18.09 22.05 -63.89
CA LYS A 675 18.40 23.36 -63.33
C LYS A 675 18.93 23.32 -61.92
N LEU A 676 18.57 22.28 -61.14
CA LEU A 676 19.08 22.18 -59.78
C LEU A 676 20.59 22.02 -59.78
N VAL A 677 21.26 22.83 -58.95
CA VAL A 677 22.71 22.81 -58.87
C VAL A 677 23.14 22.58 -57.43
N GLU A 678 22.29 22.98 -56.48
CA GLU A 678 22.58 22.85 -55.06
C GLU A 678 21.33 22.31 -54.36
N LEU A 679 21.50 21.21 -53.62
CA LEU A 679 20.41 20.59 -52.89
C LEU A 679 20.86 20.33 -51.47
N ASP A 680 20.06 20.78 -50.50
CA ASP A 680 20.36 20.61 -49.09
C ASP A 680 19.26 19.79 -48.44
N LEU A 681 19.64 18.70 -47.78
CA LEU A 681 18.71 17.83 -47.07
C LEU A 681 19.19 17.57 -45.65
N SER A 682 19.91 18.52 -45.07
CA SER A 682 20.46 18.34 -43.73
C SER A 682 19.35 18.22 -42.70
N ASP A 683 19.62 17.43 -41.66
CA ASP A 683 18.71 17.21 -40.54
C ASP A 683 17.38 16.64 -41.02
N ASN A 684 17.46 15.45 -41.59
CA ASN A 684 16.28 14.69 -41.99
C ASN A 684 16.43 13.25 -41.53
N ALA A 685 15.31 12.64 -41.15
CA ALA A 685 15.31 11.28 -40.62
C ALA A 685 15.09 10.26 -41.73
N LEU A 686 15.93 10.31 -42.76
CA LEU A 686 15.89 9.37 -43.86
C LEU A 686 17.06 8.40 -43.71
N GLY A 687 16.76 7.11 -43.82
CA GLY A 687 17.75 6.07 -43.59
C GLY A 687 18.55 5.73 -44.82
N ASP A 688 19.19 4.55 -44.78
CA ASP A 688 19.97 4.09 -45.92
C ASP A 688 19.09 3.88 -47.14
N PHE A 689 17.81 3.55 -46.94
CA PHE A 689 16.90 3.39 -48.07
C PHE A 689 16.70 4.71 -48.80
N GLY A 690 16.65 5.81 -48.07
CA GLY A 690 16.48 7.11 -48.70
C GLY A 690 17.63 7.44 -49.64
N ILE A 691 18.86 7.18 -49.20
CA ILE A 691 20.01 7.40 -50.07
C ILE A 691 19.98 6.43 -51.24
N ARG A 692 19.49 5.20 -51.01
CA ARG A 692 19.39 4.22 -52.08
C ARG A 692 18.49 4.72 -53.19
N LEU A 693 17.37 5.36 -52.84
CA LEU A 693 16.52 5.97 -53.86
C LEU A 693 17.13 7.24 -54.41
N LEU A 694 17.73 8.06 -53.54
CA LEU A 694 18.31 9.32 -53.99
C LEU A 694 19.46 9.09 -54.96
N CYS A 695 20.33 8.13 -54.66
CA CYS A 695 21.49 7.89 -55.52
C CYS A 695 21.09 7.41 -56.91
N VAL A 696 19.89 6.85 -57.06
CA VAL A 696 19.43 6.42 -58.38
C VAL A 696 19.26 7.63 -59.30
N GLY A 697 18.61 8.68 -58.79
CA GLY A 697 18.43 9.88 -59.59
C GLY A 697 19.75 10.58 -59.88
N LEU A 698 20.65 10.61 -58.89
CA LEU A 698 21.95 11.24 -59.11
C LEU A 698 22.77 10.50 -60.15
N LYS A 699 22.68 9.17 -60.17
CA LYS A 699 23.41 8.38 -61.17
C LYS A 699 22.94 8.66 -62.59
N HIS A 700 21.73 9.19 -62.76
CA HIS A 700 21.25 9.51 -64.10
C HIS A 700 22.09 10.62 -64.71
N LEU A 701 22.44 10.47 -65.98
CA LEU A 701 23.33 11.41 -66.65
C LEU A 701 22.65 12.75 -66.94
N LEU A 702 21.32 12.81 -66.89
CA LEU A 702 20.64 14.06 -67.20
C LEU A 702 20.86 15.10 -66.10
N CYS A 703 20.84 14.66 -64.83
CA CYS A 703 21.00 15.60 -63.73
C CYS A 703 22.43 16.12 -63.66
N ASN A 704 22.56 17.38 -63.24
CA ASN A 704 23.86 18.01 -63.03
C ASN A 704 23.80 18.76 -61.69
N LEU A 705 24.13 18.06 -60.61
CA LEU A 705 24.13 18.62 -59.27
C LEU A 705 25.56 18.73 -58.77
N LYS A 706 25.90 19.90 -58.24
CA LYS A 706 27.26 20.16 -57.77
C LYS A 706 27.39 20.00 -56.25
N LYS A 707 26.61 20.75 -55.49
CA LYS A 707 26.68 20.70 -54.03
C LYS A 707 25.59 19.78 -53.50
N LEU A 708 25.81 19.27 -52.28
CA LEU A 708 24.89 18.31 -51.69
C LEU A 708 25.19 18.22 -50.19
N TRP A 709 24.15 18.42 -49.37
CA TRP A 709 24.27 18.34 -47.92
C TRP A 709 23.46 17.16 -47.41
N LEU A 710 24.09 16.30 -46.62
CA LEU A 710 23.43 15.19 -45.95
C LEU A 710 23.75 15.20 -44.46
N VAL A 711 23.96 16.40 -43.90
CA VAL A 711 24.39 16.52 -42.52
C VAL A 711 23.29 16.07 -41.58
N SER A 712 23.67 15.31 -40.55
CA SER A 712 22.79 14.86 -39.47
C SER A 712 21.71 13.89 -39.94
N CYS A 713 21.77 13.41 -41.16
CA CYS A 713 20.83 12.39 -41.61
C CYS A 713 21.18 11.06 -40.97
N CYS A 714 20.15 10.30 -40.60
CA CYS A 714 20.35 9.01 -39.96
C CYS A 714 20.90 8.04 -41.00
N LEU A 715 22.21 7.83 -40.99
CA LEU A 715 22.86 7.00 -42.00
C LEU A 715 23.89 6.11 -41.34
N THR A 716 24.20 5.01 -42.01
CA THR A 716 25.20 4.07 -41.55
C THR A 716 26.18 3.73 -42.67
N SER A 717 27.04 2.74 -42.45
CA SER A 717 28.00 2.36 -43.47
C SER A 717 27.34 1.74 -44.70
N ALA A 718 26.10 1.29 -44.58
CA ALA A 718 25.41 0.69 -45.72
C ALA A 718 25.21 1.71 -46.85
N CYS A 719 24.84 2.94 -46.50
CA CYS A 719 24.63 3.97 -47.52
C CYS A 719 25.92 4.36 -48.22
N CYS A 720 27.08 4.10 -47.61
CA CYS A 720 28.34 4.46 -48.24
C CYS A 720 28.56 3.67 -49.53
N GLN A 721 28.15 2.40 -49.53
CA GLN A 721 28.25 1.60 -50.75
C GLN A 721 27.41 2.20 -51.87
N ASP A 722 26.19 2.62 -51.56
CA ASP A 722 25.32 3.22 -52.58
C ASP A 722 25.85 4.56 -53.03
N LEU A 723 26.30 5.39 -52.09
CA LEU A 723 26.77 6.73 -52.44
C LEU A 723 28.09 6.70 -53.19
N ALA A 724 28.89 5.65 -53.03
CA ALA A 724 30.17 5.57 -53.71
C ALA A 724 29.99 5.50 -55.23
N SER A 725 28.94 4.79 -55.68
CA SER A 725 28.70 4.67 -57.11
C SER A 725 28.43 6.03 -57.74
N VAL A 726 27.63 6.86 -57.07
CA VAL A 726 27.36 8.21 -57.58
C VAL A 726 28.65 9.01 -57.67
N LEU A 727 29.49 8.93 -56.64
CA LEU A 727 30.73 9.69 -56.60
C LEU A 727 31.64 9.36 -57.78
N SER A 728 31.49 8.18 -58.38
CA SER A 728 32.32 7.78 -59.52
C SER A 728 31.72 8.20 -60.85
N THR A 729 30.41 8.03 -61.03
CA THR A 729 29.79 8.26 -62.33
C THR A 729 29.19 9.64 -62.48
N SER A 730 28.80 10.30 -61.40
CA SER A 730 28.23 11.64 -61.49
C SER A 730 29.35 12.64 -61.72
N HIS A 731 29.57 12.99 -62.98
CA HIS A 731 30.64 13.92 -63.32
C HIS A 731 30.40 15.30 -62.73
N SER A 732 29.14 15.69 -62.54
CA SER A 732 28.82 17.03 -62.07
C SER A 732 28.96 17.20 -60.56
N LEU A 733 29.09 16.11 -59.81
CA LEU A 733 29.19 16.20 -58.36
C LEU A 733 30.58 16.64 -57.96
N THR A 734 30.67 17.76 -57.26
CA THR A 734 31.94 18.30 -56.81
C THR A 734 32.07 18.33 -55.29
N ARG A 735 31.08 18.90 -54.60
CA ARG A 735 31.10 19.02 -53.15
C ARG A 735 30.08 18.08 -52.53
N LEU A 736 30.46 17.43 -51.43
CA LEU A 736 29.60 16.45 -50.78
C LEU A 736 29.88 16.50 -49.28
N TYR A 737 29.05 17.26 -48.56
CA TYR A 737 29.15 17.39 -47.12
C TYR A 737 28.25 16.35 -46.47
N VAL A 738 28.84 15.25 -46.00
CA VAL A 738 28.07 14.13 -45.48
C VAL A 738 28.41 13.94 -44.00
N GLY A 739 28.81 15.02 -43.35
CA GLY A 739 29.20 14.95 -41.95
C GLY A 739 28.02 14.66 -41.03
N GLU A 740 28.36 14.48 -39.76
CA GLU A 740 27.43 14.25 -38.64
C GLU A 740 26.77 12.88 -38.71
N ASN A 741 27.04 12.08 -39.74
CA ASN A 741 26.40 10.77 -39.86
C ASN A 741 27.09 9.77 -38.94
N ALA A 742 26.41 8.63 -38.74
CA ALA A 742 26.90 7.59 -37.86
C ALA A 742 27.80 6.58 -38.57
N LEU A 743 28.12 6.81 -39.84
CA LEU A 743 29.00 5.90 -40.56
C LEU A 743 30.38 5.88 -39.92
N GLY A 744 30.92 4.68 -39.74
CA GLY A 744 32.21 4.50 -39.10
C GLY A 744 33.35 4.49 -40.09
N ASP A 745 34.51 4.03 -39.61
CA ASP A 745 35.69 3.95 -40.47
C ASP A 745 35.48 2.98 -41.62
N SER A 746 34.63 1.96 -41.43
CA SER A 746 34.37 1.01 -42.50
C SER A 746 33.70 1.68 -43.68
N GLY A 747 32.75 2.58 -43.42
CA GLY A 747 32.07 3.28 -44.50
C GLY A 747 32.99 4.19 -45.29
N VAL A 748 33.93 4.85 -44.60
CA VAL A 748 34.85 5.76 -45.28
C VAL A 748 35.77 4.98 -46.22
N ALA A 749 36.16 3.76 -45.84
CA ALA A 749 37.01 2.96 -46.70
C ALA A 749 36.33 2.66 -48.02
N ILE A 750 35.05 2.31 -47.98
CA ILE A 750 34.30 2.07 -49.22
C ILE A 750 34.19 3.36 -50.03
N LEU A 751 33.91 4.47 -49.35
CA LEU A 751 33.76 5.74 -50.05
C LEU A 751 35.08 6.21 -50.65
N CYS A 752 36.18 6.05 -49.92
CA CYS A 752 37.47 6.56 -50.39
C CYS A 752 38.04 5.71 -51.51
N GLU A 753 37.86 4.39 -51.44
CA GLU A 753 38.46 3.51 -52.45
C GLU A 753 37.92 3.81 -53.84
N LYS A 754 36.71 4.34 -53.93
CA LYS A 754 36.17 4.82 -55.20
C LYS A 754 36.53 6.28 -55.48
N ALA A 755 36.98 7.01 -54.46
CA ALA A 755 37.31 8.42 -54.61
C ALA A 755 38.78 8.65 -54.94
N LYS A 756 39.58 7.59 -55.04
CA LYS A 756 40.99 7.71 -55.38
C LYS A 756 41.24 7.69 -56.87
N ASN A 757 40.20 7.63 -57.68
CA ASN A 757 40.37 7.66 -59.13
C ASN A 757 40.90 9.02 -59.56
N PRO A 758 41.93 9.07 -60.38
CA PRO A 758 42.46 10.38 -60.83
C PRO A 758 41.46 11.20 -61.63
N GLN A 759 40.47 10.56 -62.24
CA GLN A 759 39.46 11.25 -63.03
C GLN A 759 38.27 11.73 -62.20
N CYS A 760 38.27 11.46 -60.90
CA CYS A 760 37.17 11.88 -60.05
C CYS A 760 37.12 13.40 -59.94
N ASN A 761 35.91 13.93 -59.82
CA ASN A 761 35.69 15.37 -59.77
C ASN A 761 35.35 15.87 -58.36
N LEU A 762 35.50 15.03 -57.34
CA LEU A 762 35.14 15.43 -55.98
C LEU A 762 36.15 16.44 -55.45
N GLN A 763 35.85 17.72 -55.58
CA GLN A 763 36.76 18.76 -55.15
C GLN A 763 36.57 19.16 -53.69
N LYS A 764 35.54 18.65 -53.03
CA LYS A 764 35.31 18.95 -51.62
C LYS A 764 34.69 17.74 -50.94
N LEU A 765 34.91 17.63 -49.64
CA LEU A 765 34.39 16.50 -48.88
C LEU A 765 34.46 16.85 -47.40
N GLY A 766 33.35 16.68 -46.70
CA GLY A 766 33.28 16.94 -45.27
C GLY A 766 32.84 15.70 -44.52
N LEU A 767 33.49 15.43 -43.40
CA LEU A 767 33.17 14.27 -42.57
C LEU A 767 33.16 14.66 -41.10
N VAL A 768 32.54 15.80 -40.80
CA VAL A 768 32.58 16.35 -39.44
C VAL A 768 31.76 15.46 -38.51
N ASN A 769 32.36 15.10 -37.38
CA ASN A 769 31.76 14.35 -36.28
C ASN A 769 31.38 12.92 -36.66
N SER A 770 31.66 12.48 -37.88
CA SER A 770 31.42 11.08 -38.23
C SER A 770 32.42 10.19 -37.51
N GLY A 771 31.98 8.98 -37.17
CA GLY A 771 32.84 8.04 -36.47
C GLY A 771 34.10 7.71 -37.26
N LEU A 772 35.25 8.17 -36.77
CA LEU A 772 36.50 8.03 -37.48
C LEU A 772 37.58 7.50 -36.54
N THR A 773 38.53 6.76 -37.13
CA THR A 773 39.67 6.22 -36.41
C THR A 773 40.91 6.47 -37.25
N SER A 774 42.02 5.83 -36.88
CA SER A 774 43.26 5.97 -37.63
C SER A 774 43.29 5.12 -38.89
N VAL A 775 42.35 4.17 -39.04
CA VAL A 775 42.35 3.30 -40.20
C VAL A 775 42.04 4.09 -41.47
N CYS A 776 41.08 5.01 -41.40
CA CYS A 776 40.67 5.77 -42.58
C CYS A 776 41.77 6.70 -43.08
N CYS A 777 42.77 6.98 -42.26
CA CYS A 777 43.85 7.87 -42.69
C CYS A 777 44.62 7.26 -43.86
N SER A 778 44.84 5.95 -43.83
CA SER A 778 45.53 5.29 -44.93
C SER A 778 44.72 5.42 -46.22
N ALA A 779 43.41 5.19 -46.15
CA ALA A 779 42.56 5.40 -47.31
C ALA A 779 42.52 6.87 -47.72
N LEU A 780 42.42 7.77 -46.74
CA LEU A 780 42.44 9.19 -47.04
C LEU A 780 43.77 9.63 -47.63
N SER A 781 44.87 9.04 -47.16
CA SER A 781 46.17 9.35 -47.74
C SER A 781 46.24 8.91 -49.20
N SER A 782 45.68 7.73 -49.51
CA SER A 782 45.73 7.23 -50.88
C SER A 782 44.98 8.15 -51.84
N VAL A 783 43.79 8.62 -51.43
CA VAL A 783 43.00 9.46 -52.33
C VAL A 783 43.66 10.82 -52.51
N LEU A 784 44.31 11.34 -51.47
CA LEU A 784 44.91 12.67 -51.56
C LEU A 784 46.01 12.71 -52.61
N SER A 785 46.84 11.67 -52.67
CA SER A 785 47.93 11.62 -53.64
C SER A 785 47.46 11.26 -55.04
N THR A 786 46.26 10.71 -55.19
CA THR A 786 45.78 10.24 -56.49
C THR A 786 44.65 11.08 -57.07
N ASN A 787 43.76 11.63 -56.22
CA ASN A 787 42.66 12.43 -56.74
C ASN A 787 43.17 13.68 -57.44
N GLN A 788 44.15 14.36 -56.86
CA GLN A 788 44.85 15.53 -57.41
C GLN A 788 43.96 16.75 -57.53
N ASN A 789 42.69 16.68 -57.14
CA ASN A 789 41.83 17.85 -57.17
C ASN A 789 40.94 17.97 -55.95
N LEU A 790 41.21 17.21 -54.88
CA LEU A 790 40.47 17.31 -53.63
C LEU A 790 40.94 18.59 -52.93
N THR A 791 40.30 19.70 -53.28
CA THR A 791 40.76 21.00 -52.81
C THR A 791 40.55 21.16 -51.31
N HIS A 792 39.42 20.69 -50.79
CA HIS A 792 39.10 20.87 -49.38
C HIS A 792 38.76 19.53 -48.74
N LEU A 793 39.03 19.42 -47.45
CA LEU A 793 38.69 18.24 -46.67
C LEU A 793 38.51 18.67 -45.22
N TYR A 794 37.31 18.47 -44.69
CA TYR A 794 36.94 18.98 -43.37
C TYR A 794 36.77 17.83 -42.41
N LEU A 795 37.49 17.88 -41.29
CA LEU A 795 37.36 16.91 -40.21
C LEU A 795 37.23 17.67 -38.90
N ARG A 796 36.39 17.16 -38.00
CA ARG A 796 36.15 17.83 -36.72
C ARG A 796 35.36 16.91 -35.82
N GLY A 797 35.65 16.97 -34.52
CA GLY A 797 34.90 16.19 -33.56
C GLY A 797 35.05 14.70 -33.70
N ASN A 798 36.04 14.24 -34.46
CA ASN A 798 36.23 12.82 -34.70
C ASN A 798 37.05 12.21 -33.56
N THR A 799 37.34 10.93 -33.68
CA THR A 799 38.24 10.22 -32.79
C THR A 799 39.48 9.77 -33.55
N LEU A 800 40.01 10.67 -34.39
CA LEU A 800 41.13 10.33 -35.25
C LEU A 800 42.32 9.84 -34.44
N GLY A 801 42.96 8.79 -34.93
CA GLY A 801 44.08 8.22 -34.20
C GLY A 801 45.20 9.22 -34.01
N ASP A 802 45.80 9.20 -32.82
CA ASP A 802 46.92 10.08 -32.54
C ASP A 802 48.08 9.77 -33.48
N LYS A 803 48.31 8.49 -33.77
CA LYS A 803 49.25 8.08 -34.80
C LYS A 803 48.68 8.23 -36.21
N GLY A 804 47.39 8.54 -36.33
CA GLY A 804 46.79 8.65 -37.65
C GLY A 804 47.34 9.81 -38.46
N ILE A 805 47.67 10.92 -37.78
CA ILE A 805 48.23 12.07 -38.49
C ILE A 805 49.54 11.71 -39.16
N LYS A 806 50.34 10.87 -38.50
CA LYS A 806 51.58 10.38 -39.12
C LYS A 806 51.28 9.65 -40.42
N LEU A 807 50.26 8.78 -40.41
CA LEU A 807 49.82 8.14 -41.64
C LEU A 807 49.12 9.14 -42.56
N LEU A 808 48.33 10.05 -41.98
CA LEU A 808 47.62 11.03 -42.80
C LEU A 808 48.59 11.97 -43.50
N CYS A 809 49.63 12.43 -42.79
CA CYS A 809 50.61 13.31 -43.40
C CYS A 809 51.48 12.59 -44.42
N GLU A 810 51.54 11.24 -44.36
CA GLU A 810 52.35 10.50 -45.31
C GLU A 810 51.87 10.73 -46.73
N GLY A 811 50.55 10.76 -46.94
CA GLY A 811 50.02 11.08 -48.24
C GLY A 811 50.10 12.55 -48.61
N LEU A 812 49.99 13.44 -47.62
CA LEU A 812 50.10 14.87 -47.88
C LEU A 812 51.51 15.31 -48.22
N LEU A 813 52.53 14.60 -47.74
CA LEU A 813 53.90 14.91 -48.11
C LEU A 813 54.21 14.55 -49.56
N HIS A 814 53.31 13.83 -50.23
CA HIS A 814 53.50 13.54 -51.64
C HIS A 814 53.49 14.84 -52.44
N PRO A 815 54.34 14.97 -53.46
CA PRO A 815 54.46 16.25 -54.16
C PRO A 815 53.20 16.68 -54.89
N ASP A 816 52.65 15.80 -55.72
CA ASP A 816 51.51 16.15 -56.57
C ASP A 816 50.18 16.00 -55.83
N CYS A 817 50.05 16.77 -54.75
CA CYS A 817 48.80 16.91 -54.03
C CYS A 817 48.48 18.39 -53.89
N LYS A 818 47.21 18.75 -54.07
CA LYS A 818 46.80 20.15 -54.11
C LYS A 818 45.75 20.45 -53.04
N LEU A 819 45.87 19.80 -51.89
CA LEU A 819 44.99 20.12 -50.77
C LEU A 819 45.26 21.54 -50.31
N GLN A 820 44.25 22.39 -50.37
CA GLN A 820 44.40 23.81 -50.05
C GLN A 820 43.98 24.14 -48.62
N VAL A 821 42.86 23.61 -48.16
CA VAL A 821 42.34 23.92 -46.83
C VAL A 821 42.10 22.61 -46.10
N LEU A 822 42.65 22.48 -44.90
CA LEU A 822 42.44 21.33 -44.04
C LEU A 822 41.98 21.83 -42.67
N GLU A 823 40.87 21.30 -42.19
CA GLU A 823 40.34 21.62 -40.88
C GLU A 823 40.34 20.35 -40.04
N LEU A 824 40.86 20.45 -38.82
CA LEU A 824 40.95 19.27 -37.94
C LEU A 824 40.90 19.77 -36.51
N ASP A 825 39.73 19.65 -35.88
CA ASP A 825 39.51 20.15 -34.53
C ASP A 825 38.90 19.06 -33.67
N ASN A 826 39.06 19.22 -32.35
CA ASN A 826 38.45 18.35 -31.35
C ASN A 826 38.96 16.92 -31.43
N CYS A 827 39.94 16.66 -32.29
CA CYS A 827 40.54 15.34 -32.35
C CYS A 827 41.55 15.17 -31.23
N ASN A 828 41.56 13.98 -30.63
CA ASN A 828 42.49 13.70 -29.54
C ASN A 828 43.92 13.69 -30.07
N LEU A 829 44.69 14.72 -29.73
CA LEU A 829 46.04 14.87 -30.22
C LEU A 829 46.99 15.06 -29.03
N THR A 830 48.27 14.77 -29.26
CA THR A 830 49.29 14.90 -28.24
C THR A 830 50.49 15.61 -28.85
N SER A 831 51.22 16.35 -28.02
CA SER A 831 52.38 17.10 -28.48
C SER A 831 53.49 16.22 -29.02
N HIS A 832 53.47 14.92 -28.73
CA HIS A 832 54.53 14.03 -29.23
C HIS A 832 54.48 13.92 -30.74
N CYS A 833 53.29 13.97 -31.33
CA CYS A 833 53.12 13.93 -32.77
C CYS A 833 53.06 15.32 -33.40
N CYS A 834 53.19 16.37 -32.60
CA CYS A 834 53.13 17.73 -33.12
C CYS A 834 54.30 18.04 -34.05
N TRP A 835 55.38 17.26 -33.98
CA TRP A 835 56.52 17.47 -34.87
C TRP A 835 56.12 17.24 -36.32
N ASP A 836 55.32 16.20 -36.58
CA ASP A 836 54.92 15.90 -37.95
C ASP A 836 54.09 17.01 -38.57
N LEU A 837 53.32 17.73 -37.75
CA LEU A 837 52.55 18.86 -38.27
C LEU A 837 53.47 19.94 -38.81
N SER A 838 54.57 20.21 -38.11
CA SER A 838 55.52 21.23 -38.56
C SER A 838 56.17 20.83 -39.89
N THR A 839 56.51 19.54 -40.04
CA THR A 839 57.15 19.10 -41.28
C THR A 839 56.23 19.29 -42.47
N LEU A 840 54.96 18.95 -42.32
CA LEU A 840 54.00 19.15 -43.41
C LEU A 840 53.84 20.64 -43.72
N LEU A 841 53.80 21.47 -42.68
CA LEU A 841 53.58 22.90 -42.87
C LEU A 841 54.67 23.52 -43.71
N THR A 842 55.93 23.15 -43.45
CA THR A 842 57.05 23.71 -44.20
C THR A 842 57.16 23.11 -45.60
N SER A 843 56.86 21.82 -45.74
CA SER A 843 57.11 21.12 -46.99
C SER A 843 56.04 21.44 -48.03
N SER A 844 54.79 21.09 -47.75
CA SER A 844 53.73 21.23 -48.73
C SER A 844 53.41 22.71 -48.96
N GLN A 845 53.43 23.13 -50.22
CA GLN A 845 53.11 24.49 -50.59
C GLN A 845 51.66 24.68 -51.01
N SER A 846 50.88 23.60 -51.12
CA SER A 846 49.49 23.72 -51.54
C SER A 846 48.60 24.24 -50.42
N LEU A 847 48.93 23.96 -49.17
CA LEU A 847 48.08 24.36 -48.05
C LEU A 847 47.98 25.87 -47.97
N ARG A 848 46.79 26.36 -47.63
CA ARG A 848 46.52 27.78 -47.45
C ARG A 848 46.16 28.13 -46.02
N LYS A 849 45.15 27.47 -45.46
CA LYS A 849 44.76 27.70 -44.07
C LYS A 849 44.53 26.36 -43.39
N LEU A 850 45.14 26.18 -42.22
CA LEU A 850 44.99 24.96 -41.44
C LEU A 850 44.61 25.34 -40.02
N SER A 851 43.55 24.72 -39.51
CA SER A 851 43.03 25.05 -38.18
C SER A 851 43.07 23.81 -37.29
N LEU A 852 43.54 24.00 -36.06
CA LEU A 852 43.58 22.95 -35.04
C LEU A 852 42.90 23.53 -33.80
N GLY A 853 41.58 23.43 -33.75
CA GLY A 853 40.82 24.05 -32.67
C GLY A 853 40.71 23.13 -31.47
N ASN A 854 40.98 23.69 -30.29
CA ASN A 854 40.82 23.03 -28.99
C ASN A 854 41.43 21.63 -28.95
N ASN A 855 42.44 21.38 -29.78
CA ASN A 855 43.18 20.12 -29.73
C ASN A 855 44.24 20.24 -28.64
N ASP A 856 44.03 19.53 -27.53
CA ASP A 856 44.88 19.67 -26.35
C ASP A 856 46.26 19.10 -26.65
N LEU A 857 47.22 19.98 -26.90
CA LEU A 857 48.60 19.59 -27.15
C LEU A 857 49.52 20.50 -26.35
N GLY A 858 50.72 19.98 -26.05
CA GLY A 858 51.63 20.70 -25.20
C GLY A 858 52.11 22.01 -25.81
N ASP A 859 52.43 22.96 -24.92
CA ASP A 859 52.89 24.26 -25.36
C ASP A 859 54.22 24.20 -26.09
N LEU A 860 54.98 23.11 -25.92
CA LEU A 860 56.22 22.95 -26.67
C LEU A 860 55.96 22.84 -28.17
N GLY A 861 54.90 22.14 -28.54
CA GLY A 861 54.57 22.01 -29.95
C GLY A 861 54.14 23.31 -30.60
N VAL A 862 53.50 24.19 -29.83
CA VAL A 862 53.15 25.50 -30.37
C VAL A 862 54.40 26.29 -30.71
N MET A 863 55.40 26.26 -29.83
CA MET A 863 56.68 26.90 -30.08
C MET A 863 57.49 26.20 -31.16
N MET A 864 57.21 24.91 -31.42
CA MET A 864 57.81 24.25 -32.57
C MET A 864 57.35 24.91 -33.87
N PHE A 865 56.14 25.47 -33.89
CA PHE A 865 55.63 26.16 -35.06
C PHE A 865 56.14 27.59 -35.17
N CYS A 866 56.64 28.18 -34.07
CA CYS A 866 57.07 29.57 -34.10
C CYS A 866 58.24 29.77 -35.05
N GLU A 867 59.22 28.88 -35.01
CA GLU A 867 60.37 29.02 -35.90
C GLU A 867 60.06 28.59 -37.33
N VAL A 868 59.25 27.55 -37.52
CA VAL A 868 58.97 27.08 -38.87
C VAL A 868 58.17 28.12 -39.65
N LEU A 869 57.28 28.85 -38.96
CA LEU A 869 56.63 30.00 -39.60
C LEU A 869 57.65 31.09 -39.87
N LYS A 870 58.62 31.27 -38.97
CA LYS A 870 59.69 32.25 -39.19
C LYS A 870 60.64 31.83 -40.28
N GLN A 871 60.62 30.56 -40.70
CA GLN A 871 61.50 30.04 -41.72
C GLN A 871 60.96 30.23 -43.13
N GLN A 872 60.05 31.18 -43.33
CA GLN A 872 59.44 31.46 -44.64
C GLN A 872 58.72 30.20 -45.16
N SER A 873 57.72 29.77 -44.41
CA SER A 873 56.97 28.56 -44.74
C SER A 873 55.89 28.89 -45.77
N CYS A 874 55.06 27.90 -46.11
CA CYS A 874 54.08 28.03 -47.17
C CYS A 874 52.66 28.20 -46.68
N LEU A 875 52.44 28.26 -45.37
CA LEU A 875 51.11 28.57 -44.83
C LEU A 875 50.92 30.08 -44.89
N LEU A 876 49.98 30.53 -45.72
CA LEU A 876 49.89 31.94 -46.05
C LEU A 876 48.60 32.61 -45.62
N GLN A 877 47.52 31.86 -45.39
CA GLN A 877 46.22 32.47 -45.16
C GLN A 877 45.83 32.52 -43.68
N ASN A 878 45.76 31.35 -43.03
CA ASN A 878 45.29 31.31 -41.65
C ASN A 878 45.89 30.11 -40.94
N LEU A 879 45.88 30.17 -39.61
CA LEU A 879 46.36 29.08 -38.77
C LEU A 879 45.54 29.13 -37.48
N GLY A 880 44.51 28.28 -37.40
CA GLY A 880 43.59 28.31 -36.29
C GLY A 880 44.01 27.49 -35.09
N LEU A 881 44.16 28.14 -33.94
CA LEU A 881 44.51 27.49 -32.68
C LEU A 881 43.63 28.03 -31.56
N SER A 882 42.34 28.21 -31.85
CA SER A 882 41.42 28.76 -30.88
C SER A 882 41.13 27.76 -29.77
N GLU A 883 40.57 28.27 -28.67
CA GLU A 883 40.24 27.46 -27.50
C GLU A 883 41.47 26.75 -26.94
N MET A 884 42.61 27.43 -26.99
CA MET A 884 43.85 26.92 -26.45
C MET A 884 44.43 27.91 -25.46
N TYR A 885 44.83 27.42 -24.30
CA TYR A 885 45.24 28.27 -23.19
C TYR A 885 46.72 28.06 -22.92
N PHE A 886 47.46 29.17 -22.87
CA PHE A 886 48.90 29.15 -22.68
C PHE A 886 49.26 30.14 -21.58
N ASN A 887 50.48 30.02 -21.05
CA ASN A 887 50.92 30.90 -19.99
C ASN A 887 51.30 32.26 -20.55
N TYR A 888 51.61 33.19 -19.64
CA TYR A 888 51.89 34.57 -20.03
C TYR A 888 53.12 34.66 -20.94
N GLU A 889 54.17 33.92 -20.61
CA GLU A 889 55.40 34.02 -21.38
C GLU A 889 55.26 33.31 -22.73
N THR A 890 54.32 32.37 -22.84
CA THR A 890 54.07 31.72 -24.13
C THR A 890 53.15 32.55 -25.02
N LYS A 891 52.16 33.24 -24.43
CA LYS A 891 51.20 33.98 -25.24
C LYS A 891 51.85 35.10 -26.03
N SER A 892 52.80 35.83 -25.42
CA SER A 892 53.40 36.98 -26.10
C SER A 892 54.25 36.55 -27.28
N ALA A 893 54.76 35.30 -27.28
CA ALA A 893 55.60 34.84 -28.37
C ALA A 893 54.83 34.76 -29.69
N LEU A 894 53.55 34.37 -29.63
CA LEU A 894 52.74 34.35 -30.85
C LEU A 894 52.34 35.76 -31.29
N GLU A 895 52.24 36.68 -30.33
CA GLU A 895 51.81 38.05 -30.67
C GLU A 895 52.83 38.73 -31.57
N THR A 896 54.12 38.59 -31.27
CA THR A 896 55.14 39.28 -32.05
C THR A 896 55.25 38.72 -33.46
N LEU A 897 54.95 37.43 -33.64
CA LEU A 897 55.01 36.83 -34.97
C LEU A 897 53.89 37.36 -35.88
N GLN A 898 52.82 37.89 -35.30
CA GLN A 898 51.75 38.47 -36.11
C GLN A 898 52.24 39.68 -36.89
N GLU A 899 53.03 40.54 -36.24
CA GLU A 899 53.53 41.73 -36.92
C GLU A 899 54.63 41.38 -37.91
N GLU A 900 55.40 40.33 -37.64
CA GLU A 900 56.48 39.95 -38.54
C GLU A 900 55.94 39.50 -39.90
N LYS A 901 54.83 38.76 -39.90
CA LYS A 901 54.24 38.20 -41.11
C LYS A 901 52.82 38.73 -41.26
N PRO A 902 52.64 39.90 -41.86
CA PRO A 902 51.28 40.42 -42.08
C PRO A 902 50.53 39.71 -43.18
N GLU A 903 51.20 38.88 -43.98
CA GLU A 903 50.52 38.18 -45.07
C GLU A 903 49.61 37.07 -44.57
N LEU A 904 49.79 36.62 -43.33
CA LEU A 904 48.91 35.61 -42.73
C LEU A 904 48.30 36.17 -41.46
N THR A 905 47.30 35.45 -40.94
CA THR A 905 46.60 35.84 -39.73
C THR A 905 46.44 34.59 -38.86
N VAL A 906 47.28 34.46 -37.83
CA VAL A 906 47.15 33.34 -36.91
C VAL A 906 45.88 33.49 -36.10
N VAL A 907 45.16 32.39 -35.92
CA VAL A 907 43.88 32.44 -35.22
C VAL A 907 43.98 31.67 -33.91
N PHE A 908 44.28 32.39 -32.83
CA PHE A 908 44.21 31.85 -31.48
C PHE A 908 43.20 32.68 -30.70
N GLU A 909 42.81 32.16 -29.53
CA GLU A 909 41.65 32.67 -28.79
C GLU A 909 42.09 33.13 -27.41
N PRO A 910 42.56 34.37 -27.28
CA PRO A 910 42.74 34.97 -25.95
C PRO A 910 41.56 35.81 -25.51
N SER A 911 40.56 36.00 -26.37
CA SER A 911 39.41 36.82 -26.07
C SER A 911 38.22 36.25 -26.85
N TRP A 912 37.14 37.03 -26.91
CA TRP A 912 35.95 36.61 -27.65
C TRP A 912 35.32 37.80 -28.37
N LYS B 10 24.54 26.30 -22.67
CA LYS B 10 25.57 25.33 -22.33
C LYS B 10 26.82 25.55 -23.17
N ASP B 11 26.93 26.73 -23.77
CA ASP B 11 28.08 27.04 -24.61
C ASP B 11 29.30 27.39 -23.76
N TYR B 12 29.19 28.46 -22.96
CA TYR B 12 30.32 28.87 -22.13
C TYR B 12 30.55 27.91 -20.97
N ARG B 13 29.50 27.20 -20.54
CA ARG B 13 29.68 26.21 -19.48
C ARG B 13 30.65 25.11 -19.90
N LYS B 14 30.54 24.64 -21.15
CA LYS B 14 31.49 23.67 -21.66
C LYS B 14 32.88 24.28 -21.78
N LYS B 15 32.97 25.53 -22.27
CA LYS B 15 34.26 26.17 -22.43
C LYS B 15 34.95 26.38 -21.10
N TYR B 16 34.20 26.83 -20.09
CA TYR B 16 34.79 27.00 -18.75
C TYR B 16 35.26 25.67 -18.18
N ARG B 17 34.46 24.62 -18.34
CA ARG B 17 34.84 23.31 -17.81
C ARG B 17 36.11 22.82 -18.48
N LYS B 18 36.24 23.02 -19.79
CA LYS B 18 37.47 22.66 -20.49
C LYS B 18 38.63 23.56 -20.08
N TYR B 19 38.33 24.83 -19.80
CA TYR B 19 39.39 25.78 -19.42
C TYR B 19 40.07 25.36 -18.12
N VAL B 20 39.28 24.86 -17.16
CA VAL B 20 39.85 24.42 -15.89
C VAL B 20 40.76 23.21 -16.08
N ARG B 21 40.40 22.33 -17.01
CA ARG B 21 41.17 21.09 -17.20
C ARG B 21 42.61 21.38 -17.58
N SER B 22 42.84 22.32 -18.50
CA SER B 22 44.19 22.62 -18.94
C SER B 22 44.98 23.36 -17.88
N ARG B 23 44.34 24.27 -17.15
CA ARG B 23 45.05 25.08 -16.17
C ARG B 23 45.60 24.23 -15.04
N PHE B 24 44.84 23.25 -14.58
CA PHE B 24 45.15 22.50 -13.37
C PHE B 24 45.60 21.08 -13.67
N GLN B 25 46.00 20.80 -14.91
CA GLN B 25 46.48 19.47 -15.26
C GLN B 25 47.71 19.09 -14.45
N CYS B 26 48.60 20.05 -14.22
CA CYS B 26 49.80 19.85 -13.42
C CYS B 26 49.94 20.99 -12.42
N ILE B 27 50.73 20.75 -11.38
CA ILE B 27 50.93 21.76 -10.32
C ILE B 27 52.09 22.62 -10.79
N GLU B 28 51.75 23.62 -11.61
CA GLU B 28 52.73 24.56 -12.18
C GLU B 28 53.88 23.84 -12.88
N SER B 37 54.73 19.96 -14.05
CA SER B 37 55.57 18.92 -14.63
C SER B 37 54.88 17.56 -14.61
N VAL B 38 54.98 16.86 -13.49
CA VAL B 38 54.32 15.57 -13.34
C VAL B 38 52.81 15.77 -13.31
N SER B 39 52.09 14.86 -13.97
CA SER B 39 50.63 14.97 -14.03
C SER B 39 50.03 14.88 -12.62
N LEU B 40 49.10 15.79 -12.34
CA LEU B 40 48.39 15.75 -11.06
C LEU B 40 47.57 14.46 -10.94
N ASN B 41 47.12 13.90 -12.05
CA ASN B 41 46.42 12.62 -12.04
C ASN B 41 47.33 11.46 -11.65
N LYS B 42 48.65 11.64 -11.70
CA LYS B 42 49.59 10.56 -11.47
C LYS B 42 50.04 10.48 -10.01
N ARG B 43 50.64 11.57 -9.51
CA ARG B 43 51.28 11.55 -8.20
C ARG B 43 50.33 11.80 -7.05
N TYR B 44 49.09 12.21 -7.31
CA TYR B 44 48.14 12.42 -6.24
C TYR B 44 47.75 11.11 -5.59
N THR B 45 47.60 11.13 -4.26
CA THR B 45 47.18 9.96 -3.51
C THR B 45 46.19 10.39 -2.44
N ARG B 46 45.43 9.41 -1.95
CA ARG B 46 44.36 9.69 -1.01
C ARG B 46 44.91 10.22 0.32
N LEU B 47 44.24 11.23 0.86
CA LEU B 47 44.56 11.80 2.16
C LEU B 47 43.51 11.38 3.18
N ARG B 48 43.88 11.47 4.46
CA ARG B 48 42.95 11.09 5.51
C ARG B 48 41.86 12.15 5.67
N LEU B 49 40.74 11.95 4.98
CA LEU B 49 39.61 12.87 5.07
C LEU B 49 38.72 12.47 6.25
N ILE B 50 39.25 12.73 7.44
CA ILE B 50 38.54 12.38 8.67
C ILE B 50 37.48 13.43 8.95
N LYS B 51 36.23 13.00 9.05
CA LYS B 51 35.13 13.91 9.36
C LYS B 51 35.11 14.20 10.85
N GLU B 52 35.33 15.48 11.20
CA GLU B 52 35.33 15.89 12.60
C GLU B 52 33.89 15.91 13.08
N HIS B 53 33.47 14.81 13.71
CA HIS B 53 32.10 14.65 14.21
C HIS B 53 31.07 14.83 13.10
N PHE B 85 35.12 9.15 5.74
CA PHE B 85 34.30 10.15 5.05
C PHE B 85 34.58 10.13 3.55
N ASP B 86 33.56 9.77 2.79
CA ASP B 86 33.72 9.58 1.34
C ASP B 86 34.03 10.91 0.67
N PRO B 87 34.87 10.92 -0.37
CA PRO B 87 35.04 12.15 -1.16
C PRO B 87 33.80 12.50 -1.98
N ASP B 88 32.74 11.71 -1.87
CA ASP B 88 31.56 11.92 -2.70
C ASP B 88 30.64 12.98 -2.11
N ASP B 89 30.50 13.02 -0.78
CA ASP B 89 29.37 13.69 -0.16
C ASP B 89 29.74 14.65 0.96
N GLU B 90 30.69 15.57 0.73
CA GLU B 90 30.87 16.66 1.68
C GLU B 90 29.64 17.55 1.75
N HIS B 91 28.85 17.60 0.67
CA HIS B 91 27.75 18.55 0.56
C HIS B 91 26.41 17.85 0.34
N SER B 92 26.32 16.56 0.63
CA SER B 92 25.05 15.85 0.49
C SER B 92 24.00 16.38 1.46
N GLU B 93 24.39 16.62 2.71
CA GLU B 93 23.49 17.09 3.74
C GLU B 93 23.15 18.56 3.47
N PRO B 94 21.97 19.04 3.89
CA PRO B 94 21.60 20.44 3.58
C PRO B 94 22.51 21.49 4.20
N VAL B 95 23.57 21.10 4.92
CA VAL B 95 24.54 22.08 5.38
C VAL B 95 25.24 22.68 4.15
N HIS B 96 25.27 24.00 4.10
CA HIS B 96 25.76 24.73 2.92
C HIS B 96 27.06 25.46 3.23
N THR B 97 27.85 24.93 4.16
CA THR B 97 29.14 25.53 4.47
C THR B 97 30.09 24.48 5.05
N VAL B 98 31.24 24.30 4.42
CA VAL B 98 32.23 23.31 4.84
C VAL B 98 33.56 24.01 5.07
N VAL B 99 34.21 23.69 6.18
CA VAL B 99 35.52 24.21 6.51
C VAL B 99 36.48 23.04 6.72
N PHE B 100 37.69 23.16 6.19
CA PHE B 100 38.70 22.12 6.28
C PHE B 100 39.82 22.59 7.19
N GLN B 101 40.17 21.77 8.18
CA GLN B 101 41.27 22.05 9.10
C GLN B 101 42.46 21.18 8.74
N GLY B 102 43.63 21.80 8.63
CA GLY B 102 44.84 21.06 8.31
C GLY B 102 46.09 21.87 8.60
N ALA B 103 47.12 21.20 9.13
CA ALA B 103 48.36 21.88 9.45
C ALA B 103 49.10 22.27 8.17
N ALA B 104 50.08 23.16 8.32
CA ALA B 104 50.86 23.62 7.17
C ALA B 104 51.58 22.45 6.52
N GLY B 105 51.46 22.35 5.20
CA GLY B 105 52.09 21.28 4.45
C GLY B 105 51.31 19.99 4.41
N ILE B 106 50.13 19.93 5.04
CA ILE B 106 49.34 18.70 5.00
C ILE B 106 48.65 18.49 3.65
N GLY B 107 48.62 19.50 2.80
CA GLY B 107 48.07 19.38 1.48
C GLY B 107 46.73 20.07 1.24
N LYS B 108 46.39 21.10 2.01
CA LYS B 108 45.13 21.80 1.78
C LYS B 108 45.13 22.51 0.44
N THR B 109 46.26 23.10 0.06
CA THR B 109 46.31 23.93 -1.14
C THR B 109 46.00 23.12 -2.39
N ILE B 110 46.57 21.91 -2.50
CA ILE B 110 46.36 21.11 -3.71
C ILE B 110 45.24 20.08 -3.56
N LEU B 111 44.68 19.93 -2.36
CA LEU B 111 43.48 19.09 -2.23
C LEU B 111 42.32 19.70 -3.00
N ALA B 112 42.17 21.03 -2.92
CA ALA B 112 41.16 21.70 -3.73
C ALA B 112 41.46 21.62 -5.21
N ARG B 113 42.73 21.70 -5.59
CA ARG B 113 43.10 21.59 -7.00
C ARG B 113 42.74 20.22 -7.56
N LYS B 114 43.02 19.16 -6.80
CA LYS B 114 42.58 17.83 -7.22
C LYS B 114 41.06 17.75 -7.27
N MET B 115 40.38 18.36 -6.29
CA MET B 115 38.92 18.34 -6.27
C MET B 115 38.33 19.04 -7.49
N MET B 116 38.93 20.15 -7.92
CA MET B 116 38.37 20.91 -9.03
C MET B 116 38.70 20.27 -10.38
N LEU B 117 39.86 19.65 -10.53
CA LEU B 117 40.11 18.85 -11.73
C LEU B 117 39.22 17.61 -11.75
N ASP B 118 39.07 16.95 -10.60
CA ASP B 118 38.20 15.78 -10.55
C ASP B 118 36.77 16.14 -10.91
N TRP B 119 36.33 17.32 -10.48
CA TRP B 119 35.06 17.86 -10.97
C TRP B 119 35.08 18.04 -12.49
N ALA B 120 36.17 18.59 -13.02
CA ALA B 120 36.19 19.00 -14.42
C ALA B 120 35.95 17.82 -15.37
N SER B 121 36.29 16.61 -14.94
CA SER B 121 36.01 15.41 -15.72
C SER B 121 34.60 14.87 -15.47
N GLY B 122 33.84 15.51 -14.58
CA GLY B 122 32.49 15.08 -14.28
C GLY B 122 32.38 13.98 -13.24
N THR B 123 33.49 13.53 -12.67
CA THR B 123 33.45 12.43 -11.71
C THR B 123 32.89 12.87 -10.37
N LEU B 124 33.00 14.15 -10.04
CA LEU B 124 32.57 14.67 -8.74
C LEU B 124 31.58 15.80 -8.96
N TYR B 125 30.39 15.65 -8.38
CA TYR B 125 29.35 16.68 -8.37
C TYR B 125 29.05 17.20 -9.77
N GLN B 126 28.55 16.30 -10.62
CA GLN B 126 28.15 16.70 -11.96
C GLN B 126 26.74 17.29 -11.96
N ASP B 127 25.96 17.04 -10.92
CA ASP B 127 24.55 17.43 -10.92
C ASP B 127 24.28 18.76 -10.23
N ARG B 128 24.61 18.90 -8.95
CA ARG B 128 24.27 20.14 -8.26
C ARG B 128 25.17 21.28 -8.70
N PHE B 129 26.30 20.98 -9.33
CA PHE B 129 27.17 22.11 -9.63
C PHE B 129 27.79 21.95 -11.01
N ASP B 130 27.85 23.07 -11.72
CA ASP B 130 28.51 23.15 -13.02
C ASP B 130 29.44 24.37 -13.12
N TYR B 131 29.57 25.15 -12.05
CA TYR B 131 30.47 26.29 -12.01
C TYR B 131 31.27 26.25 -10.71
N LEU B 132 32.58 26.33 -10.82
CA LEU B 132 33.47 26.33 -9.66
C LEU B 132 34.42 27.51 -9.75
N PHE B 133 34.57 28.24 -8.65
CA PHE B 133 35.37 29.46 -8.60
C PHE B 133 36.43 29.31 -7.53
N TYR B 134 37.69 29.54 -7.90
CA TYR B 134 38.82 29.37 -7.00
C TYR B 134 39.25 30.73 -6.46
N ILE B 135 39.22 30.87 -5.14
CA ILE B 135 39.64 32.11 -4.48
C ILE B 135 40.91 31.88 -3.69
N HIS B 136 42.06 32.17 -4.29
CA HIS B 136 43.34 31.99 -3.62
C HIS B 136 43.59 33.20 -2.71
N CYS B 137 43.50 32.98 -1.40
CA CYS B 137 43.66 34.07 -0.45
C CYS B 137 45.05 34.68 -0.50
N ARG B 138 46.05 33.88 -0.89
CA ARG B 138 47.40 34.43 -1.03
C ARG B 138 47.44 35.56 -2.05
N GLU B 139 46.80 35.37 -3.21
CA GLU B 139 46.80 36.40 -4.24
C GLU B 139 45.80 37.50 -3.97
N VAL B 140 44.93 37.36 -2.97
CA VAL B 140 43.88 38.34 -2.74
C VAL B 140 44.46 39.58 -2.11
N SER B 141 44.19 40.73 -2.72
CA SER B 141 44.52 42.05 -2.17
C SER B 141 43.21 42.65 -1.68
N LEU B 142 42.98 42.60 -0.37
CA LEU B 142 41.69 42.91 0.22
C LEU B 142 41.61 44.32 0.82
N VAL B 143 42.64 45.14 0.66
CA VAL B 143 42.59 46.47 1.26
C VAL B 143 41.93 47.46 0.31
N THR B 144 40.60 47.44 0.26
CA THR B 144 39.79 48.38 -0.51
C THR B 144 40.19 48.40 -1.98
N GLN B 145 40.25 47.23 -2.61
CA GLN B 145 40.39 47.15 -4.06
C GLN B 145 39.25 46.42 -4.75
N ARG B 146 38.92 45.21 -4.29
CA ARG B 146 38.20 44.29 -5.15
C ARG B 146 36.69 44.50 -5.06
N SER B 147 36.04 44.40 -6.21
CA SER B 147 34.61 44.34 -6.43
C SER B 147 34.23 42.88 -6.65
N LEU B 148 33.05 42.64 -7.24
CA LEU B 148 32.79 41.29 -7.71
C LEU B 148 33.74 40.84 -8.81
N GLY B 149 34.77 41.63 -9.12
CA GLY B 149 35.78 41.29 -10.10
C GLY B 149 36.39 39.91 -9.96
N ASP B 150 36.18 39.27 -8.81
CA ASP B 150 36.58 37.88 -8.64
C ASP B 150 35.93 36.98 -9.68
N LEU B 151 34.71 37.30 -10.10
CA LEU B 151 34.02 36.45 -11.06
C LEU B 151 34.55 36.60 -12.48
N ILE B 152 34.81 37.83 -12.95
CA ILE B 152 35.37 37.96 -14.29
C ILE B 152 36.79 37.43 -14.36
N MET B 153 37.60 37.71 -13.34
CA MET B 153 39.02 37.39 -13.45
C MET B 153 39.25 35.89 -13.52
N SER B 154 38.36 35.09 -12.93
CA SER B 154 38.60 33.65 -12.86
C SER B 154 38.26 32.95 -14.18
N CYS B 155 37.12 33.28 -14.78
CA CYS B 155 36.64 32.57 -15.97
C CYS B 155 37.59 32.75 -17.14
N CYS B 156 37.68 33.98 -17.65
CA CYS B 156 38.51 34.30 -18.80
C CYS B 156 38.89 35.77 -18.69
N PRO B 157 39.80 36.26 -19.56
CA PRO B 157 40.20 37.68 -19.49
C PRO B 157 39.06 38.68 -19.31
N ASP B 158 38.09 38.71 -20.22
CA ASP B 158 36.98 39.64 -20.02
C ASP B 158 35.69 39.28 -20.76
N PRO B 159 35.11 38.08 -20.54
CA PRO B 159 33.74 37.85 -21.00
C PRO B 159 32.73 38.10 -19.88
N ASN B 160 31.59 38.69 -20.22
CA ASN B 160 30.58 38.85 -19.18
C ASN B 160 29.21 38.25 -19.52
N PRO B 161 29.13 37.03 -20.05
CA PRO B 161 27.88 36.26 -19.91
C PRO B 161 27.66 35.78 -18.48
N PRO B 162 28.65 35.10 -17.85
CA PRO B 162 28.36 34.56 -16.51
C PRO B 162 28.10 35.61 -15.45
N ILE B 163 28.59 36.83 -15.63
CA ILE B 163 28.39 37.87 -14.63
C ILE B 163 26.91 38.22 -14.53
N HIS B 164 26.12 37.87 -15.53
CA HIS B 164 24.70 38.18 -15.54
C HIS B 164 23.82 36.94 -15.59
N LYS B 165 24.16 35.95 -16.42
CA LYS B 165 23.29 34.79 -16.57
C LYS B 165 23.50 33.79 -15.44
N ILE B 166 24.72 33.68 -14.92
CA ILE B 166 25.04 32.64 -13.94
C ILE B 166 24.70 33.09 -12.53
N VAL B 167 24.80 34.40 -12.28
CA VAL B 167 24.56 34.91 -10.92
C VAL B 167 23.08 34.82 -10.56
N ARG B 168 22.23 34.52 -11.53
CA ARG B 168 20.79 34.49 -11.28
C ARG B 168 20.41 33.38 -10.30
N LYS B 169 20.91 32.17 -10.52
CA LYS B 169 20.51 31.04 -9.70
C LYS B 169 21.63 30.71 -8.72
N PRO B 170 21.43 30.94 -7.42
CA PRO B 170 22.54 30.82 -6.46
C PRO B 170 23.03 29.41 -6.23
N SER B 171 22.24 28.41 -6.63
CA SER B 171 22.61 27.00 -6.48
C SER B 171 23.52 26.53 -7.61
N ARG B 172 24.19 27.46 -8.27
CA ARG B 172 25.06 27.18 -9.41
C ARG B 172 26.51 27.53 -9.14
N ILE B 173 26.80 28.19 -8.03
CA ILE B 173 28.13 28.71 -7.72
C ILE B 173 28.53 28.30 -6.32
N LEU B 174 29.75 27.78 -6.18
CA LEU B 174 30.39 27.63 -4.87
C LEU B 174 31.77 28.27 -4.96
N PHE B 175 32.32 28.63 -3.81
CA PHE B 175 33.58 29.36 -3.75
C PHE B 175 34.61 28.55 -2.98
N LEU B 176 35.77 28.34 -3.59
CA LEU B 176 36.86 27.59 -2.99
C LEU B 176 37.90 28.59 -2.48
N MET B 177 37.68 29.07 -1.26
CA MET B 177 38.58 30.03 -0.63
C MET B 177 39.72 29.24 0.01
N ASP B 178 40.83 29.14 -0.71
CA ASP B 178 41.95 28.32 -0.26
C ASP B 178 42.83 29.11 0.68
N GLY B 179 43.18 28.50 1.81
CA GLY B 179 44.14 29.07 2.74
C GLY B 179 43.70 30.37 3.37
N PHE B 180 42.63 30.31 4.19
CA PHE B 180 42.19 31.51 4.90
C PHE B 180 43.25 31.98 5.90
N ASP B 181 44.10 31.08 6.38
CA ASP B 181 45.21 31.48 7.22
C ASP B 181 46.19 32.38 6.48
N GLU B 182 46.23 32.26 5.15
CA GLU B 182 47.16 33.03 4.34
C GLU B 182 46.62 34.40 3.99
N LEU B 183 45.58 34.85 4.67
CA LEU B 183 45.10 36.22 4.51
C LEU B 183 46.20 37.21 4.91
N GLN B 184 46.26 38.33 4.18
CA GLN B 184 47.26 39.35 4.40
C GLN B 184 46.59 40.62 4.93
N GLY B 185 47.32 41.35 5.75
CA GLY B 185 46.84 42.61 6.29
C GLY B 185 46.14 42.46 7.62
N ALA B 186 45.55 43.57 8.07
CA ALA B 186 44.81 43.63 9.32
C ALA B 186 43.36 43.25 9.06
N PHE B 187 42.98 42.05 9.49
CA PHE B 187 41.61 41.56 9.33
C PHE B 187 40.86 41.84 10.65
N ASP B 188 40.16 42.96 10.69
CA ASP B 188 39.33 43.27 11.84
C ASP B 188 38.12 42.35 11.88
N GLU B 189 37.62 42.12 13.10
CA GLU B 189 36.54 41.15 13.29
C GLU B 189 35.25 41.62 12.65
N HIS B 190 35.08 42.93 12.48
CA HIS B 190 33.82 43.50 12.00
C HIS B 190 34.10 44.71 11.13
N ILE B 191 33.98 44.54 9.82
CA ILE B 191 34.12 45.63 8.86
C ILE B 191 33.03 45.49 7.82
N GLY B 192 32.37 46.60 7.49
CA GLY B 192 31.32 46.60 6.49
C GLY B 192 30.07 45.90 6.96
N PRO B 193 29.37 46.48 7.94
CA PRO B 193 28.15 45.83 8.45
C PRO B 193 27.05 45.71 7.40
N LEU B 194 26.74 46.80 6.71
CA LEU B 194 25.70 46.81 5.70
C LEU B 194 26.32 46.47 4.34
N CYS B 195 26.01 45.28 3.84
CA CYS B 195 26.53 44.84 2.55
C CYS B 195 25.58 43.86 1.87
N THR B 196 24.72 44.37 0.99
CA THR B 196 23.75 43.55 0.28
C THR B 196 23.71 43.85 -1.22
N ASP B 197 24.14 45.03 -1.63
CA ASP B 197 24.16 45.40 -3.04
C ASP B 197 25.06 44.44 -3.80
N TRP B 198 24.60 44.02 -4.99
CA TRP B 198 25.23 42.89 -5.66
C TRP B 198 26.54 43.28 -6.35
N GLN B 199 26.47 44.14 -7.35
CA GLN B 199 27.57 44.34 -8.28
C GLN B 199 28.67 45.25 -7.75
N LYS B 200 28.44 46.00 -6.67
CA LYS B 200 29.41 46.97 -6.20
C LYS B 200 29.59 46.84 -4.69
N ALA B 201 30.75 46.34 -4.28
CA ALA B 201 31.14 46.36 -2.88
C ALA B 201 32.44 47.15 -2.72
N GLU B 202 33.42 46.86 -3.57
CA GLU B 202 34.67 47.59 -3.72
C GLU B 202 35.58 47.45 -2.51
N ARG B 203 35.15 46.77 -1.45
CA ARG B 203 35.95 46.59 -0.25
C ARG B 203 36.26 45.11 -0.08
N GLY B 204 37.55 44.79 0.02
CA GLY B 204 37.94 43.40 0.17
C GLY B 204 37.43 42.77 1.45
N ASP B 205 37.51 43.51 2.56
CA ASP B 205 36.97 43.00 3.82
C ASP B 205 35.47 42.79 3.75
N ILE B 206 34.76 43.68 3.05
CA ILE B 206 33.32 43.52 2.89
C ILE B 206 33.02 42.24 2.10
N LEU B 207 33.77 42.00 1.02
CA LEU B 207 33.54 40.81 0.20
C LEU B 207 33.71 39.54 1.01
N LEU B 208 34.83 39.43 1.73
CA LEU B 208 35.09 38.23 2.52
C LEU B 208 34.07 38.08 3.64
N SER B 209 33.74 39.19 4.31
CA SER B 209 32.76 39.14 5.39
C SER B 209 31.38 38.78 4.86
N SER B 210 30.98 39.39 3.74
CA SER B 210 29.65 39.13 3.21
C SER B 210 29.52 37.71 2.65
N LEU B 211 30.52 37.26 1.89
CA LEU B 211 30.45 35.93 1.28
C LEU B 211 30.44 34.83 2.34
N ILE B 212 31.26 34.97 3.38
CA ILE B 212 31.25 34.00 4.46
C ILE B 212 29.90 34.02 5.17
N ARG B 213 29.37 35.21 5.44
CA ARG B 213 28.05 35.34 6.04
C ARG B 213 26.92 35.08 5.05
N LYS B 214 27.26 34.86 3.78
CA LYS B 214 26.27 34.58 2.73
C LYS B 214 25.25 35.71 2.61
N LYS B 215 25.74 36.94 2.70
CA LYS B 215 24.92 38.13 2.50
C LYS B 215 25.03 38.71 1.11
N LEU B 216 26.23 38.68 0.51
CA LEU B 216 26.38 39.11 -0.88
C LEU B 216 25.58 38.21 -1.81
N LEU B 217 25.62 36.89 -1.59
CA LEU B 217 24.89 35.94 -2.41
C LEU B 217 24.25 34.92 -1.48
N PRO B 218 22.99 35.12 -1.13
CA PRO B 218 22.30 34.15 -0.27
C PRO B 218 22.21 32.79 -0.93
N GLU B 219 22.20 31.75 -0.09
CA GLU B 219 22.25 30.36 -0.54
C GLU B 219 23.49 30.13 -1.39
N ALA B 220 24.67 30.28 -0.77
CA ALA B 220 25.94 30.10 -1.42
C ALA B 220 26.71 28.96 -0.77
N SER B 221 27.21 28.04 -1.59
CA SER B 221 27.97 26.91 -1.10
C SER B 221 29.43 27.34 -0.91
N LEU B 222 30.00 26.94 0.22
CA LEU B 222 31.36 27.34 0.56
C LEU B 222 32.18 26.13 1.00
N LEU B 223 33.46 26.16 0.64
CA LEU B 223 34.42 25.14 1.08
C LEU B 223 35.75 25.85 1.24
N ILE B 224 36.17 26.07 2.48
CA ILE B 224 37.35 26.88 2.79
C ILE B 224 38.36 26.01 3.52
N THR B 225 39.63 26.20 3.20
CA THR B 225 40.73 25.50 3.85
C THR B 225 41.37 26.44 4.85
N THR B 226 41.38 26.06 6.12
CA THR B 226 41.91 26.90 7.19
C THR B 226 42.88 26.10 8.04
N ARG B 227 43.95 26.75 8.47
CA ARG B 227 44.85 26.18 9.46
C ARG B 227 44.15 26.15 10.81
N PRO B 228 44.34 25.07 11.58
CA PRO B 228 43.59 24.93 12.84
C PRO B 228 43.81 26.07 13.83
N VAL B 229 44.96 26.75 13.76
CA VAL B 229 45.21 27.87 14.66
C VAL B 229 44.31 29.07 14.34
N ALA B 230 43.72 29.10 13.16
CA ALA B 230 42.96 30.27 12.71
C ALA B 230 41.47 30.18 13.03
N LEU B 231 41.02 29.13 13.72
CA LEU B 231 39.60 28.96 13.97
C LEU B 231 39.01 30.08 14.83
N GLU B 232 39.85 30.83 15.56
CA GLU B 232 39.33 31.92 16.37
C GLU B 232 38.66 32.98 15.51
N LYS B 233 39.25 33.30 14.36
CA LYS B 233 38.63 34.25 13.44
C LYS B 233 37.38 33.65 12.79
N LEU B 234 37.43 32.35 12.51
CA LEU B 234 36.29 31.69 11.86
C LEU B 234 35.06 31.71 12.75
N GLN B 235 35.24 31.43 14.04
CA GLN B 235 34.12 31.31 14.97
C GLN B 235 33.30 32.59 15.05
N HIS B 236 33.93 33.75 14.82
CA HIS B 236 33.18 35.00 14.79
C HIS B 236 32.25 35.08 13.59
N LEU B 237 32.61 34.41 12.49
CA LEU B 237 31.89 34.56 11.23
C LEU B 237 31.13 33.32 10.80
N LEU B 238 31.53 32.12 11.24
CA LEU B 238 30.85 30.92 10.80
C LEU B 238 29.43 30.86 11.34
N ASP B 239 28.50 30.43 10.49
CA ASP B 239 27.11 30.25 10.87
C ASP B 239 26.65 28.88 10.37
N HIS B 240 26.42 27.96 11.30
CA HIS B 240 26.05 26.59 10.98
C HIS B 240 27.04 25.94 10.01
N PRO B 241 28.30 25.77 10.42
CA PRO B 241 29.31 25.21 9.51
C PRO B 241 29.46 23.70 9.70
N ARG B 242 30.30 23.12 8.84
CA ARG B 242 30.68 21.72 8.96
C ARG B 242 32.20 21.65 8.96
N HIS B 243 32.76 21.01 9.99
CA HIS B 243 34.21 20.98 10.21
C HIS B 243 34.74 19.60 9.90
N VAL B 244 35.81 19.54 9.11
CA VAL B 244 36.46 18.29 8.71
C VAL B 244 37.95 18.46 8.90
N GLU B 245 38.57 17.51 9.61
CA GLU B 245 40.01 17.53 9.86
C GLU B 245 40.75 16.78 8.77
N ILE B 246 41.90 17.30 8.36
CA ILE B 246 42.72 16.71 7.31
C ILE B 246 44.03 16.24 7.93
N LEU B 247 44.24 14.93 7.91
CA LEU B 247 45.48 14.32 8.36
C LEU B 247 46.39 14.08 7.15
N GLY B 248 47.47 13.33 7.35
CA GLY B 248 48.45 13.15 6.31
C GLY B 248 48.59 11.74 5.74
N PHE B 249 49.82 11.25 5.68
CA PHE B 249 50.14 9.99 5.02
C PHE B 249 50.25 8.85 6.02
N SER B 250 49.96 7.64 5.54
CA SER B 250 50.17 6.42 6.29
C SER B 250 51.49 5.79 5.89
N GLU B 251 51.88 4.73 6.60
CA GLU B 251 53.10 4.02 6.24
C GLU B 251 52.98 3.41 4.85
N ALA B 252 51.82 2.80 4.55
CA ALA B 252 51.58 2.27 3.21
C ALA B 252 51.52 3.40 2.19
N LYS B 253 50.87 4.51 2.55
CA LYS B 253 50.77 5.64 1.62
C LYS B 253 52.15 6.25 1.36
N ARG B 254 53.00 6.30 2.38
CA ARG B 254 54.36 6.80 2.19
C ARG B 254 55.12 5.96 1.18
N LYS B 255 54.99 4.64 1.27
CA LYS B 255 55.63 3.77 0.28
C LYS B 255 55.08 4.01 -1.12
N GLU B 256 53.76 4.19 -1.22
CA GLU B 256 53.15 4.44 -2.52
C GLU B 256 53.65 5.75 -3.12
N TYR B 257 53.79 6.78 -2.29
CA TYR B 257 54.28 8.07 -2.79
C TYR B 257 55.70 7.94 -3.34
N PHE B 258 56.56 7.20 -2.64
CA PHE B 258 57.93 7.02 -3.12
C PHE B 258 57.96 6.29 -4.46
N PHE B 259 57.09 5.28 -4.61
CA PHE B 259 56.99 4.59 -5.90
C PHE B 259 56.48 5.53 -6.99
N LYS B 260 55.47 6.34 -6.67
CA LYS B 260 54.92 7.27 -7.66
C LYS B 260 55.88 8.42 -7.96
N TYR B 261 56.88 8.66 -7.10
CA TYR B 261 57.82 9.74 -7.31
C TYR B 261 59.10 9.26 -8.01
N PHE B 262 59.67 8.16 -7.54
CA PHE B 262 60.93 7.66 -8.07
C PHE B 262 60.67 6.88 -9.35
N SER B 263 61.16 7.41 -10.48
CA SER B 263 60.99 6.72 -11.75
C SER B 263 61.74 5.38 -11.77
N ASP B 264 62.96 5.37 -11.25
CA ASP B 264 63.78 4.16 -11.23
C ASP B 264 63.52 3.41 -9.92
N GLU B 265 62.75 2.33 -10.00
CA GLU B 265 62.39 1.55 -8.82
C GLU B 265 63.55 0.77 -8.24
N ALA B 266 64.67 0.67 -8.95
CA ALA B 266 65.83 -0.04 -8.41
C ALA B 266 66.36 0.64 -7.16
N GLN B 267 66.40 1.98 -7.16
CA GLN B 267 66.83 2.75 -6.00
C GLN B 267 65.66 3.17 -5.12
N ALA B 268 64.43 3.10 -5.61
CA ALA B 268 63.28 3.49 -4.81
C ALA B 268 63.16 2.63 -3.56
N ARG B 269 63.31 1.31 -3.71
CA ARG B 269 63.32 0.44 -2.54
C ARG B 269 64.51 0.76 -1.63
N ALA B 270 65.68 1.00 -2.22
CA ALA B 270 66.85 1.36 -1.43
C ALA B 270 66.63 2.69 -0.72
N ALA B 271 66.07 3.68 -1.42
CA ALA B 271 65.78 4.96 -0.78
C ALA B 271 64.71 4.82 0.29
N PHE B 272 63.66 4.04 0.01
CA PHE B 272 62.61 3.84 1.00
C PHE B 272 63.14 3.10 2.22
N SER B 273 63.99 2.09 2.01
CA SER B 273 64.58 1.37 3.14
C SER B 273 65.44 2.30 3.99
N LEU B 274 66.22 3.16 3.34
CA LEU B 274 66.97 4.16 4.08
C LEU B 274 66.04 5.12 4.83
N ILE B 275 64.95 5.50 4.19
CA ILE B 275 63.94 6.33 4.87
C ILE B 275 63.26 5.53 5.98
N GLN B 276 62.89 4.27 5.69
CA GLN B 276 62.23 3.45 6.69
C GLN B 276 63.15 3.13 7.87
N GLU B 277 64.46 3.10 7.63
CA GLU B 277 65.40 2.82 8.71
C GLU B 277 65.33 3.90 9.79
N ASN B 278 65.23 5.15 9.38
CA ASN B 278 65.09 6.24 10.35
C ASN B 278 63.75 6.13 11.07
N GLU B 279 63.77 6.41 12.36
CA GLU B 279 62.57 6.32 13.18
C GLU B 279 61.84 7.65 13.33
N VAL B 280 62.57 8.76 13.30
CA VAL B 280 61.95 10.07 13.43
C VAL B 280 61.52 10.61 12.07
N LEU B 281 62.36 10.44 11.05
CA LEU B 281 62.01 10.92 9.72
C LEU B 281 60.79 10.19 9.17
N PHE B 282 60.71 8.87 9.39
CA PHE B 282 59.60 8.09 8.85
C PHE B 282 58.27 8.54 9.43
N THR B 283 58.22 8.78 10.74
CA THR B 283 56.99 9.27 11.34
C THR B 283 56.76 10.75 11.04
N MET B 284 57.82 11.48 10.68
CA MET B 284 57.66 12.86 10.23
C MET B 284 57.21 12.93 8.78
N CYS B 285 57.23 11.82 8.07
CA CYS B 285 56.74 11.77 6.70
C CYS B 285 55.25 11.53 6.61
N PHE B 286 54.50 11.74 7.70
CA PHE B 286 53.05 11.73 7.56
C PHE B 286 52.56 12.99 6.86
N ILE B 287 53.29 14.09 7.00
CA ILE B 287 53.01 15.32 6.26
C ILE B 287 53.50 15.13 4.83
N PRO B 288 52.66 15.29 3.81
CA PRO B 288 53.12 15.10 2.43
C PRO B 288 54.22 16.08 2.03
N LEU B 289 54.23 17.29 2.60
CA LEU B 289 55.25 18.26 2.25
C LEU B 289 56.64 17.76 2.60
N VAL B 290 56.78 17.12 3.76
CA VAL B 290 58.07 16.57 4.15
C VAL B 290 58.50 15.48 3.18
N CYS B 291 57.55 14.66 2.72
CA CYS B 291 57.86 13.64 1.73
C CYS B 291 58.39 14.26 0.45
N TRP B 292 57.79 15.37 0.01
CA TRP B 292 58.28 16.06 -1.17
C TRP B 292 59.69 16.59 -0.95
N ILE B 293 59.97 17.13 0.24
CA ILE B 293 61.27 17.73 0.50
C ILE B 293 62.35 16.67 0.59
N VAL B 294 62.07 15.56 1.28
CA VAL B 294 63.06 14.50 1.40
C VAL B 294 63.32 13.84 0.05
N CYS B 295 62.27 13.72 -0.77
CA CYS B 295 62.44 13.12 -2.09
C CYS B 295 63.26 14.03 -3.00
N THR B 296 62.94 15.32 -3.01
CA THR B 296 63.69 16.26 -3.84
C THR B 296 65.14 16.33 -3.41
N GLY B 297 65.39 16.42 -2.11
CA GLY B 297 66.76 16.49 -1.61
C GLY B 297 67.55 15.24 -1.93
N LEU B 298 66.93 14.07 -1.79
CA LEU B 298 67.60 12.83 -2.16
C LEU B 298 67.86 12.78 -3.66
N LYS B 299 66.89 13.22 -4.47
CA LYS B 299 67.07 13.21 -5.92
C LYS B 299 68.00 14.33 -6.37
N GLN B 300 67.98 15.47 -5.68
CA GLN B 300 68.95 16.53 -5.98
C GLN B 300 70.37 16.05 -5.71
N GLN B 301 70.56 15.33 -4.61
CA GLN B 301 71.85 14.75 -4.28
C GLN B 301 72.05 13.37 -4.90
N MET B 302 71.06 12.86 -5.63
CA MET B 302 71.25 11.60 -6.33
C MET B 302 72.31 11.74 -7.41
N GLU B 303 72.34 12.87 -8.10
CA GLU B 303 73.44 13.15 -9.02
C GLU B 303 74.76 13.33 -8.29
N SER B 304 74.72 13.60 -6.99
CA SER B 304 75.91 13.72 -6.15
C SER B 304 76.22 12.43 -5.39
N GLY B 305 75.21 11.76 -4.86
CA GLY B 305 75.41 10.50 -4.17
C GLY B 305 75.37 10.62 -2.66
N LYS B 306 74.40 11.36 -2.13
CA LYS B 306 74.25 11.55 -0.69
C LYS B 306 72.88 11.06 -0.23
N SER B 307 72.68 11.05 1.09
CA SER B 307 71.41 10.66 1.67
C SER B 307 70.84 11.80 2.51
N LEU B 308 69.72 11.56 3.19
CA LEU B 308 69.08 12.62 3.96
C LEU B 308 68.74 12.17 5.37
N ALA B 309 68.56 10.86 5.56
CA ALA B 309 68.01 10.34 6.82
C ALA B 309 69.12 10.11 7.85
N GLN B 310 69.90 11.15 8.09
CA GLN B 310 70.82 11.17 9.23
C GLN B 310 70.64 12.38 10.12
N THR B 311 70.43 13.56 9.54
CA THR B 311 70.09 14.76 10.31
C THR B 311 68.59 15.01 10.27
N SER B 312 67.85 14.06 10.83
CA SER B 312 66.39 14.08 10.84
C SER B 312 65.86 14.21 12.26
N LYS B 313 66.56 14.98 13.10
CA LYS B 313 66.16 15.11 14.49
C LYS B 313 64.82 15.83 14.62
N THR B 314 64.70 17.00 13.98
CA THR B 314 63.51 17.84 14.14
C THR B 314 63.15 18.43 12.78
N THR B 315 62.14 19.30 12.79
CA THR B 315 61.70 19.95 11.56
C THR B 315 62.76 20.92 11.03
N THR B 316 63.47 21.60 11.93
CA THR B 316 64.53 22.50 11.49
C THR B 316 65.64 21.74 10.78
N ALA B 317 66.01 20.57 11.30
CA ALA B 317 67.14 19.83 10.73
C ALA B 317 66.87 19.40 9.30
N VAL B 318 65.67 18.90 9.02
CA VAL B 318 65.37 18.40 7.68
C VAL B 318 65.31 19.56 6.68
N TYR B 319 64.79 20.71 7.10
CA TYR B 319 64.75 21.87 6.21
C TYR B 319 66.12 22.51 6.05
N VAL B 320 66.88 22.60 7.15
CA VAL B 320 68.23 23.14 7.05
C VAL B 320 69.09 22.22 6.18
N PHE B 321 68.98 20.91 6.38
CA PHE B 321 69.72 19.99 5.52
C PHE B 321 69.21 20.02 4.08
N PHE B 322 67.92 20.26 3.89
CA PHE B 322 67.43 20.51 2.53
C PHE B 322 68.08 21.76 1.96
N LEU B 323 68.08 22.85 2.73
CA LEU B 323 68.77 24.06 2.29
C LEU B 323 70.25 23.80 2.06
N SER B 324 70.85 22.88 2.82
CA SER B 324 72.20 22.43 2.51
C SER B 324 72.25 21.84 1.10
N SER B 325 71.44 20.81 0.85
CA SER B 325 71.33 20.27 -0.49
C SER B 325 70.75 21.27 -1.48
N LEU B 326 70.03 22.29 -1.00
CA LEU B 326 69.52 23.34 -1.86
C LEU B 326 70.60 24.34 -2.22
N LEU B 327 71.69 24.38 -1.45
CA LEU B 327 72.77 25.31 -1.69
C LEU B 327 74.13 24.65 -1.88
N GLN B 328 74.28 23.36 -1.51
CA GLN B 328 75.55 22.68 -1.74
C GLN B 328 75.95 22.68 -3.21
N PRO B 329 75.07 22.34 -4.16
CA PRO B 329 75.42 22.57 -5.58
C PRO B 329 75.60 24.04 -5.92
N ARG B 330 74.90 24.93 -5.22
CA ARG B 330 74.91 26.35 -5.58
C ARG B 330 75.97 27.14 -4.81
N GLY B 331 75.89 27.11 -3.47
CA GLY B 331 76.82 27.87 -2.65
C GLY B 331 76.51 27.78 -1.17
N GLY B 337 77.36 37.03 0.06
CA GLY B 337 76.68 36.80 -1.21
C GLY B 337 75.32 36.16 -1.02
N LEU B 338 75.31 34.84 -0.83
CA LEU B 338 74.05 34.12 -0.64
C LEU B 338 73.36 34.59 0.65
N CYS B 339 74.13 34.79 1.71
CA CYS B 339 73.55 35.29 2.96
C CYS B 339 72.93 36.66 2.75
N ALA B 340 73.62 37.54 2.02
CA ALA B 340 73.02 38.81 1.65
C ALA B 340 71.77 38.60 0.81
N HIS B 341 71.83 37.65 -0.13
CA HIS B 341 70.62 37.27 -0.87
C HIS B 341 69.58 36.68 0.08
N LEU B 342 70.03 35.85 1.03
CA LEU B 342 69.13 35.43 2.10
C LEU B 342 68.66 36.63 2.91
N TRP B 343 69.57 37.55 3.22
CA TRP B 343 69.18 38.80 3.88
C TRP B 343 68.22 39.58 3.00
N GLY B 344 68.46 39.59 1.68
CA GLY B 344 67.55 40.25 0.78
C GLY B 344 66.15 39.65 0.79
N LEU B 345 66.05 38.35 1.05
CA LEU B 345 64.76 37.69 1.07
C LEU B 345 64.22 37.49 2.48
N CYS B 346 65.08 37.25 3.46
CA CYS B 346 64.61 37.08 4.84
C CYS B 346 63.98 38.37 5.36
N SER B 347 64.65 39.51 5.14
CA SER B 347 64.03 40.79 5.46
C SER B 347 62.79 41.01 4.60
N LEU B 348 62.84 40.58 3.33
CA LEU B 348 61.64 40.57 2.51
C LEU B 348 60.61 39.59 3.05
N ALA B 349 61.05 38.46 3.60
CA ALA B 349 60.15 37.57 4.31
C ALA B 349 59.77 38.11 5.68
N ALA B 350 60.58 39.01 6.23
CA ALA B 350 60.24 39.61 7.52
C ALA B 350 59.07 40.57 7.39
N ASP B 351 59.24 41.64 6.61
CA ASP B 351 58.11 42.55 6.39
C ASP B 351 56.99 41.87 5.60
N GLY B 352 57.27 40.74 4.97
CA GLY B 352 56.22 39.97 4.33
C GLY B 352 55.35 39.21 5.32
N ILE B 353 55.80 39.10 6.57
CA ILE B 353 54.95 38.58 7.63
C ILE B 353 54.71 39.70 8.63
N TRP B 354 55.65 40.65 8.71
CA TRP B 354 55.45 41.80 9.59
C TRP B 354 54.30 42.66 9.08
N ASN B 355 54.38 43.08 7.82
CA ASN B 355 53.32 43.82 7.15
C ASN B 355 52.45 42.92 6.28
N GLN B 356 52.66 41.60 6.34
CA GLN B 356 51.84 40.62 5.63
C GLN B 356 51.86 40.83 4.12
N LYS B 357 53.04 40.62 3.54
CA LYS B 357 53.23 40.69 2.09
C LYS B 357 53.81 39.36 1.60
N ILE B 358 52.93 38.40 1.29
CA ILE B 358 53.39 37.12 0.76
C ILE B 358 54.00 37.31 -0.63
N LEU B 359 53.29 38.01 -1.51
CA LEU B 359 53.75 38.19 -2.88
C LEU B 359 54.89 39.21 -2.95
N PHE B 360 55.79 38.99 -3.89
CA PHE B 360 57.00 39.79 -4.04
C PHE B 360 56.97 40.53 -5.36
N GLU B 361 57.24 41.83 -5.32
CA GLU B 361 57.25 42.67 -6.50
C GLU B 361 58.66 42.75 -7.09
N GLU B 362 58.72 43.15 -8.36
CA GLU B 362 60.02 43.35 -9.01
C GLU B 362 60.80 44.46 -8.32
N SER B 363 60.13 45.56 -7.98
CA SER B 363 60.78 46.63 -7.24
C SER B 363 61.25 46.15 -5.87
N ASP B 364 60.41 45.39 -5.18
CA ASP B 364 60.80 44.82 -3.89
C ASP B 364 61.96 43.85 -4.05
N LEU B 365 61.99 43.11 -5.16
CA LEU B 365 63.12 42.23 -5.44
C LEU B 365 64.41 43.04 -5.57
N ARG B 366 64.37 44.18 -6.25
CA ARG B 366 65.53 45.04 -6.37
C ARG B 366 65.71 45.95 -5.16
N ASN B 367 64.68 46.11 -4.33
CA ASN B 367 64.78 46.98 -3.17
C ASN B 367 65.77 46.43 -2.15
N HIS B 368 65.64 45.14 -1.81
CA HIS B 368 66.59 44.50 -0.91
C HIS B 368 67.91 44.19 -1.60
N GLY B 369 67.87 43.96 -2.91
CA GLY B 369 69.07 43.70 -3.69
C GLY B 369 69.27 42.24 -4.03
N LEU B 370 68.87 41.86 -5.24
CA LEU B 370 69.04 40.51 -5.76
C LEU B 370 69.59 40.60 -7.18
N GLN B 371 69.85 39.44 -7.78
CA GLN B 371 70.26 39.33 -9.17
C GLN B 371 69.24 38.50 -9.91
N LYS B 372 68.84 38.97 -11.10
CA LYS B 372 67.84 38.23 -11.88
C LYS B 372 68.34 36.84 -12.24
N ALA B 373 69.61 36.73 -12.64
CA ALA B 373 70.20 35.41 -12.89
C ALA B 373 70.22 34.58 -11.62
N ASP B 374 70.60 35.19 -10.49
CA ASP B 374 70.58 34.47 -9.23
C ASP B 374 69.15 34.12 -8.80
N VAL B 375 68.20 35.04 -9.04
CA VAL B 375 66.80 34.73 -8.82
C VAL B 375 66.37 33.57 -9.72
N SER B 376 66.76 33.62 -11.00
CA SER B 376 66.51 32.49 -11.89
C SER B 376 67.24 31.25 -11.41
N ALA B 377 68.49 31.41 -10.94
CA ALA B 377 69.18 30.30 -10.31
C ALA B 377 68.43 29.82 -9.08
N PHE B 378 67.81 30.74 -8.34
CA PHE B 378 66.94 30.35 -7.25
C PHE B 378 65.65 29.73 -7.77
N LEU B 379 65.17 30.19 -8.93
CA LEU B 379 63.96 29.62 -9.53
C LEU B 379 64.20 28.20 -10.02
N ARG B 380 65.34 27.94 -10.67
CA ARG B 380 65.46 26.75 -11.50
C ARG B 380 65.48 25.46 -10.68
N MET B 381 65.94 25.52 -9.43
CA MET B 381 65.97 24.31 -8.61
C MET B 381 65.27 24.54 -7.26
N ASN B 382 64.24 25.37 -7.28
CA ASN B 382 63.20 25.42 -6.24
C ASN B 382 63.73 25.88 -4.89
N LEU B 383 64.19 27.13 -4.85
CA LEU B 383 64.19 27.84 -3.57
C LEU B 383 62.79 28.35 -3.25
N PHE B 384 62.26 29.22 -4.09
CA PHE B 384 60.87 29.64 -4.01
C PHE B 384 60.11 29.37 -5.29
N GLN B 385 60.73 29.62 -6.45
CA GLN B 385 60.29 29.13 -7.76
C GLN B 385 58.80 29.39 -8.03
N LYS B 386 58.24 30.34 -7.29
CA LYS B 386 56.81 30.62 -7.38
C LYS B 386 56.62 31.94 -8.13
N GLU B 387 56.40 31.82 -9.44
CA GLU B 387 56.01 32.95 -10.28
C GLU B 387 54.60 32.69 -10.78
N VAL B 388 53.69 33.63 -10.52
CA VAL B 388 52.29 33.46 -10.90
C VAL B 388 52.17 33.52 -12.42
N ASP B 389 51.44 32.57 -12.99
CA ASP B 389 51.23 32.58 -14.43
C ASP B 389 50.23 33.66 -14.84
N CYS B 390 49.32 34.03 -13.93
CA CYS B 390 48.35 35.07 -14.25
C CYS B 390 49.02 36.42 -14.49
N GLU B 391 49.99 36.77 -13.65
CA GLU B 391 50.72 38.02 -13.79
C GLU B 391 52.13 37.84 -13.22
N LYS B 392 53.05 38.67 -13.68
CA LYS B 392 54.46 38.52 -13.32
C LYS B 392 54.71 38.97 -11.88
N PHE B 393 54.44 38.09 -10.92
CA PHE B 393 54.75 38.34 -9.52
C PHE B 393 55.69 37.27 -8.99
N TYR B 394 55.96 37.29 -7.68
CA TYR B 394 56.84 36.31 -7.08
C TYR B 394 56.30 35.91 -5.72
N SER B 395 56.66 34.71 -5.28
CA SER B 395 56.21 34.18 -3.99
C SER B 395 57.16 33.08 -3.56
N PHE B 396 57.03 32.68 -2.29
CA PHE B 396 57.80 31.56 -1.78
C PHE B 396 57.13 30.24 -2.14
N ILE B 397 57.94 29.17 -2.18
CA ILE B 397 57.43 27.86 -2.58
C ILE B 397 56.40 27.33 -1.58
N HIS B 398 56.66 27.51 -0.28
CA HIS B 398 55.74 27.03 0.75
C HIS B 398 55.78 27.95 1.95
N MET B 399 54.78 27.80 2.80
CA MET B 399 54.58 28.75 3.89
C MET B 399 55.68 28.62 4.91
N THR B 400 56.10 27.39 5.20
CA THR B 400 57.13 27.16 6.19
C THR B 400 58.49 27.67 5.71
N PHE B 401 58.70 27.73 4.40
CA PHE B 401 59.96 28.24 3.88
C PHE B 401 60.09 29.74 4.13
N GLN B 402 59.01 30.49 3.92
CA GLN B 402 59.03 31.92 4.23
C GLN B 402 59.23 32.13 5.73
N GLU B 403 58.55 31.35 6.55
CA GLU B 403 58.71 31.47 8.00
C GLU B 403 60.05 30.91 8.47
N PHE B 404 60.62 29.95 7.73
CA PHE B 404 61.97 29.49 8.03
C PHE B 404 62.98 30.61 7.83
N PHE B 405 62.84 31.35 6.73
CA PHE B 405 63.72 32.49 6.49
C PHE B 405 63.35 33.68 7.36
N ALA B 406 62.12 33.74 7.86
CA ALA B 406 61.76 34.76 8.83
C ALA B 406 62.56 34.59 10.11
N ALA B 407 62.73 33.36 10.57
CA ALA B 407 63.60 33.10 11.71
C ALA B 407 65.08 33.23 11.35
N MET B 408 65.42 33.09 10.06
CA MET B 408 66.81 33.28 9.65
C MET B 408 67.26 34.71 9.90
N TYR B 409 66.37 35.68 9.68
CA TYR B 409 66.71 37.08 9.96
C TYR B 409 66.99 37.31 11.43
N TYR B 410 66.21 36.68 12.30
CA TYR B 410 66.39 36.80 13.75
C TYR B 410 67.67 36.15 14.26
N LEU B 411 68.47 35.56 13.38
CA LEU B 411 69.71 34.92 13.78
C LEU B 411 70.90 35.36 12.93
N LEU B 412 70.66 36.07 11.83
CA LEU B 412 71.76 36.57 11.02
C LEU B 412 72.62 37.55 11.81
N GLU B 413 72.03 38.66 12.24
CA GLU B 413 72.73 39.65 13.04
C GLU B 413 71.80 40.25 14.09
N ARG B 426 65.24 44.35 8.30
CA ARG B 426 65.60 45.76 8.13
C ARG B 426 64.56 46.68 8.75
N LEU B 427 63.57 46.07 9.42
CA LEU B 427 62.50 46.82 10.05
C LEU B 427 62.35 46.55 11.54
N LYS B 428 62.73 45.36 12.01
CA LYS B 428 62.67 45.02 13.42
C LYS B 428 63.95 44.29 13.80
N LEU B 429 64.76 44.92 14.64
CA LEU B 429 66.03 44.32 15.04
C LEU B 429 65.77 43.04 15.84
N PRO B 430 66.62 42.02 15.70
CA PRO B 430 66.33 40.75 16.37
C PRO B 430 66.34 40.83 17.89
N SER B 431 67.40 41.38 18.49
CA SER B 431 67.56 41.31 19.93
C SER B 431 66.47 42.10 20.66
N ARG B 432 66.25 43.35 20.24
CA ARG B 432 65.29 44.19 20.95
C ARG B 432 63.85 43.80 20.65
N ASP B 433 63.55 43.49 19.39
CA ASP B 433 62.17 43.29 18.95
C ASP B 433 61.73 41.84 18.98
N VAL B 434 62.55 40.92 19.48
CA VAL B 434 62.06 39.58 19.74
C VAL B 434 61.05 39.61 20.87
N THR B 435 61.30 40.43 21.89
CA THR B 435 60.40 40.50 23.04
C THR B 435 59.02 40.99 22.65
N VAL B 436 58.96 42.04 21.81
CA VAL B 436 57.67 42.48 21.31
C VAL B 436 57.06 41.43 20.39
N LEU B 437 57.90 40.72 19.63
CA LEU B 437 57.41 39.61 18.83
C LEU B 437 56.87 38.49 19.71
N LEU B 438 57.54 38.22 20.83
CA LEU B 438 57.08 37.17 21.74
C LEU B 438 55.70 37.49 22.32
N GLU B 439 55.37 38.76 22.48
CA GLU B 439 54.02 39.15 22.85
C GLU B 439 53.15 39.43 21.65
N ASN B 440 53.76 39.61 20.47
CA ASN B 440 53.03 39.64 19.20
C ASN B 440 52.89 38.26 18.60
N TYR B 441 53.34 37.22 19.32
CA TYR B 441 53.29 35.86 18.82
C TYR B 441 51.85 35.43 18.51
N GLY B 442 50.92 35.75 19.39
CA GLY B 442 49.56 35.27 19.23
C GLY B 442 48.65 36.18 18.43
N LYS B 443 49.03 37.45 18.26
CA LYS B 443 48.16 38.40 17.60
C LYS B 443 48.02 38.06 16.12
N PHE B 444 46.77 37.97 15.65
CA PHE B 444 46.48 37.69 14.25
C PHE B 444 46.82 38.87 13.34
N GLU B 445 47.04 40.06 13.90
CA GLU B 445 47.35 41.23 13.09
C GLU B 445 48.56 40.98 12.20
N LYS B 446 49.57 40.30 12.74
CA LYS B 446 50.76 39.91 11.98
C LYS B 446 50.69 38.45 11.55
N GLY B 447 49.48 37.95 11.25
CA GLY B 447 49.33 36.55 10.95
C GLY B 447 49.55 35.70 12.20
N TYR B 448 50.05 34.49 12.00
CA TYR B 448 50.40 33.59 13.09
C TYR B 448 51.86 33.19 12.92
N LEU B 449 52.65 33.35 13.97
CA LEU B 449 54.08 33.08 13.95
C LEU B 449 54.43 31.77 14.65
N ILE B 450 53.58 30.76 14.51
CA ILE B 450 53.81 29.49 15.21
C ILE B 450 55.11 28.85 14.74
N PHE B 451 55.34 28.83 13.43
CA PHE B 451 56.58 28.27 12.90
C PHE B 451 57.75 29.24 13.01
N VAL B 452 57.48 30.53 13.17
CA VAL B 452 58.57 31.52 13.22
C VAL B 452 59.48 31.25 14.41
N VAL B 453 58.88 31.12 15.60
CA VAL B 453 59.69 30.80 16.77
C VAL B 453 60.23 29.39 16.71
N ARG B 454 59.45 28.44 16.17
CA ARG B 454 59.87 27.04 16.16
C ARG B 454 61.19 26.88 15.41
N PHE B 455 61.30 27.44 14.21
CA PHE B 455 62.56 27.44 13.50
C PHE B 455 63.61 28.26 14.25
N LEU B 456 63.21 29.39 14.82
CA LEU B 456 64.12 30.17 15.63
C LEU B 456 64.61 29.37 16.83
N PHE B 457 63.70 28.64 17.48
CA PHE B 457 64.09 27.76 18.57
C PHE B 457 65.04 26.67 18.06
N GLY B 458 64.72 26.08 16.91
CA GLY B 458 65.55 25.01 16.37
C GLY B 458 66.91 25.49 15.88
N LEU B 459 66.94 26.67 15.23
CA LEU B 459 68.15 27.09 14.53
C LEU B 459 69.29 27.41 15.50
N VAL B 460 68.96 27.89 16.70
CA VAL B 460 69.98 28.27 17.66
C VAL B 460 70.77 27.06 18.17
N ASN B 461 70.30 25.85 17.90
CA ASN B 461 70.96 24.64 18.34
C ASN B 461 72.10 24.22 17.40
N GLN B 462 72.60 25.15 16.57
CA GLN B 462 73.73 24.95 15.66
C GLN B 462 73.65 23.62 14.92
N GLU B 463 72.64 23.47 14.07
CA GLU B 463 72.43 22.24 13.30
C GLU B 463 73.72 21.81 12.60
N ARG B 464 73.94 20.50 12.49
CA ARG B 464 75.23 19.93 12.10
C ARG B 464 75.59 20.21 10.64
N THR B 465 74.81 21.01 9.92
CA THR B 465 75.13 21.37 8.55
C THR B 465 76.43 22.18 8.51
N SER B 466 77.22 21.96 7.46
CA SER B 466 78.55 22.58 7.37
C SER B 466 78.47 24.10 7.40
N TYR B 467 77.81 24.70 6.41
CA TYR B 467 77.78 26.14 6.28
C TYR B 467 76.51 26.77 6.84
N LEU B 468 75.88 26.13 7.82
CA LEU B 468 74.80 26.76 8.57
C LEU B 468 75.16 27.04 10.02
N GLU B 469 76.42 26.86 10.41
CA GLU B 469 76.85 27.16 11.76
C GLU B 469 77.74 28.39 11.81
N LYS B 470 78.72 28.46 10.91
CA LYS B 470 79.83 29.38 11.04
C LYS B 470 79.66 30.69 10.26
N LYS B 471 78.52 30.93 9.62
CA LYS B 471 78.26 32.26 9.06
C LYS B 471 77.38 33.11 9.96
N LEU B 472 76.76 32.51 10.98
CA LEU B 472 75.94 33.27 11.90
C LEU B 472 76.72 33.57 13.18
N SER B 473 76.18 34.47 13.99
CA SER B 473 76.88 35.03 15.14
C SER B 473 76.35 34.40 16.43
N CYS B 474 77.28 33.91 17.26
CA CYS B 474 76.92 33.30 18.53
C CYS B 474 76.53 34.34 19.58
N LYS B 475 76.96 35.60 19.41
CA LYS B 475 76.65 36.62 20.40
C LYS B 475 75.14 36.84 20.54
N ILE B 476 74.45 36.98 19.41
CA ILE B 476 72.99 37.10 19.44
C ILE B 476 72.33 35.79 19.83
N SER B 477 72.84 34.66 19.33
CA SER B 477 72.23 33.38 19.62
C SER B 477 72.26 33.08 21.12
N GLN B 478 73.38 33.38 21.78
CA GLN B 478 73.44 33.20 23.23
C GLN B 478 72.45 34.14 23.93
N GLN B 479 72.34 35.38 23.45
CA GLN B 479 71.34 36.29 23.98
C GLN B 479 69.93 35.78 23.68
N ILE B 480 69.74 35.19 22.50
CA ILE B 480 68.45 34.61 22.15
C ILE B 480 68.10 33.47 23.09
N ARG B 481 69.08 32.61 23.39
CA ARG B 481 68.84 31.47 24.27
C ARG B 481 68.28 31.90 25.61
N LEU B 482 68.89 32.93 26.22
CA LEU B 482 68.38 33.44 27.49
C LEU B 482 66.99 34.06 27.31
N GLU B 483 66.77 34.77 26.21
CA GLU B 483 65.46 35.37 25.98
C GLU B 483 64.40 34.31 25.76
N LEU B 484 64.71 33.27 24.99
CA LEU B 484 63.76 32.17 24.82
C LEU B 484 63.50 31.45 26.13
N LEU B 485 64.57 31.21 26.90
CA LEU B 485 64.41 30.59 28.22
C LEU B 485 63.55 31.46 29.13
N LYS B 486 63.76 32.77 29.09
CA LYS B 486 62.91 33.69 29.85
C LYS B 486 61.47 33.65 29.34
N TRP B 487 61.30 33.56 28.01
CA TRP B 487 59.96 33.57 27.44
C TRP B 487 59.15 32.34 27.84
N ILE B 488 59.81 31.18 27.88
CA ILE B 488 59.11 29.95 28.28
C ILE B 488 58.53 30.10 29.68
N GLU B 489 59.32 30.65 30.60
CA GLU B 489 58.80 30.90 31.94
C GLU B 489 57.66 31.90 31.91
N VAL B 490 57.76 32.92 31.07
CA VAL B 490 56.71 33.93 30.98
C VAL B 490 55.39 33.29 30.55
N LYS B 491 55.45 32.43 29.52
CA LYS B 491 54.24 31.74 29.07
C LYS B 491 53.78 30.71 30.09
N ALA B 492 54.73 30.02 30.73
CA ALA B 492 54.37 29.02 31.72
C ALA B 492 53.67 29.65 32.92
N LYS B 493 54.17 30.79 33.38
CA LYS B 493 53.57 31.47 34.52
C LYS B 493 52.33 32.28 34.16
N ALA B 494 51.99 32.37 32.88
CA ALA B 494 50.81 33.11 32.45
C ALA B 494 49.56 32.41 32.98
N LYS B 495 48.92 33.01 33.99
CA LYS B 495 47.74 32.41 34.58
C LYS B 495 46.58 32.39 33.59
N LYS B 496 46.43 33.44 32.79
CA LYS B 496 45.33 33.52 31.85
C LYS B 496 45.45 32.41 30.81
N LEU B 497 44.28 31.94 30.35
CA LEU B 497 44.23 30.82 29.40
C LEU B 497 44.43 31.35 27.97
N GLN B 498 45.67 31.74 27.69
CA GLN B 498 46.06 32.13 26.35
C GLN B 498 46.02 30.90 25.45
N ILE B 499 45.11 30.90 24.47
CA ILE B 499 44.85 29.70 23.68
C ILE B 499 46.02 29.38 22.76
N GLN B 500 46.63 30.40 22.15
CA GLN B 500 47.64 30.13 21.12
C GLN B 500 48.96 29.57 21.67
N PRO B 501 49.52 30.04 22.81
CA PRO B 501 50.78 29.44 23.29
C PRO B 501 50.51 28.28 24.25
N SER B 502 49.83 27.25 23.74
CA SER B 502 49.43 26.12 24.56
C SER B 502 50.66 25.34 25.04
N GLN B 503 50.45 24.52 26.06
CA GLN B 503 51.53 23.72 26.61
C GLN B 503 52.09 22.76 25.57
N LEU B 504 51.22 22.18 24.75
CA LEU B 504 51.68 21.30 23.68
C LEU B 504 52.53 22.07 22.67
N GLU B 505 52.12 23.29 22.34
CA GLU B 505 52.89 24.10 21.38
C GLU B 505 54.29 24.40 21.91
N LEU B 506 54.40 24.71 23.20
CA LEU B 506 55.71 24.93 23.79
C LEU B 506 56.57 23.68 23.71
N PHE B 507 55.98 22.52 23.98
CA PHE B 507 56.72 21.26 23.89
C PHE B 507 57.18 20.99 22.46
N TYR B 508 56.42 21.46 21.46
CA TYR B 508 56.90 21.36 20.08
C TYR B 508 58.20 22.15 19.91
N CYS B 509 58.26 23.36 20.45
CA CYS B 509 59.50 24.12 20.44
C CYS B 509 60.55 23.46 21.31
N LEU B 510 60.16 22.95 22.48
CA LEU B 510 61.10 22.31 23.38
C LEU B 510 61.69 21.05 22.76
N TYR B 511 60.86 20.26 22.06
CA TYR B 511 61.38 19.08 21.36
C TYR B 511 62.37 19.48 20.27
N GLU B 512 62.15 20.63 19.64
CA GLU B 512 63.05 21.12 18.61
C GLU B 512 64.39 21.59 19.17
N MET B 513 64.50 21.72 20.49
CA MET B 513 65.78 22.10 21.09
C MET B 513 66.84 21.04 20.84
N GLN B 514 66.53 19.78 21.18
CA GLN B 514 67.49 18.67 21.17
C GLN B 514 68.69 18.94 22.07
N GLU B 515 68.56 19.88 23.00
CA GLU B 515 69.61 20.19 23.95
C GLU B 515 69.20 19.64 25.32
N GLU B 516 70.03 18.77 25.88
CA GLU B 516 69.64 18.05 27.09
C GLU B 516 69.52 18.99 28.29
N ASP B 517 70.53 19.84 28.50
CA ASP B 517 70.54 20.65 29.72
C ASP B 517 69.57 21.82 29.61
N PHE B 518 69.38 22.36 28.41
CA PHE B 518 68.51 23.52 28.26
C PHE B 518 67.06 23.16 28.55
N VAL B 519 66.57 22.06 27.98
CA VAL B 519 65.20 21.64 28.25
C VAL B 519 65.02 21.23 29.71
N GLN B 520 66.09 20.81 30.38
CA GLN B 520 65.99 20.48 31.79
C GLN B 520 65.61 21.71 32.61
N ARG B 521 66.34 22.81 32.43
CA ARG B 521 66.05 24.02 33.18
C ARG B 521 64.83 24.74 32.65
N ALA B 522 64.59 24.69 31.33
CA ALA B 522 63.45 25.39 30.76
C ALA B 522 62.13 24.79 31.24
N MET B 523 62.04 23.47 31.29
CA MET B 523 60.79 22.82 31.66
C MET B 523 60.61 22.70 33.17
N ASP B 524 61.65 23.02 33.95
CA ASP B 524 61.51 23.03 35.40
C ASP B 524 60.48 24.05 35.89
N TYR B 525 59.94 24.88 35.00
CA TYR B 525 58.86 25.79 35.33
C TYR B 525 57.49 25.21 35.00
N PHE B 526 57.34 23.88 35.08
CA PHE B 526 56.10 23.19 34.76
C PHE B 526 55.64 22.40 35.98
N PRO B 527 54.85 23.01 36.87
CA PRO B 527 54.34 22.25 38.02
C PRO B 527 53.24 21.28 37.63
N LYS B 528 52.32 21.70 36.78
CA LYS B 528 51.19 20.87 36.34
C LYS B 528 51.24 20.74 34.82
N ILE B 529 51.09 19.53 34.32
CA ILE B 529 51.17 19.23 32.90
C ILE B 529 49.82 18.71 32.43
N GLU B 530 49.25 19.38 31.43
CA GLU B 530 47.98 18.96 30.84
C GLU B 530 48.18 18.87 29.33
N ILE B 531 48.07 17.67 28.79
CA ILE B 531 48.42 17.39 27.40
C ILE B 531 47.24 16.75 26.69
N ASN B 532 46.94 17.23 25.49
CA ASN B 532 45.98 16.59 24.59
C ASN B 532 46.72 16.18 23.33
N LEU B 533 46.54 14.93 22.90
CA LEU B 533 47.28 14.36 21.80
C LEU B 533 46.34 13.97 20.67
N SER B 534 46.81 14.10 19.44
CA SER B 534 46.00 13.75 18.27
C SER B 534 46.69 12.81 17.31
N THR B 535 48.00 12.97 17.09
CA THR B 535 48.71 12.22 16.06
C THR B 535 49.86 11.44 16.67
N ARG B 536 50.45 10.58 15.84
CA ARG B 536 51.61 9.80 16.27
C ARG B 536 52.79 10.69 16.60
N MET B 537 53.01 11.73 15.78
CA MET B 537 54.10 12.67 16.05
C MET B 537 53.86 13.41 17.37
N ASP B 538 52.59 13.66 17.72
CA ASP B 538 52.28 14.28 18.99
C ASP B 538 52.73 13.42 20.16
N HIS B 539 52.80 12.10 19.98
CA HIS B 539 53.20 11.23 21.07
C HIS B 539 54.71 11.34 21.31
N MET B 540 55.50 11.43 20.25
CA MET B 540 56.95 11.47 20.42
C MET B 540 57.43 12.82 20.94
N VAL B 541 56.80 13.92 20.53
CA VAL B 541 57.17 15.23 21.03
C VAL B 541 56.91 15.32 22.54
N SER B 542 55.77 14.76 22.98
CA SER B 542 55.48 14.72 24.40
C SER B 542 56.40 13.74 25.13
N SER B 543 56.72 12.61 24.49
CA SER B 543 57.58 11.62 25.12
C SER B 543 58.97 12.18 25.41
N PHE B 544 59.51 12.97 24.49
CA PHE B 544 60.84 13.54 24.69
C PHE B 544 60.84 14.52 25.86
N CYS B 545 59.69 15.12 26.16
CA CYS B 545 59.61 16.06 27.27
C CYS B 545 59.53 15.34 28.61
N ILE B 546 58.53 14.47 28.76
CA ILE B 546 58.31 13.81 30.05
C ILE B 546 59.49 12.93 30.44
N GLU B 547 60.33 12.53 29.49
CA GLU B 547 61.41 11.60 29.81
C GLU B 547 62.51 12.27 30.63
N ASN B 548 62.51 13.61 30.69
CA ASN B 548 63.50 14.33 31.48
C ASN B 548 62.89 15.46 32.29
N CYS B 549 61.58 15.42 32.54
CA CYS B 549 60.94 16.39 33.43
C CYS B 549 61.04 15.86 34.85
N HIS B 550 61.95 16.43 35.64
CA HIS B 550 62.21 15.98 36.99
C HIS B 550 61.44 16.75 38.05
N ARG B 551 60.56 17.67 37.65
CA ARG B 551 59.79 18.46 38.60
C ARG B 551 58.28 18.32 38.39
N VAL B 552 57.84 17.35 37.58
CA VAL B 552 56.41 17.20 37.33
C VAL B 552 55.74 16.55 38.54
N GLU B 553 54.62 17.12 38.94
CA GLU B 553 53.82 16.58 40.04
C GLU B 553 52.53 15.93 39.57
N SER B 554 51.71 16.66 38.82
CA SER B 554 50.46 16.15 38.29
C SER B 554 50.53 16.13 36.78
N LEU B 555 50.07 15.03 36.18
CA LEU B 555 50.16 14.83 34.74
C LEU B 555 48.83 14.28 34.23
N SER B 556 48.54 14.57 32.96
CA SER B 556 47.30 14.13 32.34
C SER B 556 47.53 13.93 30.85
N LEU B 557 46.63 13.18 30.22
CA LEU B 557 46.68 12.93 28.79
C LEU B 557 45.31 13.16 28.18
N GLY B 558 45.31 13.57 26.91
CA GLY B 558 44.09 13.72 26.16
C GLY B 558 44.18 13.04 24.81
N PHE B 559 43.32 12.05 24.58
CA PHE B 559 43.30 11.30 23.33
C PHE B 559 42.04 11.65 22.56
N LEU B 560 42.20 11.89 21.25
CA LEU B 560 41.07 12.17 20.38
C LEU B 560 41.04 11.33 19.12
N HIS B 561 42.14 10.67 18.75
CA HIS B 561 42.17 9.84 17.55
C HIS B 561 41.26 8.62 17.69
N HIS B 600 46.09 5.31 17.78
CA HIS B 600 47.38 5.11 18.41
C HIS B 600 47.23 4.48 19.79
N LEU B 601 46.00 4.09 20.13
CA LEU B 601 45.76 3.42 21.40
C LEU B 601 46.28 1.99 21.43
N THR B 602 46.71 1.46 20.29
CA THR B 602 47.29 0.12 20.26
C THR B 602 48.58 0.07 21.06
N SER B 603 48.86 -1.10 21.63
CA SER B 603 50.02 -1.26 22.50
C SER B 603 51.34 -0.97 21.78
N SER B 604 51.36 -1.00 20.45
CA SER B 604 52.56 -0.66 19.70
C SER B 604 52.87 0.82 19.73
N PHE B 605 51.95 1.66 20.18
CA PHE B 605 52.14 3.11 20.19
C PHE B 605 52.15 3.71 21.57
N CYS B 606 51.14 3.42 22.40
CA CYS B 606 51.07 4.01 23.72
C CYS B 606 52.14 3.46 24.66
N ARG B 607 52.76 2.34 24.32
CA ARG B 607 53.79 1.76 25.19
C ARG B 607 54.97 2.70 25.34
N GLY B 608 55.38 3.36 24.25
CA GLY B 608 56.52 4.26 24.32
C GLY B 608 56.29 5.41 25.28
N LEU B 609 55.09 6.00 25.24
CA LEU B 609 54.79 7.10 26.15
C LEU B 609 54.57 6.59 27.58
N PHE B 610 53.86 5.47 27.73
CA PHE B 610 53.60 4.94 29.06
C PHE B 610 54.88 4.46 29.74
N SER B 611 55.86 3.99 28.96
CA SER B 611 57.14 3.60 29.55
C SER B 611 57.84 4.81 30.18
N VAL B 612 57.55 6.01 29.70
CA VAL B 612 58.13 7.21 30.29
C VAL B 612 57.65 7.41 31.72
N LEU B 613 56.35 7.19 31.95
CA LEU B 613 55.78 7.46 33.27
C LEU B 613 56.40 6.57 34.34
N SER B 614 56.64 5.30 34.02
CA SER B 614 57.18 4.38 35.01
C SER B 614 58.58 4.77 35.44
N THR B 615 59.33 5.45 34.58
CA THR B 615 60.69 5.85 34.88
C THR B 615 60.80 7.28 35.40
N SER B 616 59.68 7.94 35.68
CA SER B 616 59.68 9.31 36.17
C SER B 616 59.53 9.29 37.68
N GLN B 617 60.57 9.75 38.38
CA GLN B 617 60.56 9.70 39.84
C GLN B 617 59.61 10.73 40.43
N SER B 618 59.64 11.96 39.92
CA SER B 618 58.84 13.03 40.52
C SER B 618 57.35 12.84 40.29
N LEU B 619 56.96 11.99 39.34
CA LEU B 619 55.55 11.82 39.03
C LEU B 619 54.80 11.21 40.20
N THR B 620 53.65 11.78 40.52
CA THR B 620 52.83 11.30 41.62
C THR B 620 51.38 11.01 41.22
N GLU B 621 50.81 11.82 40.34
CA GLU B 621 49.41 11.70 39.96
C GLU B 621 49.29 11.52 38.46
N LEU B 622 48.37 10.65 38.03
CA LEU B 622 48.10 10.40 36.62
C LEU B 622 46.59 10.52 36.40
N ASP B 623 46.19 11.42 35.51
CA ASP B 623 44.78 11.68 35.26
C ASP B 623 44.46 11.24 33.83
N LEU B 624 44.01 10.00 33.69
CA LEU B 624 43.63 9.45 32.40
C LEU B 624 42.12 9.43 32.20
N SER B 625 41.37 10.19 32.99
CA SER B 625 39.92 10.15 32.93
C SER B 625 39.41 10.77 31.63
N ASP B 626 38.14 10.46 31.32
CA ASP B 626 37.43 11.02 30.16
C ASP B 626 38.16 10.71 28.85
N ASN B 627 38.59 9.46 28.70
CA ASN B 627 39.24 9.00 27.48
C ASN B 627 38.57 7.71 27.01
N SER B 628 38.86 7.33 25.77
CA SER B 628 38.37 6.09 25.18
C SER B 628 39.41 4.99 25.25
N LEU B 629 40.27 5.03 26.27
CA LEU B 629 41.30 4.02 26.45
C LEU B 629 40.65 2.67 26.73
N GLY B 630 40.80 1.73 25.80
CA GLY B 630 40.16 0.45 25.89
C GLY B 630 40.95 -0.55 26.72
N ASP B 631 40.43 -1.78 26.77
CA ASP B 631 41.11 -2.83 27.53
C ASP B 631 42.50 -3.15 27.01
N PRO B 632 42.74 -3.31 25.70
CA PRO B 632 44.13 -3.52 25.25
C PRO B 632 45.05 -2.38 25.64
N GLY B 633 44.57 -1.14 25.58
CA GLY B 633 45.35 -0.03 26.08
C GLY B 633 45.53 -0.08 27.58
N MET B 634 44.49 -0.51 28.30
CA MET B 634 44.59 -0.65 29.74
C MET B 634 45.57 -1.76 30.12
N ARG B 635 45.65 -2.80 29.31
CA ARG B 635 46.54 -3.92 29.63
C ARG B 635 48.00 -3.48 29.63
N VAL B 636 48.40 -2.68 28.64
CA VAL B 636 49.80 -2.25 28.58
C VAL B 636 50.09 -1.24 29.68
N LEU B 637 49.07 -0.51 30.15
CA LEU B 637 49.26 0.41 31.26
C LEU B 637 49.66 -0.33 32.53
N CYS B 638 48.99 -1.45 32.81
CA CYS B 638 49.32 -2.23 33.99
C CYS B 638 50.70 -2.88 33.87
N GLU B 639 51.12 -3.19 32.64
CA GLU B 639 52.47 -3.72 32.44
C GLU B 639 53.52 -2.71 32.85
N THR B 640 53.30 -1.44 32.53
CA THR B 640 54.26 -0.40 32.90
C THR B 640 54.21 -0.11 34.39
N LEU B 641 53.02 -0.18 34.99
CA LEU B 641 52.89 0.14 36.41
C LEU B 641 53.63 -0.87 37.29
N GLN B 642 53.76 -2.11 36.83
CA GLN B 642 54.48 -3.12 37.59
C GLN B 642 55.98 -2.89 37.59
N HIS B 643 56.49 -1.98 36.76
CA HIS B 643 57.91 -1.70 36.75
C HIS B 643 58.34 -1.10 38.08
N PRO B 644 59.44 -1.58 38.67
CA PRO B 644 59.89 -1.00 39.94
C PRO B 644 60.29 0.45 39.77
N GLY B 645 60.09 1.22 40.83
CA GLY B 645 60.41 2.64 40.82
C GLY B 645 59.28 3.54 40.36
N CYS B 646 58.17 2.98 39.90
CA CYS B 646 57.02 3.79 39.50
C CYS B 646 56.40 4.43 40.74
N ASN B 647 56.55 5.74 40.86
CA ASN B 647 56.12 6.47 42.04
C ASN B 647 54.72 7.05 41.90
N ILE B 648 53.92 6.53 40.97
CA ILE B 648 52.55 7.01 40.83
C ILE B 648 51.72 6.55 42.02
N ARG B 649 51.09 7.49 42.69
CA ARG B 649 50.28 7.21 43.88
C ARG B 649 48.79 7.20 43.60
N ARG B 650 48.29 8.20 42.87
CA ARG B 650 46.86 8.36 42.64
C ARG B 650 46.61 8.39 41.14
N LEU B 651 45.73 7.53 40.65
CA LEU B 651 45.32 7.50 39.26
C LEU B 651 43.81 7.60 39.16
N TRP B 652 43.34 8.41 38.22
CA TRP B 652 41.91 8.63 37.99
C TRP B 652 41.56 8.05 36.63
N LEU B 653 40.61 7.13 36.60
CA LEU B 653 40.22 6.42 35.38
C LEU B 653 38.73 6.54 35.13
N GLY B 654 38.16 7.71 35.40
CA GLY B 654 36.74 7.90 35.17
C GLY B 654 36.40 8.00 33.70
N ARG B 655 35.18 7.59 33.36
CA ARG B 655 34.62 7.66 32.02
C ARG B 655 35.43 6.91 30.97
N CYS B 656 36.40 6.10 31.39
CA CYS B 656 37.18 5.33 30.44
C CYS B 656 36.34 4.18 29.88
N GLY B 657 36.77 3.66 28.73
CA GLY B 657 36.07 2.56 28.10
C GLY B 657 36.41 1.21 28.69
N LEU B 658 36.77 1.19 29.97
CA LEU B 658 37.17 -0.05 30.61
C LEU B 658 35.97 -0.98 30.78
N SER B 659 36.22 -2.27 30.63
CA SER B 659 35.21 -3.31 30.79
C SER B 659 35.64 -4.24 31.93
N HIS B 660 34.90 -5.35 32.09
CA HIS B 660 35.18 -6.27 33.18
C HIS B 660 36.56 -6.90 33.05
N GLU B 661 36.98 -7.24 31.84
CA GLU B 661 38.22 -7.98 31.62
C GLU B 661 39.46 -7.16 31.96
N CYS B 662 39.34 -5.85 32.14
CA CYS B 662 40.49 -5.05 32.55
C CYS B 662 40.85 -5.24 34.01
N CYS B 663 39.87 -5.61 34.85
CA CYS B 663 40.11 -5.74 36.28
C CYS B 663 41.12 -6.83 36.59
N PHE B 664 41.30 -7.80 35.70
CA PHE B 664 42.29 -8.85 35.92
C PHE B 664 43.69 -8.26 35.99
N ASP B 665 44.00 -7.32 35.09
CA ASP B 665 45.32 -6.69 35.10
C ASP B 665 45.47 -5.79 36.33
N ILE B 666 44.43 -5.06 36.70
CA ILE B 666 44.53 -4.14 37.83
C ILE B 666 44.77 -4.89 39.13
N SER B 667 44.21 -6.09 39.25
CA SER B 667 44.47 -6.90 40.42
C SER B 667 45.95 -7.28 40.52
N LEU B 668 46.63 -7.36 39.38
CA LEU B 668 48.05 -7.74 39.40
C LEU B 668 48.92 -6.62 39.94
N VAL B 669 48.69 -5.38 39.50
CA VAL B 669 49.54 -4.27 39.95
C VAL B 669 49.35 -4.01 41.43
N LEU B 670 48.12 -4.19 41.93
CA LEU B 670 47.88 -4.05 43.36
C LEU B 670 48.63 -5.12 44.13
N SER B 671 48.60 -6.36 43.65
CA SER B 671 49.32 -7.46 44.31
C SER B 671 50.82 -7.33 44.19
N SER B 672 51.32 -6.43 43.36
CA SER B 672 52.76 -6.24 43.17
C SER B 672 53.21 -4.87 43.67
N ASN B 673 52.61 -3.80 43.18
CA ASN B 673 53.02 -2.46 43.55
C ASN B 673 52.36 -2.02 44.85
N GLN B 674 53.15 -1.44 45.75
CA GLN B 674 52.68 -0.93 47.02
C GLN B 674 52.59 0.58 47.05
N LYS B 675 52.69 1.24 45.91
CA LYS B 675 52.68 2.70 45.87
C LYS B 675 51.29 3.28 45.66
N LEU B 676 50.39 2.55 45.00
CA LEU B 676 49.03 3.06 44.80
C LEU B 676 48.33 3.27 46.14
N VAL B 677 47.73 4.44 46.31
CA VAL B 677 47.05 4.78 47.55
C VAL B 677 45.62 5.19 47.24
N GLU B 678 45.38 5.70 46.03
CA GLU B 678 44.07 6.15 45.62
C GLU B 678 43.79 5.65 44.21
N LEU B 679 42.67 4.97 44.03
CA LEU B 679 42.28 4.42 42.74
C LEU B 679 40.83 4.80 42.46
N ASP B 680 40.58 5.37 41.29
CA ASP B 680 39.25 5.80 40.89
C ASP B 680 38.85 5.04 39.63
N LEU B 681 37.69 4.37 39.69
CA LEU B 681 37.15 3.64 38.56
C LEU B 681 35.70 4.02 38.30
N SER B 682 35.33 5.26 38.64
CA SER B 682 33.96 5.69 38.50
C SER B 682 33.54 5.72 37.03
N ASP B 683 32.25 5.44 36.79
CA ASP B 683 31.65 5.45 35.46
C ASP B 683 32.35 4.44 34.53
N ASN B 684 32.27 3.18 34.91
CA ASN B 684 32.77 2.08 34.10
C ASN B 684 31.72 0.98 34.05
N ALA B 685 31.63 0.32 32.90
CA ALA B 685 30.63 -0.73 32.68
C ALA B 685 31.18 -2.10 33.05
N LEU B 686 31.66 -2.22 34.28
CA LEU B 686 32.16 -3.49 34.80
C LEU B 686 31.15 -4.06 35.78
N GLY B 687 30.80 -5.33 35.61
CA GLY B 687 29.77 -5.97 36.39
C GLY B 687 30.28 -6.54 37.69
N ASP B 688 29.47 -7.44 38.27
CA ASP B 688 29.86 -8.10 39.51
C ASP B 688 31.13 -8.92 39.32
N PHE B 689 31.36 -9.44 38.12
CA PHE B 689 32.57 -10.20 37.86
C PHE B 689 33.81 -9.31 37.99
N GLY B 690 33.71 -8.06 37.56
CA GLY B 690 34.84 -7.16 37.68
C GLY B 690 35.25 -6.93 39.12
N ILE B 691 34.27 -6.73 40.01
CA ILE B 691 34.58 -6.60 41.43
C ILE B 691 35.11 -7.91 41.98
N ARG B 692 34.61 -9.04 41.48
CA ARG B 692 35.10 -10.34 41.93
C ARG B 692 36.59 -10.49 41.64
N LEU B 693 37.04 -10.04 40.48
CA LEU B 693 38.48 -10.04 40.20
C LEU B 693 39.20 -8.96 40.97
N LEU B 694 38.60 -7.76 41.06
CA LEU B 694 39.25 -6.65 41.74
C LEU B 694 39.46 -6.95 43.22
N CYS B 695 38.44 -7.52 43.88
CA CYS B 695 38.54 -7.79 45.30
C CYS B 695 39.62 -8.81 45.63
N VAL B 696 40.00 -9.64 44.67
CA VAL B 696 41.08 -10.61 44.90
C VAL B 696 42.39 -9.89 45.15
N GLY B 697 42.70 -8.90 44.32
CA GLY B 697 43.93 -8.14 44.51
C GLY B 697 43.90 -7.31 45.78
N LEU B 698 42.75 -6.72 46.10
CA LEU B 698 42.64 -5.94 47.33
C LEU B 698 42.81 -6.81 48.57
N LYS B 699 42.31 -8.04 48.53
CA LYS B 699 42.46 -8.94 49.68
C LYS B 699 43.92 -9.31 49.93
N HIS B 700 44.79 -9.17 48.93
CA HIS B 700 46.19 -9.47 49.14
C HIS B 700 46.81 -8.50 50.13
N LEU B 701 47.62 -9.02 51.04
CA LEU B 701 48.17 -8.20 52.12
C LEU B 701 49.26 -7.25 51.63
N LEU B 702 49.80 -7.47 50.43
CA LEU B 702 50.87 -6.61 49.95
C LEU B 702 50.33 -5.23 49.58
N CYS B 703 49.16 -5.16 48.98
CA CYS B 703 48.60 -3.88 48.57
C CYS B 703 48.16 -3.07 49.78
N ASN B 704 48.30 -1.75 49.65
CA ASN B 704 47.85 -0.80 50.67
C ASN B 704 47.12 0.34 49.97
N LEU B 705 45.83 0.18 49.77
CA LEU B 705 44.99 1.17 49.10
C LEU B 705 44.04 1.77 50.11
N LYS B 706 43.95 3.11 50.13
CA LYS B 706 43.12 3.81 51.10
C LYS B 706 41.79 4.24 50.50
N LYS B 707 41.82 5.02 49.43
CA LYS B 707 40.61 5.52 48.79
C LYS B 707 40.24 4.63 47.61
N LEU B 708 38.95 4.66 47.24
CA LEU B 708 38.45 3.80 46.17
C LEU B 708 37.10 4.32 45.73
N TRP B 709 36.96 4.56 44.42
CA TRP B 709 35.71 5.05 43.84
C TRP B 709 35.14 3.98 42.91
N LEU B 710 33.88 3.62 43.12
CA LEU B 710 33.15 2.72 42.24
C LEU B 710 31.82 3.34 41.82
N VAL B 711 31.79 4.67 41.71
CA VAL B 711 30.56 5.38 41.42
C VAL B 711 30.08 5.06 40.01
N SER B 712 28.77 4.83 39.87
CA SER B 712 28.08 4.61 38.61
C SER B 712 28.49 3.33 37.91
N CYS B 713 29.25 2.46 38.56
CA CYS B 713 29.57 1.17 37.98
C CYS B 713 28.34 0.27 38.01
N CYS B 714 28.16 -0.51 36.96
CA CYS B 714 27.01 -1.40 36.86
C CYS B 714 27.21 -2.54 37.87
N LEU B 715 26.57 -2.42 39.03
CA LEU B 715 26.75 -3.39 40.10
C LEU B 715 25.40 -3.72 40.71
N THR B 716 25.34 -4.90 41.34
CA THR B 716 24.14 -5.35 42.03
C THR B 716 24.50 -5.84 43.42
N SER B 717 23.53 -6.48 44.11
CA SER B 717 23.78 -6.97 45.46
C SER B 717 24.79 -8.11 45.47
N ALA B 718 25.03 -8.77 44.33
CA ALA B 718 25.97 -9.88 44.29
C ALA B 718 27.38 -9.40 44.63
N CYS B 719 27.79 -8.25 44.10
CA CYS B 719 29.13 -7.74 44.37
C CYS B 719 29.32 -7.34 45.82
N CYS B 720 28.24 -7.10 46.56
CA CYS B 720 28.36 -6.72 47.96
C CYS B 720 28.96 -7.84 48.78
N GLN B 721 28.61 -9.09 48.47
CA GLN B 721 29.19 -10.22 49.17
C GLN B 721 30.70 -10.27 48.94
N ASP B 722 31.14 -10.07 47.70
CA ASP B 722 32.57 -10.09 47.40
C ASP B 722 33.30 -8.91 48.04
N LEU B 723 32.70 -7.72 47.97
CA LEU B 723 33.34 -6.53 48.52
C LEU B 723 33.38 -6.53 50.03
N ALA B 724 32.47 -7.24 50.69
CA ALA B 724 32.45 -7.27 52.15
C ALA B 724 33.71 -7.92 52.70
N SER B 725 34.21 -8.96 52.03
CA SER B 725 35.40 -9.64 52.50
C SER B 725 36.60 -8.71 52.52
N VAL B 726 36.75 -7.88 51.48
CA VAL B 726 37.85 -6.91 51.44
C VAL B 726 37.72 -5.93 52.60
N LEU B 727 36.50 -5.45 52.85
CA LEU B 727 36.28 -4.47 53.91
C LEU B 727 36.70 -4.99 55.27
N SER B 728 36.74 -6.30 55.46
CA SER B 728 37.14 -6.88 56.74
C SER B 728 38.64 -7.12 56.83
N THR B 729 39.25 -7.63 55.77
CA THR B 729 40.66 -8.05 55.83
C THR B 729 41.63 -6.97 55.35
N SER B 730 41.20 -6.08 54.46
CA SER B 730 42.08 -5.03 53.96
C SER B 730 42.21 -3.96 55.04
N HIS B 731 43.29 -4.04 55.81
CA HIS B 731 43.50 -3.08 56.89
C HIS B 731 43.71 -1.67 56.36
N SER B 732 44.26 -1.53 55.16
CA SER B 732 44.58 -0.22 54.61
C SER B 732 43.38 0.49 54.01
N LEU B 733 42.27 -0.19 53.80
CA LEU B 733 41.11 0.44 53.19
C LEU B 733 40.38 1.30 54.21
N THR B 734 40.25 2.59 53.92
CA THR B 734 39.58 3.52 54.81
C THR B 734 38.34 4.13 54.19
N ARG B 735 38.44 4.67 52.98
CA ARG B 735 37.32 5.32 52.31
C ARG B 735 36.85 4.45 51.15
N LEU B 736 35.54 4.35 50.98
CA LEU B 736 34.95 3.50 49.94
C LEU B 736 33.67 4.15 49.46
N TYR B 737 33.76 4.91 48.37
CA TYR B 737 32.61 5.57 47.77
C TYR B 737 32.03 4.66 46.70
N VAL B 738 30.94 3.97 47.03
CA VAL B 738 30.36 2.98 46.13
C VAL B 738 28.95 3.42 45.74
N GLY B 739 28.72 4.72 45.75
CA GLY B 739 27.41 5.24 45.42
C GLY B 739 27.05 5.04 43.96
N GLU B 740 25.81 5.42 43.65
CA GLU B 740 25.20 5.40 42.32
C GLU B 740 24.96 3.99 41.80
N ASN B 741 25.33 2.96 42.54
CA ASN B 741 25.14 1.59 42.08
C ASN B 741 23.68 1.16 42.28
N ALA B 742 23.33 0.05 41.63
CA ALA B 742 21.97 -0.46 41.66
C ALA B 742 21.74 -1.42 42.82
N LEU B 743 22.72 -1.61 43.70
CA LEU B 743 22.54 -2.49 44.84
C LEU B 743 21.44 -1.96 45.75
N GLY B 744 20.55 -2.86 46.18
CA GLY B 744 19.42 -2.51 47.01
C GLY B 744 19.74 -2.60 48.49
N ASP B 745 18.67 -2.60 49.29
CA ASP B 745 18.82 -2.72 50.73
C ASP B 745 19.42 -4.06 51.13
N SER B 746 19.19 -5.10 50.33
CA SER B 746 19.75 -6.41 50.62
C SER B 746 21.28 -6.37 50.58
N GLY B 747 21.84 -5.67 49.59
CA GLY B 747 23.29 -5.59 49.49
C GLY B 747 23.93 -4.85 50.65
N VAL B 748 23.26 -3.79 51.12
CA VAL B 748 23.80 -3.01 52.24
C VAL B 748 23.84 -3.84 53.51
N ALA B 749 22.85 -4.71 53.70
CA ALA B 749 22.83 -5.56 54.88
C ALA B 749 24.05 -6.47 54.93
N ILE B 750 24.42 -7.06 53.79
CA ILE B 750 25.62 -7.88 53.74
C ILE B 750 26.86 -7.04 53.98
N LEU B 751 26.91 -5.84 53.38
CA LEU B 751 28.08 -4.99 53.56
C LEU B 751 28.20 -4.49 54.98
N CYS B 752 27.08 -4.11 55.61
CA CYS B 752 27.14 -3.53 56.94
C CYS B 752 27.44 -4.58 58.01
N GLU B 753 26.89 -5.79 57.86
CA GLU B 753 27.08 -6.81 58.88
C GLU B 753 28.54 -7.17 59.07
N LYS B 754 29.35 -7.00 58.03
CA LYS B 754 30.80 -7.14 58.16
C LYS B 754 31.49 -5.84 58.55
N ALA B 755 30.80 -4.71 58.44
CA ALA B 755 31.38 -3.41 58.76
C ALA B 755 31.11 -3.00 60.21
N LYS B 756 30.41 -3.81 60.99
CA LYS B 756 30.14 -3.50 62.39
C LYS B 756 31.23 -4.00 63.32
N ASN B 757 32.29 -4.59 62.79
CA ASN B 757 33.39 -5.05 63.62
C ASN B 757 34.09 -3.85 64.26
N PRO B 758 34.35 -3.87 65.57
CA PRO B 758 35.02 -2.72 66.19
C PRO B 758 36.44 -2.50 65.69
N GLN B 759 37.07 -3.52 65.11
CA GLN B 759 38.43 -3.41 64.58
C GLN B 759 38.46 -2.95 63.13
N CYS B 760 37.31 -2.71 62.52
CA CYS B 760 37.26 -2.27 61.13
C CYS B 760 37.84 -0.86 61.00
N ASN B 761 38.49 -0.62 59.86
CA ASN B 761 39.15 0.65 59.59
C ASN B 761 38.38 1.53 58.61
N LEU B 762 37.14 1.17 58.28
CA LEU B 762 36.37 1.95 57.31
C LEU B 762 35.94 3.28 57.91
N GLN B 763 36.72 4.32 57.68
CA GLN B 763 36.43 5.63 58.25
C GLN B 763 35.52 6.47 57.37
N LYS B 764 35.20 6.03 56.15
CA LYS B 764 34.30 6.75 55.27
C LYS B 764 33.50 5.76 54.45
N LEU B 765 32.31 6.17 54.03
CA LEU B 765 31.44 5.32 53.24
C LEU B 765 30.37 6.19 52.59
N GLY B 766 30.21 6.03 51.28
CA GLY B 766 29.21 6.77 50.53
C GLY B 766 28.27 5.82 49.82
N LEU B 767 26.97 6.12 49.86
CA LEU B 767 25.94 5.30 49.24
C LEU B 767 24.95 6.18 48.51
N VAL B 768 25.44 7.19 47.78
CA VAL B 768 24.58 8.17 47.15
C VAL B 768 23.79 7.52 46.02
N ASN B 769 22.48 7.74 46.02
CA ASN B 769 21.54 7.32 44.99
C ASN B 769 21.39 5.81 44.87
N SER B 770 22.06 5.03 45.72
CA SER B 770 21.85 3.59 45.71
C SER B 770 20.48 3.27 46.28
N GLY B 771 19.87 2.20 45.77
CA GLY B 771 18.55 1.79 46.22
C GLY B 771 18.51 1.50 47.70
N LEU B 772 17.83 2.35 48.47
CA LEU B 772 17.82 2.25 49.91
C LEU B 772 16.39 2.34 50.43
N THR B 773 16.15 1.67 51.56
CA THR B 773 14.85 1.71 52.23
C THR B 773 15.12 1.90 53.73
N SER B 774 14.08 1.71 54.54
CA SER B 774 14.21 1.84 55.98
C SER B 774 14.86 0.63 56.63
N VAL B 775 14.97 -0.49 55.90
CA VAL B 775 15.53 -1.70 56.49
C VAL B 775 17.02 -1.52 56.79
N CYS B 776 17.75 -0.88 55.88
CA CYS B 776 19.19 -0.71 56.07
C CYS B 776 19.53 0.20 57.25
N CYS B 777 18.56 0.98 57.72
CA CYS B 777 18.84 1.86 58.85
C CYS B 777 19.19 1.08 60.10
N SER B 778 18.51 -0.05 60.32
CA SER B 778 18.84 -0.90 61.46
C SER B 778 20.27 -1.42 61.37
N ALA B 779 20.66 -1.90 60.19
CA ALA B 779 22.04 -2.33 59.99
C ALA B 779 23.00 -1.15 60.11
N LEU B 780 22.64 -0.01 59.54
CA LEU B 780 23.48 1.18 59.65
C LEU B 780 23.58 1.66 61.09
N SER B 781 22.49 1.54 61.84
CA SER B 781 22.54 1.90 63.25
C SER B 781 23.49 1.00 64.02
N SER B 782 23.48 -0.30 63.72
CA SER B 782 24.34 -1.24 64.42
C SER B 782 25.81 -0.93 64.19
N VAL B 783 26.18 -0.63 62.93
CA VAL B 783 27.59 -0.36 62.65
C VAL B 783 28.04 0.95 63.27
N LEU B 784 27.16 1.95 63.34
CA LEU B 784 27.54 3.24 63.87
C LEU B 784 27.94 3.16 65.33
N SER B 785 27.19 2.37 66.12
CA SER B 785 27.50 2.22 67.54
C SER B 785 28.66 1.29 67.81
N THR B 786 29.05 0.47 66.84
CA THR B 786 30.09 -0.54 67.04
C THR B 786 31.39 -0.24 66.31
N ASN B 787 31.32 0.36 65.12
CA ASN B 787 32.54 0.65 64.37
C ASN B 787 33.43 1.64 65.11
N GLN B 788 32.83 2.69 65.68
CA GLN B 788 33.47 3.70 66.52
C GLN B 788 34.46 4.57 65.76
N ASN B 789 34.66 4.36 64.46
CA ASN B 789 35.54 5.22 63.68
C ASN B 789 34.98 5.56 62.31
N LEU B 790 33.68 5.33 62.07
CA LEU B 790 33.04 5.70 60.82
C LEU B 790 32.83 7.21 60.86
N THR B 791 33.85 7.95 60.43
CA THR B 791 33.83 9.40 60.58
C THR B 791 32.78 10.04 59.68
N HIS B 792 32.63 9.55 58.45
CA HIS B 792 31.72 10.14 57.48
C HIS B 792 30.79 9.09 56.92
N LEU B 793 29.58 9.52 56.55
CA LEU B 793 28.60 8.65 55.92
C LEU B 793 27.70 9.53 55.05
N TYR B 794 27.69 9.27 53.75
CA TYR B 794 27.01 10.12 52.78
C TYR B 794 25.81 9.38 52.21
N LEU B 795 24.64 10.00 52.30
CA LEU B 795 23.42 9.49 51.70
C LEU B 795 22.74 10.62 50.95
N ARG B 796 22.15 10.29 49.80
CA ARG B 796 21.53 11.30 48.97
C ARG B 796 20.74 10.62 47.85
N GLY B 797 19.60 11.20 47.50
CA GLY B 797 18.81 10.69 46.40
C GLY B 797 18.23 9.32 46.64
N ASN B 798 18.23 8.85 47.88
CA ASN B 798 17.74 7.52 48.21
C ASN B 798 16.22 7.57 48.40
N THR B 799 15.65 6.42 48.76
CA THR B 799 14.25 6.31 49.14
C THR B 799 14.16 5.91 50.61
N LEU B 800 14.98 6.53 51.44
CA LEU B 800 15.06 6.17 52.85
C LEU B 800 13.70 6.29 53.52
N GLY B 801 13.38 5.31 54.35
CA GLY B 801 12.08 5.31 55.00
C GLY B 801 11.88 6.53 55.87
N ASP B 802 10.67 7.07 55.82
CA ASP B 802 10.34 8.23 56.65
C ASP B 802 10.48 7.87 58.13
N LYS B 803 10.07 6.66 58.50
CA LYS B 803 10.33 6.13 59.84
C LYS B 803 11.76 5.64 60.01
N GLY B 804 12.54 5.57 58.92
CA GLY B 804 13.89 5.06 59.01
C GLY B 804 14.80 5.95 59.86
N ILE B 805 14.60 7.26 59.78
CA ILE B 805 15.41 8.18 60.58
C ILE B 805 15.24 7.90 62.06
N LYS B 806 14.02 7.55 62.48
CA LYS B 806 13.80 7.17 63.87
C LYS B 806 14.65 5.97 64.25
N LEU B 807 14.70 4.96 63.37
CA LEU B 807 15.61 3.84 63.59
C LEU B 807 17.06 4.25 63.39
N LEU B 808 17.32 5.10 62.40
CA LEU B 808 18.68 5.53 62.13
C LEU B 808 19.24 6.35 63.29
N CYS B 809 18.43 7.26 63.85
CA CYS B 809 18.88 8.06 64.98
C CYS B 809 19.02 7.23 66.24
N GLU B 810 18.37 6.06 66.30
CA GLU B 810 18.47 5.22 67.49
C GLU B 810 19.93 4.80 67.74
N GLY B 811 20.66 4.46 66.68
CA GLY B 811 22.06 4.16 66.83
C GLY B 811 22.94 5.38 67.04
N LEU B 812 22.57 6.51 66.44
CA LEU B 812 23.35 7.74 66.62
C LEU B 812 23.21 8.33 68.01
N LEU B 813 22.09 8.09 68.69
CA LEU B 813 21.95 8.55 70.07
C LEU B 813 22.82 7.76 71.04
N HIS B 814 23.43 6.67 70.59
CA HIS B 814 24.35 5.94 71.44
C HIS B 814 25.56 6.83 71.77
N PRO B 815 26.07 6.76 73.00
CA PRO B 815 27.14 7.70 73.40
C PRO B 815 28.43 7.54 72.62
N ASP B 816 28.95 6.32 72.56
CA ASP B 816 30.27 6.08 71.96
C ASP B 816 30.15 5.91 70.44
N CYS B 817 29.68 6.96 69.78
CA CYS B 817 29.69 7.06 68.34
C CYS B 817 30.34 8.38 67.96
N LYS B 818 31.16 8.36 66.92
CA LYS B 818 31.97 9.52 66.54
C LYS B 818 31.68 9.94 65.10
N LEU B 819 30.43 9.80 64.67
CA LEU B 819 30.03 10.29 63.35
C LEU B 819 30.15 11.81 63.33
N GLN B 820 31.00 12.32 62.44
CA GLN B 820 31.28 13.75 62.38
C GLN B 820 30.46 14.48 61.33
N VAL B 821 30.32 13.91 60.13
CA VAL B 821 29.61 14.56 59.03
C VAL B 821 28.57 13.57 58.51
N LEU B 822 27.31 14.03 58.43
CA LEU B 822 26.23 13.25 57.86
C LEU B 822 25.54 14.09 56.80
N GLU B 823 25.40 13.53 55.61
CA GLU B 823 24.70 14.18 54.50
C GLU B 823 23.49 13.33 54.15
N LEU B 824 22.33 13.97 54.03
CA LEU B 824 21.09 13.25 53.72
C LEU B 824 20.18 14.22 52.97
N ASP B 825 20.11 14.06 51.66
CA ASP B 825 19.34 14.96 50.81
C ASP B 825 18.44 14.14 49.89
N ASN B 826 17.38 14.80 49.40
CA ASN B 826 16.47 14.23 48.40
C ASN B 826 15.70 13.03 48.93
N CYS B 827 15.87 12.70 50.20
CA CYS B 827 15.11 11.61 50.81
C CYS B 827 13.72 12.10 51.17
N ASN B 828 12.73 11.25 50.91
CA ASN B 828 11.34 11.60 51.23
C ASN B 828 11.17 11.71 52.73
N LEU B 829 11.01 12.94 53.22
CA LEU B 829 10.88 13.20 54.65
C LEU B 829 9.62 14.01 54.89
N THR B 830 9.14 13.96 56.14
CA THR B 830 7.95 14.68 56.55
C THR B 830 8.23 15.37 57.88
N SER B 831 7.58 16.50 58.10
CA SER B 831 7.78 17.28 59.31
C SER B 831 7.37 16.53 60.58
N HIS B 832 6.59 15.45 60.46
CA HIS B 832 6.17 14.72 61.64
C HIS B 832 7.36 14.06 62.33
N CYS B 833 8.35 13.63 61.57
CA CYS B 833 9.56 13.02 62.11
C CYS B 833 10.68 14.04 62.31
N CYS B 834 10.42 15.31 62.01
CA CYS B 834 11.45 16.34 62.17
C CYS B 834 11.84 16.54 63.63
N TRP B 835 10.99 16.11 64.57
CA TRP B 835 11.32 16.23 65.98
C TRP B 835 12.55 15.40 66.33
N ASP B 836 12.65 14.20 65.79
CA ASP B 836 13.79 13.33 66.10
C ASP B 836 15.10 13.94 65.63
N LEU B 837 15.08 14.71 64.55
CA LEU B 837 16.30 15.38 64.08
C LEU B 837 16.81 16.37 65.12
N SER B 838 15.89 17.11 65.74
CA SER B 838 16.29 18.07 66.77
C SER B 838 16.92 17.38 67.97
N THR B 839 16.35 16.25 68.38
CA THR B 839 16.88 15.54 69.54
C THR B 839 18.30 15.07 69.30
N LEU B 840 18.58 14.53 68.12
CA LEU B 840 19.94 14.11 67.79
C LEU B 840 20.88 15.30 67.75
N LEU B 841 20.42 16.42 67.20
CA LEU B 841 21.28 17.59 67.05
C LEU B 841 21.75 18.10 68.41
N THR B 842 20.86 18.14 69.40
CA THR B 842 21.23 18.63 70.71
C THR B 842 22.04 17.60 71.50
N SER B 843 21.74 16.32 71.34
CA SER B 843 22.34 15.30 72.17
C SER B 843 23.76 14.96 71.73
N SER B 844 23.91 14.47 70.50
CA SER B 844 25.20 14.00 70.02
C SER B 844 26.14 15.18 69.81
N GLN B 845 27.33 15.11 70.42
CA GLN B 845 28.34 16.14 70.28
C GLN B 845 29.37 15.84 69.19
N SER B 846 29.31 14.65 68.60
CA SER B 846 30.29 14.28 67.57
C SER B 846 30.00 14.95 66.23
N LEU B 847 28.73 15.23 65.94
CA LEU B 847 28.36 15.81 64.66
C LEU B 847 28.99 17.18 64.48
N ARG B 848 29.41 17.47 63.25
CA ARG B 848 29.99 18.76 62.90
C ARG B 848 29.14 19.52 61.89
N LYS B 849 28.83 18.90 60.75
CA LYS B 849 27.98 19.53 59.75
C LYS B 849 26.97 18.50 59.25
N LEU B 850 25.70 18.89 59.24
CA LEU B 850 24.61 18.04 58.77
C LEU B 850 23.80 18.82 57.75
N SER B 851 23.56 18.20 56.59
CA SER B 851 22.86 18.85 55.50
C SER B 851 21.61 18.08 55.14
N LEU B 852 20.50 18.79 54.96
CA LEU B 852 19.22 18.22 54.53
C LEU B 852 18.76 19.04 53.34
N GLY B 853 19.23 18.67 52.16
CA GLY B 853 18.96 19.44 50.96
C GLY B 853 17.64 19.02 50.31
N ASN B 854 16.82 20.02 49.97
CA ASN B 854 15.56 19.86 49.23
C ASN B 854 14.68 18.74 49.79
N ASN B 855 14.83 18.43 51.08
CA ASN B 855 13.93 17.49 51.74
C ASN B 855 12.66 18.23 52.15
N ASP B 856 11.56 17.94 51.47
CA ASP B 856 10.32 18.68 51.64
C ASP B 856 9.73 18.38 53.01
N LEU B 857 9.91 19.29 53.95
CA LEU B 857 9.36 19.17 55.29
C LEU B 857 8.71 20.48 55.69
N GLY B 858 7.75 20.39 56.62
CA GLY B 858 6.99 21.56 57.00
C GLY B 858 7.83 22.62 57.66
N ASP B 859 7.39 23.87 57.50
CA ASP B 859 8.11 25.01 58.08
C ASP B 859 8.10 24.98 59.60
N LEU B 860 7.19 24.23 60.21
CA LEU B 860 7.20 24.10 61.67
C LEU B 860 8.46 23.39 62.15
N GLY B 861 8.92 22.38 61.42
CA GLY B 861 10.12 21.67 61.80
C GLY B 861 11.37 22.52 61.70
N VAL B 862 11.40 23.45 60.75
CA VAL B 862 12.53 24.37 60.65
C VAL B 862 12.62 25.24 61.89
N MET B 863 11.48 25.76 62.35
CA MET B 863 11.42 26.53 63.58
C MET B 863 11.65 25.68 64.82
N MET B 864 11.42 24.37 64.74
CA MET B 864 11.81 23.49 65.83
C MET B 864 13.32 23.51 66.03
N PHE B 865 14.07 23.74 64.96
CA PHE B 865 15.53 23.83 65.05
C PHE B 865 16.01 25.20 65.51
N CYS B 866 15.17 26.23 65.40
CA CYS B 866 15.61 27.57 65.75
C CYS B 866 15.97 27.69 67.24
N GLU B 867 15.14 27.12 68.10
CA GLU B 867 15.42 27.18 69.53
C GLU B 867 16.52 26.22 69.96
N VAL B 868 16.57 25.01 69.36
CA VAL B 868 17.58 24.04 69.77
C VAL B 868 18.98 24.52 69.40
N LEU B 869 19.12 25.23 68.28
CA LEU B 869 20.37 25.89 67.98
C LEU B 869 20.65 27.01 68.98
N LYS B 870 19.59 27.71 69.40
CA LYS B 870 19.73 28.76 70.40
C LYS B 870 20.02 28.20 71.78
N GLN B 871 19.83 26.90 71.99
CA GLN B 871 20.05 26.26 73.27
C GLN B 871 21.49 25.79 73.47
N GLN B 872 22.45 26.38 72.73
CA GLN B 872 23.86 26.02 72.80
C GLN B 872 24.05 24.54 72.46
N SER B 873 23.69 24.18 71.23
CA SER B 873 23.76 22.81 70.77
C SER B 873 25.18 22.49 70.30
N CYS B 874 25.38 21.29 69.76
CA CYS B 874 26.69 20.79 69.40
C CYS B 874 26.97 20.81 67.90
N LEU B 875 26.04 21.29 67.08
CA LEU B 875 26.29 21.45 65.66
C LEU B 875 27.06 22.76 65.47
N LEU B 876 28.32 22.66 65.04
CA LEU B 876 29.22 23.80 65.07
C LEU B 876 29.70 24.28 63.71
N GLN B 877 29.65 23.43 62.68
CA GLN B 877 30.27 23.77 61.40
C GLN B 877 29.27 24.26 60.36
N ASN B 878 28.28 23.43 60.02
CA ASN B 878 27.35 23.78 58.96
C ASN B 878 26.02 23.09 59.18
N LEU B 879 24.98 23.63 58.54
CA LEU B 879 23.65 23.04 58.58
C LEU B 879 22.98 23.37 57.25
N GLY B 880 22.98 22.40 56.34
CA GLY B 880 22.50 22.62 54.98
C GLY B 880 21.01 22.40 54.80
N LEU B 881 20.30 23.44 54.38
CA LEU B 881 18.87 23.39 54.10
C LEU B 881 18.57 24.09 52.78
N SER B 882 19.42 23.84 51.79
CA SER B 882 19.26 24.49 50.49
C SER B 882 18.07 23.92 49.74
N GLU B 883 17.64 24.65 48.71
CA GLU B 883 16.50 24.28 47.88
C GLU B 883 15.24 24.10 48.72
N MET B 884 15.08 24.96 49.73
CA MET B 884 13.90 24.97 50.58
C MET B 884 13.30 26.37 50.59
N TYR B 885 11.98 26.42 50.40
CA TYR B 885 11.28 27.68 50.21
C TYR B 885 10.36 27.93 51.39
N PHE B 886 10.48 29.12 51.97
CA PHE B 886 9.71 29.50 53.15
C PHE B 886 9.10 30.87 52.92
N ASN B 887 8.10 31.22 53.74
CA ASN B 887 7.44 32.51 53.60
C ASN B 887 8.32 33.61 54.16
N TYR B 888 7.85 34.86 53.98
CA TYR B 888 8.64 36.02 54.37
C TYR B 888 8.88 36.06 55.87
N GLU B 889 7.86 35.74 56.66
CA GLU B 889 8.00 35.83 58.11
C GLU B 889 8.83 34.68 58.64
N THR B 890 8.93 33.56 57.91
CA THR B 890 9.79 32.46 58.32
C THR B 890 11.24 32.68 57.91
N LYS B 891 11.48 33.29 56.73
CA LYS B 891 12.85 33.45 56.26
C LYS B 891 13.68 34.33 57.18
N SER B 892 13.11 35.43 57.70
CA SER B 892 13.89 36.34 58.51
C SER B 892 14.29 35.73 59.84
N ALA B 893 13.55 34.72 60.31
CA ALA B 893 13.88 34.09 61.58
C ALA B 893 15.22 33.38 61.54
N LEU B 894 15.55 32.75 60.41
CA LEU B 894 16.85 32.11 60.27
C LEU B 894 17.97 33.13 60.08
N GLU B 895 17.65 34.30 59.51
CA GLU B 895 18.67 35.31 59.26
C GLU B 895 19.25 35.84 60.56
N THR B 896 18.42 36.11 61.56
CA THR B 896 18.90 36.68 62.81
C THR B 896 19.74 35.68 63.59
N LEU B 897 19.46 34.39 63.46
CA LEU B 897 20.27 33.38 64.15
C LEU B 897 21.68 33.28 63.60
N GLN B 898 21.90 33.72 62.35
CA GLN B 898 23.24 33.71 61.79
C GLN B 898 24.17 34.63 62.55
N GLU B 899 23.68 35.83 62.91
CA GLU B 899 24.52 36.77 63.64
C GLU B 899 24.70 36.35 65.10
N GLU B 900 23.72 35.66 65.68
CA GLU B 900 23.82 35.24 67.07
C GLU B 900 24.95 34.22 67.24
N LYS B 901 25.10 33.30 66.29
CA LYS B 901 26.08 32.22 66.37
C LYS B 901 27.03 32.33 65.17
N PRO B 902 28.08 33.13 65.27
CA PRO B 902 29.04 33.22 64.17
C PRO B 902 29.95 32.01 64.05
N GLU B 903 29.96 31.11 65.04
CA GLU B 903 30.81 29.93 64.99
C GLU B 903 30.33 28.91 63.97
N LEU B 904 29.06 28.98 63.55
CA LEU B 904 28.52 28.10 62.54
C LEU B 904 28.00 28.93 61.37
N THR B 905 27.70 28.24 60.27
CA THR B 905 27.18 28.86 59.06
C THR B 905 26.03 28.01 58.54
N VAL B 906 24.80 28.45 58.79
CA VAL B 906 23.63 27.75 58.28
C VAL B 906 23.58 27.90 56.77
N VAL B 907 23.27 26.81 56.07
CA VAL B 907 23.27 26.80 54.62
C VAL B 907 21.85 26.61 54.11
N PHE B 908 21.17 27.71 53.83
CA PHE B 908 19.89 27.71 53.15
C PHE B 908 20.03 28.51 51.86
N GLU B 909 19.04 28.36 50.97
CA GLU B 909 19.15 28.84 49.59
C GLU B 909 18.05 29.85 49.30
N PRO B 910 18.28 31.13 49.62
CA PRO B 910 17.39 32.18 49.14
C PRO B 910 17.89 32.84 47.86
N SER B 911 19.08 32.47 47.40
CA SER B 911 19.68 33.06 46.20
C SER B 911 20.56 32.01 45.55
N TRP B 912 21.40 32.44 44.61
CA TRP B 912 22.31 31.54 43.93
C TRP B 912 23.66 32.21 43.68
N LYS C 10 18.74 21.02 31.90
CA LYS C 10 17.62 20.49 32.66
C LYS C 10 17.84 20.68 34.16
N ASP C 11 18.78 21.56 34.51
CA ASP C 11 19.08 21.80 35.91
C ASP C 11 18.03 22.71 36.55
N TYR C 12 17.90 23.93 36.05
CA TYR C 12 16.93 24.87 36.62
C TYR C 12 15.50 24.47 36.27
N ARG C 13 15.30 23.73 35.18
CA ARG C 13 13.96 23.26 34.85
C ARG C 13 13.42 22.34 35.93
N LYS C 14 14.25 21.44 36.45
CA LYS C 14 13.85 20.60 37.56
C LYS C 14 13.61 21.43 38.82
N LYS C 15 14.49 22.40 39.09
CA LYS C 15 14.33 23.22 40.28
C LYS C 15 13.06 24.05 40.23
N TYR C 16 12.76 24.64 39.07
CA TYR C 16 11.54 25.41 38.94
C TYR C 16 10.31 24.53 39.12
N ARG C 17 10.33 23.33 38.52
CA ARG C 17 9.19 22.42 38.64
C ARG C 17 8.96 22.03 40.09
N LYS C 18 10.04 21.78 40.83
CA LYS C 18 9.92 21.47 42.26
C LYS C 18 9.49 22.71 43.04
N TYR C 19 9.92 23.89 42.60
CA TYR C 19 9.57 25.12 43.31
C TYR C 19 8.07 25.36 43.30
N VAL C 20 7.42 25.07 42.16
CA VAL C 20 5.98 25.27 42.05
C VAL C 20 5.23 24.31 42.97
N ARG C 21 5.75 23.10 43.14
CA ARG C 21 5.05 22.09 43.93
C ARG C 21 4.86 22.55 45.37
N SER C 22 5.89 23.11 45.98
CA SER C 22 5.79 23.54 47.37
C SER C 22 4.93 24.77 47.53
N ARG C 23 5.00 25.71 46.58
CA ARG C 23 4.26 26.96 46.72
C ARG C 23 2.76 26.72 46.68
N PHE C 24 2.31 25.83 45.80
CA PHE C 24 0.89 25.66 45.52
C PHE C 24 0.32 24.37 46.09
N GLN C 25 1.02 23.76 47.06
CA GLN C 25 0.53 22.53 47.68
C GLN C 25 -0.80 22.77 48.38
N CYS C 26 -0.95 23.93 49.02
CA CYS C 26 -2.19 24.30 49.68
C CYS C 26 -2.56 25.73 49.29
N ILE C 27 -3.84 26.07 49.47
CA ILE C 27 -4.34 27.40 49.11
C ILE C 27 -4.09 28.29 50.33
N GLU C 28 -2.87 28.81 50.40
CA GLU C 28 -2.43 29.68 51.50
C GLU C 28 -2.67 29.04 52.87
N SER C 37 -3.76 25.30 54.28
CA SER C 37 -4.10 24.35 55.35
C SER C 37 -4.38 22.97 54.76
N VAL C 38 -5.63 22.76 54.33
CA VAL C 38 -6.01 21.50 53.72
C VAL C 38 -5.30 21.34 52.38
N SER C 39 -4.86 20.12 52.09
CA SER C 39 -4.14 19.86 50.85
C SER C 39 -5.03 20.15 49.64
N LEU C 40 -4.48 20.87 48.66
CA LEU C 40 -5.21 21.12 47.43
C LEU C 40 -5.50 19.82 46.69
N ASN C 41 -4.67 18.80 46.84
CA ASN C 41 -4.92 17.49 46.27
C ASN C 41 -6.11 16.79 46.92
N LYS C 42 -6.56 17.24 48.08
CA LYS C 42 -7.61 16.56 48.83
C LYS C 42 -9.00 17.12 48.51
N ARG C 43 -9.20 18.41 48.75
CA ARG C 43 -10.52 19.01 48.69
C ARG C 43 -10.93 19.43 47.28
N TYR C 44 -10.01 19.42 46.32
CA TYR C 44 -10.37 19.79 44.97
C TYR C 44 -11.28 18.74 44.35
N THR C 45 -12.26 19.21 43.58
CA THR C 45 -13.17 18.32 42.88
C THR C 45 -13.43 18.86 41.48
N ARG C 46 -13.91 17.98 40.61
CA ARG C 46 -14.09 18.33 39.20
C ARG C 46 -15.14 19.41 39.03
N LEU C 47 -14.87 20.37 38.14
CA LEU C 47 -15.80 21.42 37.78
C LEU C 47 -16.34 21.17 36.38
N ARG C 48 -17.47 21.78 36.07
CA ARG C 48 -18.08 21.62 34.77
C ARG C 48 -17.29 22.38 33.71
N LEU C 49 -16.35 21.70 33.06
CA LEU C 49 -15.54 22.31 32.01
C LEU C 49 -16.27 22.16 30.68
N ILE C 50 -17.34 22.94 30.55
CA ILE C 50 -18.17 22.90 29.35
C ILE C 50 -17.48 23.71 28.26
N LYS C 51 -17.22 23.07 27.12
CA LYS C 51 -16.60 23.74 25.99
C LYS C 51 -17.65 24.55 25.25
N GLU C 52 -17.49 25.88 25.23
CA GLU C 52 -18.43 26.75 24.53
C GLU C 52 -18.19 26.62 23.04
N HIS C 53 -18.97 25.75 22.40
CA HIS C 53 -18.85 25.47 20.97
C HIS C 53 -17.45 25.00 20.60
N PHE C 85 -15.73 18.14 27.87
CA PHE C 85 -14.41 18.61 27.46
C PHE C 85 -13.35 18.11 28.43
N ASP C 86 -12.45 17.28 27.93
CA ASP C 86 -11.45 16.63 28.77
C ASP C 86 -10.47 17.65 29.33
N PRO C 87 -10.01 17.49 30.56
CA PRO C 87 -8.92 18.36 31.05
C PRO C 87 -7.59 18.10 30.36
N ASP C 88 -7.56 17.17 29.41
CA ASP C 88 -6.30 16.79 28.77
C ASP C 88 -5.93 17.76 27.65
N ASP C 89 -6.91 18.25 26.89
CA ASP C 89 -6.64 18.81 25.57
C ASP C 89 -7.29 20.16 25.33
N GLU C 90 -7.11 21.13 26.24
CA GLU C 90 -7.48 22.51 25.90
C GLU C 90 -6.63 23.05 24.77
N HIS C 91 -5.43 22.53 24.60
CA HIS C 91 -4.45 23.08 23.67
C HIS C 91 -3.99 22.08 22.62
N SER C 92 -4.74 20.99 22.44
CA SER C 92 -4.39 20.01 21.42
C SER C 92 -4.48 20.59 20.02
N GLU C 93 -5.55 21.35 19.75
CA GLU C 93 -5.77 21.94 18.45
C GLU C 93 -4.80 23.09 18.23
N PRO C 94 -4.42 23.41 16.98
CA PRO C 94 -3.42 24.48 16.77
C PRO C 94 -3.86 25.86 17.24
N VAL C 95 -5.06 26.01 17.82
CA VAL C 95 -5.42 27.28 18.43
C VAL C 95 -4.48 27.55 19.61
N HIS C 96 -3.89 28.73 19.62
CA HIS C 96 -2.86 29.07 20.59
C HIS C 96 -3.34 30.15 21.57
N THR C 97 -4.64 30.19 21.82
CA THR C 97 -5.20 31.13 22.79
C THR C 97 -6.51 30.61 23.36
N VAL C 98 -6.58 30.48 24.68
CA VAL C 98 -7.76 29.96 25.37
C VAL C 98 -8.21 30.98 26.39
N VAL C 99 -9.51 31.24 26.44
CA VAL C 99 -10.11 32.14 27.42
C VAL C 99 -11.19 31.38 28.18
N PHE C 100 -11.23 31.56 29.49
CA PHE C 100 -12.19 30.90 30.37
C PHE C 100 -13.19 31.90 30.89
N GLN C 101 -14.47 31.59 30.74
CA GLN C 101 -15.55 32.43 31.25
C GLN C 101 -16.15 31.79 32.49
N GLY C 102 -16.31 32.58 33.54
CA GLY C 102 -16.88 32.08 34.78
C GLY C 102 -17.31 33.19 35.71
N ALA C 103 -18.45 33.02 36.37
CA ALA C 103 -18.95 34.03 37.28
C ALA C 103 -18.07 34.09 38.54
N ALA C 104 -18.24 35.17 39.29
CA ALA C 104 -17.46 35.36 40.51
C ALA C 104 -17.75 34.23 41.49
N GLY C 105 -16.68 33.64 42.03
CA GLY C 105 -16.81 32.55 42.97
C GLY C 105 -16.99 31.18 42.36
N ILE C 106 -17.02 31.08 41.02
CA ILE C 106 -17.17 29.78 40.38
C ILE C 106 -15.90 28.95 40.44
N GLY C 107 -14.78 29.55 40.80
CA GLY C 107 -13.53 28.84 40.96
C GLY C 107 -12.47 29.06 39.89
N LYS C 108 -12.51 30.19 39.19
CA LYS C 108 -11.49 30.46 38.17
C LYS C 108 -10.11 30.63 38.80
N THR C 109 -10.04 31.28 39.95
CA THR C 109 -8.75 31.61 40.55
C THR C 109 -7.97 30.35 40.91
N ILE C 110 -8.64 29.35 41.49
CA ILE C 110 -7.91 28.15 41.92
C ILE C 110 -8.01 27.02 40.91
N LEU C 111 -8.79 27.18 39.84
CA LEU C 111 -8.73 26.20 38.76
C LEU C 111 -7.36 26.20 38.09
N ALA C 112 -6.79 27.39 37.89
CA ALA C 112 -5.43 27.48 37.36
C ALA C 112 -4.42 26.93 38.36
N ARG C 113 -4.62 27.17 39.66
CA ARG C 113 -3.71 26.65 40.66
C ARG C 113 -3.69 25.13 40.66
N LYS C 114 -4.86 24.50 40.57
CA LYS C 114 -4.91 23.05 40.42
C LYS C 114 -4.25 22.61 39.12
N MET C 115 -4.48 23.36 38.03
CA MET C 115 -3.88 23.01 36.74
C MET C 115 -2.36 23.07 36.81
N MET C 116 -1.80 24.06 37.51
CA MET C 116 -0.35 24.22 37.54
C MET C 116 0.32 23.23 38.49
N LEU C 117 -0.33 22.89 39.60
CA LEU C 117 0.18 21.79 40.42
C LEU C 117 0.05 20.45 39.69
N ASP C 118 -1.08 20.22 39.02
CA ASP C 118 -1.25 18.99 38.27
C ASP C 118 -0.20 18.86 37.18
N TRP C 119 0.16 19.98 36.55
CA TRP C 119 1.32 20.01 35.67
C TRP C 119 2.60 19.63 36.41
N ALA C 120 2.78 20.18 37.62
CA ALA C 120 4.07 20.05 38.30
C ALA C 120 4.43 18.60 38.58
N SER C 121 3.42 17.73 38.70
CA SER C 121 3.66 16.30 38.87
C SER C 121 3.83 15.58 37.53
N GLY C 122 3.72 16.29 36.42
CA GLY C 122 3.88 15.71 35.10
C GLY C 122 2.64 15.06 34.54
N THR C 123 1.51 15.12 35.26
CA THR C 123 0.30 14.45 34.78
C THR C 123 -0.35 15.20 33.62
N LEU C 124 -0.12 16.51 33.52
CA LEU C 124 -0.75 17.34 32.51
C LEU C 124 0.33 18.06 31.71
N TYR C 125 0.31 17.86 30.39
CA TYR C 125 1.19 18.56 29.45
C TYR C 125 2.66 18.46 29.85
N GLN C 126 3.16 17.23 29.86
CA GLN C 126 4.57 17.02 30.14
C GLN C 126 5.44 17.23 28.89
N ASP C 127 4.82 17.19 27.71
CA ASP C 127 5.60 17.22 26.48
C ASP C 127 5.73 18.61 25.86
N ARG C 128 4.62 19.28 25.53
CA ARG C 128 4.74 20.57 24.86
C ARG C 128 5.21 21.65 25.83
N PHE C 129 5.09 21.41 27.13
CA PHE C 129 5.44 22.52 28.00
C PHE C 129 6.21 22.02 29.22
N ASP C 130 7.23 22.80 29.58
CA ASP C 130 8.01 22.55 30.79
C ASP C 130 8.21 23.83 31.61
N TYR C 131 7.63 24.95 31.18
CA TYR C 131 7.70 26.21 31.92
C TYR C 131 6.30 26.81 31.98
N LEU C 132 5.86 27.15 33.19
CA LEU C 132 4.56 27.77 33.39
C LEU C 132 4.73 29.03 34.24
N PHE C 133 4.10 30.11 33.82
CA PHE C 133 4.23 31.42 34.46
C PHE C 133 2.85 31.92 34.87
N TYR C 134 2.72 32.27 36.14
CA TYR C 134 1.44 32.70 36.70
C TYR C 134 1.40 34.22 36.77
N ILE C 135 0.42 34.82 36.11
CA ILE C 135 0.25 36.27 36.11
C ILE C 135 -1.03 36.64 36.84
N HIS C 136 -0.91 36.96 38.13
CA HIS C 136 -2.08 37.34 38.93
C HIS C 136 -2.39 38.80 38.68
N CYS C 137 -3.49 39.06 37.97
CA CYS C 137 -3.85 40.43 37.61
C CYS C 137 -4.16 41.28 38.84
N ARG C 138 -4.61 40.64 39.93
CA ARG C 138 -4.84 41.39 41.16
C ARG C 138 -3.56 42.06 41.65
N GLU C 139 -2.45 41.33 41.65
CA GLU C 139 -1.19 41.89 42.13
C GLU C 139 -0.49 42.75 41.09
N VAL C 140 -0.99 42.77 39.85
CA VAL C 140 -0.30 43.50 38.79
C VAL C 140 -0.53 45.00 38.96
N SER C 141 0.56 45.76 38.98
CA SER C 141 0.54 47.21 38.97
C SER C 141 0.97 47.64 37.56
N LEU C 142 0.00 48.01 36.74
CA LEU C 142 0.23 48.21 35.31
C LEU C 142 0.38 49.67 34.91
N VAL C 143 0.41 50.60 35.86
CA VAL C 143 0.50 52.00 35.48
C VAL C 143 1.97 52.42 35.35
N THR C 144 2.56 52.06 34.20
CA THR C 144 3.93 52.45 33.84
C THR C 144 4.95 52.04 34.91
N GLN C 145 4.92 50.77 35.29
CA GLN C 145 5.98 50.21 36.12
C GLN C 145 6.71 49.04 35.48
N ARG C 146 5.98 48.03 35.02
CA ARG C 146 6.58 46.72 34.82
C ARG C 146 7.24 46.60 33.45
N SER C 147 8.39 45.95 33.44
CA SER C 147 9.16 45.49 32.30
C SER C 147 8.87 44.00 32.12
N LEU C 148 9.74 43.30 31.39
CA LEU C 148 9.66 41.83 31.42
C LEU C 148 9.93 41.26 32.80
N GLY C 149 10.08 42.10 33.82
CA GLY C 149 10.29 41.67 35.19
C GLY C 149 9.33 40.62 35.69
N ASP C 150 8.23 40.41 34.97
CA ASP C 150 7.32 39.31 35.29
C ASP C 150 8.05 37.97 35.25
N LEU C 151 9.05 37.82 34.37
CA LEU C 151 9.75 36.55 34.26
C LEU C 151 10.72 36.29 35.41
N ILE C 152 11.50 37.30 35.83
CA ILE C 152 12.40 37.05 36.96
C ILE C 152 11.61 36.89 38.25
N MET C 153 10.56 37.69 38.46
CA MET C 153 9.91 37.69 39.76
C MET C 153 9.24 36.35 40.05
N SER C 154 8.81 35.64 39.00
CA SER C 154 8.03 34.42 39.21
C SER C 154 8.93 33.25 39.58
N CYS C 155 10.04 33.05 38.86
CA CYS C 155 10.88 31.88 39.05
C CYS C 155 11.49 31.84 40.44
N CYS C 156 12.38 32.78 40.73
CA CYS C 156 13.08 32.85 42.01
C CYS C 156 13.45 34.30 42.24
N PRO C 157 13.96 34.66 43.45
CA PRO C 157 14.34 36.05 43.71
C PRO C 157 15.12 36.75 42.60
N ASP C 158 16.26 36.22 42.19
CA ASP C 158 16.97 36.89 41.10
C ASP C 158 17.96 36.00 40.34
N PRO C 159 17.53 34.86 39.76
CA PRO C 159 18.38 34.18 38.80
C PRO C 159 18.03 34.57 37.37
N ASN C 160 19.04 34.73 36.52
CA ASN C 160 18.71 35.02 35.12
C ASN C 160 19.31 34.03 34.11
N PRO C 161 19.25 32.72 34.33
CA PRO C 161 19.35 31.79 33.19
C PRO C 161 18.10 31.81 32.33
N PRO C 162 16.88 31.66 32.89
CA PRO C 162 15.71 31.58 32.01
C PRO C 162 15.43 32.85 31.25
N ILE C 163 15.89 34.01 31.72
CA ILE C 163 15.61 35.26 31.02
C ILE C 163 16.31 35.28 29.67
N HIS C 164 17.30 34.42 29.48
CA HIS C 164 18.04 34.36 28.23
C HIS C 164 17.94 33.02 27.52
N LYS C 165 18.02 31.91 28.26
CA LYS C 165 18.02 30.61 27.61
C LYS C 165 16.60 30.15 27.27
N ILE C 166 15.62 30.53 28.09
CA ILE C 166 14.27 30.00 27.92
C ILE C 166 13.48 30.84 26.92
N VAL C 167 13.79 32.14 26.85
CA VAL C 167 13.03 33.03 25.97
C VAL C 167 13.33 32.75 24.51
N ARG C 168 14.35 31.93 24.24
CA ARG C 168 14.75 31.66 22.86
C ARG C 168 13.66 30.92 22.09
N LYS C 169 13.10 29.86 22.67
CA LYS C 169 12.15 29.04 21.95
C LYS C 169 10.74 29.35 22.46
N PRO C 170 9.88 29.99 21.65
CA PRO C 170 8.60 30.48 22.16
C PRO C 170 7.61 29.39 22.53
N SER C 171 7.83 28.17 22.04
CA SER C 171 6.96 27.03 22.34
C SER C 171 7.26 26.41 23.70
N ARG C 172 7.91 27.16 24.58
CA ARG C 172 8.32 26.70 25.89
C ARG C 172 7.63 27.45 27.03
N ILE C 173 6.90 28.52 26.73
CA ILE C 173 6.32 29.39 27.72
C ILE C 173 4.84 29.61 27.40
N LEU C 174 3.99 29.48 28.42
CA LEU C 174 2.61 29.96 28.35
C LEU C 174 2.36 30.83 29.57
N PHE C 175 1.36 31.70 29.49
CA PHE C 175 1.10 32.66 30.54
C PHE C 175 -0.31 32.43 31.09
N LEU C 176 -0.41 32.29 32.40
CA LEU C 176 -1.67 32.08 33.10
C LEU C 176 -2.09 33.41 33.72
N MET C 177 -2.78 34.23 32.92
CA MET C 177 -3.26 35.54 33.37
C MET C 177 -4.60 35.32 34.08
N ASP C 178 -4.53 35.21 35.40
CA ASP C 178 -5.71 34.90 36.20
C ASP C 178 -6.51 36.15 36.48
N GLY C 179 -7.82 36.08 36.26
CA GLY C 179 -8.73 37.15 36.63
C GLY C 179 -8.49 38.45 35.89
N PHE C 180 -8.72 38.46 34.57
CA PHE C 180 -8.59 39.69 33.81
C PHE C 180 -9.63 40.72 34.23
N ASP C 181 -10.76 40.27 34.77
CA ASP C 181 -11.74 41.19 35.33
C ASP C 181 -11.18 41.96 36.52
N GLU C 182 -10.19 41.39 37.20
CA GLU C 182 -9.62 42.01 38.38
C GLU C 182 -8.51 43.00 38.04
N LEU C 183 -8.43 43.41 36.79
CA LEU C 183 -7.51 44.49 36.41
C LEU C 183 -7.88 45.77 37.14
N GLN C 184 -6.85 46.53 37.52
CA GLN C 184 -7.02 47.77 38.25
C GLN C 184 -6.61 48.95 37.38
N GLY C 185 -7.27 50.08 37.58
CA GLY C 185 -6.95 51.29 36.87
C GLY C 185 -7.79 51.48 35.62
N ALA C 186 -7.41 52.51 34.86
CA ALA C 186 -8.08 52.84 33.60
C ALA C 186 -7.41 52.07 32.48
N PHE C 187 -8.10 51.05 31.96
CA PHE C 187 -7.59 50.25 30.85
C PHE C 187 -8.20 50.79 29.56
N ASP C 188 -7.46 51.66 28.89
CA ASP C 188 -7.89 52.16 27.61
C ASP C 188 -7.80 51.07 26.55
N GLU C 189 -8.65 51.18 25.53
CA GLU C 189 -8.75 50.13 24.53
C GLU C 189 -7.49 50.02 23.68
N HIS C 190 -6.73 51.10 23.58
CA HIS C 190 -5.57 51.16 22.70
C HIS C 190 -4.47 52.01 23.33
N ILE C 191 -3.45 51.36 23.87
CA ILE C 191 -2.28 52.03 24.42
C ILE C 191 -1.03 51.28 23.98
N GLY C 192 -0.02 52.02 23.53
CA GLY C 192 1.22 51.42 23.09
C GLY C 192 1.08 50.65 21.79
N PRO C 193 0.85 51.38 20.69
CA PRO C 193 0.70 50.70 19.40
C PRO C 193 1.95 49.96 18.95
N LEU C 194 3.10 50.63 18.98
CA LEU C 194 4.36 50.03 18.56
C LEU C 194 5.03 49.38 19.77
N CYS C 195 5.05 48.05 19.78
CA CYS C 195 5.67 47.31 20.88
C CYS C 195 6.20 45.97 20.39
N THR C 196 7.49 45.90 20.07
CA THR C 196 8.12 44.69 19.58
C THR C 196 9.44 44.41 20.26
N ASP C 197 10.11 45.43 20.81
CA ASP C 197 11.38 45.27 21.50
C ASP C 197 11.19 44.33 22.68
N TRP C 198 12.15 43.42 22.87
CA TRP C 198 11.94 42.29 23.77
C TRP C 198 12.09 42.71 25.23
N GLN C 199 13.29 43.11 25.63
CA GLN C 199 13.64 43.20 27.05
C GLN C 199 13.14 44.48 27.72
N LYS C 200 12.69 45.48 26.97
CA LYS C 200 12.32 46.76 27.57
C LYS C 200 10.98 47.22 27.01
N ALA C 201 9.94 47.18 27.83
CA ALA C 201 8.66 47.79 27.49
C ALA C 201 8.32 48.86 28.52
N GLU C 202 8.46 48.51 29.81
CA GLU C 202 8.35 49.41 30.95
C GLU C 202 6.93 49.93 31.17
N ARG C 203 6.00 49.60 30.29
CA ARG C 203 4.61 50.05 30.41
C ARG C 203 3.71 48.85 30.64
N GLY C 204 2.94 48.89 31.73
CA GLY C 204 2.06 47.77 32.05
C GLY C 204 1.00 47.54 31.00
N ASP C 205 0.40 48.62 30.49
CA ASP C 205 -0.60 48.50 29.44
C ASP C 205 0.01 47.93 28.17
N ILE C 206 1.25 48.33 27.85
CA ILE C 206 1.93 47.79 26.68
C ILE C 206 2.15 46.28 26.84
N LEU C 207 2.59 45.86 28.02
CA LEU C 207 2.83 44.43 28.25
C LEU C 207 1.56 43.61 28.05
N LEU C 208 0.46 44.03 28.69
CA LEU C 208 -0.78 43.28 28.56
C LEU C 208 -1.31 43.32 27.13
N SER C 209 -1.23 44.49 26.49
CA SER C 209 -1.69 44.60 25.11
C SER C 209 -0.83 43.76 24.17
N SER C 210 0.50 43.82 24.34
CA SER C 210 1.38 43.09 23.44
C SER C 210 1.27 41.59 23.65
N LEU C 211 1.27 41.13 24.91
CA LEU C 211 1.21 39.70 25.17
C LEU C 211 -0.09 39.08 24.69
N ILE C 212 -1.22 39.77 24.90
CA ILE C 212 -2.49 39.28 24.38
C ILE C 212 -2.47 39.23 22.85
N ARG C 213 -1.95 40.29 22.24
CA ARG C 213 -1.81 40.33 20.78
C ARG C 213 -0.64 39.47 20.29
N LYS C 214 0.14 38.89 21.20
CA LYS C 214 1.27 38.03 20.85
C LYS C 214 2.29 38.77 19.98
N LYS C 215 2.53 40.03 20.34
CA LYS C 215 3.54 40.86 19.69
C LYS C 215 4.85 40.90 20.44
N LEU C 216 4.81 40.93 21.78
CA LEU C 216 6.03 40.86 22.56
C LEU C 216 6.73 39.52 22.34
N LEU C 217 5.98 38.43 22.32
CA LEU C 217 6.54 37.10 22.10
C LEU C 217 5.63 36.37 21.12
N PRO C 218 5.97 36.39 19.84
CA PRO C 218 5.17 35.66 18.85
C PRO C 218 5.17 34.16 19.13
N GLU C 219 4.05 33.54 18.74
CA GLU C 219 3.79 32.13 19.05
C GLU C 219 3.85 31.90 20.55
N ALA C 220 2.93 32.52 21.27
CA ALA C 220 2.82 32.42 22.72
C ALA C 220 1.49 31.79 23.09
N SER C 221 1.54 30.78 23.96
CA SER C 221 0.34 30.10 24.43
C SER C 221 -0.26 30.89 25.58
N LEU C 222 -1.57 31.07 25.56
CA LEU C 222 -2.26 31.88 26.56
C LEU C 222 -3.47 31.12 27.10
N LEU C 223 -3.73 31.32 28.40
CA LEU C 223 -4.91 30.78 29.05
C LEU C 223 -5.31 31.78 30.12
N ILE C 224 -6.39 32.51 29.87
CA ILE C 224 -6.79 33.62 30.73
C ILE C 224 -8.19 33.34 31.27
N THR C 225 -8.39 33.68 32.54
CA THR C 225 -9.67 33.54 33.21
C THR C 225 -10.34 34.91 33.27
N THR C 226 -11.53 35.01 32.67
CA THR C 226 -12.25 36.27 32.59
C THR C 226 -13.69 36.08 33.04
N ARG C 227 -14.20 37.08 33.76
CA ARG C 227 -15.61 37.12 34.08
C ARG C 227 -16.41 37.42 32.81
N PRO C 228 -17.57 36.77 32.63
CA PRO C 228 -18.31 36.92 31.37
C PRO C 228 -18.70 38.35 31.06
N VAL C 229 -18.85 39.21 32.07
CA VAL C 229 -19.20 40.60 31.83
C VAL C 229 -18.06 41.35 31.16
N ALA C 230 -16.84 40.83 31.21
CA ALA C 230 -15.66 41.54 30.73
C ALA C 230 -15.32 41.24 29.28
N LEU C 231 -16.13 40.44 28.58
CA LEU C 231 -15.78 40.05 27.21
C LEU C 231 -15.75 41.24 26.26
N GLU C 232 -16.37 42.37 26.62
CA GLU C 232 -16.33 43.53 25.74
C GLU C 232 -14.90 44.03 25.53
N LYS C 233 -14.10 44.04 26.60
CA LYS C 233 -12.70 44.42 26.47
C LYS C 233 -11.91 43.35 25.72
N LEU C 234 -12.24 42.08 25.93
CA LEU C 234 -11.52 41.00 25.28
C LEU C 234 -11.71 41.04 23.76
N GLN C 235 -12.94 41.31 23.30
CA GLN C 235 -13.23 41.27 21.88
C GLN C 235 -12.42 42.28 21.09
N HIS C 236 -11.99 43.38 21.72
CA HIS C 236 -11.13 44.34 21.03
C HIS C 236 -9.73 43.76 20.80
N LEU C 237 -9.29 42.85 21.67
CA LEU C 237 -7.92 42.36 21.65
C LEU C 237 -7.78 40.90 21.23
N LEU C 238 -8.80 40.07 21.40
CA LEU C 238 -8.69 38.67 21.06
C LEU C 238 -8.53 38.49 19.55
N ASP C 239 -7.63 37.59 19.16
CA ASP C 239 -7.42 37.23 17.77
C ASP C 239 -7.40 35.72 17.65
N HIS C 240 -8.43 35.16 17.03
CA HIS C 240 -8.61 33.72 16.89
C HIS C 240 -8.55 33.01 18.26
N PRO C 241 -9.46 33.30 19.16
CA PRO C 241 -9.42 32.70 20.49
C PRO C 241 -10.28 31.43 20.57
N ARG C 242 -10.20 30.79 21.74
CA ARG C 242 -11.05 29.65 22.07
C ARG C 242 -11.75 29.93 23.39
N HIS C 243 -13.07 29.86 23.40
CA HIS C 243 -13.87 30.24 24.55
C HIS C 243 -14.45 29.00 25.22
N VAL C 244 -14.29 28.91 26.54
CA VAL C 244 -14.79 27.79 27.33
C VAL C 244 -15.51 28.34 28.55
N GLU C 245 -16.75 27.89 28.78
CA GLU C 245 -17.55 28.33 29.90
C GLU C 245 -17.32 27.42 31.10
N ILE C 246 -17.26 28.02 32.28
CA ILE C 246 -17.02 27.29 33.53
C ILE C 246 -18.28 27.39 34.39
N LEU C 247 -18.91 26.24 34.62
CA LEU C 247 -20.06 26.15 35.51
C LEU C 247 -19.58 25.69 36.89
N GLY C 248 -20.53 25.34 37.76
CA GLY C 248 -20.20 25.03 39.13
C GLY C 248 -20.40 23.59 39.56
N PHE C 249 -21.09 23.39 40.68
CA PHE C 249 -21.23 22.10 41.32
C PHE C 249 -22.56 21.44 40.97
N SER C 250 -22.57 20.11 40.98
CA SER C 250 -23.78 19.32 40.83
C SER C 250 -24.28 18.92 42.20
N GLU C 251 -25.47 18.31 42.23
CA GLU C 251 -26.01 17.81 43.50
C GLU C 251 -25.12 16.72 44.07
N ALA C 252 -24.64 15.80 43.23
CA ALA C 252 -23.69 14.80 43.70
C ALA C 252 -22.37 15.43 44.10
N LYS C 253 -21.90 16.41 43.32
CA LYS C 253 -20.65 17.09 43.65
C LYS C 253 -20.76 17.86 44.96
N ARG C 254 -21.93 18.46 45.22
CA ARG C 254 -22.14 19.16 46.48
C ARG C 254 -22.02 18.22 47.66
N LYS C 255 -22.59 17.01 47.54
CA LYS C 255 -22.46 16.02 48.60
C LYS C 255 -21.01 15.60 48.78
N GLU C 256 -20.28 15.43 47.68
CA GLU C 256 -18.87 15.05 47.77
C GLU C 256 -18.05 16.14 48.46
N TYR C 257 -18.33 17.40 48.16
CA TYR C 257 -17.59 18.49 48.79
C TYR C 257 -17.82 18.52 50.30
N PHE C 258 -19.06 18.29 50.73
CA PHE C 258 -19.35 18.27 52.17
C PHE C 258 -18.60 17.13 52.86
N PHE C 259 -18.53 15.97 52.20
CA PHE C 259 -17.76 14.86 52.76
C PHE C 259 -16.27 15.19 52.81
N LYS C 260 -15.74 15.81 51.76
CA LYS C 260 -14.33 16.17 51.74
C LYS C 260 -14.01 17.32 52.67
N TYR C 261 -15.02 18.07 53.13
CA TYR C 261 -14.80 19.20 54.03
C TYR C 261 -14.99 18.80 55.49
N PHE C 262 -16.08 18.11 55.80
CA PHE C 262 -16.40 17.76 57.17
C PHE C 262 -15.60 16.53 57.59
N SER C 263 -14.69 16.70 58.55
CA SER C 263 -13.90 15.59 59.04
C SER C 263 -14.76 14.55 59.74
N ASP C 264 -15.72 15.00 60.56
CA ASP C 264 -16.60 14.11 61.29
C ASP C 264 -17.84 13.84 60.45
N GLU C 265 -17.91 12.66 59.85
CA GLU C 265 -19.03 12.30 58.98
C GLU C 265 -20.33 12.06 59.75
N ALA C 266 -20.28 11.97 61.08
CA ALA C 266 -21.50 11.79 61.84
C ALA C 266 -22.44 12.99 61.67
N GLN C 267 -21.90 14.19 61.69
CA GLN C 267 -22.68 15.41 61.46
C GLN C 267 -22.70 15.84 60.01
N ALA C 268 -21.80 15.31 59.17
CA ALA C 268 -21.79 15.70 57.76
C ALA C 268 -23.10 15.34 57.08
N ARG C 269 -23.61 14.13 57.33
CA ARG C 269 -24.91 13.76 56.79
C ARG C 269 -26.01 14.64 57.38
N ALA C 270 -25.94 14.92 58.68
CA ALA C 270 -26.91 15.80 59.31
C ALA C 270 -26.83 17.22 58.74
N ALA C 271 -25.61 17.72 58.55
CA ALA C 271 -25.44 19.04 57.96
C ALA C 271 -25.89 19.06 56.50
N PHE C 272 -25.55 18.02 55.75
CA PHE C 272 -25.98 17.95 54.36
C PHE C 272 -27.50 17.84 54.24
N SER C 273 -28.12 17.04 55.12
CA SER C 273 -29.58 16.93 55.11
C SER C 273 -30.23 18.26 55.42
N LEU C 274 -29.68 19.00 56.39
CA LEU C 274 -30.17 20.34 56.67
C LEU C 274 -29.96 21.25 55.46
N ILE C 275 -28.82 21.14 54.79
CA ILE C 275 -28.59 21.89 53.57
C ILE C 275 -29.52 21.40 52.46
N GLN C 276 -29.66 20.09 52.31
CA GLN C 276 -30.52 19.54 51.27
C GLN C 276 -31.99 19.89 51.51
N GLU C 277 -32.38 20.08 52.78
CA GLU C 277 -33.76 20.43 53.08
C GLU C 277 -34.13 21.77 52.47
N ASN C 278 -33.23 22.74 52.54
CA ASN C 278 -33.48 24.04 51.93
C ASN C 278 -33.52 23.90 50.41
N GLU C 279 -34.45 24.63 49.78
CA GLU C 279 -34.62 24.54 48.33
C GLU C 279 -33.88 25.65 47.60
N VAL C 280 -33.69 26.80 48.22
CA VAL C 280 -32.96 27.90 47.57
C VAL C 280 -31.47 27.79 47.84
N LEU C 281 -31.08 27.47 49.07
CA LEU C 281 -29.67 27.34 49.39
C LEU C 281 -29.02 26.20 48.61
N PHE C 282 -29.72 25.07 48.47
CA PHE C 282 -29.14 23.92 47.80
C PHE C 282 -28.84 24.23 46.33
N THR C 283 -29.77 24.90 45.65
CA THR C 283 -29.52 25.28 44.26
C THR C 283 -28.55 26.46 44.17
N MET C 284 -28.40 27.23 45.25
CA MET C 284 -27.39 28.29 45.29
C MET C 284 -26.01 27.73 45.58
N CYS C 285 -25.92 26.46 45.99
CA CYS C 285 -24.64 25.82 46.23
C CYS C 285 -24.04 25.23 44.97
N PHE C 286 -24.49 25.64 43.79
CA PHE C 286 -23.77 25.24 42.58
C PHE C 286 -22.46 26.02 42.46
N ILE C 287 -22.41 27.23 43.00
CA ILE C 287 -21.18 28.01 43.07
C ILE C 287 -20.33 27.44 44.21
N PRO C 288 -19.09 27.03 43.95
CA PRO C 288 -18.27 26.48 45.04
C PRO C 288 -18.00 27.45 46.16
N LEU C 289 -17.95 28.76 45.86
CA LEU C 289 -17.69 29.75 46.89
C LEU C 289 -18.78 29.74 47.95
N VAL C 290 -20.04 29.61 47.53
CA VAL C 290 -21.14 29.55 48.49
C VAL C 290 -21.02 28.31 49.37
N CYS C 291 -20.58 27.19 48.78
CA CYS C 291 -20.36 25.98 49.55
C CYS C 291 -19.30 26.20 50.62
N TRP C 292 -18.23 26.91 50.28
CA TRP C 292 -17.21 27.23 51.26
C TRP C 292 -17.76 28.11 52.37
N ILE C 293 -18.60 29.09 52.03
CA ILE C 293 -19.09 30.03 53.01
C ILE C 293 -20.09 29.34 53.95
N VAL C 294 -20.99 28.53 53.40
CA VAL C 294 -21.97 27.84 54.24
C VAL C 294 -21.28 26.81 55.13
N CYS C 295 -20.22 26.16 54.63
CA CYS C 295 -19.50 25.19 55.44
C CYS C 295 -18.74 25.87 56.56
N THR C 296 -18.04 26.96 56.26
CA THR C 296 -17.30 27.68 57.28
C THR C 296 -18.25 28.24 58.35
N GLY C 297 -19.35 28.84 57.92
CA GLY C 297 -20.29 29.39 58.88
C GLY C 297 -20.92 28.34 59.77
N LEU C 298 -21.26 27.18 59.18
CA LEU C 298 -21.77 26.08 59.98
C LEU C 298 -20.71 25.56 60.94
N LYS C 299 -19.47 25.45 60.47
CA LYS C 299 -18.40 24.97 61.33
C LYS C 299 -17.96 26.02 62.34
N GLN C 300 -18.01 27.30 61.95
CA GLN C 300 -17.72 28.36 62.91
C GLN C 300 -18.76 28.37 64.03
N GLN C 301 -20.03 28.15 63.69
CA GLN C 301 -21.09 28.04 64.68
C GLN C 301 -21.27 26.62 65.19
N MET C 302 -20.48 25.66 64.69
CA MET C 302 -20.53 24.31 65.24
C MET C 302 -20.07 24.29 66.68
N GLU C 303 -19.04 25.07 67.01
CA GLU C 303 -18.66 25.26 68.41
C GLU C 303 -19.74 25.98 69.21
N SER C 304 -20.65 26.68 68.52
CA SER C 304 -21.77 27.36 69.16
C SER C 304 -23.06 26.55 69.10
N GLY C 305 -23.33 25.89 67.97
CA GLY C 305 -24.51 25.05 67.85
C GLY C 305 -25.65 25.68 67.09
N LYS C 306 -25.35 26.32 65.96
CA LYS C 306 -26.34 26.99 65.12
C LYS C 306 -26.33 26.39 63.72
N SER C 307 -27.30 26.81 62.91
CA SER C 307 -27.39 26.38 61.52
C SER C 307 -27.32 27.58 60.58
N LEU C 308 -27.49 27.35 59.28
CA LEU C 308 -27.38 28.43 58.32
C LEU C 308 -28.55 28.45 57.34
N ALA C 309 -29.18 27.30 57.13
CA ALA C 309 -30.18 27.15 56.07
C ALA C 309 -31.57 27.57 56.54
N GLN C 310 -31.66 28.77 57.07
CA GLN C 310 -32.95 29.41 57.33
C GLN C 310 -33.06 30.79 56.70
N THR C 311 -32.00 31.60 56.76
CA THR C 311 -31.97 32.89 56.06
C THR C 311 -31.18 32.74 54.76
N SER C 312 -31.72 31.92 53.87
CA SER C 312 -31.09 31.61 52.59
C SER C 312 -31.95 32.11 51.43
N LYS C 313 -32.58 33.27 51.61
CA LYS C 313 -33.47 33.80 50.58
C LYS C 313 -32.69 34.20 49.33
N THR C 314 -31.63 34.99 49.49
CA THR C 314 -30.90 35.54 48.37
C THR C 314 -29.40 35.50 48.68
N THR C 315 -28.60 36.06 47.77
CA THR C 315 -27.16 36.11 47.97
C THR C 315 -26.78 37.03 49.12
N THR C 316 -27.51 38.13 49.29
CA THR C 316 -27.23 39.03 50.40
C THR C 316 -27.46 38.34 51.74
N ALA C 317 -28.54 37.56 51.85
CA ALA C 317 -28.89 36.94 53.12
C ALA C 317 -27.80 35.97 53.60
N VAL C 318 -27.28 35.14 52.70
CA VAL C 318 -26.29 34.16 53.11
C VAL C 318 -24.98 34.82 53.51
N TYR C 319 -24.60 35.89 52.80
CA TYR C 319 -23.38 36.61 53.17
C TYR C 319 -23.57 37.45 54.42
N VAL C 320 -24.72 38.10 54.56
CA VAL C 320 -25.01 38.86 55.78
C VAL C 320 -25.07 37.92 56.98
N PHE C 321 -25.74 36.78 56.82
CA PHE C 321 -25.77 35.80 57.91
C PHE C 321 -24.39 35.21 58.16
N PHE C 322 -23.56 35.06 57.11
CA PHE C 322 -22.18 34.68 57.34
C PHE C 322 -21.47 35.75 58.15
N LEU C 323 -21.62 37.02 57.75
CA LEU C 323 -21.06 38.11 58.52
C LEU C 323 -21.60 38.13 59.94
N SER C 324 -22.86 37.72 60.12
CA SER C 324 -23.39 37.51 61.46
C SER C 324 -22.54 36.48 62.20
N SER C 325 -22.42 35.27 61.64
CA SER C 325 -21.53 34.27 62.23
C SER C 325 -20.07 34.68 62.15
N LEU C 326 -19.73 35.61 61.28
CA LEU C 326 -18.37 36.14 61.21
C LEU C 326 -18.12 37.16 62.31
N LEU C 327 -19.18 37.73 62.88
CA LEU C 327 -19.05 38.73 63.92
C LEU C 327 -19.78 38.38 65.21
N GLN C 328 -20.67 37.38 65.20
CA GLN C 328 -21.32 36.98 66.44
C GLN C 328 -20.32 36.53 67.51
N PRO C 329 -19.33 35.68 67.21
CA PRO C 329 -18.26 35.46 68.20
C PRO C 329 -17.43 36.71 68.47
N ARG C 330 -17.31 37.61 67.50
CA ARG C 330 -16.43 38.76 67.63
C ARG C 330 -17.17 40.00 68.16
N GLY C 331 -18.20 40.44 67.46
CA GLY C 331 -18.94 41.63 67.85
C GLY C 331 -20.02 42.01 66.85
N GLY C 337 -17.43 51.01 66.73
CA GLY C 337 -16.24 50.19 66.76
C GLY C 337 -16.06 49.37 65.51
N LEU C 338 -16.77 48.23 65.44
CA LEU C 338 -16.70 47.38 64.26
C LEU C 338 -17.23 48.09 63.03
N CYS C 339 -18.33 48.85 63.18
CA CYS C 339 -18.86 49.60 62.06
C CYS C 339 -17.84 50.64 61.57
N ALA C 340 -17.17 51.32 62.50
CA ALA C 340 -16.07 52.20 62.11
C ALA C 340 -14.96 51.42 61.44
N HIS C 341 -14.64 50.24 61.97
CA HIS C 341 -13.71 49.35 61.29
C HIS C 341 -14.27 48.92 59.94
N LEU C 342 -15.56 48.61 59.89
CA LEU C 342 -16.22 48.41 58.60
C LEU C 342 -16.15 49.68 57.76
N TRP C 343 -16.40 50.84 58.38
CA TRP C 343 -16.23 52.10 57.68
C TRP C 343 -14.78 52.28 57.24
N GLY C 344 -13.83 51.87 58.09
CA GLY C 344 -12.43 51.94 57.72
C GLY C 344 -12.11 51.07 56.51
N LEU C 345 -12.81 49.97 56.33
CA LEU C 345 -12.56 49.08 55.20
C LEU C 345 -13.54 49.28 54.05
N CYS C 346 -14.80 49.62 54.35
CA CYS C 346 -15.76 49.85 53.27
C CYS C 346 -15.36 51.06 52.44
N SER C 347 -14.99 52.16 53.09
CA SER C 347 -14.42 53.29 52.36
C SER C 347 -13.12 52.90 51.69
N LEU C 348 -12.32 52.07 52.35
CA LEU C 348 -11.15 51.48 51.71
C LEU C 348 -11.55 50.56 50.56
N ALA C 349 -12.66 49.83 50.72
CA ALA C 349 -13.22 49.07 49.62
C ALA C 349 -13.92 49.97 48.61
N ALA C 350 -14.33 51.17 49.02
CA ALA C 350 -14.96 52.10 48.08
C ALA C 350 -13.93 52.65 47.09
N ASP C 351 -12.93 53.38 47.57
CA ASP C 351 -11.89 53.86 46.68
C ASP C 351 -11.07 52.72 46.10
N GLY C 352 -11.16 51.52 46.69
CA GLY C 352 -10.54 50.35 46.09
C GLY C 352 -11.28 49.83 44.88
N ILE C 353 -12.52 50.28 44.67
CA ILE C 353 -13.22 50.00 43.43
C ILE C 353 -13.43 51.32 42.70
N TRP C 354 -13.50 52.41 43.46
CA TRP C 354 -13.63 53.73 42.83
C TRP C 354 -12.36 54.06 42.04
N ASN C 355 -11.21 54.01 42.71
CA ASN C 355 -9.91 54.19 42.08
C ASN C 355 -9.23 52.86 41.78
N GLN C 356 -9.92 51.73 41.97
CA GLN C 356 -9.43 50.40 41.62
C GLN C 356 -8.14 50.06 42.37
N LYS C 357 -8.26 49.94 43.69
CA LYS C 357 -7.16 49.51 44.56
C LYS C 357 -7.59 48.27 45.33
N ILE C 358 -7.37 47.09 44.74
CA ILE C 358 -7.69 45.85 45.45
C ILE C 358 -6.76 45.65 46.64
N LEU C 359 -5.46 45.82 46.43
CA LEU C 359 -4.49 45.59 47.49
C LEU C 359 -4.47 46.74 48.48
N PHE C 360 -4.21 46.41 49.74
CA PHE C 360 -4.28 47.37 50.85
C PHE C 360 -2.89 47.55 51.44
N GLU C 361 -2.50 48.81 51.62
CA GLU C 361 -1.19 49.14 52.18
C GLU C 361 -1.29 49.33 53.69
N GLU C 362 -0.13 49.25 54.35
CA GLU C 362 -0.09 49.49 55.79
C GLU C 362 -0.50 50.93 56.11
N SER C 363 -0.02 51.89 55.32
CA SER C 363 -0.43 53.28 55.51
C SER C 363 -1.93 53.43 55.26
N ASP C 364 -2.45 52.80 54.21
CA ASP C 364 -3.88 52.84 53.95
C ASP C 364 -4.66 52.17 55.07
N LEU C 365 -4.09 51.11 55.66
CA LEU C 365 -4.73 50.48 56.81
C LEU C 365 -4.85 51.44 57.98
N ARG C 366 -3.80 52.23 58.23
CA ARG C 366 -3.84 53.24 59.28
C ARG C 366 -4.49 54.54 58.82
N ASN C 367 -4.63 54.73 57.51
CA ASN C 367 -5.24 55.96 57.02
C ASN C 367 -6.71 56.05 57.41
N HIS C 368 -7.47 54.98 57.17
CA HIS C 368 -8.87 54.96 57.58
C HIS C 368 -9.01 54.72 59.07
N GLY C 369 -8.05 54.04 59.69
CA GLY C 369 -8.06 53.80 61.12
C GLY C 369 -8.49 52.40 61.50
N LEU C 370 -7.52 51.53 61.75
CA LEU C 370 -7.74 50.16 62.18
C LEU C 370 -6.81 49.86 63.35
N GLN C 371 -6.95 48.65 63.90
CA GLN C 371 -6.05 48.16 64.93
C GLN C 371 -5.38 46.89 64.43
N LYS C 372 -4.07 46.79 64.65
CA LYS C 372 -3.32 45.62 64.18
C LYS C 372 -3.84 44.35 64.83
N ALA C 373 -4.12 44.40 66.14
CA ALA C 373 -4.72 43.25 66.80
C ALA C 373 -6.11 42.96 66.23
N ASP C 374 -6.90 43.99 65.99
CA ASP C 374 -8.22 43.80 65.38
C ASP C 374 -8.09 43.32 63.94
N VAL C 375 -7.10 43.85 63.21
CA VAL C 375 -6.81 43.31 61.88
C VAL C 375 -6.40 41.85 61.98
N SER C 376 -5.53 41.53 62.93
CA SER C 376 -5.19 40.13 63.18
C SER C 376 -6.41 39.33 63.63
N ALA C 377 -7.24 39.94 64.48
CA ALA C 377 -8.52 39.32 64.82
C ALA C 377 -9.39 39.17 63.58
N PHE C 378 -9.32 40.12 62.65
CA PHE C 378 -9.98 39.96 61.36
C PHE C 378 -9.28 38.90 60.52
N LEU C 379 -7.95 38.80 60.64
CA LEU C 379 -7.20 37.79 59.90
C LEU C 379 -7.51 36.38 60.37
N ARG C 380 -7.60 36.18 61.69
CA ARG C 380 -7.50 34.83 62.24
C ARG C 380 -8.70 33.96 61.90
N MET C 381 -9.87 34.56 61.69
CA MET C 381 -11.06 33.78 61.36
C MET C 381 -11.73 34.31 60.09
N ASN C 382 -10.92 34.82 59.16
CA ASN C 382 -11.27 34.99 57.75
C ASN C 382 -12.40 36.02 57.54
N LEU C 383 -12.09 37.27 57.89
CA LEU C 383 -12.81 38.37 57.25
C LEU C 383 -12.26 38.64 55.86
N PHE C 384 -10.98 38.99 55.78
CA PHE C 384 -10.28 39.07 54.50
C PHE C 384 -9.04 38.20 54.48
N GLN C 385 -8.28 38.16 55.57
CA GLN C 385 -7.25 37.15 55.84
C GLN C 385 -6.29 36.94 54.66
N LYS C 386 -6.24 37.93 53.78
CA LYS C 386 -5.43 37.82 52.56
C LYS C 386 -4.19 38.71 52.74
N GLU C 387 -3.09 38.08 53.17
CA GLU C 387 -1.78 38.71 53.21
C GLU C 387 -0.88 37.98 52.22
N VAL C 388 -0.32 38.71 51.27
CA VAL C 388 0.51 38.09 50.25
C VAL C 388 1.80 37.58 50.87
N ASP C 389 2.17 36.34 50.54
CA ASP C 389 3.41 35.78 51.05
C ASP C 389 4.62 36.38 50.35
N CYS C 390 4.46 36.84 49.10
CA CYS C 390 5.57 37.44 48.37
C CYS C 390 6.04 38.73 49.04
N GLU C 391 5.11 39.57 49.47
CA GLU C 391 5.44 40.81 50.14
C GLU C 391 4.31 41.18 51.10
N LYS C 392 4.63 41.98 52.11
CA LYS C 392 3.67 42.29 53.16
C LYS C 392 2.62 43.27 52.67
N PHE C 393 1.58 42.76 52.00
CA PHE C 393 0.45 43.58 51.58
C PHE C 393 -0.84 43.00 52.17
N TYR C 394 -1.98 43.55 51.78
CA TYR C 394 -3.26 43.09 52.29
C TYR C 394 -4.28 43.09 51.16
N SER C 395 -5.30 42.25 51.30
CA SER C 395 -6.35 42.13 50.29
C SER C 395 -7.57 41.51 50.95
N PHE C 396 -8.70 41.57 50.24
CA PHE C 396 -9.92 40.91 50.69
C PHE C 396 -9.91 39.43 50.32
N ILE C 397 -10.68 38.65 51.07
CA ILE C 397 -10.69 37.20 50.85
C ILE C 397 -11.28 36.84 49.50
N HIS C 398 -12.35 37.52 49.08
CA HIS C 398 -12.97 37.25 47.80
C HIS C 398 -13.57 38.53 47.23
N MET C 399 -13.88 38.47 45.93
CA MET C 399 -14.25 39.67 45.20
C MET C 399 -15.60 40.18 45.68
N THR C 400 -16.53 39.27 45.93
CA THR C 400 -17.86 39.64 46.38
C THR C 400 -17.85 40.25 47.77
N PHE C 401 -16.86 39.88 48.59
CA PHE C 401 -16.76 40.44 49.93
C PHE C 401 -16.39 41.91 49.88
N GLN C 402 -15.43 42.27 49.01
CA GLN C 402 -15.09 43.68 48.84
C GLN C 402 -16.27 44.47 48.29
N GLU C 403 -16.98 43.89 47.31
CA GLU C 403 -18.14 44.57 46.75
C GLU C 403 -19.33 44.52 47.71
N PHE C 404 -19.39 43.52 48.58
CA PHE C 404 -20.40 43.52 49.64
C PHE C 404 -20.20 44.70 50.58
N PHE C 405 -18.95 44.94 50.98
CA PHE C 405 -18.65 46.09 51.83
C PHE C 405 -18.69 47.40 51.05
N ALA C 406 -18.52 47.33 49.73
CA ALA C 406 -18.71 48.53 48.91
C ALA C 406 -20.15 49.03 49.00
N ALA C 407 -21.11 48.11 48.97
CA ALA C 407 -22.50 48.48 49.18
C ALA C 407 -22.79 48.82 50.63
N MET C 408 -21.97 48.31 51.56
CA MET C 408 -22.15 48.65 52.97
C MET C 408 -21.94 50.13 53.21
N TYR C 409 -20.97 50.73 52.50
CA TYR C 409 -20.73 52.16 52.62
C TYR C 409 -21.94 52.97 52.15
N TYR C 410 -22.57 52.54 51.06
CA TYR C 410 -23.74 53.21 50.52
C TYR C 410 -24.97 53.09 51.40
N LEU C 411 -24.87 52.43 52.55
CA LEU C 411 -26.00 52.28 53.46
C LEU C 411 -25.64 52.64 54.89
N LEU C 412 -24.35 52.83 55.20
CA LEU C 412 -23.97 53.26 56.55
C LEU C 412 -24.55 54.62 56.89
N GLU C 413 -24.17 55.64 56.12
CA GLU C 413 -24.69 56.99 56.31
C GLU C 413 -24.87 57.69 54.98
N ARG C 426 -15.68 57.82 51.94
CA ARG C 426 -15.11 59.11 52.29
C ARG C 426 -14.78 59.92 51.05
N LEU C 427 -15.14 59.40 49.88
CA LEU C 427 -14.87 60.06 48.62
C LEU C 427 -16.11 60.30 47.77
N LYS C 428 -17.16 59.48 47.92
CA LYS C 428 -18.40 59.66 47.18
C LYS C 428 -19.56 59.45 48.14
N LEU C 429 -20.31 60.51 48.43
CA LEU C 429 -21.42 60.40 49.36
C LEU C 429 -22.49 59.46 48.78
N PRO C 430 -23.17 58.68 49.62
CA PRO C 430 -24.13 57.70 49.08
C PRO C 430 -25.32 58.33 48.34
N SER C 431 -26.00 59.28 48.96
CA SER C 431 -27.27 59.77 48.41
C SER C 431 -27.04 60.50 47.09
N ARG C 432 -26.09 61.43 47.05
CA ARG C 432 -25.88 62.23 45.85
C ARG C 432 -25.17 61.44 44.75
N ASP C 433 -24.18 60.63 45.10
CA ASP C 433 -23.32 59.98 44.12
C ASP C 433 -23.79 58.57 43.76
N VAL C 434 -24.93 58.12 44.27
CA VAL C 434 -25.48 56.88 43.75
C VAL C 434 -25.95 57.08 42.30
N THR C 435 -26.53 58.25 42.01
CA THR C 435 -27.03 58.52 40.66
C THR C 435 -25.91 58.51 39.64
N VAL C 436 -24.77 59.14 39.96
CA VAL C 436 -23.63 59.06 39.06
C VAL C 436 -23.09 57.64 39.01
N LEU C 437 -23.13 56.92 40.13
CA LEU C 437 -22.76 55.51 40.12
C LEU C 437 -23.70 54.70 39.25
N LEU C 438 -25.00 55.00 39.30
CA LEU C 438 -25.97 54.27 38.49
C LEU C 438 -25.71 54.45 37.00
N GLU C 439 -25.16 55.60 36.59
CA GLU C 439 -24.72 55.76 35.22
C GLU C 439 -23.25 55.39 35.04
N ASN C 440 -22.50 55.26 36.13
CA ASN C 440 -21.17 54.68 36.11
C ASN C 440 -21.21 53.17 36.33
N TYR C 441 -22.42 52.60 36.39
CA TYR C 441 -22.58 51.17 36.63
C TYR C 441 -21.91 50.34 35.55
N GLY C 442 -22.08 50.73 34.28
CA GLY C 442 -21.55 49.93 33.20
C GLY C 442 -20.15 50.27 32.76
N LYS C 443 -19.64 51.43 33.13
CA LYS C 443 -18.32 51.85 32.67
C LYS C 443 -17.22 50.98 33.28
N PHE C 444 -16.37 50.44 32.41
CA PHE C 444 -15.24 49.63 32.84
C PHE C 444 -14.16 50.43 33.55
N GLU C 445 -14.20 51.77 33.43
CA GLU C 445 -13.19 52.61 34.07
C GLU C 445 -13.11 52.34 35.56
N LYS C 446 -14.26 52.15 36.21
CA LYS C 446 -14.33 51.80 37.62
C LYS C 446 -14.57 50.30 37.82
N GLY C 447 -14.04 49.48 36.92
CA GLY C 447 -14.32 48.06 36.97
C GLY C 447 -15.77 47.80 36.58
N TYR C 448 -16.33 46.74 37.15
CA TYR C 448 -17.74 46.41 36.96
C TYR C 448 -18.41 46.30 38.32
N LEU C 449 -19.51 47.01 38.49
CA LEU C 449 -20.23 47.09 39.77
C LEU C 449 -21.49 46.24 39.77
N ILE C 450 -21.44 45.08 39.12
CA ILE C 450 -22.64 44.24 39.02
C ILE C 450 -23.09 43.78 40.41
N PHE C 451 -22.16 43.34 41.24
CA PHE C 451 -22.50 42.93 42.60
C PHE C 451 -22.67 44.11 43.54
N VAL C 452 -22.14 45.29 43.19
CA VAL C 452 -22.22 46.45 44.09
C VAL C 452 -23.68 46.84 44.32
N VAL C 453 -24.43 47.01 43.23
CA VAL C 453 -25.84 47.33 43.36
C VAL C 453 -26.63 46.15 43.92
N ARG C 454 -26.27 44.92 43.52
CA ARG C 454 -27.02 43.74 43.94
C ARG C 454 -27.07 43.64 45.45
N PHE C 455 -25.91 43.73 46.10
CA PHE C 455 -25.90 43.77 47.56
C PHE C 455 -26.59 45.01 48.09
N LEU C 456 -26.38 46.16 47.43
CA LEU C 456 -27.10 47.37 47.81
C LEU C 456 -28.60 47.18 47.68
N PHE C 457 -29.05 46.56 46.59
CA PHE C 457 -30.45 46.23 46.44
C PHE C 457 -30.92 45.28 47.54
N GLY C 458 -30.11 44.26 47.84
CA GLY C 458 -30.49 43.30 48.85
C GLY C 458 -30.48 43.86 50.27
N LEU C 459 -29.48 44.69 50.57
CA LEU C 459 -29.26 45.10 51.96
C LEU C 459 -30.38 46.00 52.47
N VAL C 460 -30.99 46.79 51.59
CA VAL C 460 -32.04 47.72 52.00
C VAL C 460 -33.29 47.00 52.49
N ASN C 461 -33.39 45.69 52.23
CA ASN C 461 -34.54 44.89 52.64
C ASN C 461 -34.45 44.45 54.11
N GLN C 462 -33.61 45.11 54.91
CA GLN C 462 -33.46 44.86 56.35
C GLN C 462 -33.41 43.37 56.68
N GLU C 463 -32.35 42.69 56.21
CA GLU C 463 -32.17 41.26 56.45
C GLU C 463 -32.35 40.92 57.92
N ARG C 464 -32.91 39.74 58.20
CA ARG C 464 -33.39 39.39 59.53
C ARG C 464 -32.27 39.20 60.55
N THR C 465 -31.02 39.48 60.19
CA THR C 465 -29.91 39.38 61.13
C THR C 465 -30.09 40.40 62.25
N SER C 466 -29.68 40.01 63.47
CA SER C 466 -29.92 40.84 64.65
C SER C 466 -29.26 42.21 64.52
N TYR C 467 -27.93 42.24 64.41
CA TYR C 467 -27.20 43.50 64.41
C TYR C 467 -26.84 43.97 63.01
N LEU C 468 -27.63 43.60 62.00
CA LEU C 468 -27.49 44.19 60.67
C LEU C 468 -28.68 45.05 60.27
N GLU C 469 -29.60 45.31 61.20
CA GLU C 469 -30.75 46.17 60.90
C GLU C 469 -30.64 47.51 61.62
N LYS C 470 -30.32 47.47 62.91
CA LYS C 470 -30.50 48.62 63.80
C LYS C 470 -29.25 49.47 63.99
N LYS C 471 -28.14 49.20 63.29
CA LYS C 471 -27.02 50.14 63.29
C LYS C 471 -27.01 51.03 62.07
N LEU C 472 -27.80 50.71 61.05
CA LEU C 472 -27.88 51.54 59.86
C LEU C 472 -29.10 52.45 59.92
N SER C 473 -29.12 53.43 59.02
CA SER C 473 -30.10 54.51 59.05
C SER C 473 -31.16 54.29 57.99
N CYS C 474 -32.43 54.35 58.42
CA CYS C 474 -33.55 54.18 57.50
C CYS C 474 -33.79 55.41 56.63
N LYS C 475 -33.30 56.58 57.04
CA LYS C 475 -33.53 57.79 56.26
C LYS C 475 -32.90 57.69 54.88
N ILE C 476 -31.64 57.25 54.81
CA ILE C 476 -30.98 57.04 53.53
C ILE C 476 -31.57 55.84 52.79
N SER C 477 -31.87 54.76 53.52
CA SER C 477 -32.39 53.55 52.87
C SER C 477 -33.72 53.84 52.18
N GLN C 478 -34.61 54.59 52.83
CA GLN C 478 -35.85 54.99 52.19
C GLN C 478 -35.60 55.84 50.97
N GLN C 479 -34.64 56.77 51.06
CA GLN C 479 -34.25 57.55 49.89
C GLN C 479 -33.62 56.66 48.83
N ILE C 480 -32.84 55.66 49.25
CA ILE C 480 -32.26 54.72 48.30
C ILE C 480 -33.35 53.93 47.58
N ARG C 481 -34.38 53.51 48.32
CA ARG C 481 -35.45 52.72 47.71
C ARG C 481 -36.10 53.48 46.55
N LEU C 482 -36.41 54.75 46.77
CA LEU C 482 -36.98 55.56 45.69
C LEU C 482 -36.00 55.74 44.54
N GLU C 483 -34.72 55.95 44.87
CA GLU C 483 -33.71 56.10 43.81
C GLU C 483 -33.55 54.81 43.02
N LEU C 484 -33.49 53.66 43.70
CA LEU C 484 -33.42 52.39 42.99
C LEU C 484 -34.66 52.16 42.15
N LEU C 485 -35.83 52.46 42.71
CA LEU C 485 -37.08 52.34 41.94
C LEU C 485 -37.06 53.25 40.73
N LYS C 486 -36.56 54.47 40.89
CA LYS C 486 -36.42 55.37 39.75
C LYS C 486 -35.41 54.83 38.75
N TRP C 487 -34.32 54.23 39.24
CA TRP C 487 -33.28 53.73 38.35
C TRP C 487 -33.79 52.57 37.49
N ILE C 488 -34.59 51.69 38.08
CA ILE C 488 -35.13 50.56 37.31
C ILE C 488 -35.93 51.06 36.12
N GLU C 489 -36.77 52.07 36.34
CA GLU C 489 -37.52 52.66 35.24
C GLU C 489 -36.58 53.30 34.22
N VAL C 490 -35.51 53.94 34.69
CA VAL C 490 -34.56 54.58 33.78
C VAL C 490 -33.93 53.54 32.87
N LYS C 491 -33.49 52.42 33.43
CA LYS C 491 -32.91 51.35 32.62
C LYS C 491 -33.96 50.68 31.76
N ALA C 492 -35.18 50.50 32.29
CA ALA C 492 -36.24 49.87 31.52
C ALA C 492 -36.64 50.71 30.31
N LYS C 493 -36.72 52.03 30.49
CA LYS C 493 -37.09 52.91 29.39
C LYS C 493 -35.93 53.23 28.47
N ALA C 494 -34.72 52.77 28.78
CA ALA C 494 -33.56 53.01 27.93
C ALA C 494 -33.75 52.29 26.61
N LYS C 495 -34.02 53.05 25.54
CA LYS C 495 -34.24 52.44 24.23
C LYS C 495 -32.97 51.80 23.70
N LYS C 496 -31.82 52.44 23.93
CA LYS C 496 -30.56 51.91 23.42
C LYS C 496 -30.24 50.56 24.06
N LEU C 497 -29.59 49.70 23.29
CA LEU C 497 -29.27 48.34 23.73
C LEU C 497 -28.01 48.34 24.58
N GLN C 498 -28.14 48.89 25.79
CA GLN C 498 -27.07 48.85 26.77
C GLN C 498 -26.87 47.40 27.20
N ILE C 499 -25.69 46.85 26.89
CA ILE C 499 -25.47 45.42 27.07
C ILE C 499 -25.38 45.06 28.56
N GLN C 500 -24.72 45.90 29.35
CA GLN C 500 -24.44 45.52 30.74
C GLN C 500 -25.67 45.51 31.65
N PRO C 501 -26.62 46.48 31.58
CA PRO C 501 -27.80 46.39 32.45
C PRO C 501 -28.94 45.63 31.79
N SER C 502 -28.68 44.36 31.48
CA SER C 502 -29.65 43.55 30.77
C SER C 502 -30.88 43.28 31.63
N GLN C 503 -31.96 42.87 30.97
CA GLN C 503 -33.21 42.59 31.68
C GLN C 503 -33.03 41.47 32.69
N LEU C 504 -32.25 40.45 32.35
CA LEU C 504 -31.95 39.38 33.29
C LEU C 504 -31.19 39.90 34.50
N GLU C 505 -30.24 40.81 34.28
CA GLU C 505 -29.46 41.36 35.39
C GLU C 505 -30.35 42.14 36.34
N LEU C 506 -31.30 42.92 35.80
CA LEU C 506 -32.23 43.64 36.66
C LEU C 506 -33.07 42.66 37.48
N PHE C 507 -33.53 41.57 36.87
CA PHE C 507 -34.29 40.58 37.60
C PHE C 507 -33.48 39.93 38.71
N TYR C 508 -32.15 39.81 38.52
CA TYR C 508 -31.30 39.35 39.60
C TYR C 508 -31.38 40.29 40.80
N CYS C 509 -31.33 41.60 40.55
CA CYS C 509 -31.53 42.56 41.62
C CYS C 509 -32.96 42.52 42.14
N LEU C 510 -33.93 42.38 41.23
CA LEU C 510 -35.32 42.34 41.65
C LEU C 510 -35.62 41.12 42.50
N TYR C 511 -35.05 39.96 42.13
CA TYR C 511 -35.21 38.77 42.96
C TYR C 511 -34.59 38.96 44.33
N GLU C 512 -33.51 39.73 44.42
CA GLU C 512 -32.86 40.00 45.69
C GLU C 512 -33.68 40.93 46.58
N MET C 513 -34.73 41.55 46.04
CA MET C 513 -35.60 42.40 46.85
C MET C 513 -36.31 41.61 47.92
N GLN C 514 -36.97 40.51 47.53
CA GLN C 514 -37.84 39.73 48.41
C GLN C 514 -38.96 40.57 49.02
N GLU C 515 -39.25 41.73 48.42
CA GLU C 515 -40.32 42.59 48.87
C GLU C 515 -41.47 42.49 47.87
N GLU C 516 -42.66 42.09 48.34
CA GLU C 516 -43.76 41.79 47.44
C GLU C 516 -44.25 43.04 46.72
N ASP C 517 -44.50 44.12 47.48
CA ASP C 517 -45.13 45.29 46.87
C ASP C 517 -44.13 46.08 46.03
N PHE C 518 -42.86 46.10 46.44
CA PHE C 518 -41.87 46.90 45.72
C PHE C 518 -41.63 46.34 44.32
N VAL C 519 -41.45 45.03 44.21
CA VAL C 519 -41.25 44.42 42.89
C VAL C 519 -42.51 44.55 42.03
N GLN C 520 -43.68 44.65 42.65
CA GLN C 520 -44.91 44.84 41.89
C GLN C 520 -44.88 46.15 41.13
N ARG C 521 -44.58 47.25 41.83
CA ARG C 521 -44.53 48.55 41.17
C ARG C 521 -43.28 48.73 40.34
N ALA C 522 -42.14 48.17 40.77
CA ALA C 522 -40.90 48.32 40.04
C ALA C 522 -40.97 47.66 38.67
N MET C 523 -41.55 46.45 38.59
CA MET C 523 -41.58 45.71 37.35
C MET C 523 -42.76 46.11 36.47
N ASP C 524 -43.69 46.91 36.98
CA ASP C 524 -44.78 47.42 36.16
C ASP C 524 -44.30 48.27 34.99
N TYR C 525 -43.00 48.58 34.92
CA TYR C 525 -42.41 49.27 33.80
C TYR C 525 -41.81 48.32 32.77
N PHE C 526 -42.38 47.11 32.63
CA PHE C 526 -41.88 46.08 31.73
C PHE C 526 -42.99 45.70 30.76
N PRO C 527 -43.11 46.40 29.63
CA PRO C 527 -44.12 46.00 28.64
C PRO C 527 -43.76 44.74 27.89
N LYS C 528 -42.50 44.59 27.49
CA LYS C 528 -42.03 43.43 26.75
C LYS C 528 -40.90 42.78 27.53
N ILE C 529 -40.95 41.46 27.66
CA ILE C 529 -39.98 40.71 28.44
C ILE C 529 -39.24 39.76 27.50
N GLU C 530 -37.92 39.87 27.47
CA GLU C 530 -37.08 38.99 26.66
C GLU C 530 -36.00 38.42 27.57
N ILE C 531 -36.04 37.10 27.77
CA ILE C 531 -35.20 36.43 28.75
C ILE C 531 -34.40 35.33 28.08
N ASN C 532 -33.11 35.26 28.40
CA ASN C 532 -32.25 34.14 28.01
C ASN C 532 -31.74 33.49 29.28
N LEU C 533 -31.85 32.16 29.36
CA LEU C 533 -31.53 31.41 30.57
C LEU C 533 -30.39 30.44 30.29
N SER C 534 -29.56 30.22 31.30
CA SER C 534 -28.43 29.31 31.17
C SER C 534 -28.35 28.26 32.28
N THR C 535 -28.68 28.63 33.51
CA THR C 535 -28.48 27.75 34.66
C THR C 535 -29.79 27.52 35.39
N ARG C 536 -29.75 26.58 36.33
CA ARG C 536 -30.91 26.29 37.16
C ARG C 536 -31.30 27.50 38.00
N MET C 537 -30.30 28.19 38.57
CA MET C 537 -30.59 29.38 39.35
C MET C 537 -31.22 30.46 38.49
N ASP C 538 -30.85 30.53 37.20
CA ASP C 538 -31.46 31.49 36.30
C ASP C 538 -32.96 31.23 36.15
N HIS C 539 -33.40 29.99 36.33
CA HIS C 539 -34.82 29.69 36.19
C HIS C 539 -35.61 30.21 37.38
N MET C 540 -35.06 30.09 38.59
CA MET C 540 -35.81 30.53 39.76
C MET C 540 -35.85 32.04 39.90
N VAL C 541 -34.78 32.74 39.51
CA VAL C 541 -34.78 34.20 39.55
C VAL C 541 -35.83 34.75 38.59
N SER C 542 -35.93 34.15 37.40
CA SER C 542 -36.96 34.56 36.46
C SER C 542 -38.36 34.14 36.94
N SER C 543 -38.46 32.98 37.57
CA SER C 543 -39.75 32.50 38.03
C SER C 543 -40.34 33.43 39.09
N PHE C 544 -39.50 33.94 39.99
CA PHE C 544 -39.98 34.83 41.04
C PHE C 544 -40.50 36.14 40.44
N CYS C 545 -39.99 36.52 39.27
CA CYS C 545 -40.45 37.76 38.64
C CYS C 545 -41.78 37.56 37.94
N ILE C 546 -41.85 36.60 37.01
CA ILE C 546 -43.06 36.41 36.22
C ILE C 546 -44.26 36.03 37.09
N GLU C 547 -44.03 35.52 38.29
CA GLU C 547 -45.14 35.04 39.12
C GLU C 547 -45.98 36.20 39.65
N ASN C 548 -45.47 37.42 39.59
CA ASN C 548 -46.21 38.59 40.05
C ASN C 548 -46.10 39.77 39.08
N CYS C 549 -45.76 39.52 37.83
CA CYS C 549 -45.78 40.56 36.79
C CYS C 549 -47.19 40.62 36.21
N HIS C 550 -47.96 41.63 36.62
CA HIS C 550 -49.34 41.76 36.20
C HIS C 550 -49.53 42.67 34.99
N ARG C 551 -48.45 43.15 34.39
CA ARG C 551 -48.54 44.03 33.23
C ARG C 551 -47.78 43.49 32.02
N VAL C 552 -47.36 42.22 32.05
CA VAL C 552 -46.62 41.66 30.94
C VAL C 552 -47.56 41.35 29.78
N GLU C 553 -47.16 41.75 28.57
CA GLU C 553 -47.93 41.48 27.37
C GLU C 553 -47.28 40.43 26.49
N SER C 554 -46.02 40.63 26.10
CA SER C 554 -45.27 39.69 25.28
C SER C 554 -44.10 39.14 26.09
N LEU C 555 -43.90 37.83 26.01
CA LEU C 555 -42.88 37.15 26.78
C LEU C 555 -42.14 36.17 25.90
N SER C 556 -40.87 35.91 26.25
CA SER C 556 -40.04 35.00 25.48
C SER C 556 -39.03 34.34 26.41
N LEU C 557 -38.47 33.23 25.94
CA LEU C 557 -37.46 32.50 26.68
C LEU C 557 -36.28 32.17 25.78
N GLY C 558 -35.10 32.09 26.39
CA GLY C 558 -33.91 31.67 25.68
C GLY C 558 -33.16 30.59 26.43
N PHE C 559 -33.03 29.42 25.83
CA PHE C 559 -32.35 28.28 26.42
C PHE C 559 -31.04 28.04 25.70
N LEU C 560 -29.97 27.83 26.47
CA LEU C 560 -28.67 27.50 25.89
C LEU C 560 -28.00 26.28 26.50
N HIS C 561 -28.46 25.80 27.65
CA HIS C 561 -27.88 24.63 28.29
C HIS C 561 -28.11 23.37 27.45
N HIS C 600 -31.66 21.51 31.73
CA HIS C 600 -32.81 21.85 32.57
C HIS C 600 -34.11 21.76 31.77
N LEU C 601 -34.02 21.23 30.56
CA LEU C 601 -35.21 21.03 29.74
C LEU C 601 -36.06 19.87 30.22
N THR C 602 -35.57 19.08 31.17
CA THR C 602 -36.35 17.98 31.73
C THR C 602 -37.58 18.53 32.47
N SER C 603 -38.65 17.73 32.48
CA SER C 603 -39.90 18.17 33.07
C SER C 603 -39.77 18.47 34.57
N SER C 604 -38.73 17.97 35.23
CA SER C 604 -38.52 18.28 36.63
C SER C 604 -38.03 19.71 36.85
N PHE C 605 -37.65 20.42 35.79
CA PHE C 605 -37.11 21.77 35.92
C PHE C 605 -37.96 22.82 35.23
N CYS C 606 -38.30 22.62 33.96
CA CYS C 606 -39.09 23.62 33.23
C CYS C 606 -40.53 23.70 33.74
N ARG C 607 -41.01 22.71 34.48
CA ARG C 607 -42.38 22.74 34.96
C ARG C 607 -42.61 23.91 35.90
N GLY C 608 -41.63 24.20 36.78
CA GLY C 608 -41.79 25.30 37.70
C GLY C 608 -41.96 26.64 37.01
N LEU C 609 -41.17 26.89 35.96
CA LEU C 609 -41.30 28.14 35.23
C LEU C 609 -42.56 28.14 34.36
N PHE C 610 -42.86 27.01 33.70
CA PHE C 610 -44.03 26.95 32.85
C PHE C 610 -45.32 27.07 33.65
N SER C 611 -45.33 26.59 34.89
CA SER C 611 -46.51 26.74 35.73
C SER C 611 -46.81 28.21 36.01
N VAL C 612 -45.78 29.06 35.95
CA VAL C 612 -45.99 30.49 36.15
C VAL C 612 -46.84 31.07 35.02
N LEU C 613 -46.56 30.66 33.77
CA LEU C 613 -47.25 31.25 32.63
C LEU C 613 -48.75 30.97 32.69
N SER C 614 -49.13 29.76 33.08
CA SER C 614 -50.55 29.40 33.10
C SER C 614 -51.33 30.23 34.10
N THR C 615 -50.67 30.71 35.15
CA THR C 615 -51.32 31.50 36.20
C THR C 615 -51.18 33.00 36.00
N SER C 616 -50.64 33.43 34.87
CA SER C 616 -50.44 34.85 34.58
C SER C 616 -51.60 35.35 33.71
N GLN C 617 -52.41 36.25 34.27
CA GLN C 617 -53.58 36.73 33.56
C GLN C 617 -53.21 37.66 32.41
N SER C 618 -52.29 38.60 32.64
CA SER C 618 -51.96 39.59 31.63
C SER C 618 -51.23 39.00 30.44
N LEU C 619 -50.67 37.80 30.58
CA LEU C 619 -49.88 37.21 29.50
C LEU C 619 -50.77 36.90 28.30
N THR C 620 -50.28 37.26 27.12
CA THR C 620 -51.02 37.04 25.89
C THR C 620 -50.20 36.31 24.83
N GLU C 621 -48.91 36.59 24.73
CA GLU C 621 -48.05 36.03 23.69
C GLU C 621 -46.87 35.29 24.32
N LEU C 622 -46.52 34.15 23.74
CA LEU C 622 -45.39 33.35 24.21
C LEU C 622 -44.52 33.03 22.99
N ASP C 623 -43.25 33.43 23.04
CA ASP C 623 -42.33 33.26 21.93
C ASP C 623 -41.24 32.28 22.35
N LEU C 624 -41.46 31.00 22.06
CA LEU C 624 -40.50 29.95 22.37
C LEU C 624 -39.70 29.50 21.15
N SER C 625 -39.69 30.31 20.10
CA SER C 625 -39.04 29.91 18.86
C SER C 625 -37.52 29.90 19.02
N ASP C 626 -36.87 29.21 18.07
CA ASP C 626 -35.41 29.14 18.00
C ASP C 626 -34.81 28.56 19.27
N ASN C 627 -35.38 27.47 19.76
CA ASN C 627 -34.90 26.76 20.93
C ASN C 627 -34.78 25.27 20.61
N SER C 628 -34.08 24.56 21.49
CA SER C 628 -33.93 23.11 21.38
C SER C 628 -34.90 22.37 22.27
N LEU C 629 -36.07 22.97 22.54
CA LEU C 629 -37.08 22.36 23.38
C LEU C 629 -37.59 21.09 22.72
N GLY C 630 -37.31 19.94 23.33
CA GLY C 630 -37.67 18.67 22.75
C GLY C 630 -39.08 18.24 23.08
N ASP C 631 -39.43 17.04 22.64
CA ASP C 631 -40.76 16.50 22.88
C ASP C 631 -41.08 16.36 24.37
N PRO C 632 -40.21 15.79 25.22
CA PRO C 632 -40.54 15.76 26.65
C PRO C 632 -40.76 17.14 27.24
N GLY C 633 -39.97 18.14 26.81
CA GLY C 633 -40.24 19.50 27.22
C GLY C 633 -41.53 20.03 26.64
N MET C 634 -41.83 19.66 25.40
CA MET C 634 -43.10 20.08 24.80
C MET C 634 -44.29 19.43 25.49
N ARG C 635 -44.12 18.21 26.00
CA ARG C 635 -45.23 17.52 26.66
C ARG C 635 -45.67 18.25 27.92
N VAL C 636 -44.71 18.72 28.73
CA VAL C 636 -45.08 19.41 29.95
C VAL C 636 -45.65 20.79 29.65
N LEU C 637 -45.28 21.38 28.51
CA LEU C 637 -45.85 22.66 28.12
C LEU C 637 -47.35 22.53 27.86
N CYS C 638 -47.76 21.46 27.18
CA CYS C 638 -49.18 21.26 26.92
C CYS C 638 -49.94 20.94 28.19
N GLU C 639 -49.28 20.32 29.17
CA GLU C 639 -49.93 20.07 30.46
C GLU C 639 -50.28 21.38 31.16
N THR C 640 -49.38 22.37 31.08
CA THR C 640 -49.64 23.66 31.71
C THR C 640 -50.69 24.45 30.93
N LEU C 641 -50.70 24.32 29.61
CA LEU C 641 -51.63 25.09 28.79
C LEU C 641 -53.07 24.66 29.05
N GLN C 642 -53.30 23.40 29.41
CA GLN C 642 -54.64 22.92 29.71
C GLN C 642 -55.19 23.49 31.01
N HIS C 643 -54.35 24.13 31.83
CA HIS C 643 -54.83 24.70 33.07
C HIS C 643 -55.83 25.81 32.79
N PRO C 644 -56.96 25.85 33.47
CA PRO C 644 -57.93 26.93 33.24
C PRO C 644 -57.35 28.28 33.63
N GLY C 645 -57.78 29.31 32.91
CA GLY C 645 -57.30 30.66 33.15
C GLY C 645 -56.07 31.05 32.37
N CYS C 646 -55.46 30.12 31.63
CA CYS C 646 -54.31 30.44 30.80
C CYS C 646 -54.75 31.33 29.65
N ASN C 647 -54.35 32.60 29.67
CA ASN C 647 -54.81 33.58 28.70
C ASN C 647 -53.85 33.73 27.53
N ILE C 648 -52.99 32.75 27.29
CA ILE C 648 -52.08 32.82 26.16
C ILE C 648 -52.88 32.63 24.87
N ARG C 649 -52.74 33.59 23.96
CA ARG C 649 -53.46 33.58 22.69
C ARG C 649 -52.60 33.12 21.52
N ARG C 650 -51.39 33.64 21.40
CA ARG C 650 -50.52 33.38 20.27
C ARG C 650 -49.20 32.82 20.77
N LEU C 651 -48.81 31.66 20.26
CA LEU C 651 -47.53 31.03 20.59
C LEU C 651 -46.76 30.75 19.31
N TRP C 652 -45.46 31.02 19.33
CA TRP C 652 -44.58 30.82 18.18
C TRP C 652 -43.59 29.73 18.56
N LEU C 653 -43.55 28.66 17.77
CA LEU C 653 -42.71 27.50 18.04
C LEU C 653 -41.82 27.16 16.85
N GLY C 654 -41.30 28.19 16.18
CA GLY C 654 -40.43 27.96 15.05
C GLY C 654 -39.06 27.44 15.46
N ARG C 655 -38.44 26.67 14.58
CA ARG C 655 -37.10 26.13 14.73
C ARG C 655 -36.94 25.26 15.97
N CYS C 656 -38.03 24.89 16.64
CA CYS C 656 -37.93 24.03 17.81
C CYS C 656 -37.61 22.60 17.37
N GLY C 657 -37.11 21.82 18.32
CA GLY C 657 -36.77 20.43 18.05
C GLY C 657 -37.96 19.50 18.11
N LEU C 658 -39.14 20.02 17.80
CA LEU C 658 -40.36 19.23 17.87
C LEU C 658 -40.37 18.18 16.77
N SER C 659 -40.91 17.01 17.10
CA SER C 659 -41.05 15.90 16.16
C SER C 659 -42.54 15.56 16.02
N HIS C 660 -42.82 14.45 15.32
CA HIS C 660 -44.20 14.07 15.06
C HIS C 660 -44.95 13.77 16.36
N GLU C 661 -44.31 13.12 17.32
CA GLU C 661 -44.98 12.67 18.52
C GLU C 661 -45.45 13.81 19.43
N CYS C 662 -44.97 15.03 19.19
CA CYS C 662 -45.44 16.17 19.98
C CYS C 662 -46.85 16.60 19.58
N CYS C 663 -47.25 16.34 18.34
CA CYS C 663 -48.55 16.79 17.86
C CYS C 663 -49.70 16.15 18.62
N PHE C 664 -49.47 14.98 19.24
CA PHE C 664 -50.53 14.36 20.03
C PHE C 664 -50.92 15.23 21.20
N ASP C 665 -49.94 15.83 21.88
CA ASP C 665 -50.25 16.72 23.01
C ASP C 665 -50.91 18.00 22.53
N ILE C 666 -50.45 18.55 21.41
CA ILE C 666 -51.00 19.81 20.91
C ILE C 666 -52.45 19.65 20.53
N SER C 667 -52.82 18.48 20.00
CA SER C 667 -54.22 18.23 19.70
C SER C 667 -55.09 18.25 20.95
N LEU C 668 -54.51 17.94 22.11
CA LEU C 668 -55.29 17.93 23.34
C LEU C 668 -55.62 19.34 23.81
N VAL C 669 -54.64 20.25 23.78
CA VAL C 669 -54.89 21.60 24.28
C VAL C 669 -55.88 22.32 23.38
N LEU C 670 -55.82 22.07 22.07
CA LEU C 670 -56.81 22.65 21.16
C LEU C 670 -58.21 22.13 21.48
N SER C 671 -58.33 20.83 21.73
CA SER C 671 -59.63 20.24 22.06
C SER C 671 -60.13 20.66 23.43
N SER C 672 -59.29 21.28 24.25
CA SER C 672 -59.69 21.72 25.59
C SER C 672 -59.69 23.24 25.71
N ASN C 673 -58.59 23.90 25.38
CA ASN C 673 -58.48 25.35 25.52
C ASN C 673 -59.05 26.04 24.30
N GLN C 674 -59.86 27.08 24.55
CA GLN C 674 -60.45 27.88 23.50
C GLN C 674 -59.81 29.25 23.36
N LYS C 675 -58.64 29.45 23.98
CA LYS C 675 -57.99 30.75 23.95
C LYS C 675 -56.98 30.89 22.82
N LEU C 676 -56.39 29.80 22.36
CA LEU C 676 -55.43 29.87 21.26
C LEU C 676 -56.11 30.37 20.00
N VAL C 677 -55.48 31.35 19.36
CA VAL C 677 -56.03 31.95 18.15
C VAL C 677 -55.00 31.88 17.04
N GLU C 678 -53.72 31.86 17.40
CA GLU C 678 -52.63 31.82 16.44
C GLU C 678 -51.61 30.79 16.90
N LEU C 679 -51.28 29.84 16.03
CA LEU C 679 -50.32 28.80 16.33
C LEU C 679 -49.31 28.72 15.19
N ASP C 680 -48.03 28.75 15.52
CA ASP C 680 -46.95 28.69 14.54
C ASP C 680 -46.10 27.46 14.82
N LEU C 681 -45.94 26.62 13.80
CA LEU C 681 -45.11 25.41 13.90
C LEU C 681 -44.13 25.34 12.74
N SER C 682 -43.71 26.49 12.22
CA SER C 682 -42.82 26.51 11.08
C SER C 682 -41.46 25.92 11.42
N ASP C 683 -40.85 25.29 10.41
CA ASP C 683 -39.53 24.67 10.54
C ASP C 683 -39.50 23.60 11.62
N ASN C 684 -40.32 22.57 11.41
CA ASN C 684 -40.34 21.40 12.27
C ASN C 684 -40.33 20.14 11.41
N ALA C 685 -39.65 19.11 11.90
CA ALA C 685 -39.50 17.86 11.17
C ALA C 685 -40.61 16.88 11.51
N LEU C 686 -41.85 17.32 11.35
CA LEU C 686 -43.01 16.48 11.56
C LEU C 686 -43.61 16.08 10.22
N GLY C 687 -43.86 14.79 10.04
CA GLY C 687 -44.31 14.26 8.77
C GLY C 687 -45.81 14.32 8.60
N ASP C 688 -46.31 13.53 7.65
CA ASP C 688 -47.74 13.47 7.40
C ASP C 688 -48.49 12.94 8.62
N PHE C 689 -47.85 12.09 9.42
CA PHE C 689 -48.49 11.59 10.63
C PHE C 689 -48.75 12.73 11.63
N GLY C 690 -47.82 13.68 11.71
CA GLY C 690 -48.02 14.81 12.61
C GLY C 690 -49.25 15.63 12.27
N ILE C 691 -49.45 15.90 10.97
CA ILE C 691 -50.66 16.60 10.55
C ILE C 691 -51.89 15.73 10.79
N ARG C 692 -51.74 14.42 10.63
CA ARG C 692 -52.87 13.52 10.87
C ARG C 692 -53.35 13.62 12.31
N LEU C 693 -52.41 13.72 13.26
CA LEU C 693 -52.81 13.93 14.66
C LEU C 693 -53.27 15.36 14.89
N LEU C 694 -52.58 16.33 14.28
CA LEU C 694 -52.93 17.73 14.49
C LEU C 694 -54.32 18.04 13.95
N CYS C 695 -54.65 17.52 12.77
CA CYS C 695 -55.95 17.82 12.17
C CYS C 695 -57.10 17.27 12.98
N VAL C 696 -56.86 16.25 13.82
CA VAL C 696 -57.92 15.71 14.67
C VAL C 696 -58.37 16.75 15.67
N GLY C 697 -57.42 17.42 16.33
CA GLY C 697 -57.77 18.46 17.27
C GLY C 697 -58.42 19.66 16.61
N LEU C 698 -57.94 20.03 15.43
CA LEU C 698 -58.53 21.16 14.72
C LEU C 698 -59.96 20.86 14.29
N LYS C 699 -60.25 19.62 13.91
CA LYS C 699 -61.60 19.25 13.51
C LYS C 699 -62.59 19.34 14.67
N HIS C 700 -62.10 19.31 15.91
CA HIS C 700 -63.00 19.44 17.06
C HIS C 700 -63.64 20.82 17.08
N LEU C 701 -64.94 20.85 17.36
CA LEU C 701 -65.68 22.10 17.30
C LEU C 701 -65.36 23.04 18.46
N LEU C 702 -64.73 22.53 19.51
CA LEU C 702 -64.43 23.38 20.66
C LEU C 702 -63.33 24.39 20.34
N CYS C 703 -62.31 23.95 19.59
CA CYS C 703 -61.20 24.84 19.26
C CYS C 703 -61.63 25.91 18.28
N ASN C 704 -61.03 27.09 18.41
CA ASN C 704 -61.24 28.21 17.51
C ASN C 704 -59.89 28.83 17.18
N LEU C 705 -59.24 28.30 16.15
CA LEU C 705 -57.93 28.77 15.71
C LEU C 705 -58.07 29.46 14.36
N LYS C 706 -57.48 30.65 14.25
CA LYS C 706 -57.60 31.45 13.03
C LYS C 706 -56.37 31.32 12.13
N LYS C 707 -55.19 31.65 12.66
CA LYS C 707 -53.96 31.58 11.89
C LYS C 707 -53.23 30.28 12.17
N LEU C 708 -52.38 29.88 11.24
CA LEU C 708 -51.68 28.60 11.34
C LEU C 708 -50.51 28.60 10.36
N TRP C 709 -49.32 28.31 10.85
CA TRP C 709 -48.12 28.26 10.03
C TRP C 709 -47.58 26.82 10.02
N LEU C 710 -47.36 26.29 8.82
CA LEU C 710 -46.72 24.99 8.64
C LEU C 710 -45.57 25.09 7.67
N VAL C 711 -44.90 26.25 7.66
CA VAL C 711 -43.84 26.51 6.68
C VAL C 711 -42.65 25.60 6.97
N SER C 712 -42.07 25.05 5.90
CA SER C 712 -40.86 24.24 5.91
C SER C 712 -41.02 22.92 6.65
N CYS C 713 -42.24 22.55 7.02
CA CYS C 713 -42.45 21.24 7.62
C CYS C 713 -42.34 20.15 6.56
N CYS C 714 -41.75 19.03 6.93
CA CYS C 714 -41.57 17.92 6.00
C CYS C 714 -42.93 17.30 5.72
N LEU C 715 -43.53 17.67 4.59
CA LEU C 715 -44.88 17.23 4.26
C LEU C 715 -44.94 16.83 2.79
N THR C 716 -45.91 15.98 2.47
CA THR C 716 -46.14 15.54 1.10
C THR C 716 -47.62 15.68 0.75
N SER C 717 -48.01 15.14 -0.41
CA SER C 717 -49.41 15.23 -0.82
C SER C 717 -50.34 14.43 0.08
N ALA C 718 -49.80 13.49 0.85
CA ALA C 718 -50.65 12.69 1.73
C ALA C 718 -51.33 13.55 2.79
N CYS C 719 -50.58 14.50 3.37
CA CYS C 719 -51.15 15.37 4.40
C CYS C 719 -52.23 16.30 3.85
N CYS C 720 -52.24 16.54 2.53
CA CYS C 720 -53.26 17.41 1.95
C CYS C 720 -54.65 16.82 2.11
N GLN C 721 -54.77 15.50 1.99
CA GLN C 721 -56.07 14.86 2.20
C GLN C 721 -56.56 15.08 3.63
N ASP C 722 -55.66 14.93 4.61
CA ASP C 722 -56.05 15.13 6.00
C ASP C 722 -56.37 16.58 6.28
N LEU C 723 -55.55 17.51 5.77
CA LEU C 723 -55.75 18.93 6.04
C LEU C 723 -56.98 19.48 5.33
N ALA C 724 -57.41 18.86 4.23
CA ALA C 724 -58.58 19.36 3.51
C ALA C 724 -59.83 19.25 4.36
N SER C 725 -59.95 18.18 5.16
CA SER C 725 -61.13 18.01 5.99
C SER C 725 -61.26 19.14 7.01
N VAL C 726 -60.15 19.54 7.61
CA VAL C 726 -60.17 20.65 8.56
C VAL C 726 -60.62 21.93 7.86
N LEU C 727 -60.10 22.18 6.66
CA LEU C 727 -60.42 23.40 5.93
C LEU C 727 -61.91 23.52 5.65
N SER C 728 -62.65 22.41 5.64
CA SER C 728 -64.08 22.43 5.38
C SER C 728 -64.90 22.59 6.65
N THR C 729 -64.53 21.89 7.72
CA THR C 729 -65.35 21.86 8.92
C THR C 729 -64.93 22.87 9.97
N SER C 730 -63.66 23.27 10.00
CA SER C 730 -63.19 24.25 10.99
C SER C 730 -63.65 25.62 10.55
N HIS C 731 -64.77 26.08 11.12
CA HIS C 731 -65.32 27.38 10.76
C HIS C 731 -64.39 28.52 11.15
N SER C 732 -63.59 28.34 12.20
CA SER C 732 -62.74 29.39 12.73
C SER C 732 -61.45 29.56 11.95
N LEU C 733 -61.08 28.60 11.09
CA LEU C 733 -59.83 28.69 10.36
C LEU C 733 -59.98 29.66 9.20
N THR C 734 -59.14 30.70 9.18
CA THR C 734 -59.17 31.72 8.15
C THR C 734 -57.88 31.75 7.34
N ARG C 735 -56.73 31.83 7.99
CA ARG C 735 -55.44 31.92 7.32
C ARG C 735 -54.68 30.60 7.50
N LEU C 736 -54.02 30.15 6.44
CA LEU C 736 -53.31 28.87 6.46
C LEU C 736 -52.09 29.00 5.55
N TYR C 737 -50.94 29.32 6.14
CA TYR C 737 -49.69 29.44 5.39
C TYR C 737 -48.98 28.09 5.44
N VAL C 738 -49.07 27.34 4.36
CA VAL C 738 -48.54 25.98 4.30
C VAL C 738 -47.43 25.91 3.26
N GLY C 739 -46.78 27.04 3.02
CA GLY C 739 -45.74 27.09 2.01
C GLY C 739 -44.50 26.31 2.40
N GLU C 740 -43.56 26.25 1.46
CA GLU C 740 -42.25 25.62 1.58
C GLU C 740 -42.33 24.10 1.65
N ASN C 741 -43.52 23.52 1.65
CA ASN C 741 -43.65 22.07 1.75
C ASN C 741 -43.37 21.42 0.39
N ALA C 742 -43.17 20.11 0.43
CA ALA C 742 -42.84 19.33 -0.76
C ALA C 742 -44.07 18.84 -1.50
N LEU C 743 -45.27 19.22 -1.06
CA LEU C 743 -46.48 18.78 -1.75
C LEU C 743 -46.50 19.33 -3.18
N GLY C 744 -46.86 18.46 -4.12
CA GLY C 744 -46.88 18.82 -5.52
C GLY C 744 -48.24 19.34 -5.96
N ASP C 745 -48.42 19.39 -7.29
CA ASP C 745 -49.68 19.84 -7.84
C ASP C 745 -50.82 18.91 -7.47
N SER C 746 -50.52 17.62 -7.26
CA SER C 746 -51.56 16.68 -6.87
C SER C 746 -52.17 17.03 -5.52
N GLY C 747 -51.32 17.45 -4.57
CA GLY C 747 -51.83 17.82 -3.26
C GLY C 747 -52.70 19.05 -3.29
N VAL C 748 -52.35 20.02 -4.13
CA VAL C 748 -53.13 21.25 -4.21
C VAL C 748 -54.52 20.97 -4.77
N ALA C 749 -54.62 20.02 -5.71
CA ALA C 749 -55.92 19.68 -6.27
C ALA C 749 -56.87 19.15 -5.20
N ILE C 750 -56.36 18.29 -4.32
CA ILE C 750 -57.18 17.80 -3.20
C ILE C 750 -57.55 18.95 -2.27
N LEU C 751 -56.59 19.82 -1.97
CA LEU C 751 -56.86 20.93 -1.05
C LEU C 751 -57.84 21.92 -1.65
N CYS C 752 -57.70 22.22 -2.95
CA CYS C 752 -58.54 23.23 -3.56
C CYS C 752 -59.96 22.74 -3.78
N GLU C 753 -60.11 21.47 -4.15
CA GLU C 753 -61.45 20.95 -4.47
C GLU C 753 -62.38 21.04 -3.26
N LYS C 754 -61.82 21.01 -2.06
CA LYS C 754 -62.60 21.25 -0.85
C LYS C 754 -62.66 22.72 -0.48
N ALA C 755 -61.80 23.55 -1.05
CA ALA C 755 -61.76 24.98 -0.74
C ALA C 755 -62.62 25.81 -1.69
N LYS C 756 -63.28 25.19 -2.65
CA LYS C 756 -64.15 25.91 -3.58
C LYS C 756 -65.57 26.04 -3.06
N ASN C 757 -65.85 25.56 -1.86
CA ASN C 757 -67.19 25.70 -1.30
C ASN C 757 -67.47 27.17 -1.03
N PRO C 758 -68.64 27.69 -1.43
CA PRO C 758 -68.95 29.11 -1.17
C PRO C 758 -69.05 29.45 0.30
N GLN C 759 -69.30 28.46 1.16
CA GLN C 759 -69.40 28.69 2.60
C GLN C 759 -68.07 28.59 3.32
N CYS C 760 -66.99 28.31 2.59
CA CYS C 760 -65.68 28.21 3.21
C CYS C 760 -65.22 29.56 3.75
N ASN C 761 -64.48 29.53 4.85
CA ASN C 761 -64.01 30.73 5.52
C ASN C 761 -62.53 30.99 5.31
N LEU C 762 -61.88 30.27 4.40
CA LEU C 762 -60.46 30.45 4.17
C LEU C 762 -60.18 31.77 3.47
N GLN C 763 -59.88 32.81 4.24
CA GLN C 763 -59.66 34.13 3.66
C GLN C 763 -58.21 34.37 3.26
N LYS C 764 -57.30 33.45 3.58
CA LYS C 764 -55.90 33.58 3.21
C LYS C 764 -55.33 32.20 2.94
N LEU C 765 -54.30 32.16 2.09
CA LEU C 765 -53.66 30.90 1.73
C LEU C 765 -52.31 31.20 1.10
N GLY C 766 -51.27 30.55 1.59
CA GLY C 766 -49.93 30.72 1.05
C GLY C 766 -49.36 29.39 0.60
N LEU C 767 -48.72 29.39 -0.56
CA LEU C 767 -48.13 28.18 -1.13
C LEU C 767 -46.74 28.49 -1.67
N VAL C 768 -45.95 29.26 -0.91
CA VAL C 768 -44.66 29.72 -1.40
C VAL C 768 -43.69 28.55 -1.51
N ASN C 769 -43.05 28.44 -2.67
CA ASN C 769 -42.00 27.47 -2.98
C ASN C 769 -42.48 26.04 -3.01
N SER C 770 -43.76 25.78 -2.81
CA SER C 770 -44.29 24.43 -2.95
C SER C 770 -44.29 24.03 -4.41
N GLY C 771 -44.07 22.74 -4.66
CA GLY C 771 -44.04 22.23 -6.02
C GLY C 771 -45.34 22.49 -6.77
N LEU C 772 -45.29 23.38 -7.75
CA LEU C 772 -46.48 23.80 -8.47
C LEU C 772 -46.24 23.74 -9.97
N THR C 773 -47.32 23.49 -10.72
CA THR C 773 -47.29 23.47 -12.17
C THR C 773 -48.51 24.23 -12.66
N SER C 774 -48.79 24.12 -13.96
CA SER C 774 -49.96 24.79 -14.55
C SER C 774 -51.26 24.07 -14.26
N VAL C 775 -51.21 22.82 -13.78
CA VAL C 775 -52.43 22.06 -13.54
C VAL C 775 -53.23 22.68 -12.40
N CYS C 776 -52.54 23.11 -11.33
CA CYS C 776 -53.24 23.65 -10.17
C CYS C 776 -53.93 24.97 -10.47
N CYS C 777 -53.57 25.64 -11.57
CA CYS C 777 -54.21 26.91 -11.91
C CYS C 777 -55.70 26.71 -12.17
N SER C 778 -56.07 25.62 -12.84
CA SER C 778 -57.47 25.34 -13.10
C SER C 778 -58.24 25.16 -11.79
N ALA C 779 -57.66 24.40 -10.85
CA ALA C 779 -58.27 24.25 -9.54
C ALA C 779 -58.28 25.58 -8.78
N LEU C 780 -57.18 26.33 -8.85
CA LEU C 780 -57.13 27.63 -8.20
C LEU C 780 -58.11 28.60 -8.84
N SER C 781 -58.29 28.52 -10.15
CA SER C 781 -59.29 29.37 -10.81
C SER C 781 -60.69 29.04 -10.32
N SER C 782 -60.99 27.76 -10.14
CA SER C 782 -62.33 27.36 -9.70
C SER C 782 -62.64 27.89 -8.31
N VAL C 783 -61.68 27.80 -7.39
CA VAL C 783 -61.93 28.26 -6.03
C VAL C 783 -62.06 29.78 -5.98
N LEU C 784 -61.31 30.50 -6.81
CA LEU C 784 -61.35 31.96 -6.76
C LEU C 784 -62.73 32.48 -7.14
N SER C 785 -63.37 31.89 -8.14
CA SER C 785 -64.69 32.33 -8.56
C SER C 785 -65.81 31.85 -7.64
N THR C 786 -65.55 30.85 -6.81
CA THR C 786 -66.58 30.26 -5.96
C THR C 786 -66.43 30.57 -4.48
N ASN C 787 -65.19 30.66 -3.99
CA ASN C 787 -64.99 30.93 -2.56
C ASN C 787 -65.54 32.30 -2.18
N GLN C 788 -65.29 33.31 -3.01
CA GLN C 788 -65.80 34.68 -2.89
C GLN C 788 -65.25 35.42 -1.68
N ASN C 789 -64.40 34.80 -0.87
CA ASN C 789 -63.79 35.51 0.26
C ASN C 789 -62.31 35.19 0.42
N LEU C 790 -61.67 34.60 -0.59
CA LEU C 790 -60.23 34.35 -0.55
C LEU C 790 -59.53 35.67 -0.80
N THR C 791 -59.32 36.42 0.28
CA THR C 791 -58.80 37.78 0.15
C THR C 791 -57.36 37.79 -0.36
N HIS C 792 -56.53 36.87 0.13
CA HIS C 792 -55.11 36.86 -0.23
C HIS C 792 -54.71 35.48 -0.73
N LEU C 793 -53.72 35.46 -1.62
CA LEU C 793 -53.16 34.23 -2.14
C LEU C 793 -51.72 34.50 -2.54
N TYR C 794 -50.78 33.80 -1.91
CA TYR C 794 -49.36 34.07 -2.05
C TYR C 794 -48.71 32.92 -2.80
N LEU C 795 -48.01 33.24 -3.90
CA LEU C 795 -47.23 32.28 -4.65
C LEU C 795 -45.85 32.87 -4.91
N ARG C 796 -44.83 32.03 -4.86
CA ARG C 796 -43.46 32.51 -5.04
C ARG C 796 -42.54 31.31 -5.17
N GLY C 797 -41.51 31.45 -6.00
CA GLY C 797 -40.52 30.40 -6.15
C GLY C 797 -41.05 29.11 -6.72
N ASN C 798 -42.24 29.14 -7.32
CA ASN C 798 -42.85 27.95 -7.87
C ASN C 798 -42.34 27.71 -9.29
N THR C 799 -42.86 26.66 -9.93
CA THR C 799 -42.62 26.38 -11.33
C THR C 799 -43.91 26.52 -12.12
N LEU C 800 -44.66 27.58 -11.82
CA LEU C 800 -45.97 27.78 -12.42
C LEU C 800 -45.87 27.82 -13.93
N GLY C 801 -46.82 27.14 -14.59
CA GLY C 801 -46.78 27.08 -16.04
C GLY C 801 -46.86 28.46 -16.67
N ASP C 802 -46.08 28.66 -17.73
CA ASP C 802 -46.12 29.92 -18.45
C ASP C 802 -47.50 30.16 -19.03
N LYS C 803 -48.14 29.11 -19.54
CA LYS C 803 -49.54 29.16 -19.94
C LYS C 803 -50.50 29.10 -18.75
N GLY C 804 -49.99 28.83 -17.55
CA GLY C 804 -50.87 28.72 -16.40
C GLY C 804 -51.54 30.02 -16.04
N ILE C 805 -50.84 31.15 -16.22
CA ILE C 805 -51.44 32.45 -15.92
C ILE C 805 -52.66 32.69 -16.78
N LYS C 806 -52.62 32.24 -18.04
CA LYS C 806 -53.79 32.34 -18.90
C LYS C 806 -54.97 31.58 -18.30
N LEU C 807 -54.72 30.38 -17.80
CA LEU C 807 -55.77 29.64 -17.09
C LEU C 807 -56.05 30.28 -15.73
N LEU C 808 -55.01 30.76 -15.05
CA LEU C 808 -55.19 31.36 -13.74
C LEU C 808 -56.02 32.65 -13.83
N CYS C 809 -55.72 33.48 -14.83
CA CYS C 809 -56.48 34.71 -15.01
C CYS C 809 -57.90 34.45 -15.49
N GLU C 810 -58.18 33.27 -16.04
CA GLU C 810 -59.52 32.96 -16.50
C GLU C 810 -60.52 33.00 -15.35
N GLY C 811 -60.13 32.48 -14.19
CA GLY C 811 -60.98 32.58 -13.01
C GLY C 811 -60.99 33.96 -12.39
N LEU C 812 -59.88 34.69 -12.45
CA LEU C 812 -59.83 36.04 -11.90
C LEU C 812 -60.63 37.05 -12.71
N LEU C 813 -60.80 36.81 -14.01
CA LEU C 813 -61.65 37.69 -14.81
C LEU C 813 -63.12 37.53 -14.50
N HIS C 814 -63.49 36.52 -13.72
CA HIS C 814 -64.88 36.38 -13.29
C HIS C 814 -65.27 37.58 -12.44
N PRO C 815 -66.50 38.08 -12.57
CA PRO C 815 -66.88 39.32 -11.88
C PRO C 815 -66.89 39.18 -10.36
N ASP C 816 -67.57 38.17 -9.84
CA ASP C 816 -67.77 38.04 -8.39
C ASP C 816 -66.58 37.31 -7.75
N CYS C 817 -65.41 37.92 -7.88
CA CYS C 817 -64.21 37.50 -7.17
C CYS C 817 -63.61 38.71 -6.46
N LYS C 818 -63.16 38.50 -5.22
CA LYS C 818 -62.70 39.59 -4.37
C LYS C 818 -61.25 39.39 -3.93
N LEU C 819 -60.44 38.82 -4.82
CA LEU C 819 -59.01 38.71 -4.54
C LEU C 819 -58.40 40.10 -4.47
N GLN C 820 -57.83 40.44 -3.32
CA GLN C 820 -57.30 41.78 -3.09
C GLN C 820 -55.79 41.87 -3.32
N VAL C 821 -55.03 40.90 -2.83
CA VAL C 821 -53.57 40.92 -2.94
C VAL C 821 -53.12 39.61 -3.58
N LEU C 822 -52.33 39.71 -4.64
CA LEU C 822 -51.75 38.54 -5.29
C LEU C 822 -50.24 38.76 -5.41
N GLU C 823 -49.47 37.79 -4.93
CA GLU C 823 -48.02 37.82 -5.03
C GLU C 823 -47.58 36.64 -5.89
N LEU C 824 -46.70 36.92 -6.86
CA LEU C 824 -46.24 35.87 -7.78
C LEU C 824 -44.84 36.27 -8.24
N ASP C 825 -43.82 35.64 -7.65
CA ASP C 825 -42.44 35.97 -7.94
C ASP C 825 -41.67 34.69 -8.26
N ASN C 826 -40.55 34.87 -8.96
CA ASN C 826 -39.61 33.80 -9.27
C ASN C 826 -40.21 32.72 -10.16
N CYS C 827 -41.44 32.91 -10.62
CA CYS C 827 -42.06 31.98 -11.54
C CYS C 827 -41.53 32.22 -12.95
N ASN C 828 -41.27 31.13 -13.66
CA ASN C 828 -40.79 31.24 -15.04
C ASN C 828 -41.86 31.85 -15.93
N LEU C 829 -41.66 33.10 -16.34
CA LEU C 829 -42.63 33.82 -17.15
C LEU C 829 -41.94 34.36 -18.39
N THR C 830 -42.76 34.65 -19.41
CA THR C 830 -42.26 35.17 -20.68
C THR C 830 -43.15 36.33 -21.09
N SER C 831 -42.56 37.29 -21.80
CA SER C 831 -43.29 38.48 -22.24
C SER C 831 -44.44 38.16 -23.19
N HIS C 832 -44.47 36.96 -23.77
CA HIS C 832 -45.54 36.63 -24.70
C HIS C 832 -46.89 36.55 -23.97
N CYS C 833 -46.89 36.11 -22.72
CA CYS C 833 -48.09 36.04 -21.91
C CYS C 833 -48.30 37.28 -21.07
N CYS C 834 -47.41 38.28 -21.17
CA CYS C 834 -47.54 39.50 -20.39
C CYS C 834 -48.78 40.29 -20.77
N TRP C 835 -49.35 40.04 -21.95
CA TRP C 835 -50.56 40.74 -22.35
C TRP C 835 -51.73 40.40 -21.42
N ASP C 836 -51.85 39.13 -21.03
CA ASP C 836 -52.95 38.72 -20.16
C ASP C 836 -52.89 39.40 -18.80
N LEU C 837 -51.68 39.70 -18.32
CA LEU C 837 -51.54 40.41 -17.05
C LEU C 837 -52.17 41.80 -17.14
N SER C 838 -51.96 42.50 -18.27
CA SER C 838 -52.53 43.82 -18.44
C SER C 838 -54.05 43.77 -18.46
N THR C 839 -54.63 42.76 -19.12
CA THR C 839 -56.08 42.66 -19.20
C THR C 839 -56.70 42.48 -17.82
N LEU C 840 -56.11 41.63 -16.99
CA LEU C 840 -56.60 41.44 -15.63
C LEU C 840 -56.46 42.72 -14.82
N LEU C 841 -55.35 43.43 -14.99
CA LEU C 841 -55.10 44.63 -14.20
C LEU C 841 -56.17 45.69 -14.46
N THR C 842 -56.56 45.88 -15.72
CA THR C 842 -57.56 46.88 -16.05
C THR C 842 -58.97 46.42 -15.69
N SER C 843 -59.26 45.13 -15.84
CA SER C 843 -60.62 44.64 -15.69
C SER C 843 -61.02 44.50 -14.23
N SER C 844 -60.30 43.65 -13.48
CA SER C 844 -60.68 43.36 -12.10
C SER C 844 -60.42 44.57 -11.22
N GLN C 845 -61.44 44.99 -10.47
CA GLN C 845 -61.31 46.10 -9.55
C GLN C 845 -61.02 45.67 -8.12
N SER C 846 -61.04 44.37 -7.84
CA SER C 846 -60.78 43.90 -6.48
C SER C 846 -59.31 43.96 -6.11
N LEU C 847 -58.42 43.82 -7.08
CA LEU C 847 -56.99 43.79 -6.80
C LEU C 847 -56.53 45.11 -6.20
N ARG C 848 -55.62 45.02 -5.25
CA ARG C 848 -55.03 46.20 -4.61
C ARG C 848 -53.54 46.32 -4.88
N LYS C 849 -52.76 45.29 -4.58
CA LYS C 849 -51.33 45.29 -4.86
C LYS C 849 -50.94 43.96 -5.47
N LEU C 850 -50.22 44.01 -6.59
CA LEU C 850 -49.74 42.82 -7.28
C LEU C 850 -48.24 42.97 -7.52
N SER C 851 -47.48 41.95 -7.15
CA SER C 851 -46.03 41.99 -7.26
C SER C 851 -45.54 40.86 -8.16
N LEU C 852 -44.62 41.20 -9.05
CA LEU C 852 -43.98 40.23 -9.95
C LEU C 852 -42.47 40.45 -9.80
N GLY C 853 -41.89 39.79 -8.80
CA GLY C 853 -40.48 39.99 -8.49
C GLY C 853 -39.59 39.08 -9.29
N ASN C 854 -38.54 39.67 -9.89
CA ASN C 854 -37.49 38.97 -10.62
C ASN C 854 -38.03 37.96 -11.63
N ASN C 855 -39.24 38.17 -12.13
CA ASN C 855 -39.79 37.35 -13.20
C ASN C 855 -39.26 37.87 -14.52
N ASP C 856 -38.37 37.11 -15.15
CA ASP C 856 -37.66 37.57 -16.35
C ASP C 856 -38.63 37.64 -17.51
N LEU C 857 -39.07 38.85 -17.84
CA LEU C 857 -39.95 39.10 -18.97
C LEU C 857 -39.44 40.28 -19.76
N GLY C 858 -39.80 40.32 -21.05
CA GLY C 858 -39.29 41.33 -21.94
C GLY C 858 -39.73 42.73 -21.55
N ASP C 859 -38.88 43.69 -21.90
CA ASP C 859 -39.16 45.09 -21.58
C ASP C 859 -40.38 45.62 -22.33
N LEU C 860 -40.80 44.94 -23.40
CA LEU C 860 -42.02 45.35 -24.09
C LEU C 860 -43.24 45.18 -23.20
N GLY C 861 -43.28 44.10 -22.42
CA GLY C 861 -44.40 43.88 -21.53
C GLY C 861 -44.50 44.89 -20.41
N VAL C 862 -43.36 45.41 -19.95
CA VAL C 862 -43.37 46.47 -18.94
C VAL C 862 -44.02 47.71 -19.49
N MET C 863 -43.69 48.08 -20.73
CA MET C 863 -44.31 49.21 -21.40
C MET C 863 -45.76 48.95 -21.77
N MET C 864 -46.15 47.68 -21.90
CA MET C 864 -47.56 47.37 -22.06
C MET C 864 -48.36 47.80 -20.84
N PHE C 865 -47.73 47.80 -19.66
CA PHE C 865 -48.39 48.24 -18.44
C PHE C 865 -48.39 49.75 -18.29
N CYS C 866 -47.50 50.46 -18.99
CA CYS C 866 -47.40 51.90 -18.82
C CYS C 866 -48.68 52.61 -19.22
N GLU C 867 -49.27 52.22 -20.36
CA GLU C 867 -50.50 52.85 -20.80
C GLU C 867 -51.72 52.38 -20.02
N VAL C 868 -51.78 51.10 -19.65
CA VAL C 868 -52.94 50.60 -18.95
C VAL C 868 -53.05 51.22 -17.55
N LEU C 869 -51.91 51.49 -16.92
CA LEU C 869 -51.93 52.27 -15.68
C LEU C 869 -52.36 53.70 -15.97
N LYS C 870 -51.95 54.24 -17.11
CA LYS C 870 -52.36 55.58 -17.51
C LYS C 870 -53.83 55.65 -17.91
N GLN C 871 -54.46 54.50 -18.13
CA GLN C 871 -55.86 54.43 -18.55
C GLN C 871 -56.82 54.41 -17.36
N GLN C 872 -56.40 54.90 -16.19
CA GLN C 872 -57.21 54.91 -14.98
C GLN C 872 -57.65 53.50 -14.61
N SER C 873 -56.66 52.66 -14.31
CA SER C 873 -56.92 51.25 -13.99
C SER C 873 -57.28 51.12 -12.51
N CYS C 874 -57.45 49.89 -12.04
CA CYS C 874 -57.94 49.62 -10.70
C CYS C 874 -56.85 49.15 -9.73
N LEU C 875 -55.60 49.08 -10.17
CA LEU C 875 -54.50 48.79 -9.26
C LEU C 875 -54.12 50.07 -8.53
N LEU C 876 -54.36 50.11 -7.22
CA LEU C 876 -54.29 51.36 -6.48
C LEU C 876 -53.21 51.41 -5.42
N GLN C 877 -52.72 50.27 -4.93
CA GLN C 877 -51.82 50.26 -3.78
C GLN C 877 -50.36 50.09 -4.17
N ASN C 878 -50.01 49.00 -4.85
CA ASN C 878 -48.61 48.72 -5.15
C ASN C 878 -48.52 47.87 -6.40
N LEU C 879 -47.33 47.88 -7.01
CA LEU C 879 -47.05 47.06 -8.18
C LEU C 879 -45.56 46.72 -8.12
N GLY C 880 -45.24 45.52 -7.65
CA GLY C 880 -43.86 45.13 -7.43
C GLY C 880 -43.18 44.52 -8.64
N LEU C 881 -42.09 45.15 -9.08
CA LEU C 881 -41.28 44.67 -10.19
C LEU C 881 -39.81 44.76 -9.84
N SER C 882 -39.47 44.38 -8.60
CA SER C 882 -38.10 44.47 -8.14
C SER C 882 -37.24 43.40 -8.80
N GLU C 883 -35.92 43.59 -8.69
CA GLU C 883 -34.92 42.69 -9.28
C GLU C 883 -35.13 42.55 -10.78
N MET C 884 -35.49 43.65 -11.44
CA MET C 884 -35.67 43.70 -12.88
C MET C 884 -34.83 44.83 -13.45
N TYR C 885 -34.09 44.51 -14.51
CA TYR C 885 -33.10 45.41 -15.06
C TYR C 885 -33.54 45.85 -16.45
N PHE C 886 -33.56 47.16 -16.67
CA PHE C 886 -34.01 47.76 -17.92
C PHE C 886 -32.97 48.77 -18.38
N ASN C 887 -33.06 49.16 -19.66
CA ASN C 887 -32.11 50.11 -20.21
C ASN C 887 -32.46 51.52 -19.75
N TYR C 888 -31.58 52.47 -20.09
CA TYR C 888 -31.73 53.85 -19.65
C TYR C 888 -33.03 54.48 -20.16
N GLU C 889 -33.36 54.24 -21.42
CA GLU C 889 -34.53 54.88 -21.99
C GLU C 889 -35.81 54.21 -21.50
N THR C 890 -35.73 52.97 -21.02
CA THR C 890 -36.89 52.31 -20.44
C THR C 890 -37.10 52.69 -18.97
N LYS C 891 -36.01 52.88 -18.23
CA LYS C 891 -36.13 53.17 -16.80
C LYS C 891 -36.85 54.49 -16.53
N SER C 892 -36.56 55.52 -17.32
CA SER C 892 -37.15 56.83 -17.06
C SER C 892 -38.65 56.84 -17.34
N ALA C 893 -39.14 55.94 -18.18
CA ALA C 893 -40.56 55.90 -18.50
C ALA C 893 -41.40 55.54 -17.28
N LEU C 894 -40.90 54.64 -16.43
CA LEU C 894 -41.64 54.32 -15.21
C LEU C 894 -41.52 55.43 -14.18
N GLU C 895 -40.44 56.20 -14.21
CA GLU C 895 -40.24 57.27 -13.23
C GLU C 895 -41.31 58.34 -13.35
N THR C 896 -41.63 58.76 -14.59
CA THR C 896 -42.59 59.83 -14.77
C THR C 896 -43.99 59.41 -14.39
N LEU C 897 -44.32 58.12 -14.53
CA LEU C 897 -45.64 57.64 -14.15
C LEU C 897 -45.84 57.67 -12.64
N GLN C 898 -44.76 57.68 -11.86
CA GLN C 898 -44.89 57.77 -10.40
C GLN C 898 -45.50 59.10 -9.99
N GLU C 899 -45.07 60.20 -10.62
CA GLU C 899 -45.62 61.51 -10.28
C GLU C 899 -47.04 61.69 -10.80
N GLU C 900 -47.37 61.06 -11.93
CA GLU C 900 -48.70 61.19 -12.49
C GLU C 900 -49.76 60.58 -11.58
N LYS C 901 -49.46 59.45 -10.95
CA LYS C 901 -50.39 58.73 -10.09
C LYS C 901 -49.80 58.61 -8.70
N PRO C 902 -49.99 59.62 -7.84
CA PRO C 902 -49.49 59.52 -6.47
C PRO C 902 -50.29 58.59 -5.59
N GLU C 903 -51.47 58.14 -6.04
CA GLU C 903 -52.29 57.25 -5.23
C GLU C 903 -51.70 55.84 -5.12
N LEU C 904 -50.80 55.47 -6.03
CA LEU C 904 -50.14 54.18 -5.99
C LEU C 904 -48.63 54.39 -5.90
N THR C 905 -47.92 53.30 -5.61
CA THR C 905 -46.46 53.32 -5.50
C THR C 905 -45.92 52.09 -6.23
N VAL C 906 -45.41 52.30 -7.44
CA VAL C 906 -44.80 51.21 -8.19
C VAL C 906 -43.50 50.78 -7.50
N VAL C 907 -43.29 49.48 -7.40
CA VAL C 907 -42.13 48.96 -6.70
C VAL C 907 -41.20 48.27 -7.68
N PHE C 908 -40.21 49.01 -8.18
CA PHE C 908 -39.12 48.47 -8.97
C PHE C 908 -37.81 48.76 -8.25
N GLU C 909 -36.74 48.09 -8.68
CA GLU C 909 -35.49 48.04 -7.93
C GLU C 909 -34.35 48.60 -8.78
N PRO C 910 -34.17 49.93 -8.77
CA PRO C 910 -32.94 50.50 -9.34
C PRO C 910 -31.87 50.76 -8.31
N SER C 911 -32.16 50.53 -7.02
CA SER C 911 -31.21 50.77 -5.94
C SER C 911 -31.51 49.78 -4.82
N TRP C 912 -30.94 50.03 -3.64
CA TRP C 912 -31.17 49.18 -2.49
C TRP C 912 -31.28 50.00 -1.22
N LYS D 10 -29.77 -24.33 18.29
CA LYS D 10 -29.08 -23.92 19.52
C LYS D 10 -29.90 -24.29 20.75
N ASP D 11 -30.87 -25.18 20.56
CA ASP D 11 -31.73 -25.59 21.67
C ASP D 11 -31.02 -26.60 22.57
N TYR D 12 -30.65 -27.76 22.01
CA TYR D 12 -29.98 -28.78 22.81
C TYR D 12 -28.55 -28.38 23.15
N ARG D 13 -27.93 -27.52 22.35
CA ARG D 13 -26.59 -27.05 22.66
C ARG D 13 -26.58 -26.30 23.99
N LYS D 14 -27.58 -25.44 24.21
CA LYS D 14 -27.70 -24.76 25.49
C LYS D 14 -27.99 -25.74 26.61
N LYS D 15 -28.87 -26.72 26.37
CA LYS D 15 -29.21 -27.69 27.41
C LYS D 15 -28.01 -28.55 27.78
N TYR D 16 -27.24 -28.98 26.78
CA TYR D 16 -26.05 -29.77 27.09
C TYR D 16 -25.03 -28.94 27.87
N ARG D 17 -24.83 -27.69 27.48
CA ARG D 17 -23.88 -26.84 28.18
C ARG D 17 -24.29 -26.63 29.63
N LYS D 18 -25.58 -26.45 29.87
CA LYS D 18 -26.07 -26.33 31.25
C LYS D 18 -25.98 -27.66 31.97
N TYR D 19 -26.16 -28.78 31.25
CA TYR D 19 -26.10 -30.09 31.87
C TYR D 19 -24.73 -30.37 32.46
N VAL D 20 -23.67 -29.97 31.75
CA VAL D 20 -22.31 -30.19 32.23
C VAL D 20 -22.05 -29.38 33.49
N ARG D 21 -22.62 -28.17 33.58
CA ARG D 21 -22.35 -27.30 34.71
C ARG D 21 -22.75 -27.94 36.03
N SER D 22 -23.94 -28.55 36.07
CA SER D 22 -24.41 -29.14 37.32
C SER D 22 -23.66 -30.42 37.66
N ARG D 23 -23.31 -31.22 36.66
CA ARG D 23 -22.65 -32.51 36.93
C ARG D 23 -21.28 -32.31 37.55
N PHE D 24 -20.53 -31.32 37.07
CA PHE D 24 -19.13 -31.14 37.42
C PHE D 24 -18.89 -29.95 38.35
N GLN D 25 -19.95 -29.46 39.00
CA GLN D 25 -19.80 -28.35 39.91
C GLN D 25 -18.88 -28.70 41.08
N CYS D 26 -18.97 -29.94 41.57
CA CYS D 26 -18.11 -30.42 42.63
C CYS D 26 -17.58 -31.79 42.26
N ILE D 27 -16.48 -32.19 42.91
CA ILE D 27 -15.84 -33.48 42.63
C ILE D 27 -16.55 -34.51 43.51
N GLU D 28 -17.68 -35.00 42.99
CA GLU D 28 -18.51 -35.99 43.69
C GLU D 28 -18.88 -35.54 45.10
N SER D 37 -18.60 -32.04 47.30
CA SER D 37 -18.75 -31.25 48.52
C SER D 37 -18.29 -29.81 48.29
N VAL D 38 -16.98 -29.58 48.44
CA VAL D 38 -16.42 -28.26 48.22
C VAL D 38 -16.51 -27.92 46.74
N SER D 39 -16.82 -26.66 46.45
CA SER D 39 -16.95 -26.22 45.06
C SER D 39 -15.64 -26.39 44.32
N LEU D 40 -15.71 -26.94 43.11
CA LEU D 40 -14.52 -27.06 42.28
C LEU D 40 -13.98 -25.69 41.90
N ASN D 41 -14.84 -24.68 41.82
CA ASN D 41 -14.40 -23.30 41.58
C ASN D 41 -13.61 -22.72 42.74
N LYS D 42 -13.68 -23.34 43.93
CA LYS D 42 -13.06 -22.79 45.12
C LYS D 42 -11.66 -23.34 45.35
N ARG D 43 -11.54 -24.66 45.49
CA ARG D 43 -10.28 -25.28 45.90
C ARG D 43 -9.32 -25.53 44.75
N TYR D 44 -9.75 -25.37 43.51
CA TYR D 44 -8.85 -25.57 42.39
C TYR D 44 -7.79 -24.48 42.35
N THR D 45 -6.57 -24.86 42.01
CA THR D 45 -5.46 -23.93 41.88
C THR D 45 -4.63 -24.29 40.65
N ARG D 46 -3.85 -23.32 40.18
CA ARG D 46 -3.10 -23.50 38.95
C ARG D 46 -2.04 -24.58 39.10
N LEU D 47 -1.90 -25.40 38.06
CA LEU D 47 -0.87 -26.43 38.00
C LEU D 47 0.21 -26.01 36.99
N ARG D 48 1.38 -26.62 37.13
CA ARG D 48 2.48 -26.30 36.22
C ARG D 48 2.23 -26.90 34.84
N LEU D 49 1.62 -26.12 33.96
CA LEU D 49 1.34 -26.57 32.59
C LEU D 49 2.56 -26.27 31.71
N ILE D 50 3.61 -27.06 31.95
CA ILE D 50 4.86 -26.89 31.22
C ILE D 50 4.71 -27.53 29.85
N LYS D 51 4.94 -26.75 28.80
CA LYS D 51 4.86 -27.25 27.44
C LYS D 51 6.16 -27.99 27.11
N GLU D 52 6.06 -29.29 26.86
CA GLU D 52 7.22 -30.10 26.52
C GLU D 52 7.63 -29.77 25.09
N HIS D 53 8.57 -28.85 24.95
CA HIS D 53 9.07 -28.39 23.65
C HIS D 53 7.93 -27.83 22.79
N PHE D 85 3.13 -21.92 29.47
CA PHE D 85 2.12 -22.30 28.50
C PHE D 85 0.74 -21.89 28.98
N ASP D 86 0.10 -20.98 28.26
CA ASP D 86 -1.17 -20.41 28.68
C ASP D 86 -2.27 -21.47 28.65
N PRO D 87 -3.22 -21.44 29.58
CA PRO D 87 -4.38 -22.34 29.46
C PRO D 87 -5.30 -21.96 28.32
N ASP D 88 -4.95 -20.92 27.56
CA ASP D 88 -5.84 -20.43 26.50
C ASP D 88 -5.68 -21.23 25.22
N ASP D 89 -4.46 -21.65 24.89
CA ASP D 89 -4.14 -22.02 23.52
C ASP D 89 -3.41 -23.36 23.40
N GLU D 90 -3.92 -24.42 24.02
CA GLU D 90 -3.41 -25.76 23.70
C GLU D 90 -3.68 -26.13 22.26
N HIS D 91 -4.73 -25.56 21.67
CA HIS D 91 -5.21 -25.96 20.35
C HIS D 91 -5.21 -24.81 19.35
N SER D 92 -4.48 -23.73 19.63
CA SER D 92 -4.41 -22.62 18.69
C SER D 92 -3.71 -23.03 17.39
N GLU D 93 -2.62 -23.78 17.50
CA GLU D 93 -1.84 -24.21 16.35
C GLU D 93 -2.62 -25.29 15.61
N PRO D 94 -2.43 -25.43 14.28
CA PRO D 94 -3.21 -26.44 13.54
C PRO D 94 -2.96 -27.88 13.96
N VAL D 95 -2.13 -28.13 14.97
CA VAL D 95 -2.02 -29.48 15.50
C VAL D 95 -3.34 -29.87 16.14
N HIS D 96 -3.86 -31.04 15.76
CA HIS D 96 -5.20 -31.47 16.15
C HIS D 96 -5.14 -32.66 17.09
N THR D 97 -4.05 -32.78 17.86
CA THR D 97 -3.93 -33.85 18.84
C THR D 97 -3.00 -33.44 19.97
N VAL D 98 -3.49 -33.49 21.21
CA VAL D 98 -2.73 -33.09 22.39
C VAL D 98 -2.72 -34.25 23.37
N VAL D 99 -1.53 -34.54 23.92
CA VAL D 99 -1.38 -35.57 24.94
C VAL D 99 -0.74 -34.95 26.17
N PHE D 100 -1.26 -35.30 27.35
CA PHE D 100 -0.77 -34.78 28.62
C PHE D 100 -0.05 -35.87 29.38
N GLN D 101 1.17 -35.58 29.82
CA GLN D 101 1.96 -36.51 30.62
C GLN D 101 1.97 -36.05 32.07
N GLY D 102 1.69 -36.97 32.98
CA GLY D 102 1.68 -36.64 34.39
C GLY D 102 1.71 -37.88 35.27
N ALA D 103 2.46 -37.82 36.36
CA ALA D 103 2.56 -38.96 37.26
C ALA D 103 1.24 -39.15 38.02
N ALA D 104 1.10 -40.33 38.63
CA ALA D 104 -0.11 -40.64 39.38
C ALA D 104 -0.29 -39.66 40.52
N GLY D 105 -1.50 -39.12 40.64
CA GLY D 105 -1.80 -38.16 41.67
C GLY D 105 -1.41 -36.72 41.37
N ILE D 106 -0.84 -36.45 40.20
CA ILE D 106 -0.48 -35.09 39.84
C ILE D 106 -1.68 -34.23 39.47
N GLY D 107 -2.83 -34.84 39.25
CA GLY D 107 -4.05 -34.12 38.96
C GLY D 107 -4.55 -34.18 37.53
N LYS D 108 -4.19 -35.22 36.76
CA LYS D 108 -4.69 -35.32 35.39
C LYS D 108 -6.19 -35.53 35.36
N THR D 109 -6.72 -36.32 36.29
CA THR D 109 -8.14 -36.68 36.24
C THR D 109 -9.03 -35.46 36.40
N ILE D 110 -8.69 -34.56 37.33
CA ILE D 110 -9.55 -33.41 37.57
C ILE D 110 -9.09 -32.15 36.84
N LEU D 111 -7.92 -32.20 36.18
CA LEU D 111 -7.55 -31.09 35.31
C LEU D 111 -8.51 -30.97 34.14
N ALA D 112 -8.92 -32.11 33.56
CA ALA D 112 -9.93 -32.10 32.51
C ALA D 112 -11.28 -31.65 33.05
N ARG D 113 -11.62 -32.06 34.28
CA ARG D 113 -12.90 -31.65 34.86
C ARG D 113 -12.95 -30.13 35.04
N LYS D 114 -11.87 -29.53 35.53
CA LYS D 114 -11.81 -28.08 35.60
C LYS D 114 -11.88 -27.46 34.21
N MET D 115 -11.19 -28.07 33.24
CA MET D 115 -11.20 -27.54 31.88
C MET D 115 -12.61 -27.57 31.29
N MET D 116 -13.38 -28.61 31.56
CA MET D 116 -14.70 -28.73 30.95
C MET D 116 -15.74 -27.86 31.66
N LEU D 117 -15.62 -27.68 32.97
CA LEU D 117 -16.47 -26.68 33.63
C LEU D 117 -16.08 -25.27 33.20
N ASP D 118 -14.78 -25.00 33.10
CA ASP D 118 -14.34 -23.67 32.66
C ASP D 118 -14.84 -23.38 31.25
N TRP D 119 -14.88 -24.40 30.40
CA TRP D 119 -15.56 -24.29 29.12
C TRP D 119 -17.04 -23.97 29.30
N ALA D 120 -17.70 -24.67 30.22
CA ALA D 120 -19.15 -24.58 30.32
C ALA D 120 -19.63 -23.16 30.60
N SER D 121 -18.80 -22.35 31.25
CA SER D 121 -19.12 -20.94 31.48
C SER D 121 -18.74 -20.06 30.30
N GLY D 122 -18.16 -20.64 29.25
CA GLY D 122 -17.76 -19.88 28.08
C GLY D 122 -16.42 -19.19 28.18
N THR D 123 -15.69 -19.38 29.28
CA THR D 123 -14.42 -18.69 29.45
C THR D 123 -13.32 -19.31 28.58
N LEU D 124 -13.45 -20.58 28.24
CA LEU D 124 -12.43 -21.29 27.48
C LEU D 124 -13.05 -21.88 26.22
N TYR D 125 -12.49 -21.51 25.06
CA TYR D 125 -12.87 -22.06 23.76
C TYR D 125 -14.39 -21.97 23.52
N GLN D 126 -14.87 -20.73 23.47
CA GLN D 126 -16.28 -20.51 23.15
C GLN D 126 -16.53 -20.55 21.65
N ASP D 127 -15.48 -20.38 20.85
CA ASP D 127 -15.67 -20.23 19.41
C ASP D 127 -15.50 -21.52 18.62
N ARG D 128 -14.32 -22.17 18.70
CA ARG D 128 -14.12 -23.36 17.88
C ARG D 128 -14.91 -24.54 18.43
N PHE D 129 -15.37 -24.48 19.68
CA PHE D 129 -16.01 -25.68 20.17
C PHE D 129 -17.24 -25.32 21.01
N ASP D 130 -18.29 -26.11 20.81
CA ASP D 130 -19.52 -26.00 21.59
C ASP D 130 -20.00 -27.35 22.09
N TYR D 131 -19.27 -28.44 21.80
CA TYR D 131 -19.60 -29.77 22.28
C TYR D 131 -18.34 -30.41 22.84
N LEU D 132 -18.44 -30.92 24.07
CA LEU D 132 -17.32 -31.60 24.72
C LEU D 132 -17.80 -32.94 25.24
N PHE D 133 -17.02 -33.99 24.99
CA PHE D 133 -17.37 -35.36 25.34
C PHE D 133 -16.28 -35.94 26.23
N TYR D 134 -16.68 -36.46 27.39
CA TYR D 134 -15.74 -36.99 28.37
C TYR D 134 -15.68 -38.51 28.26
N ILE D 135 -14.49 -39.05 27.99
CA ILE D 135 -14.31 -40.50 27.89
C ILE D 135 -13.44 -40.99 29.04
N HIS D 136 -14.08 -41.47 30.10
CA HIS D 136 -13.35 -41.98 31.26
C HIS D 136 -12.91 -43.41 30.98
N CYS D 137 -11.61 -43.59 30.76
CA CYS D 137 -11.10 -44.91 30.42
C CYS D 137 -11.31 -45.92 31.55
N ARG D 138 -11.38 -45.45 32.79
CA ARG D 138 -11.66 -46.36 33.90
C ARG D 138 -13.00 -47.04 33.73
N GLU D 139 -14.03 -46.29 33.35
CA GLU D 139 -15.36 -46.87 33.19
C GLU D 139 -15.53 -47.57 31.85
N VAL D 140 -14.57 -47.45 30.94
CA VAL D 140 -14.72 -48.02 29.61
C VAL D 140 -14.55 -49.53 29.66
N SER D 141 -15.53 -50.25 29.13
CA SER D 141 -15.46 -51.69 28.94
C SER D 141 -15.25 -51.93 27.44
N LEU D 142 -14.01 -52.22 27.06
CA LEU D 142 -13.61 -52.23 25.66
C LEU D 142 -13.55 -53.62 25.05
N VAL D 143 -13.95 -54.67 25.76
CA VAL D 143 -13.84 -56.01 25.21
C VAL D 143 -15.10 -56.35 24.41
N THR D 144 -15.16 -55.84 23.19
CA THR D 144 -16.24 -56.14 22.24
C THR D 144 -17.63 -55.84 22.83
N GLN D 145 -17.80 -54.63 23.35
CA GLN D 145 -19.13 -54.15 23.71
C GLN D 145 -19.55 -52.89 22.99
N ARG D 146 -18.72 -51.85 23.00
CA ARG D 146 -19.22 -50.51 22.74
C ARG D 146 -19.25 -50.20 21.25
N SER D 147 -20.32 -49.51 20.84
CA SER D 147 -20.55 -48.90 19.55
C SER D 147 -20.25 -47.40 19.70
N LEU D 148 -20.75 -46.59 18.76
CA LEU D 148 -20.72 -45.15 19.02
C LEU D 148 -21.57 -44.75 20.21
N GLY D 149 -22.11 -45.71 20.96
CA GLY D 149 -22.88 -45.45 22.17
C GLY D 149 -22.25 -44.49 23.16
N ASP D 150 -20.95 -44.23 22.99
CA ASP D 150 -20.29 -43.20 23.80
C ASP D 150 -20.98 -41.85 23.63
N LEU D 151 -21.52 -41.56 22.44
CA LEU D 151 -22.14 -40.26 22.22
C LEU D 151 -23.52 -40.13 22.88
N ILE D 152 -24.38 -41.15 22.79
CA ILE D 152 -25.66 -41.04 23.46
C ILE D 152 -25.50 -41.06 24.98
N MET D 153 -24.61 -41.91 25.50
CA MET D 153 -24.56 -42.10 26.94
C MET D 153 -24.11 -40.83 27.65
N SER D 154 -23.31 -40.00 26.98
CA SER D 154 -22.73 -38.83 27.65
C SER D 154 -23.73 -37.69 27.76
N CYS D 155 -24.43 -37.38 26.66
CA CYS D 155 -25.31 -36.21 26.63
C CYS D 155 -26.45 -36.32 27.63
N CYS D 156 -27.35 -37.28 27.40
CA CYS D 156 -28.51 -37.49 28.25
C CYS D 156 -28.92 -38.95 28.12
N PRO D 157 -29.87 -39.44 28.94
CA PRO D 157 -30.30 -40.85 28.85
C PRO D 157 -30.50 -41.38 27.44
N ASP D 158 -31.39 -40.77 26.64
CA ASP D 158 -31.56 -41.27 25.28
C ASP D 158 -32.17 -40.26 24.31
N PRO D 159 -31.57 -39.08 24.12
CA PRO D 159 -31.95 -38.26 22.97
C PRO D 159 -31.02 -38.47 21.79
N ASN D 160 -31.57 -38.49 20.58
CA ASN D 160 -30.69 -38.60 19.42
C ASN D 160 -30.83 -37.49 18.40
N PRO D 161 -30.91 -36.21 18.78
CA PRO D 161 -30.55 -35.15 17.83
C PRO D 161 -29.06 -35.08 17.58
N PRO D 162 -28.20 -35.05 18.61
CA PRO D 162 -26.76 -34.88 18.32
C PRO D 162 -26.14 -36.06 17.59
N ILE D 163 -26.72 -37.25 17.68
CA ILE D 163 -26.14 -38.40 17.02
C ILE D 163 -26.22 -38.24 15.50
N HIS D 164 -27.07 -37.33 15.03
CA HIS D 164 -27.21 -37.10 13.59
C HIS D 164 -26.86 -35.69 13.17
N LYS D 165 -27.27 -34.67 13.95
CA LYS D 165 -27.04 -33.29 13.51
C LYS D 165 -25.62 -32.84 13.87
N ILE D 166 -25.07 -33.34 14.97
CA ILE D 166 -23.78 -32.84 15.45
C ILE D 166 -22.62 -33.57 14.77
N VAL D 167 -22.84 -34.84 14.41
CA VAL D 167 -21.76 -35.63 13.83
C VAL D 167 -21.43 -35.16 12.42
N ARG D 168 -22.26 -34.28 11.86
CA ARG D 168 -22.05 -33.83 10.48
C ARG D 168 -20.76 -33.03 10.34
N LYS D 169 -20.53 -32.06 11.23
CA LYS D 169 -19.38 -31.18 11.09
C LYS D 169 -18.31 -31.60 12.10
N PRO D 170 -17.18 -32.16 11.65
CA PRO D 170 -16.21 -32.74 12.59
C PRO D 170 -15.49 -31.72 13.47
N SER D 171 -15.53 -30.44 13.09
CA SER D 171 -14.89 -29.39 13.88
C SER D 171 -15.76 -28.93 15.04
N ARG D 172 -16.69 -29.78 15.48
CA ARG D 172 -17.63 -29.47 16.54
C ARG D 172 -17.46 -30.38 17.75
N ILE D 173 -16.64 -31.42 17.65
CA ILE D 173 -16.49 -32.43 18.68
C ILE D 173 -15.02 -32.66 18.98
N LEU D 174 -14.67 -32.68 20.26
CA LEU D 174 -13.39 -33.18 20.72
C LEU D 174 -13.65 -34.20 21.82
N PHE D 175 -12.68 -35.08 22.05
CA PHE D 175 -12.84 -36.17 22.98
C PHE D 175 -11.81 -36.07 24.09
N LEU D 176 -12.28 -36.09 25.33
CA LEU D 176 -11.42 -36.01 26.52
C LEU D 176 -11.26 -37.42 27.08
N MET D 177 -10.28 -38.15 26.55
CA MET D 177 -10.00 -39.51 26.98
C MET D 177 -9.09 -39.43 28.21
N ASP D 178 -9.70 -39.49 29.39
CA ASP D 178 -8.98 -39.30 30.64
C ASP D 178 -8.33 -40.61 31.07
N GLY D 179 -7.05 -40.54 31.42
CA GLY D 179 -6.35 -41.69 31.99
C GLY D 179 -6.21 -42.87 31.07
N PHE D 180 -5.47 -42.71 29.98
CA PHE D 180 -5.23 -43.84 29.08
C PHE D 180 -4.43 -44.94 29.77
N ASP D 181 -3.64 -44.60 30.79
CA ASP D 181 -2.96 -45.61 31.58
C ASP D 181 -3.95 -46.50 32.31
N GLU D 182 -5.14 -45.99 32.59
CA GLU D 182 -6.14 -46.74 33.33
C GLU D 182 -6.98 -47.65 32.44
N LEU D 183 -6.52 -47.90 31.22
CA LEU D 183 -7.15 -48.89 30.37
C LEU D 183 -7.10 -50.27 31.01
N GLN D 184 -8.16 -51.04 30.82
CA GLN D 184 -8.28 -52.37 31.39
C GLN D 184 -8.25 -53.41 30.28
N GLY D 185 -7.71 -54.59 30.60
CA GLY D 185 -7.66 -55.69 29.68
C GLY D 185 -6.38 -55.73 28.87
N ALA D 186 -6.37 -56.65 27.91
CA ALA D 186 -5.24 -56.84 27.01
C ALA D 186 -5.40 -55.90 25.81
N PHE D 187 -4.59 -54.85 25.77
CA PHE D 187 -4.59 -53.90 24.66
C PHE D 187 -3.48 -54.29 23.69
N ASP D 188 -3.86 -55.04 22.66
CA ASP D 188 -2.91 -55.40 21.62
C ASP D 188 -2.58 -54.17 20.78
N GLU D 189 -1.38 -54.18 20.20
CA GLU D 189 -0.89 -53.01 19.48
C GLU D 189 -1.70 -52.76 18.20
N HIS D 190 -2.32 -53.80 17.65
CA HIS D 190 -2.99 -53.70 16.37
C HIS D 190 -4.23 -54.61 16.37
N ILE D 191 -5.41 -53.99 16.50
CA ILE D 191 -6.68 -54.70 16.43
C ILE D 191 -7.64 -53.86 15.60
N GLY D 192 -8.35 -54.50 14.68
CA GLY D 192 -9.31 -53.83 13.85
C GLY D 192 -8.66 -52.91 12.83
N PRO D 193 -7.97 -53.49 11.85
CA PRO D 193 -7.31 -52.65 10.84
C PRO D 193 -8.28 -51.83 10.00
N LEU D 194 -9.32 -52.47 9.46
CA LEU D 194 -10.30 -51.78 8.64
C LEU D 194 -11.43 -51.27 9.52
N CYS D 195 -11.50 -49.95 9.70
CA CYS D 195 -12.54 -49.34 10.51
C CYS D 195 -12.85 -47.93 10.03
N THR D 196 -13.88 -47.80 9.20
CA THR D 196 -14.29 -46.51 8.66
C THR D 196 -15.80 -46.28 8.75
N ASP D 197 -16.59 -47.35 8.83
CA ASP D 197 -18.03 -47.24 8.94
C ASP D 197 -18.39 -46.46 10.20
N TRP D 198 -19.36 -45.56 10.08
CA TRP D 198 -19.58 -44.57 11.13
C TRP D 198 -20.33 -45.15 12.32
N GLN D 199 -21.57 -45.58 12.13
CA GLN D 199 -22.48 -45.84 13.24
C GLN D 199 -22.27 -47.20 13.90
N LYS D 200 -21.52 -48.11 13.28
CA LYS D 200 -21.39 -49.46 13.82
C LYS D 200 -19.93 -49.89 13.80
N ALA D 201 -19.34 -49.99 14.99
CA ALA D 201 -18.02 -50.58 15.14
C ALA D 201 -18.10 -51.78 16.08
N GLU D 202 -18.77 -51.59 17.22
CA GLU D 202 -19.12 -52.64 18.18
C GLU D 202 -17.93 -53.22 18.90
N ARG D 203 -16.71 -52.81 18.55
CA ARG D 203 -15.49 -53.30 19.17
C ARG D 203 -14.82 -52.16 19.92
N GLY D 204 -14.56 -52.36 21.21
CA GLY D 204 -13.92 -51.32 22.01
C GLY D 204 -12.52 -50.99 21.54
N ASP D 205 -11.74 -52.02 21.20
CA ASP D 205 -10.40 -51.78 20.68
C ASP D 205 -10.44 -51.04 19.35
N ILE D 206 -11.41 -51.37 18.50
CA ILE D 206 -11.57 -50.66 17.23
C ILE D 206 -11.86 -49.18 17.48
N LEU D 207 -12.77 -48.90 18.42
CA LEU D 207 -13.13 -47.52 18.71
C LEU D 207 -11.92 -46.71 19.16
N LEU D 208 -11.17 -47.23 20.13
CA LEU D 208 -10.01 -46.51 20.64
C LEU D 208 -8.94 -46.38 19.57
N SER D 209 -8.71 -47.45 18.80
CA SER D 209 -7.71 -47.40 17.74
C SER D 209 -8.11 -46.44 16.64
N SER D 210 -9.39 -46.48 16.23
CA SER D 210 -9.84 -45.61 15.15
C SER D 210 -9.87 -44.14 15.57
N LEU D 211 -10.40 -43.85 16.77
CA LEU D 211 -10.51 -42.47 17.22
C LEU D 211 -9.13 -41.83 17.40
N ILE D 212 -8.18 -42.57 17.98
CA ILE D 212 -6.82 -42.05 18.11
C ILE D 212 -6.22 -41.82 16.73
N ARG D 213 -6.39 -42.77 15.81
CA ARG D 213 -5.91 -42.62 14.45
C ARG D 213 -6.78 -41.67 13.63
N LYS D 214 -7.89 -41.20 14.19
CA LYS D 214 -8.79 -40.26 13.51
C LYS D 214 -9.33 -40.86 12.21
N LYS D 215 -9.66 -42.15 12.27
CA LYS D 215 -10.29 -42.85 11.15
C LYS D 215 -11.79 -42.96 11.28
N LEU D 216 -12.31 -43.16 12.49
CA LEU D 216 -13.75 -43.14 12.70
C LEU D 216 -14.33 -41.79 12.38
N LEU D 217 -13.67 -40.72 12.81
CA LEU D 217 -14.13 -39.35 12.55
C LEU D 217 -12.92 -38.53 12.14
N PRO D 218 -12.69 -38.37 10.85
CA PRO D 218 -11.57 -37.55 10.39
C PRO D 218 -11.73 -36.10 10.83
N GLU D 219 -10.57 -35.46 11.02
CA GLU D 219 -10.50 -34.11 11.59
C GLU D 219 -11.19 -34.07 12.95
N ALA D 220 -10.62 -34.81 13.90
CA ALA D 220 -11.14 -34.89 15.25
C ALA D 220 -10.10 -34.36 16.24
N SER D 221 -10.54 -33.47 17.12
CA SER D 221 -9.67 -32.89 18.13
C SER D 221 -9.59 -33.83 19.32
N LEU D 222 -8.38 -34.04 19.83
CA LEU D 222 -8.16 -34.98 20.91
C LEU D 222 -7.31 -34.35 22.00
N LEU D 223 -7.61 -34.71 23.25
CA LEU D 223 -6.82 -34.29 24.39
C LEU D 223 -6.88 -35.43 25.40
N ILE D 224 -5.78 -36.16 25.54
CA ILE D 224 -5.73 -37.38 26.33
C ILE D 224 -4.71 -37.21 27.44
N THR D 225 -5.05 -37.72 28.63
CA THR D 225 -4.17 -37.69 29.78
C THR D 225 -3.54 -39.07 29.94
N THR D 226 -2.21 -39.13 29.89
CA THR D 226 -1.49 -40.39 29.96
C THR D 226 -0.37 -40.30 30.99
N ARG D 227 -0.19 -41.40 31.72
CA ARG D 227 0.97 -41.52 32.60
C ARG D 227 2.24 -41.67 31.76
N PRO D 228 3.33 -41.04 32.16
CA PRO D 228 4.54 -41.05 31.31
C PRO D 228 5.07 -42.44 31.02
N VAL D 229 4.81 -43.42 31.88
CA VAL D 229 5.26 -44.79 31.62
C VAL D 229 4.53 -45.41 30.45
N ALA D 230 3.38 -44.86 30.06
CA ALA D 230 2.54 -45.48 29.04
C ALA D 230 2.83 -44.98 27.63
N LEU D 231 3.83 -44.13 27.44
CA LEU D 231 4.08 -43.56 26.12
C LEU D 231 4.48 -44.61 25.09
N GLU D 232 4.92 -45.80 25.53
CA GLU D 232 5.29 -46.83 24.58
C GLU D 232 4.08 -47.25 23.73
N LYS D 233 2.92 -47.38 24.35
CA LYS D 233 1.70 -47.70 23.60
C LYS D 233 1.28 -46.54 22.73
N LEU D 234 1.46 -45.30 23.22
CA LEU D 234 1.05 -44.13 22.47
C LEU D 234 1.84 -43.99 21.19
N GLN D 235 3.16 -44.22 21.26
CA GLN D 235 4.03 -44.01 20.10
C GLN D 235 3.64 -44.89 18.92
N HIS D 236 3.04 -46.05 19.16
CA HIS D 236 2.56 -46.89 18.07
C HIS D 236 1.38 -46.24 17.36
N LEU D 237 0.59 -45.44 18.06
CA LEU D 237 -0.66 -44.92 17.53
C LEU D 237 -0.66 -43.41 17.28
N LEU D 238 0.18 -42.64 17.97
CA LEU D 238 0.17 -41.20 17.78
C LEU D 238 0.65 -40.83 16.39
N ASP D 239 -0.01 -39.85 15.78
CA ASP D 239 0.35 -39.32 14.48
C ASP D 239 0.35 -37.80 14.57
N HIS D 240 1.54 -37.20 14.51
CA HIS D 240 1.70 -35.76 14.65
C HIS D 240 1.05 -35.23 15.93
N PRO D 241 1.53 -35.66 17.10
CA PRO D 241 0.91 -35.23 18.35
C PRO D 241 1.61 -34.01 18.94
N ARG D 242 1.04 -33.52 20.04
CA ARG D 242 1.64 -32.46 20.83
C ARG D 242 1.72 -32.92 22.28
N HIS D 243 2.92 -32.89 22.85
CA HIS D 243 3.18 -33.44 24.18
C HIS D 243 3.38 -32.30 25.18
N VAL D 244 2.69 -32.38 26.30
CA VAL D 244 2.78 -31.38 27.37
C VAL D 244 2.94 -32.11 28.69
N GLU D 245 3.95 -31.72 29.48
CA GLU D 245 4.22 -32.32 30.77
C GLU D 245 3.48 -31.56 31.87
N ILE D 246 2.95 -32.31 32.83
CA ILE D 246 2.19 -31.74 33.94
C ILE D 246 2.98 -31.98 35.23
N LEU D 247 3.42 -30.89 35.85
CA LEU D 247 4.08 -30.94 37.14
C LEU D 247 3.06 -30.66 38.25
N GLY D 248 3.55 -30.45 39.47
CA GLY D 248 2.67 -30.29 40.60
C GLY D 248 2.63 -28.93 41.25
N PHE D 249 2.78 -28.91 42.58
CA PHE D 249 2.60 -27.70 43.38
C PHE D 249 3.94 -27.05 43.69
N SER D 250 3.90 -25.73 43.87
CA SER D 250 5.04 -24.96 44.35
C SER D 250 4.92 -24.75 45.86
N GLU D 251 5.97 -24.18 46.45
CA GLU D 251 5.91 -23.86 47.88
C GLU D 251 4.82 -22.84 48.15
N ALA D 252 4.73 -21.80 47.32
CA ALA D 252 3.64 -20.83 47.46
C ALA D 252 2.29 -21.48 47.19
N LYS D 253 2.21 -22.34 46.18
CA LYS D 253 0.96 -23.02 45.87
C LYS D 253 0.54 -23.95 46.99
N ARG D 254 1.51 -24.62 47.63
CA ARG D 254 1.19 -25.48 48.76
C ARG D 254 0.55 -24.68 49.90
N LYS D 255 1.08 -23.49 50.18
CA LYS D 255 0.49 -22.64 51.21
C LYS D 255 -0.92 -22.21 50.81
N GLU D 256 -1.12 -21.88 49.54
CA GLU D 256 -2.44 -21.47 49.08
C GLU D 256 -3.44 -22.61 49.22
N TYR D 257 -3.02 -23.84 48.91
CA TYR D 257 -3.93 -24.99 49.02
C TYR D 257 -4.36 -25.20 50.46
N PHE D 258 -3.42 -25.06 51.41
CA PHE D 258 -3.76 -25.24 52.82
C PHE D 258 -4.75 -24.17 53.28
N PHE D 259 -4.58 -22.94 52.81
CA PHE D 259 -5.54 -21.89 53.13
C PHE D 259 -6.91 -22.19 52.51
N LYS D 260 -6.92 -22.65 51.26
CA LYS D 260 -8.18 -22.97 50.60
C LYS D 260 -8.84 -24.22 51.16
N TYR D 261 -8.09 -25.04 51.89
CA TYR D 261 -8.64 -26.27 52.47
C TYR D 261 -9.08 -26.06 53.91
N PHE D 262 -8.24 -25.45 54.73
CA PHE D 262 -8.55 -25.29 56.15
C PHE D 262 -9.47 -24.10 56.36
N SER D 263 -10.69 -24.37 56.81
CA SER D 263 -11.65 -23.30 57.06
C SER D 263 -11.19 -22.39 58.18
N ASP D 264 -10.66 -22.97 59.26
CA ASP D 264 -10.18 -22.20 60.41
C ASP D 264 -8.71 -21.86 60.21
N GLU D 265 -8.44 -20.61 59.84
CA GLU D 265 -7.06 -20.17 59.58
C GLU D 265 -6.21 -20.08 60.84
N ALA D 266 -6.82 -20.15 62.02
CA ALA D 266 -6.03 -20.12 63.26
C ALA D 266 -5.07 -21.30 63.35
N GLN D 267 -5.55 -22.48 62.96
CA GLN D 267 -4.71 -23.68 62.94
C GLN D 267 -4.07 -23.92 61.58
N ALA D 268 -4.54 -23.26 60.53
CA ALA D 268 -3.96 -23.47 59.20
C ALA D 268 -2.49 -23.06 59.18
N ARG D 269 -2.17 -21.91 59.77
CA ARG D 269 -0.76 -21.51 59.88
C ARG D 269 0.01 -22.49 60.75
N ALA D 270 -0.60 -22.93 61.86
CA ALA D 270 0.06 -23.91 62.72
C ALA D 270 0.25 -25.23 61.99
N ALA D 271 -0.76 -25.68 61.25
CA ALA D 271 -0.63 -26.91 60.49
C ALA D 271 0.39 -26.76 59.36
N PHE D 272 0.37 -25.61 58.67
CA PHE D 272 1.35 -25.38 57.61
C PHE D 272 2.76 -25.30 58.16
N SER D 273 2.94 -24.64 59.31
CA SER D 273 4.27 -24.57 59.92
C SER D 273 4.76 -25.95 60.31
N LEU D 274 3.87 -26.79 60.85
CA LEU D 274 4.24 -28.17 61.14
C LEU D 274 4.58 -28.91 59.85
N ILE D 275 3.82 -28.67 58.79
CA ILE D 275 4.14 -29.26 57.49
C ILE D 275 5.44 -28.67 56.95
N GLN D 276 5.59 -27.35 57.04
CA GLN D 276 6.80 -26.70 56.54
C GLN D 276 8.04 -27.12 57.32
N GLU D 277 7.87 -27.48 58.60
CA GLU D 277 9.01 -27.90 59.40
C GLU D 277 9.64 -29.17 58.83
N ASN D 278 8.82 -30.12 58.41
CA ASN D 278 9.34 -31.32 57.79
C ASN D 278 10.01 -30.99 56.46
N GLU D 279 11.13 -31.65 56.19
CA GLU D 279 11.89 -31.40 54.98
C GLU D 279 11.56 -32.38 53.85
N VAL D 280 11.15 -33.59 54.19
CA VAL D 280 10.80 -34.58 53.16
C VAL D 280 9.33 -34.47 52.79
N LEU D 281 8.46 -34.29 53.78
CA LEU D 281 7.03 -34.17 53.50
C LEU D 281 6.74 -32.92 52.67
N PHE D 282 7.40 -31.81 52.98
CA PHE D 282 7.12 -30.56 52.27
C PHE D 282 7.47 -30.67 50.79
N THR D 283 8.62 -31.27 50.48
CA THR D 283 8.97 -31.47 49.08
C THR D 283 8.17 -32.59 48.45
N MET D 284 7.61 -33.50 49.26
CA MET D 284 6.71 -34.51 48.73
C MET D 284 5.31 -33.97 48.50
N CYS D 285 5.03 -32.76 48.99
CA CYS D 285 3.75 -32.12 48.75
C CYS D 285 3.71 -31.35 47.43
N PHE D 286 4.63 -31.62 46.50
CA PHE D 286 4.47 -31.05 45.17
C PHE D 286 3.36 -31.76 44.42
N ILE D 287 3.12 -33.03 44.72
CA ILE D 287 1.99 -33.78 44.18
C ILE D 287 0.73 -33.35 44.91
N PRO D 288 -0.30 -32.87 44.22
CA PRO D 288 -1.52 -32.43 44.91
C PRO D 288 -2.20 -33.55 45.69
N LEU D 289 -2.08 -34.80 45.22
CA LEU D 289 -2.73 -35.90 45.92
C LEU D 289 -2.18 -36.05 47.34
N VAL D 290 -0.86 -35.91 47.50
CA VAL D 290 -0.26 -36.01 48.83
C VAL D 290 -0.78 -34.88 49.72
N CYS D 291 -0.96 -33.68 49.16
CA CYS D 291 -1.52 -32.58 49.93
C CYS D 291 -2.92 -32.90 50.41
N TRP D 292 -3.73 -33.54 49.56
CA TRP D 292 -5.07 -33.94 49.97
C TRP D 292 -5.01 -34.97 51.09
N ILE D 293 -4.08 -35.92 51.00
CA ILE D 293 -4.01 -36.99 51.98
C ILE D 293 -3.51 -36.46 53.33
N VAL D 294 -2.50 -35.61 53.31
CA VAL D 294 -1.98 -35.06 54.57
C VAL D 294 -3.00 -34.14 55.21
N CYS D 295 -3.77 -33.40 54.40
CA CYS D 295 -4.79 -32.52 54.94
C CYS D 295 -5.93 -33.32 55.55
N THR D 296 -6.41 -34.34 54.84
CA THR D 296 -7.49 -35.17 55.37
C THR D 296 -7.07 -35.88 56.65
N GLY D 297 -5.86 -36.46 56.65
CA GLY D 297 -5.39 -37.16 57.83
C GLY D 297 -5.23 -36.23 59.03
N LEU D 298 -4.70 -35.03 58.79
CA LEU D 298 -4.60 -34.05 59.87
C LEU D 298 -5.98 -33.62 60.35
N LYS D 299 -6.91 -33.41 59.42
CA LYS D 299 -8.27 -33.02 59.81
C LYS D 299 -9.05 -34.19 60.39
N GLN D 300 -8.81 -35.40 59.91
CA GLN D 300 -9.44 -36.57 60.52
C GLN D 300 -8.98 -36.74 61.96
N GLN D 301 -7.69 -36.52 62.20
CA GLN D 301 -7.13 -36.56 63.55
C GLN D 301 -7.24 -35.23 64.27
N MET D 302 -7.77 -34.19 63.61
CA MET D 302 -7.98 -32.92 64.29
C MET D 302 -9.00 -33.08 65.41
N GLU D 303 -10.05 -33.87 65.18
CA GLU D 303 -10.98 -34.21 66.25
C GLU D 303 -10.31 -35.06 67.32
N SER D 304 -9.18 -35.70 67.01
CA SER D 304 -8.41 -36.48 67.96
C SER D 304 -7.24 -35.71 68.54
N GLY D 305 -6.54 -34.92 67.73
CA GLY D 305 -5.44 -34.11 68.22
C GLY D 305 -4.07 -34.67 67.93
N LYS D 306 -3.86 -35.14 66.71
CA LYS D 306 -2.59 -35.73 66.29
C LYS D 306 -2.03 -34.95 65.10
N SER D 307 -0.79 -35.30 64.72
CA SER D 307 -0.14 -34.69 63.56
C SER D 307 0.21 -35.76 62.55
N LEU D 308 0.91 -35.37 61.47
CA LEU D 308 1.24 -36.33 60.41
C LEU D 308 2.71 -36.25 60.04
N ALA D 309 3.35 -35.10 60.25
CA ALA D 309 4.69 -34.84 59.73
C ALA D 309 5.77 -35.35 60.69
N GLN D 310 5.66 -36.63 61.05
CA GLN D 310 6.74 -37.32 61.74
C GLN D 310 7.15 -38.61 61.05
N THR D 311 6.19 -39.39 60.55
CA THR D 311 6.48 -40.57 59.75
C THR D 311 6.31 -40.25 58.27
N SER D 312 7.14 -39.34 57.79
CA SER D 312 7.10 -38.85 56.42
C SER D 312 8.38 -39.22 55.67
N LYS D 313 8.91 -40.41 55.96
CA LYS D 313 10.16 -40.82 55.33
C LYS D 313 9.99 -41.04 53.83
N THR D 314 8.99 -41.82 53.44
CA THR D 314 8.81 -42.19 52.04
C THR D 314 7.32 -42.16 51.70
N THR D 315 6.99 -42.57 50.48
CA THR D 315 5.60 -42.61 50.04
C THR D 315 4.80 -43.66 50.80
N THR D 316 5.42 -44.80 51.12
CA THR D 316 4.72 -45.82 51.89
C THR D 316 4.36 -45.31 53.28
N ALA D 317 5.26 -44.58 53.92
CA ALA D 317 5.03 -44.14 55.30
C ALA D 317 3.82 -43.21 55.40
N VAL D 318 3.70 -42.26 54.47
CA VAL D 318 2.60 -41.30 54.55
C VAL D 318 1.27 -41.98 54.27
N TYR D 319 1.24 -42.94 53.35
CA TYR D 319 0.00 -43.66 53.08
C TYR D 319 -0.33 -44.66 54.18
N VAL D 320 0.68 -45.35 54.70
CA VAL D 320 0.46 -46.27 55.81
C VAL D 320 -0.02 -45.50 57.04
N PHE D 321 0.62 -44.35 57.33
CA PHE D 321 0.17 -43.53 58.43
C PHE D 321 -1.22 -42.93 58.16
N PHE D 322 -1.52 -42.63 56.90
CA PHE D 322 -2.89 -42.24 56.57
C PHE D 322 -3.84 -43.39 56.86
N LEU D 323 -3.50 -44.59 56.41
CA LEU D 323 -4.31 -45.76 56.73
C LEU D 323 -4.40 -45.98 58.22
N SER D 324 -3.34 -45.63 58.96
CA SER D 324 -3.44 -45.60 60.42
C SER D 324 -4.55 -44.66 60.86
N SER D 325 -4.46 -43.39 60.47
CA SER D 325 -5.53 -42.44 60.74
C SER D 325 -6.82 -42.80 60.02
N LEU D 326 -6.73 -43.61 58.96
CA LEU D 326 -7.92 -44.08 58.27
C LEU D 326 -8.59 -45.22 59.02
N LEU D 327 -7.84 -45.89 59.90
CA LEU D 327 -8.36 -47.01 60.66
C LEU D 327 -8.26 -46.84 62.17
N GLN D 328 -7.47 -45.88 62.66
CA GLN D 328 -7.42 -45.66 64.10
C GLN D 328 -8.77 -45.32 64.69
N PRO D 329 -9.58 -44.42 64.12
CA PRO D 329 -10.96 -44.29 64.59
C PRO D 329 -11.79 -45.54 64.33
N ARG D 330 -11.47 -46.31 63.29
CA ARG D 330 -12.30 -47.44 62.89
C ARG D 330 -11.83 -48.75 63.53
N GLY D 331 -10.57 -49.13 63.26
CA GLY D 331 -10.04 -50.38 63.77
C GLY D 331 -8.62 -50.67 63.28
N GLY D 337 -10.67 -59.50 60.95
CA GLY D 337 -11.79 -58.66 60.57
C GLY D 337 -11.44 -57.67 59.47
N LEU D 338 -10.81 -56.56 59.86
CA LEU D 338 -10.40 -55.56 58.89
C LEU D 338 -9.39 -56.13 57.90
N CYS D 339 -8.43 -56.92 58.40
CA CYS D 339 -7.46 -57.55 57.52
C CYS D 339 -8.14 -58.48 56.52
N ALA D 340 -9.12 -59.26 57.00
CA ALA D 340 -9.94 -60.06 56.08
C ALA D 340 -10.69 -59.16 55.10
N HIS D 341 -11.23 -58.04 55.60
CA HIS D 341 -11.82 -57.06 54.70
C HIS D 341 -10.76 -56.47 53.78
N LEU D 342 -9.57 -56.20 54.32
CA LEU D 342 -8.44 -55.85 53.45
C LEU D 342 -8.11 -57.01 52.51
N TRP D 343 -8.12 -58.23 53.03
CA TRP D 343 -7.94 -59.40 52.16
C TRP D 343 -9.07 -59.48 51.15
N GLY D 344 -10.29 -59.15 51.56
CA GLY D 344 -11.41 -59.13 50.62
C GLY D 344 -11.22 -58.11 49.51
N LEU D 345 -10.53 -57.00 49.80
CA LEU D 345 -10.32 -55.99 48.79
C LEU D 345 -8.94 -56.06 48.15
N CYS D 346 -7.91 -56.47 48.89
CA CYS D 346 -6.58 -56.59 48.29
C CYS D 346 -6.56 -57.67 47.22
N SER D 347 -7.14 -58.83 47.51
CA SER D 347 -7.31 -59.85 46.47
C SER D 347 -8.23 -59.33 45.37
N LEU D 348 -9.26 -58.57 45.75
CA LEU D 348 -10.06 -57.88 44.74
C LEU D 348 -9.24 -56.83 44.01
N ALA D 349 -8.33 -56.16 44.70
CA ALA D 349 -7.37 -55.29 44.04
C ALA D 349 -6.30 -56.07 43.31
N ALA D 350 -6.06 -57.32 43.70
CA ALA D 350 -5.08 -58.14 43.00
C ALA D 350 -5.57 -58.52 41.61
N ASP D 351 -6.66 -59.29 41.54
CA ASP D 351 -7.22 -59.62 40.24
C ASP D 351 -7.76 -58.39 39.51
N GLY D 352 -7.95 -57.27 40.24
CA GLY D 352 -8.30 -56.03 39.59
C GLY D 352 -7.14 -55.37 38.88
N ILE D 353 -5.91 -55.84 39.14
CA ILE D 353 -4.76 -55.41 38.36
C ILE D 353 -4.23 -56.63 37.62
N TRP D 354 -4.46 -57.82 38.19
CA TRP D 354 -4.04 -59.04 37.51
C TRP D 354 -4.85 -59.23 36.23
N ASN D 355 -6.18 -59.23 36.36
CA ASN D 355 -7.09 -59.29 35.23
C ASN D 355 -7.62 -57.92 34.83
N GLN D 356 -7.10 -56.86 35.44
CA GLN D 356 -7.43 -55.47 35.10
C GLN D 356 -8.93 -55.19 35.27
N LYS D 357 -9.37 -55.24 36.52
CA LYS D 357 -10.75 -54.90 36.90
C LYS D 357 -10.72 -53.78 37.93
N ILE D 358 -10.71 -52.54 37.46
CA ILE D 358 -10.74 -51.39 38.38
C ILE D 358 -12.09 -51.33 39.09
N LEU D 359 -13.18 -51.43 38.34
CA LEU D 359 -14.51 -51.31 38.92
C LEU D 359 -14.90 -52.58 39.66
N PHE D 360 -15.68 -52.41 40.72
CA PHE D 360 -16.06 -53.49 41.62
C PHE D 360 -17.56 -53.72 41.55
N GLU D 361 -17.96 -54.97 41.38
CA GLU D 361 -19.37 -55.34 41.29
C GLU D 361 -19.90 -55.72 42.67
N GLU D 362 -21.23 -55.70 42.79
CA GLU D 362 -21.87 -56.12 44.03
C GLU D 362 -21.60 -57.59 44.32
N SER D 363 -21.67 -58.44 43.28
CA SER D 363 -21.34 -59.85 43.45
C SER D 363 -19.87 -60.01 43.83
N ASP D 364 -18.98 -59.26 43.18
CA ASP D 364 -17.56 -59.31 43.54
C ASP D 364 -17.35 -58.80 44.97
N LEU D 365 -18.13 -57.81 45.39
CA LEU D 365 -18.06 -57.35 46.77
C LEU D 365 -18.41 -58.47 47.74
N ARG D 366 -19.45 -59.24 47.43
CA ARG D 366 -19.83 -60.38 48.27
C ARG D 366 -19.01 -61.62 47.97
N ASN D 367 -18.31 -61.66 46.82
CA ASN D 367 -17.52 -62.83 46.47
C ASN D 367 -16.36 -63.01 47.43
N HIS D 368 -15.59 -61.95 47.67
CA HIS D 368 -14.50 -62.01 48.63
C HIS D 368 -15.00 -61.97 50.06
N GLY D 369 -16.15 -61.34 50.30
CA GLY D 369 -16.74 -61.29 51.62
C GLY D 369 -16.55 -59.96 52.31
N LEU D 370 -17.57 -59.10 52.25
CA LEU D 370 -17.59 -57.81 52.91
C LEU D 370 -18.92 -57.63 53.61
N GLN D 371 -19.06 -56.51 54.30
CA GLN D 371 -20.33 -56.13 54.93
C GLN D 371 -20.76 -54.79 54.35
N LYS D 372 -22.04 -54.68 54.00
CA LYS D 372 -22.56 -53.45 53.43
C LYS D 372 -22.39 -52.27 54.39
N ALA D 373 -22.69 -52.50 55.68
CA ALA D 373 -22.45 -51.46 56.67
C ALA D 373 -20.96 -51.14 56.78
N ASP D 374 -20.11 -52.15 56.77
CA ASP D 374 -18.67 -51.93 56.79
C ASP D 374 -18.21 -51.26 55.50
N VAL D 375 -18.77 -51.66 54.37
CA VAL D 375 -18.50 -50.96 53.12
C VAL D 375 -18.95 -49.50 53.22
N SER D 376 -20.15 -49.28 53.76
CA SER D 376 -20.60 -47.91 54.01
C SER D 376 -19.70 -47.22 55.02
N ALA D 377 -19.28 -47.95 56.07
CA ALA D 377 -18.28 -47.42 56.98
C ALA D 377 -16.98 -47.13 56.25
N PHE D 378 -16.63 -47.96 55.27
CA PHE D 378 -15.50 -47.65 54.41
C PHE D 378 -15.81 -46.47 53.48
N LEU D 379 -17.07 -46.35 53.06
CA LEU D 379 -17.46 -45.24 52.20
C LEU D 379 -17.42 -43.90 52.94
N ARG D 380 -17.90 -43.88 54.19
CA ARG D 380 -18.26 -42.60 54.81
C ARG D 380 -17.06 -41.74 55.12
N MET D 381 -15.89 -42.35 55.35
CA MET D 381 -14.69 -41.56 55.63
C MET D 381 -13.53 -41.93 54.71
N ASN D 382 -13.87 -42.30 53.48
CA ASN D 382 -12.95 -42.30 52.33
C ASN D 382 -11.81 -43.33 52.49
N LEU D 383 -12.20 -44.61 52.50
CA LEU D 383 -11.25 -45.63 52.10
C LEU D 383 -11.16 -45.71 50.58
N PHE D 384 -12.27 -46.00 49.93
CA PHE D 384 -12.38 -45.92 48.48
C PHE D 384 -13.52 -45.00 48.04
N GLN D 385 -14.67 -45.08 48.70
CA GLN D 385 -15.74 -44.08 48.66
C GLN D 385 -16.12 -43.70 47.22
N LYS D 386 -15.78 -44.57 46.28
CA LYS D 386 -16.00 -44.29 44.86
C LYS D 386 -17.17 -45.14 44.38
N GLU D 387 -18.36 -44.55 44.40
CA GLU D 387 -19.56 -45.15 43.80
C GLU D 387 -19.98 -44.26 42.63
N VAL D 388 -20.08 -44.86 41.44
CA VAL D 388 -20.42 -44.09 40.25
C VAL D 388 -21.87 -43.63 40.34
N ASP D 389 -22.09 -42.34 40.05
CA ASP D 389 -23.45 -41.82 40.05
C ASP D 389 -24.24 -42.30 38.84
N CYS D 390 -23.55 -42.59 37.73
CA CYS D 390 -24.24 -43.06 36.53
C CYS D 390 -24.91 -44.41 36.77
N GLU D 391 -24.21 -45.33 37.45
CA GLU D 391 -24.77 -46.64 37.75
C GLU D 391 -24.12 -47.15 39.04
N LYS D 392 -24.83 -48.07 39.71
CA LYS D 392 -24.38 -48.54 41.01
C LYS D 392 -23.19 -49.48 40.90
N PHE D 393 -21.99 -48.91 40.78
CA PHE D 393 -20.76 -49.69 40.78
C PHE D 393 -19.86 -49.24 41.92
N TYR D 394 -18.64 -49.77 41.98
CA TYR D 394 -17.71 -49.41 43.03
C TYR D 394 -16.31 -49.30 42.44
N SER D 395 -15.46 -48.51 43.10
CA SER D 395 -14.09 -48.29 42.66
C SER D 395 -13.28 -47.79 43.84
N PHE D 396 -11.95 -47.80 43.66
CA PHE D 396 -11.05 -47.23 44.66
C PHE D 396 -10.95 -45.72 44.50
N ILE D 397 -10.59 -45.05 45.60
CA ILE D 397 -10.53 -43.59 45.61
C ILE D 397 -9.43 -43.08 44.67
N HIS D 398 -8.27 -43.74 44.66
CA HIS D 398 -7.17 -43.32 43.80
C HIS D 398 -6.36 -44.54 43.38
N MET D 399 -5.53 -44.32 42.35
CA MET D 399 -4.86 -45.43 41.70
C MET D 399 -3.82 -46.03 42.63
N THR D 400 -3.11 -45.18 43.36
CA THR D 400 -2.08 -45.65 44.27
C THR D 400 -2.66 -46.42 45.44
N PHE D 401 -3.91 -46.14 45.81
CA PHE D 401 -4.54 -46.86 46.91
C PHE D 401 -4.81 -48.31 46.51
N GLN D 402 -5.31 -48.52 45.28
CA GLN D 402 -5.51 -49.89 44.81
C GLN D 402 -4.18 -50.62 44.72
N GLU D 403 -3.14 -49.96 44.20
CA GLU D 403 -1.84 -50.58 44.10
C GLU D 403 -1.17 -50.70 45.46
N PHE D 404 -1.50 -49.81 46.41
CA PHE D 404 -1.02 -49.98 47.77
C PHE D 404 -1.57 -51.27 48.39
N PHE D 405 -2.87 -51.52 48.19
CA PHE D 405 -3.46 -52.76 48.68
C PHE D 405 -3.06 -53.95 47.83
N ALA D 406 -2.66 -53.72 46.58
CA ALA D 406 -2.11 -54.80 45.77
C ALA D 406 -0.83 -55.36 46.40
N ALA D 407 0.03 -54.47 46.88
CA ALA D 407 1.21 -54.89 47.61
C ALA D 407 0.87 -55.42 48.99
N MET D 408 -0.28 -55.02 49.56
CA MET D 408 -0.69 -55.54 50.85
C MET D 408 -0.94 -57.03 50.79
N TYR D 409 -1.51 -57.50 49.68
CA TYR D 409 -1.73 -58.94 49.49
C TYR D 409 -0.42 -59.71 49.47
N TYR D 410 0.60 -59.17 48.81
CA TYR D 410 1.91 -59.79 48.73
C TYR D 410 2.66 -59.83 50.05
N LEU D 411 2.06 -59.31 51.13
CA LEU D 411 2.70 -59.31 52.43
C LEU D 411 1.78 -59.83 53.53
N LEU D 412 0.49 -60.03 53.24
CA LEU D 412 -0.41 -60.61 54.24
C LEU D 412 0.02 -62.02 54.61
N GLU D 413 0.02 -62.92 53.64
CA GLU D 413 0.45 -64.30 53.86
C GLU D 413 1.19 -64.84 52.64
N ARG D 426 -5.86 -64.31 46.05
CA ARG D 426 -6.50 -65.62 45.96
C ARG D 426 -6.26 -66.26 44.60
N LEU D 427 -5.46 -65.61 43.77
CA LEU D 427 -5.15 -66.09 42.43
C LEU D 427 -3.66 -66.26 42.16
N LYS D 428 -2.81 -65.50 42.83
CA LYS D 428 -1.36 -65.61 42.67
C LYS D 428 -0.71 -65.55 44.05
N LEU D 429 -0.12 -66.66 44.49
CA LEU D 429 0.49 -66.69 45.80
C LEU D 429 1.68 -65.73 45.85
N PRO D 430 1.93 -65.09 46.99
CA PRO D 430 3.00 -64.08 47.03
C PRO D 430 4.39 -64.63 46.78
N SER D 431 4.79 -65.68 47.51
CA SER D 431 6.18 -66.13 47.47
C SER D 431 6.55 -66.68 46.10
N ARG D 432 5.72 -67.56 45.55
CA ARG D 432 6.06 -68.20 44.28
C ARG D 432 5.86 -67.26 43.10
N ASP D 433 4.79 -66.47 43.11
CA ASP D 433 4.41 -65.68 41.95
C ASP D 433 4.93 -64.25 41.99
N VAL D 434 5.74 -63.89 42.98
CA VAL D 434 6.44 -62.62 42.90
C VAL D 434 7.46 -62.64 41.78
N THR D 435 8.14 -63.78 41.60
CA THR D 435 9.17 -63.89 40.57
C THR D 435 8.58 -63.71 39.18
N VAL D 436 7.43 -64.35 38.91
CA VAL D 436 6.77 -64.13 37.63
C VAL D 436 6.26 -62.70 37.54
N LEU D 437 5.82 -62.13 38.66
CA LEU D 437 5.43 -60.72 38.68
C LEU D 437 6.64 -59.83 38.39
N LEU D 438 7.81 -60.17 38.94
CA LEU D 438 9.00 -59.38 38.71
C LEU D 438 9.39 -59.36 37.24
N GLU D 439 9.10 -60.42 36.50
CA GLU D 439 9.28 -60.40 35.05
C GLU D 439 8.01 -59.96 34.33
N ASN D 440 6.87 -59.97 35.02
CA ASN D 440 5.65 -59.34 34.51
C ASN D 440 5.56 -57.88 34.92
N TYR D 441 6.61 -57.34 35.55
CA TYR D 441 6.61 -55.96 36.02
C TYR D 441 6.43 -54.98 34.87
N GLY D 442 7.12 -55.22 33.75
CA GLY D 442 7.09 -54.27 32.66
C GLY D 442 6.00 -54.51 31.63
N LYS D 443 5.41 -55.70 31.61
CA LYS D 443 4.43 -56.02 30.58
C LYS D 443 3.16 -55.21 30.78
N PHE D 444 2.72 -54.54 29.72
CA PHE D 444 1.50 -53.75 29.74
C PHE D 444 0.24 -54.62 29.81
N GLU D 445 0.36 -55.91 29.55
CA GLU D 445 -0.79 -56.81 29.60
C GLU D 445 -1.50 -56.73 30.94
N LYS D 446 -0.73 -56.65 32.03
CA LYS D 446 -1.28 -56.48 33.37
C LYS D 446 -1.17 -55.04 33.83
N GLY D 447 -1.31 -54.08 32.91
CA GLY D 447 -1.11 -52.69 33.26
C GLY D 447 0.36 -52.42 33.54
N TYR D 448 0.61 -51.47 34.43
CA TYR D 448 1.95 -51.15 34.89
C TYR D 448 1.98 -51.24 36.41
N LEU D 449 2.93 -51.99 36.94
CA LEU D 449 3.04 -52.26 38.37
C LEU D 449 4.17 -51.46 39.01
N ILE D 450 4.37 -50.21 38.55
CA ILE D 450 5.47 -49.40 39.07
C ILE D 450 5.29 -49.14 40.56
N PHE D 451 4.08 -48.78 40.98
CA PHE D 451 3.80 -48.56 42.39
C PHE D 451 3.60 -49.86 43.17
N VAL D 452 3.30 -50.97 42.48
CA VAL D 452 3.03 -52.22 43.17
C VAL D 452 4.27 -52.68 43.94
N VAL D 453 5.41 -52.73 43.25
CA VAL D 453 6.64 -53.11 43.92
C VAL D 453 7.09 -52.03 44.90
N ARG D 454 6.90 -50.75 44.55
CA ARG D 454 7.37 -49.66 45.40
C ARG D 454 6.78 -49.76 46.79
N PHE D 455 5.47 -49.90 46.88
CA PHE D 455 4.84 -50.12 48.18
C PHE D 455 5.28 -51.43 48.79
N LEU D 456 5.41 -52.48 47.96
CA LEU D 456 5.93 -53.75 48.45
C LEU D 456 7.34 -53.59 48.99
N PHE D 457 8.18 -52.83 48.27
CA PHE D 457 9.52 -52.54 48.77
C PHE D 457 9.45 -51.75 50.06
N GLY D 458 8.56 -50.75 50.13
CA GLY D 458 8.45 -49.94 51.33
C GLY D 458 7.87 -50.68 52.51
N LEU D 459 6.85 -51.52 52.27
CA LEU D 459 6.09 -52.10 53.37
C LEU D 459 6.92 -53.08 54.18
N VAL D 460 7.86 -53.78 53.54
CA VAL D 460 8.66 -54.77 54.24
C VAL D 460 9.58 -54.15 55.29
N ASN D 461 9.74 -52.83 55.27
CA ASN D 461 10.58 -52.12 56.22
C ASN D 461 9.88 -51.86 57.56
N GLN D 462 8.80 -52.59 57.84
CA GLN D 462 8.06 -52.53 59.10
C GLN D 462 7.83 -51.09 59.57
N GLU D 463 7.04 -50.33 58.79
CA GLU D 463 6.74 -48.94 59.10
C GLU D 463 6.28 -48.79 60.55
N ARG D 464 6.64 -47.67 61.20
CA ARG D 464 6.50 -47.50 62.63
C ARG D 464 5.05 -47.41 63.10
N THR D 465 4.08 -47.62 62.22
CA THR D 465 2.68 -47.61 62.62
C THR D 465 2.40 -48.77 63.58
N SER D 466 1.51 -48.52 64.54
CA SER D 466 1.25 -49.50 65.59
C SER D 466 0.75 -50.82 65.04
N TYR D 467 -0.42 -50.81 64.37
CA TYR D 467 -1.04 -52.04 63.91
C TYR D 467 -0.77 -52.31 62.43
N LEU D 468 0.35 -51.84 61.90
CA LEU D 468 0.80 -52.25 60.58
C LEU D 468 2.08 -53.07 60.61
N GLU D 469 2.53 -53.49 61.79
CA GLU D 469 3.73 -54.33 61.89
C GLU D 469 3.36 -55.75 62.34
N LYS D 470 2.52 -55.87 63.36
CA LYS D 470 2.36 -57.11 64.09
C LYS D 470 1.17 -57.95 63.62
N LYS D 471 0.44 -57.56 62.57
CA LYS D 471 -0.55 -58.46 61.98
C LYS D 471 -0.02 -59.20 60.76
N LEU D 472 1.11 -58.77 60.22
CA LEU D 472 1.70 -59.45 59.07
C LEU D 472 2.81 -60.38 59.52
N SER D 473 3.24 -61.24 58.60
CA SER D 473 4.15 -62.34 58.90
C SER D 473 5.55 -62.02 58.42
N CYS D 474 6.52 -62.17 59.32
CA CYS D 474 7.92 -61.92 58.99
C CYS D 474 8.53 -63.03 58.15
N LYS D 475 7.95 -64.23 58.17
CA LYS D 475 8.52 -65.34 57.41
C LYS D 475 8.52 -65.04 55.91
N ILE D 476 7.40 -64.56 55.39
CA ILE D 476 7.33 -64.18 53.99
C ILE D 476 8.14 -62.91 53.72
N SER D 477 8.07 -61.93 54.63
CA SER D 477 8.78 -60.68 54.42
C SER D 477 10.29 -60.91 54.33
N GLN D 478 10.84 -61.77 55.18
CA GLN D 478 12.25 -62.10 55.08
C GLN D 478 12.56 -62.79 53.76
N GLN D 479 11.68 -63.69 53.32
CA GLN D 479 11.83 -64.31 52.01
C GLN D 479 11.68 -63.27 50.91
N ILE D 480 10.77 -62.32 51.09
CA ILE D 480 10.61 -61.25 50.12
C ILE D 480 11.88 -60.40 50.02
N ARG D 481 12.49 -60.10 51.17
CA ARG D 481 13.70 -59.28 51.17
C ARG D 481 14.79 -59.90 50.31
N LEU D 482 15.02 -61.20 50.46
CA LEU D 482 16.01 -61.88 49.63
C LEU D 482 15.61 -61.88 48.17
N GLU D 483 14.32 -62.09 47.89
CA GLU D 483 13.84 -62.08 46.52
C GLU D 483 13.99 -60.70 45.88
N LEU D 484 13.62 -59.65 46.63
CA LEU D 484 13.82 -58.29 46.11
C LEU D 484 15.29 -57.99 45.90
N LEU D 485 16.13 -58.39 46.86
CA LEU D 485 17.58 -58.21 46.72
C LEU D 485 18.11 -58.95 45.51
N LYS D 486 17.62 -60.18 45.29
CA LYS D 486 17.98 -60.92 44.09
C LYS D 486 17.47 -60.23 42.83
N TRP D 487 16.26 -59.66 42.89
CA TRP D 487 15.68 -59.03 41.71
C TRP D 487 16.46 -57.79 41.30
N ILE D 488 16.93 -57.01 42.28
CA ILE D 488 17.70 -55.81 41.96
C ILE D 488 18.94 -56.16 41.16
N GLU D 489 19.65 -57.22 41.59
CA GLU D 489 20.80 -57.69 40.83
C GLU D 489 20.40 -58.16 39.44
N VAL D 490 19.25 -58.83 39.33
CA VAL D 490 18.78 -59.31 38.04
C VAL D 490 18.56 -58.15 37.08
N LYS D 491 17.89 -57.10 37.56
CA LYS D 491 17.68 -55.92 36.71
C LYS D 491 18.98 -55.18 36.46
N ALA D 492 19.85 -55.10 37.47
CA ALA D 492 21.12 -54.41 37.30
C ALA D 492 22.00 -55.10 36.28
N LYS D 493 22.04 -56.42 36.31
CA LYS D 493 22.87 -57.18 35.36
C LYS D 493 22.21 -57.34 34.00
N ALA D 494 20.96 -56.89 33.84
CA ALA D 494 20.28 -57.00 32.56
C ALA D 494 20.99 -56.11 31.54
N LYS D 495 21.69 -56.73 30.60
CA LYS D 495 22.43 -55.98 29.59
C LYS D 495 21.47 -55.24 28.67
N LYS D 496 20.35 -55.86 28.31
CA LYS D 496 19.40 -55.25 27.39
C LYS D 496 18.82 -53.97 28.00
N LEU D 497 18.51 -53.00 27.15
CA LEU D 497 18.02 -51.70 27.59
C LEU D 497 16.51 -51.78 27.82
N GLN D 498 16.14 -52.48 28.90
CA GLN D 498 14.75 -52.53 29.34
C GLN D 498 14.34 -51.14 29.82
N ILE D 499 13.40 -50.53 29.11
CA ILE D 499 13.07 -49.13 29.38
C ILE D 499 12.36 -48.96 30.71
N GLN D 500 11.45 -49.88 31.04
CA GLN D 500 10.61 -49.67 32.22
C GLN D 500 11.34 -49.81 33.56
N PRO D 501 12.26 -50.78 33.76
CA PRO D 501 12.96 -50.85 35.05
C PRO D 501 14.25 -50.04 35.03
N SER D 502 14.12 -48.73 34.81
CA SER D 502 15.28 -47.86 34.67
C SER D 502 16.02 -47.75 36.01
N GLN D 503 17.27 -47.27 35.91
CA GLN D 503 18.09 -47.12 37.11
C GLN D 503 17.47 -46.14 38.09
N LEU D 504 16.88 -45.06 37.58
CA LEU D 504 16.20 -44.12 38.45
C LEU D 504 15.00 -44.77 39.15
N GLU D 505 14.26 -45.61 38.42
CA GLU D 505 13.10 -46.27 39.03
C GLU D 505 13.53 -47.19 40.16
N LEU D 506 14.64 -47.92 39.98
CA LEU D 506 15.15 -48.77 41.05
C LEU D 506 15.54 -47.94 42.26
N PHE D 507 16.18 -46.79 42.03
CA PHE D 507 16.54 -45.92 43.14
C PHE D 507 15.32 -45.39 43.87
N TYR D 508 14.20 -45.22 43.17
CA TYR D 508 12.95 -44.87 43.84
C TYR D 508 12.55 -45.95 44.84
N CYS D 509 12.64 -47.22 44.43
CA CYS D 509 12.40 -48.31 45.35
C CYS D 509 13.48 -48.38 46.41
N LEU D 510 14.74 -48.16 46.03
CA LEU D 510 15.84 -48.22 46.99
C LEU D 510 15.71 -47.11 48.03
N TYR D 511 15.31 -45.91 47.61
CA TYR D 511 15.08 -44.83 48.58
C TYR D 511 13.95 -45.18 49.53
N GLU D 512 12.95 -45.92 49.05
CA GLU D 512 11.83 -46.33 49.90
C GLU D 512 12.23 -47.39 50.91
N MET D 513 13.43 -47.97 50.79
CA MET D 513 13.90 -48.95 51.77
C MET D 513 14.07 -48.31 53.14
N GLN D 514 14.81 -47.20 53.21
CA GLN D 514 15.21 -46.56 54.45
C GLN D 514 15.99 -47.49 55.36
N GLU D 515 16.53 -48.57 54.80
CA GLU D 515 17.35 -49.52 55.54
C GLU D 515 18.81 -49.32 55.14
N GLU D 516 19.67 -49.01 56.12
CA GLU D 516 21.05 -48.63 55.79
C GLU D 516 21.83 -49.80 55.21
N ASP D 517 21.77 -50.96 55.85
CA ASP D 517 22.62 -52.07 55.41
C ASP D 517 22.09 -52.73 54.15
N PHE D 518 20.77 -52.76 53.98
CA PHE D 518 20.20 -53.43 52.81
C PHE D 518 20.55 -52.69 51.52
N VAL D 519 20.40 -51.37 51.50
CA VAL D 519 20.76 -50.60 50.32
C VAL D 519 22.25 -50.65 50.06
N GLN D 520 23.06 -50.86 51.11
CA GLN D 520 24.50 -50.98 50.92
C GLN D 520 24.83 -52.19 50.05
N ARG D 521 24.29 -53.35 50.40
CA ARG D 521 24.56 -54.57 49.63
C ARG D 521 23.78 -54.61 48.33
N ALA D 522 22.56 -54.06 48.33
CA ALA D 522 21.74 -54.09 47.12
C ALA D 522 22.36 -53.25 45.99
N MET D 523 22.87 -52.07 46.33
CA MET D 523 23.40 -51.17 45.31
C MET D 523 24.85 -51.49 44.96
N ASP D 524 25.51 -52.38 45.71
CA ASP D 524 26.86 -52.80 45.36
C ASP D 524 26.93 -53.50 44.01
N TYR D 525 25.79 -53.75 43.36
CA TYR D 525 25.74 -54.28 42.01
C TYR D 525 25.62 -53.18 40.96
N PHE D 526 26.15 -51.99 41.24
CA PHE D 526 26.04 -50.83 40.35
C PHE D 526 27.45 -50.37 39.99
N PRO D 527 28.04 -50.92 38.92
CA PRO D 527 29.37 -50.42 38.52
C PRO D 527 29.32 -49.06 37.85
N LYS D 528 28.35 -48.84 36.97
CA LYS D 528 28.19 -47.58 36.26
C LYS D 528 26.81 -47.00 36.57
N ILE D 529 26.77 -45.71 36.89
CA ILE D 529 25.54 -45.03 37.27
C ILE D 529 25.24 -43.96 36.24
N GLU D 530 24.06 -44.02 35.64
CA GLU D 530 23.61 -43.03 34.67
C GLU D 530 22.24 -42.54 35.11
N ILE D 531 22.14 -41.26 35.48
CA ILE D 531 20.95 -40.70 36.09
C ILE D 531 20.48 -39.51 35.29
N ASN D 532 19.17 -39.44 35.05
CA ASN D 532 18.53 -38.26 34.49
C ASN D 532 17.50 -37.75 35.50
N LEU D 533 17.53 -36.45 35.78
CA LEU D 533 16.71 -35.86 36.83
C LEU D 533 15.77 -34.83 36.23
N SER D 534 14.59 -34.72 36.81
CA SER D 534 13.59 -33.76 36.34
C SER D 534 13.03 -32.86 37.43
N THR D 535 12.82 -33.40 38.63
CA THR D 535 12.14 -32.66 39.69
C THR D 535 13.01 -32.56 40.94
N ARG D 536 12.55 -31.75 41.88
CA ARG D 536 13.26 -31.61 43.15
C ARG D 536 13.28 -32.92 43.92
N MET D 537 12.16 -33.64 43.92
CA MET D 537 12.13 -34.94 44.59
C MET D 537 13.10 -35.92 43.95
N ASP D 538 13.30 -35.81 42.62
CA ASP D 538 14.26 -36.65 41.95
C ASP D 538 15.67 -36.43 42.47
N HIS D 539 15.96 -35.23 42.98
CA HIS D 539 17.29 -34.95 43.49
C HIS D 539 17.54 -35.64 44.82
N MET D 540 16.53 -35.68 45.68
CA MET D 540 16.71 -36.28 47.01
C MET D 540 16.75 -37.80 46.95
N VAL D 541 15.96 -38.41 46.05
CA VAL D 541 15.99 -39.86 45.91
C VAL D 541 17.36 -40.31 45.42
N SER D 542 17.93 -39.57 44.46
CA SER D 542 19.28 -39.88 44.00
C SER D 542 20.32 -39.57 45.06
N SER D 543 20.13 -38.49 45.83
CA SER D 543 21.09 -38.11 46.85
C SER D 543 21.21 -39.18 47.93
N PHE D 544 20.08 -39.78 48.32
CA PHE D 544 20.10 -40.82 49.34
C PHE D 544 20.86 -42.05 48.86
N CYS D 545 20.90 -42.27 47.54
CA CYS D 545 21.61 -43.42 47.02
C CYS D 545 23.11 -43.17 46.97
N ILE D 546 23.53 -42.11 46.29
CA ILE D 546 24.96 -41.86 46.10
C ILE D 546 25.67 -41.62 47.43
N GLU D 547 24.95 -41.26 48.49
CA GLU D 547 25.60 -40.92 49.75
C GLU D 547 26.17 -42.16 50.43
N ASN D 548 25.75 -43.35 50.01
CA ASN D 548 26.28 -44.59 50.59
C ASN D 548 26.62 -45.63 49.53
N CYS D 549 26.83 -45.22 48.28
CA CYS D 549 27.31 -46.12 47.23
C CYS D 549 28.83 -46.15 47.29
N HIS D 550 29.39 -47.22 47.85
CA HIS D 550 30.83 -47.33 48.04
C HIS D 550 31.52 -48.08 46.91
N ARG D 551 30.80 -48.46 45.85
CA ARG D 551 31.40 -49.18 44.74
C ARG D 551 31.20 -48.46 43.40
N VAL D 552 30.77 -47.21 43.42
CA VAL D 552 30.55 -46.48 42.18
C VAL D 552 31.88 -46.06 41.58
N GLU D 553 32.03 -46.29 40.27
CA GLU D 553 33.23 -45.88 39.54
C GLU D 553 32.97 -44.71 38.61
N SER D 554 32.00 -44.83 37.71
CA SER D 554 31.64 -43.77 36.78
C SER D 554 30.23 -43.30 37.09
N LEU D 555 30.04 -41.99 37.10
CA LEU D 555 28.77 -41.39 37.45
C LEU D 555 28.44 -40.27 36.46
N SER D 556 27.14 -40.03 36.29
CA SER D 556 26.68 -39.01 35.36
C SER D 556 25.35 -38.44 35.86
N LEU D 557 25.01 -37.26 35.35
CA LEU D 557 23.76 -36.60 35.69
C LEU D 557 23.06 -36.14 34.42
N GLY D 558 21.74 -36.09 34.49
CA GLY D 558 20.93 -35.56 33.40
C GLY D 558 19.91 -34.56 33.90
N PHE D 559 20.02 -33.31 33.45
CA PHE D 559 19.11 -32.25 33.84
C PHE D 559 18.22 -31.88 32.68
N LEU D 560 16.92 -31.74 32.94
CA LEU D 560 15.98 -31.30 31.92
C LEU D 560 15.08 -30.15 32.35
N HIS D 561 15.00 -29.84 33.64
CA HIS D 561 14.17 -28.74 34.12
C HIS D 561 14.69 -27.39 33.63
N HIS D 600 16.08 -26.19 39.19
CA HIS D 600 16.77 -26.67 40.38
C HIS D 600 18.28 -26.51 40.22
N LEU D 601 18.70 -25.82 39.16
CA LEU D 601 20.11 -25.56 38.95
C LEU D 601 20.65 -24.49 39.89
N THR D 602 19.79 -23.82 40.64
CA THR D 602 20.23 -22.83 41.61
C THR D 602 21.05 -23.49 42.72
N SER D 603 22.00 -22.73 43.27
CA SER D 603 22.90 -23.28 44.29
C SER D 603 22.16 -23.77 45.53
N SER D 604 20.92 -23.32 45.75
CA SER D 604 20.15 -23.80 46.88
C SER D 604 19.66 -25.24 46.69
N PHE D 605 19.76 -25.79 45.48
CA PHE D 605 19.27 -27.13 45.20
C PHE D 605 20.37 -28.10 44.82
N CYS D 606 21.20 -27.76 43.83
CA CYS D 606 22.25 -28.68 43.39
C CYS D 606 23.34 -28.87 44.43
N ARG D 607 23.42 -27.99 45.43
CA ARG D 607 24.48 -28.12 46.43
C ARG D 607 24.33 -29.41 47.23
N GLY D 608 23.08 -29.78 47.56
CA GLY D 608 22.87 -31.00 48.32
C GLY D 608 23.36 -32.23 47.60
N LEU D 609 23.09 -32.32 46.30
CA LEU D 609 23.55 -33.47 45.53
C LEU D 609 25.05 -33.40 45.26
N PHE D 610 25.57 -32.21 44.95
CA PHE D 610 26.99 -32.07 44.68
C PHE D 610 27.83 -32.32 45.93
N SER D 611 27.29 -32.00 47.11
CA SER D 611 28.02 -32.30 48.34
C SER D 611 28.21 -33.80 48.53
N VAL D 612 27.34 -34.61 47.94
CA VAL D 612 27.48 -36.06 48.02
C VAL D 612 28.74 -36.51 47.29
N LEU D 613 29.00 -35.95 46.10
CA LEU D 613 30.12 -36.40 45.29
C LEU D 613 31.44 -36.18 46.00
N SER D 614 31.60 -35.03 46.67
CA SER D 614 32.87 -34.72 47.33
C SER D 614 33.18 -35.69 48.45
N THR D 615 32.15 -36.28 49.06
CA THR D 615 32.33 -37.21 50.17
C THR D 615 32.32 -38.67 49.74
N SER D 616 32.32 -38.94 48.44
CA SER D 616 32.30 -40.30 47.92
C SER D 616 33.73 -40.72 47.57
N GLN D 617 34.26 -41.71 48.28
CA GLN D 617 35.63 -42.13 48.08
C GLN D 617 35.80 -42.89 46.77
N SER D 618 34.90 -43.82 46.48
CA SER D 618 35.05 -44.67 45.30
C SER D 618 34.87 -43.91 44.00
N LEU D 619 34.26 -42.72 44.04
CA LEU D 619 33.99 -41.98 42.82
C LEU D 619 35.28 -41.55 42.15
N THR D 620 35.34 -41.74 40.84
CA THR D 620 36.53 -41.38 40.06
C THR D 620 36.21 -40.50 38.86
N GLU D 621 35.08 -40.73 38.20
CA GLU D 621 34.72 -40.01 36.99
C GLU D 621 33.38 -39.34 37.15
N LEU D 622 33.26 -38.13 36.62
CA LEU D 622 32.01 -37.36 36.66
C LEU D 622 31.72 -36.85 35.25
N ASP D 623 30.56 -37.22 34.71
CA ASP D 623 30.19 -36.89 33.34
C ASP D 623 29.00 -35.94 33.40
N LEU D 624 29.29 -34.64 33.39
CA LEU D 624 28.25 -33.61 33.40
C LEU D 624 28.03 -32.99 32.03
N SER D 625 28.47 -33.65 30.97
CA SER D 625 28.39 -33.09 29.64
C SER D 625 26.95 -33.05 29.15
N ASP D 626 26.73 -32.23 28.12
CA ASP D 626 25.44 -32.11 27.44
C ASP D 626 24.34 -31.69 28.41
N ASN D 627 24.64 -30.68 29.23
CA ASN D 627 23.68 -30.11 30.17
C ASN D 627 23.66 -28.60 30.02
N SER D 628 22.64 -27.98 30.60
CA SER D 628 22.51 -26.52 30.62
C SER D 628 23.00 -25.93 31.94
N LEU D 629 23.96 -26.59 32.59
CA LEU D 629 24.51 -26.12 33.85
C LEU D 629 25.22 -24.79 33.63
N GLY D 630 24.68 -23.73 34.19
CA GLY D 630 25.20 -22.39 34.00
C GLY D 630 26.33 -22.06 34.94
N ASP D 631 26.81 -20.81 34.84
CA ASP D 631 27.90 -20.35 35.69
C ASP D 631 27.56 -20.41 37.17
N PRO D 632 26.40 -19.93 37.64
CA PRO D 632 26.10 -20.09 39.07
C PRO D 632 26.09 -21.55 39.52
N GLY D 633 25.58 -22.45 38.68
CA GLY D 633 25.69 -23.86 38.98
C GLY D 633 27.12 -24.36 38.94
N MET D 634 27.90 -23.83 38.00
CA MET D 634 29.31 -24.21 37.93
C MET D 634 30.08 -23.70 39.14
N ARG D 635 29.69 -22.53 39.67
CA ARG D 635 30.40 -21.97 40.82
C ARG D 635 30.29 -22.86 42.04
N VAL D 636 29.10 -23.41 42.31
CA VAL D 636 28.94 -24.26 43.49
C VAL D 636 29.62 -25.60 43.27
N LEU D 637 29.77 -26.03 42.02
CA LEU D 637 30.50 -27.27 41.74
C LEU D 637 31.96 -27.14 42.16
N CYS D 638 32.59 -26.01 41.85
CA CYS D 638 33.98 -25.82 42.24
C CYS D 638 34.13 -25.68 43.74
N GLU D 639 33.10 -25.17 44.43
CA GLU D 639 33.14 -25.11 45.88
C GLU D 639 33.21 -26.51 46.49
N THR D 640 32.45 -27.46 45.92
CA THR D 640 32.46 -28.82 46.43
C THR D 640 33.76 -29.53 46.07
N LEU D 641 34.31 -29.24 44.89
CA LEU D 641 35.53 -29.91 44.46
C LEU D 641 36.72 -29.58 45.35
N GLN D 642 36.74 -28.37 45.93
CA GLN D 642 37.81 -27.98 46.82
C GLN D 642 37.78 -28.71 48.15
N HIS D 643 36.70 -29.43 48.45
CA HIS D 643 36.62 -30.17 49.70
C HIS D 643 37.68 -31.27 49.71
N PRO D 644 38.43 -31.42 50.80
CA PRO D 644 39.43 -32.50 50.86
C PRO D 644 38.78 -33.86 50.78
N GLY D 645 39.50 -34.81 50.20
CA GLY D 645 39.01 -36.15 50.04
C GLY D 645 38.22 -36.41 48.77
N CYS D 646 37.96 -35.38 47.98
CA CYS D 646 37.27 -35.56 46.70
C CYS D 646 38.18 -36.30 45.74
N ASN D 647 37.84 -37.55 45.44
CA ASN D 647 38.69 -38.43 44.63
C ASN D 647 38.32 -38.40 43.15
N ILE D 648 37.61 -37.36 42.70
CA ILE D 648 37.27 -37.26 41.29
C ILE D 648 38.51 -36.94 40.49
N ARG D 649 38.80 -37.76 39.49
CA ARG D 649 39.99 -37.61 38.65
C ARG D 649 39.68 -37.00 37.30
N ARG D 650 38.64 -37.45 36.62
CA ARG D 650 38.32 -37.03 35.27
C ARG D 650 36.89 -36.50 35.24
N LEU D 651 36.73 -35.26 34.77
CA LEU D 651 35.41 -34.66 34.61
C LEU D 651 35.24 -34.18 33.16
N TRP D 652 34.06 -34.44 32.61
CA TRP D 652 33.73 -34.06 31.24
C TRP D 652 32.64 -33.00 31.29
N LEU D 653 32.91 -31.83 30.70
CA LEU D 653 32.01 -30.69 30.74
C LEU D 653 31.68 -30.19 29.34
N GLY D 654 31.52 -31.10 28.40
CA GLY D 654 31.20 -30.71 27.04
C GLY D 654 29.77 -30.21 26.92
N ARG D 655 29.57 -29.31 25.96
CA ARG D 655 28.25 -28.76 25.60
C ARG D 655 27.57 -28.04 26.76
N CYS D 656 28.27 -27.80 27.86
CA CYS D 656 27.67 -27.09 28.98
C CYS D 656 27.52 -25.62 28.64
N GLY D 657 26.64 -24.94 29.38
CA GLY D 657 26.40 -23.52 29.17
C GLY D 657 27.44 -22.64 29.83
N LEU D 658 28.65 -23.15 29.99
CA LEU D 658 29.70 -22.41 30.66
C LEU D 658 30.14 -21.22 29.82
N SER D 659 30.47 -20.12 30.48
CA SER D 659 30.96 -18.91 29.85
C SER D 659 32.36 -18.60 30.37
N HIS D 660 32.87 -17.41 30.02
CA HIS D 660 34.22 -17.03 30.40
C HIS D 660 34.36 -16.92 31.92
N GLU D 661 33.35 -16.39 32.59
CA GLU D 661 33.44 -16.11 34.03
C GLU D 661 33.51 -17.37 34.88
N CYS D 662 33.22 -18.54 34.32
CA CYS D 662 33.35 -19.77 35.08
C CYS D 662 34.81 -20.19 35.26
N CYS D 663 35.69 -19.80 34.33
CA CYS D 663 37.08 -20.21 34.39
C CYS D 663 37.79 -19.70 35.64
N PHE D 664 37.29 -18.62 36.25
CA PHE D 664 37.90 -18.13 37.48
C PHE D 664 37.79 -19.16 38.59
N ASP D 665 36.63 -19.81 38.71
CA ASP D 665 36.47 -20.85 39.74
C ASP D 665 37.30 -22.07 39.43
N ILE D 666 37.36 -22.47 38.16
CA ILE D 666 38.10 -23.67 37.78
C ILE D 666 39.58 -23.50 38.06
N SER D 667 40.10 -22.28 37.90
CA SER D 667 41.50 -22.03 38.23
C SER D 667 41.76 -22.25 39.72
N LEU D 668 40.74 -22.07 40.56
CA LEU D 668 40.93 -22.23 41.99
C LEU D 668 41.07 -23.70 42.38
N VAL D 669 40.23 -24.57 41.83
CA VAL D 669 40.28 -25.98 42.21
C VAL D 669 41.57 -26.61 41.72
N LEU D 670 42.06 -26.19 40.56
CA LEU D 670 43.35 -26.67 40.08
C LEU D 670 44.47 -26.24 41.01
N SER D 671 44.45 -24.98 41.46
CA SER D 671 45.47 -24.48 42.36
C SER D 671 45.36 -25.08 43.76
N SER D 672 44.28 -25.79 44.07
CA SER D 672 44.09 -26.40 45.37
C SER D 672 44.09 -27.92 45.30
N ASN D 673 43.23 -28.50 44.45
CA ASN D 673 43.13 -29.94 44.35
C ASN D 673 44.17 -30.51 43.41
N GLN D 674 44.84 -31.58 43.84
CA GLN D 674 45.84 -32.26 43.03
C GLN D 674 45.34 -33.58 42.47
N LYS D 675 44.03 -33.83 42.51
CA LYS D 675 43.49 -35.10 42.05
C LYS D 675 43.05 -35.06 40.59
N LEU D 676 42.67 -33.90 40.07
CA LEU D 676 42.26 -33.80 38.67
C LEU D 676 43.42 -34.16 37.76
N VAL D 677 43.15 -35.04 36.79
CA VAL D 677 44.17 -35.50 35.86
C VAL D 677 43.70 -35.25 34.43
N GLU D 678 42.38 -35.25 34.23
CA GLU D 678 41.79 -35.05 32.91
C GLU D 678 40.64 -34.06 33.04
N LEU D 679 40.69 -33.00 32.22
CA LEU D 679 39.67 -31.97 32.22
C LEU D 679 39.22 -31.71 30.79
N ASP D 680 37.92 -31.77 30.55
CA ASP D 680 37.35 -31.55 29.23
C ASP D 680 36.43 -30.34 29.28
N LEU D 681 36.69 -29.37 28.40
CA LEU D 681 35.87 -28.16 28.29
C LEU D 681 35.44 -27.92 26.85
N SER D 682 35.32 -28.98 26.06
CA SER D 682 34.99 -28.84 24.66
C SER D 682 33.60 -28.24 24.47
N ASP D 683 33.44 -27.48 23.39
CA ASP D 683 32.17 -26.85 23.03
C ASP D 683 31.68 -25.92 24.14
N ASN D 684 32.47 -24.90 24.41
CA ASN D 684 32.09 -23.85 25.34
C ASN D 684 32.41 -22.49 24.72
N ALA D 685 31.55 -21.52 25.02
CA ALA D 685 31.69 -20.17 24.45
C ALA D 685 32.53 -19.27 25.35
N LEU D 686 33.74 -19.72 25.67
CA LEU D 686 34.68 -18.94 26.46
C LEU D 686 35.77 -18.40 25.54
N GLY D 687 36.04 -17.11 25.66
CA GLY D 687 36.96 -16.42 24.77
C GLY D 687 38.40 -16.52 25.23
N ASP D 688 39.22 -15.62 24.68
CA ASP D 688 40.63 -15.56 25.08
C ASP D 688 40.78 -15.22 26.55
N PHE D 689 39.84 -14.47 27.11
CA PHE D 689 39.90 -14.14 28.53
C PHE D 689 39.75 -15.40 29.39
N GLY D 690 38.90 -16.33 28.95
CA GLY D 690 38.74 -17.57 29.71
C GLY D 690 40.02 -18.37 29.81
N ILE D 691 40.75 -18.48 28.70
CA ILE D 691 42.05 -19.15 28.72
C ILE D 691 43.03 -18.36 29.57
N ARG D 692 42.94 -17.03 29.53
CA ARG D 692 43.82 -16.20 30.33
C ARG D 692 43.67 -16.50 31.82
N LEU D 693 42.42 -16.69 32.27
CA LEU D 693 42.21 -17.09 33.65
C LEU D 693 42.57 -18.55 33.87
N LEU D 694 42.22 -19.42 32.92
CA LEU D 694 42.49 -20.84 33.07
C LEU D 694 43.98 -21.12 33.13
N CYS D 695 44.77 -20.47 32.27
CA CYS D 695 46.20 -20.71 32.24
C CYS D 695 46.90 -20.30 33.53
N VAL D 696 46.30 -19.39 34.30
CA VAL D 696 46.88 -19.00 35.58
C VAL D 696 46.90 -20.18 36.55
N GLY D 697 45.79 -20.89 36.65
CA GLY D 697 45.74 -22.05 37.51
C GLY D 697 46.64 -23.17 37.04
N LEU D 698 46.71 -23.38 35.73
CA LEU D 698 47.58 -24.43 35.19
C LEU D 698 49.04 -24.11 35.45
N LYS D 699 49.43 -22.84 35.38
CA LYS D 699 50.81 -22.47 35.65
C LYS D 699 51.22 -22.74 37.08
N HIS D 700 50.27 -22.84 38.00
CA HIS D 700 50.60 -23.14 39.38
C HIS D 700 51.22 -24.54 39.49
N LEU D 701 52.28 -24.64 40.29
CA LEU D 701 53.01 -25.89 40.39
C LEU D 701 52.26 -26.95 41.17
N LEU D 702 51.23 -26.57 41.93
CA LEU D 702 50.50 -27.55 42.72
C LEU D 702 49.66 -28.47 41.84
N CYS D 703 49.04 -27.93 40.80
CA CYS D 703 48.19 -28.72 39.93
C CYS D 703 49.03 -29.68 39.08
N ASN D 704 48.46 -30.85 38.81
CA ASN D 704 49.07 -31.84 37.93
C ASN D 704 47.99 -32.37 36.99
N LEU D 705 47.81 -31.71 35.86
CA LEU D 705 46.83 -32.08 34.86
C LEU D 705 47.54 -32.59 33.63
N LYS D 706 47.10 -33.75 33.12
CA LYS D 706 47.73 -34.38 31.97
C LYS D 706 46.98 -34.11 30.67
N LYS D 707 45.70 -34.47 30.60
CA LYS D 707 44.90 -34.27 29.41
C LYS D 707 44.09 -32.98 29.53
N LEU D 708 43.70 -32.45 28.37
CA LEU D 708 42.98 -31.18 28.33
C LEU D 708 42.33 -31.02 26.97
N TRP D 709 41.03 -30.76 26.95
CA TRP D 709 40.28 -30.57 25.72
C TRP D 709 39.76 -29.14 25.66
N LEU D 710 40.05 -28.45 24.55
CA LEU D 710 39.52 -27.11 24.30
C LEU D 710 38.87 -27.06 22.92
N VAL D 711 38.30 -28.19 22.48
CA VAL D 711 37.75 -28.29 21.14
C VAL D 711 36.53 -27.40 21.01
N SER D 712 36.44 -26.70 19.87
CA SER D 712 35.31 -25.86 19.47
C SER D 712 35.11 -24.65 20.38
N CYS D 713 36.05 -24.36 21.27
CA CYS D 713 35.96 -23.15 22.07
C CYS D 713 36.27 -21.93 21.21
N CYS D 714 35.54 -20.85 21.43
CA CYS D 714 35.75 -19.63 20.66
C CYS D 714 37.08 -19.01 21.06
N LEU D 715 38.11 -19.26 20.26
CA LEU D 715 39.45 -18.82 20.57
C LEU D 715 40.11 -18.24 19.33
N THR D 716 41.10 -17.38 19.55
CA THR D 716 41.87 -16.78 18.48
C THR D 716 43.36 -16.91 18.76
N SER D 717 44.19 -16.24 17.96
CA SER D 717 45.63 -16.31 18.16
C SER D 717 46.08 -15.67 19.46
N ALA D 718 45.25 -14.81 20.05
CA ALA D 718 45.62 -14.16 21.30
C ALA D 718 45.81 -15.17 22.43
N CYS D 719 44.92 -16.16 22.50
CA CYS D 719 45.03 -17.16 23.56
C CYS D 719 46.27 -18.05 23.39
N CYS D 720 46.84 -18.11 22.19
CA CYS D 720 48.03 -18.94 21.98
C CYS D 720 49.20 -18.41 22.79
N GLN D 721 49.34 -17.08 22.89
CA GLN D 721 50.40 -16.51 23.71
C GLN D 721 50.25 -16.93 25.17
N ASP D 722 49.02 -16.88 25.69
CA ASP D 722 48.80 -17.26 27.08
C ASP D 722 49.01 -18.76 27.29
N LEU D 723 48.51 -19.58 26.36
CA LEU D 723 48.63 -21.03 26.51
C LEU D 723 50.05 -21.52 26.32
N ALA D 724 50.88 -20.78 25.60
CA ALA D 724 52.26 -21.20 25.37
C ALA D 724 53.04 -21.24 26.67
N SER D 725 52.78 -20.30 27.57
CA SER D 725 53.50 -20.26 28.84
C SER D 725 53.22 -21.51 29.66
N VAL D 726 51.97 -21.97 29.70
CA VAL D 726 51.63 -23.19 30.41
C VAL D 726 52.36 -24.38 29.81
N LEU D 727 52.40 -24.46 28.48
CA LEU D 727 53.04 -25.58 27.80
C LEU D 727 54.51 -25.70 28.15
N SER D 728 55.15 -24.62 28.59
CA SER D 728 56.56 -24.65 28.95
C SER D 728 56.77 -24.99 30.42
N THR D 729 55.97 -24.42 31.32
CA THR D 729 56.22 -24.57 32.75
C THR D 729 55.42 -25.70 33.39
N SER D 730 54.26 -26.06 32.84
CA SER D 730 53.46 -27.14 33.40
C SER D 730 54.09 -28.46 33.02
N HIS D 731 54.88 -29.02 33.95
CA HIS D 731 55.57 -30.28 33.68
C HIS D 731 54.59 -31.43 33.50
N SER D 732 53.43 -31.36 34.14
CA SER D 732 52.46 -32.46 34.11
C SER D 732 51.62 -32.48 32.86
N LEU D 733 51.63 -31.42 32.06
CA LEU D 733 50.79 -31.36 30.85
C LEU D 733 51.44 -32.20 29.75
N THR D 734 50.71 -33.20 29.26
CA THR D 734 51.20 -34.07 28.21
C THR D 734 50.37 -33.97 26.93
N ARG D 735 49.06 -34.10 27.03
CA ARG D 735 48.17 -34.06 25.88
C ARG D 735 47.37 -32.77 25.89
N LEU D 736 47.20 -32.16 24.71
CA LEU D 736 46.51 -30.88 24.60
C LEU D 736 45.80 -30.85 23.26
N TYR D 737 44.51 -31.21 23.26
CA TYR D 737 43.69 -31.20 22.05
C TYR D 737 42.98 -29.85 21.97
N VAL D 738 43.51 -28.96 21.13
CA VAL D 738 43.00 -27.60 21.03
C VAL D 738 42.44 -27.37 19.63
N GLY D 739 41.97 -28.43 19.00
CA GLY D 739 41.45 -28.33 17.65
C GLY D 739 40.14 -27.57 17.58
N GLU D 740 39.68 -27.37 16.34
CA GLU D 740 38.42 -26.71 15.99
C GLU D 740 38.43 -25.22 16.28
N ASN D 741 39.49 -24.68 16.86
CA ASN D 741 39.54 -23.27 17.18
C ASN D 741 39.82 -22.44 15.93
N ALA D 742 39.58 -21.13 16.05
CA ALA D 742 39.76 -20.21 14.94
C ALA D 742 41.18 -19.65 14.85
N LEU D 743 42.09 -20.12 15.70
CA LEU D 743 43.46 -19.63 15.63
C LEU D 743 44.10 -19.99 14.30
N GLY D 744 44.79 -19.03 13.71
CA GLY D 744 45.40 -19.21 12.42
C GLY D 744 46.84 -19.70 12.51
N ASP D 745 47.55 -19.59 11.40
CA ASP D 745 48.95 -20.00 11.37
C ASP D 745 49.81 -19.15 12.30
N SER D 746 49.41 -17.90 12.53
CA SER D 746 50.16 -17.03 13.43
C SER D 746 50.15 -17.59 14.86
N GLY D 747 49.00 -18.09 15.30
CA GLY D 747 48.93 -18.63 16.66
C GLY D 747 49.77 -19.89 16.83
N VAL D 748 49.83 -20.73 15.80
CA VAL D 748 50.60 -21.95 15.89
C VAL D 748 52.09 -21.64 16.01
N ALA D 749 52.55 -20.59 15.33
CA ALA D 749 53.95 -20.21 15.41
C ALA D 749 54.35 -19.85 16.85
N ILE D 750 53.49 -19.10 17.54
CA ILE D 750 53.75 -18.77 18.94
C ILE D 750 53.74 -20.04 19.79
N LEU D 751 52.76 -20.91 19.55
CA LEU D 751 52.65 -22.13 20.34
C LEU D 751 53.82 -23.07 20.09
N CYS D 752 54.24 -23.20 18.83
CA CYS D 752 55.29 -24.16 18.49
C CYS D 752 56.66 -23.68 18.96
N GLU D 753 56.92 -22.37 18.85
CA GLU D 753 58.25 -21.86 19.19
C GLU D 753 58.60 -22.12 20.65
N LYS D 754 57.58 -22.22 21.52
CA LYS D 754 57.80 -22.64 22.89
C LYS D 754 57.74 -24.15 23.06
N ALA D 755 57.21 -24.88 22.08
CA ALA D 755 57.09 -26.33 22.15
C ALA D 755 58.28 -27.06 21.57
N LYS D 756 59.27 -26.34 21.05
CA LYS D 756 60.47 -26.96 20.49
C LYS D 756 61.56 -27.20 21.53
N ASN D 757 61.28 -26.88 22.79
CA ASN D 757 62.27 -27.13 23.84
C ASN D 757 62.46 -28.64 24.03
N PRO D 758 63.69 -29.13 24.07
CA PRO D 758 63.91 -30.57 24.25
C PRO D 758 63.39 -31.10 25.58
N GLN D 759 63.23 -30.24 26.58
CA GLN D 759 62.74 -30.65 27.89
C GLN D 759 61.22 -30.61 27.98
N CYS D 760 60.53 -30.21 26.92
CA CYS D 760 59.08 -30.15 26.95
C CYS D 760 58.48 -31.54 27.06
N ASN D 761 57.35 -31.63 27.75
CA ASN D 761 56.67 -32.90 28.00
C ASN D 761 55.43 -33.09 27.15
N LEU D 762 55.20 -32.23 26.15
CA LEU D 762 54.00 -32.34 25.33
C LEU D 762 54.09 -33.55 24.42
N GLN D 763 53.53 -34.68 24.84
CA GLN D 763 53.60 -35.91 24.07
C GLN D 763 52.45 -36.05 23.08
N LYS D 764 51.47 -35.16 23.11
CA LYS D 764 50.36 -35.20 22.16
C LYS D 764 49.91 -33.78 21.85
N LEU D 765 49.34 -33.61 20.67
CA LEU D 765 48.87 -32.29 20.24
C LEU D 765 47.92 -32.47 19.07
N GLY D 766 46.75 -31.86 19.15
CA GLY D 766 45.76 -31.92 18.08
C GLY D 766 45.40 -30.53 17.61
N LEU D 767 45.30 -30.36 16.30
CA LEU D 767 44.96 -29.08 15.70
C LEU D 767 43.95 -29.27 14.58
N VAL D 768 42.94 -30.11 14.84
CA VAL D 768 41.97 -30.47 13.80
C VAL D 768 41.12 -29.27 13.45
N ASN D 769 41.00 -29.00 12.15
CA ASN D 769 40.15 -27.98 11.55
C ASN D 769 40.56 -26.55 11.91
N SER D 770 41.65 -26.36 12.67
CA SER D 770 42.13 -25.02 12.93
C SER D 770 42.75 -24.44 11.66
N GLY D 771 42.61 -23.12 11.51
CA GLY D 771 43.15 -22.44 10.34
C GLY D 771 44.63 -22.63 10.18
N LEU D 772 45.03 -23.39 9.16
CA LEU D 772 46.43 -23.76 8.96
C LEU D 772 46.84 -23.50 7.51
N THR D 773 48.12 -23.18 7.34
CA THR D 773 48.70 -22.98 6.02
C THR D 773 50.04 -23.71 5.99
N SER D 774 50.83 -23.44 4.95
CA SER D 774 52.14 -24.05 4.83
C SER D 774 53.20 -23.42 5.72
N VAL D 775 52.91 -22.24 6.29
CA VAL D 775 53.89 -21.55 7.11
C VAL D 775 54.16 -22.33 8.40
N CYS D 776 53.11 -22.87 9.02
CA CYS D 776 53.26 -23.58 10.28
C CYS D 776 54.05 -24.87 10.13
N CYS D 777 54.21 -25.37 8.91
CA CYS D 777 54.97 -26.61 8.71
C CYS D 777 56.42 -26.42 9.11
N SER D 778 57.00 -25.26 8.81
CA SER D 778 58.38 -25.00 9.22
C SER D 778 58.51 -25.01 10.73
N ALA D 779 57.58 -24.35 11.42
CA ALA D 779 57.58 -24.39 12.89
C ALA D 779 57.32 -25.80 13.39
N LEU D 780 56.36 -26.50 12.78
CA LEU D 780 56.08 -27.88 13.17
C LEU D 780 57.27 -28.79 12.89
N SER D 781 57.99 -28.55 11.79
CA SER D 781 59.18 -29.33 11.51
C SER D 781 60.24 -29.11 12.58
N SER D 782 60.40 -27.87 13.03
CA SER D 782 61.42 -27.57 14.04
C SER D 782 61.14 -28.28 15.35
N VAL D 783 59.87 -28.28 15.79
CA VAL D 783 59.55 -28.91 17.07
C VAL D 783 59.70 -30.43 16.98
N LEU D 784 59.38 -31.02 15.81
CA LEU D 784 59.43 -32.46 15.68
C LEU D 784 60.85 -32.99 15.86
N SER D 785 61.84 -32.29 15.31
CA SER D 785 63.23 -32.72 15.42
C SER D 785 63.84 -32.38 16.78
N THR D 786 63.22 -31.49 17.55
CA THR D 786 63.81 -31.03 18.81
C THR D 786 63.04 -31.53 20.03
N ASN D 787 61.72 -31.65 19.95
CA ASN D 787 60.95 -32.09 21.12
C ASN D 787 61.33 -33.51 21.52
N GLN D 788 61.49 -34.41 20.54
CA GLN D 788 61.94 -35.79 20.69
C GLN D 788 60.95 -36.66 21.45
N ASN D 789 59.81 -36.13 21.90
CA ASN D 789 58.81 -36.95 22.56
C ASN D 789 57.39 -36.61 22.13
N LEU D 790 57.21 -35.88 21.04
CA LEU D 790 55.89 -35.59 20.49
C LEU D 790 55.39 -36.86 19.81
N THR D 791 54.77 -37.73 20.60
CA THR D 791 54.39 -39.05 20.09
C THR D 791 53.30 -38.96 19.03
N HIS D 792 52.31 -38.10 19.23
CA HIS D 792 51.18 -37.99 18.33
C HIS D 792 50.99 -36.55 17.87
N LEU D 793 50.46 -36.39 16.67
CA LEU D 793 50.13 -35.09 16.12
C LEU D 793 49.00 -35.27 15.13
N TYR D 794 47.86 -34.63 15.39
CA TYR D 794 46.64 -34.82 14.63
C TYR D 794 46.32 -33.57 13.83
N LEU D 795 46.17 -33.74 12.51
CA LEU D 795 45.74 -32.67 11.63
C LEU D 795 44.62 -33.18 10.74
N ARG D 796 43.64 -32.33 10.47
CA ARG D 796 42.49 -32.74 9.68
C ARG D 796 41.66 -31.51 9.33
N GLY D 797 41.09 -31.51 8.12
CA GLY D 797 40.23 -30.43 7.72
C GLY D 797 40.91 -29.09 7.58
N ASN D 798 42.24 -29.08 7.54
CA ASN D 798 42.99 -27.83 7.45
C ASN D 798 43.11 -27.40 5.99
N THR D 799 43.82 -26.31 5.77
CA THR D 799 44.19 -25.84 4.45
C THR D 799 45.70 -25.92 4.26
N LEU D 800 46.29 -27.02 4.71
CA LEU D 800 47.73 -27.19 4.70
C LEU D 800 48.27 -27.02 3.29
N GLY D 801 49.39 -26.31 3.17
CA GLY D 801 49.95 -26.05 1.87
C GLY D 801 50.34 -27.33 1.16
N ASP D 802 50.06 -27.38 -0.15
CA ASP D 802 50.45 -28.54 -0.94
C ASP D 802 51.96 -28.74 -0.92
N LYS D 803 52.72 -27.65 -0.97
CA LYS D 803 54.16 -27.69 -0.75
C LYS D 803 54.52 -27.81 0.72
N GLY D 804 53.55 -27.68 1.63
CA GLY D 804 53.86 -27.74 3.05
C GLY D 804 54.37 -29.10 3.49
N ILE D 805 53.84 -30.18 2.88
CA ILE D 805 54.28 -31.52 3.24
C ILE D 805 55.77 -31.68 2.95
N LYS D 806 56.24 -31.08 1.85
CA LYS D 806 57.67 -31.10 1.56
C LYS D 806 58.46 -30.46 2.69
N LEU D 807 58.00 -29.32 3.19
CA LEU D 807 58.62 -28.71 4.36
C LEU D 807 58.33 -29.52 5.61
N LEU D 808 57.11 -30.05 5.73
CA LEU D 808 56.75 -30.83 6.92
C LEU D 808 57.57 -32.11 7.00
N CYS D 809 57.75 -32.80 5.88
CA CYS D 809 58.55 -34.02 5.87
C CYS D 809 60.03 -33.73 6.07
N GLU D 810 60.47 -32.50 5.85
CA GLU D 810 61.88 -32.17 6.04
C GLU D 810 62.30 -32.39 7.48
N GLY D 811 61.44 -32.01 8.44
CA GLY D 811 61.72 -32.29 9.83
C GLY D 811 61.53 -33.73 10.22
N LEU D 812 60.56 -34.42 9.61
CA LEU D 812 60.32 -35.83 9.91
C LEU D 812 61.42 -36.74 9.39
N LEU D 813 62.10 -36.35 8.32
CA LEU D 813 63.23 -37.13 7.84
C LEU D 813 64.44 -37.06 8.76
N HIS D 814 64.42 -36.17 9.75
CA HIS D 814 65.49 -36.12 10.73
C HIS D 814 65.53 -37.43 11.51
N PRO D 815 66.72 -37.95 11.83
CA PRO D 815 66.79 -39.27 12.47
C PRO D 815 66.16 -39.34 13.85
N ASP D 816 66.54 -38.42 14.74
CA ASP D 816 66.11 -38.48 16.13
C ASP D 816 64.74 -37.80 16.31
N CYS D 817 63.75 -38.36 15.62
CA CYS D 817 62.36 -38.00 15.81
C CYS D 817 61.56 -39.27 16.05
N LYS D 818 60.61 -39.21 16.99
CA LYS D 818 59.88 -40.39 17.43
C LYS D 818 58.38 -40.20 17.24
N LEU D 819 57.98 -39.51 16.17
CA LEU D 819 56.58 -39.38 15.84
C LEU D 819 56.03 -40.76 15.47
N GLN D 820 55.04 -41.23 16.23
CA GLN D 820 54.49 -42.56 16.04
C GLN D 820 53.23 -42.58 15.19
N VAL D 821 52.30 -41.66 15.43
CA VAL D 821 51.03 -41.63 14.73
C VAL D 821 50.85 -40.24 14.13
N LEU D 822 50.59 -40.17 12.84
CA LEU D 822 50.28 -38.92 12.14
C LEU D 822 48.98 -39.08 11.38
N GLU D 823 48.05 -38.15 11.61
CA GLU D 823 46.77 -38.13 10.91
C GLU D 823 46.69 -36.85 10.10
N LEU D 824 46.32 -36.97 8.83
CA LEU D 824 46.25 -35.81 7.95
C LEU D 824 45.19 -36.10 6.89
N ASP D 825 44.01 -35.53 7.08
CA ASP D 825 42.87 -35.77 6.20
C ASP D 825 42.28 -34.44 5.74
N ASN D 826 41.56 -34.50 4.62
CA ASN D 826 40.80 -33.37 4.09
C ASN D 826 41.69 -32.20 3.69
N CYS D 827 43.00 -32.37 3.76
CA CYS D 827 43.93 -31.35 3.31
C CYS D 827 44.05 -31.39 1.79
N ASN D 828 44.08 -30.21 1.17
CA ASN D 828 44.21 -30.14 -0.28
C ASN D 828 45.58 -30.65 -0.70
N LEU D 829 45.60 -31.83 -1.32
CA LEU D 829 46.84 -32.47 -1.72
C LEU D 829 46.76 -32.83 -3.20
N THR D 830 47.92 -33.00 -3.82
CA THR D 830 48.03 -33.35 -5.22
C THR D 830 49.04 -34.47 -5.37
N SER D 831 48.83 -35.32 -6.39
CA SER D 831 49.71 -36.46 -6.62
C SER D 831 51.13 -36.06 -6.96
N HIS D 832 51.38 -34.80 -7.32
CA HIS D 832 52.73 -34.37 -7.66
C HIS D 832 53.65 -34.43 -6.44
N CYS D 833 53.10 -34.15 -5.25
CA CYS D 833 53.86 -34.22 -4.01
C CYS D 833 53.73 -35.57 -3.32
N CYS D 834 53.00 -36.51 -3.92
CA CYS D 834 52.81 -37.82 -3.32
C CYS D 834 54.12 -38.61 -3.23
N TRP D 835 55.13 -38.22 -4.02
CA TRP D 835 56.42 -38.89 -3.97
C TRP D 835 57.07 -38.71 -2.60
N ASP D 836 56.99 -37.50 -2.04
CA ASP D 836 57.61 -37.24 -0.74
C ASP D 836 56.99 -38.08 0.37
N LEU D 837 55.71 -38.41 0.26
CA LEU D 837 55.08 -39.28 1.25
C LEU D 837 55.72 -40.65 1.25
N SER D 838 56.02 -41.19 0.07
CA SER D 838 56.66 -42.51 -0.02
C SER D 838 58.05 -42.49 0.61
N THR D 839 58.81 -41.43 0.38
CA THR D 839 60.16 -41.36 0.93
C THR D 839 60.14 -41.36 2.46
N LEU D 840 59.22 -40.60 3.06
CA LEU D 840 59.11 -40.61 4.51
C LEU D 840 58.68 -41.98 5.03
N LEU D 841 57.75 -42.63 4.31
CA LEU D 841 57.24 -43.92 4.76
C LEU D 841 58.34 -44.97 4.85
N THR D 842 59.23 -44.99 3.85
CA THR D 842 60.31 -45.98 3.85
C THR D 842 61.43 -45.61 4.82
N SER D 843 61.70 -44.32 4.97
CA SER D 843 62.87 -43.89 5.73
C SER D 843 62.60 -43.95 7.24
N SER D 844 61.63 -43.18 7.71
CA SER D 844 61.39 -43.08 9.14
C SER D 844 60.80 -44.38 9.68
N GLN D 845 61.43 -44.92 10.72
CA GLN D 845 60.97 -46.14 11.36
C GLN D 845 60.09 -45.88 12.58
N SER D 846 59.95 -44.63 13.00
CA SER D 846 59.14 -44.33 14.18
C SER D 846 57.65 -44.39 13.89
N LEU D 847 57.24 -44.10 12.66
CA LEU D 847 55.82 -44.08 12.32
C LEU D 847 55.20 -45.45 12.49
N ARG D 848 53.96 -45.46 12.98
CA ARG D 848 53.20 -46.69 13.16
C ARG D 848 51.96 -46.74 12.28
N LYS D 849 51.09 -45.73 12.35
CA LYS D 849 49.92 -45.66 11.50
C LYS D 849 49.78 -44.25 10.95
N LEU D 850 49.59 -44.14 9.65
CA LEU D 850 49.42 -42.86 8.97
C LEU D 850 48.16 -42.93 8.11
N SER D 851 47.29 -41.95 8.26
CA SER D 851 46.02 -41.92 7.55
C SER D 851 45.92 -40.68 6.68
N LEU D 852 45.46 -40.88 5.44
CA LEU D 852 45.23 -39.78 4.49
C LEU D 852 43.82 -39.98 3.97
N GLY D 853 42.85 -39.44 4.71
CA GLY D 853 41.44 -39.63 4.37
C GLY D 853 40.95 -38.60 3.39
N ASN D 854 40.26 -39.09 2.34
CA ASN D 854 39.59 -38.27 1.33
C ASN D 854 40.48 -37.16 0.77
N ASN D 855 41.79 -37.34 0.82
CA ASN D 855 42.72 -36.39 0.19
C ASN D 855 42.80 -36.74 -1.29
N ASP D 856 42.23 -35.88 -2.13
CA ASP D 856 42.10 -36.16 -3.56
C ASP D 856 43.48 -36.11 -4.22
N LEU D 857 44.04 -37.28 -4.48
CA LEU D 857 45.33 -37.40 -5.15
C LEU D 857 45.22 -38.46 -6.24
N GLY D 858 46.09 -38.34 -7.24
CA GLY D 858 46.03 -39.21 -8.39
C GLY D 858 46.30 -40.66 -8.03
N ASP D 859 45.70 -41.56 -8.83
CA ASP D 859 45.87 -42.98 -8.61
C ASP D 859 47.30 -43.45 -8.83
N LEU D 860 48.11 -42.65 -9.53
CA LEU D 860 49.52 -43.00 -9.70
C LEU D 860 50.25 -42.98 -8.36
N GLY D 861 49.93 -42.01 -7.50
CA GLY D 861 50.57 -41.94 -6.20
C GLY D 861 50.22 -43.09 -5.29
N VAL D 862 49.01 -43.63 -5.42
CA VAL D 862 48.63 -44.80 -4.64
C VAL D 862 49.48 -46.00 -5.03
N MET D 863 49.71 -46.19 -6.32
CA MET D 863 50.58 -47.24 -6.81
C MET D 863 52.05 -46.97 -6.51
N MET D 864 52.42 -45.71 -6.29
CA MET D 864 53.76 -45.41 -5.80
C MET D 864 53.99 -46.03 -4.43
N PHE D 865 52.92 -46.15 -3.63
CA PHE D 865 53.02 -46.77 -2.31
C PHE D 865 53.00 -48.29 -2.37
N CYS D 866 52.51 -48.87 -3.47
CA CYS D 866 52.38 -50.33 -3.53
C CYS D 866 53.74 -51.01 -3.45
N GLU D 867 54.73 -50.49 -4.18
CA GLU D 867 56.05 -51.11 -4.14
C GLU D 867 56.81 -50.77 -2.87
N VAL D 868 56.68 -49.55 -2.35
CA VAL D 868 57.43 -49.16 -1.16
C VAL D 868 56.96 -49.97 0.05
N LEU D 869 55.67 -50.28 0.12
CA LEU D 869 55.19 -51.21 1.13
C LEU D 869 55.74 -52.61 0.87
N LYS D 870 55.87 -52.99 -0.40
CA LYS D 870 56.44 -54.28 -0.76
C LYS D 870 57.94 -54.33 -0.50
N GLN D 871 58.58 -53.18 -0.30
CA GLN D 871 60.02 -53.10 -0.07
C GLN D 871 60.39 -53.26 1.40
N GLN D 872 59.54 -53.88 2.21
CA GLN D 872 59.77 -54.06 3.64
C GLN D 872 59.97 -52.73 4.34
N SER D 873 58.93 -51.90 4.30
CA SER D 873 58.97 -50.56 4.87
C SER D 873 58.69 -50.63 6.37
N CYS D 874 58.61 -49.47 7.01
CA CYS D 874 58.49 -49.38 8.47
C CYS D 874 57.08 -49.02 8.94
N LEU D 875 56.12 -48.85 8.04
CA LEU D 875 54.74 -48.64 8.43
C LEU D 875 54.13 -50.01 8.76
N LEU D 876 53.79 -50.22 10.03
CA LEU D 876 53.45 -51.55 10.50
C LEU D 876 52.03 -51.71 11.01
N GLN D 877 51.35 -50.61 11.38
CA GLN D 877 50.06 -50.73 12.05
C GLN D 877 48.88 -50.48 11.10
N ASN D 878 48.82 -49.30 10.49
CA ASN D 878 47.67 -48.94 9.67
C ASN D 878 48.08 -47.93 8.61
N LEU D 879 47.26 -47.84 7.57
CA LEU D 879 47.47 -46.86 6.50
C LEU D 879 46.09 -46.49 5.96
N GLY D 880 45.57 -45.36 6.41
CA GLY D 880 44.22 -44.95 6.08
C GLY D 880 44.09 -44.18 4.79
N LEU D 881 43.30 -44.72 3.86
CA LEU D 881 43.02 -44.08 2.57
C LEU D 881 41.53 -44.17 2.27
N SER D 882 40.70 -43.94 3.28
CA SER D 882 39.26 -44.06 3.12
C SER D 882 38.73 -42.89 2.30
N GLU D 883 37.49 -43.06 1.82
CA GLU D 883 36.81 -42.06 0.99
C GLU D 883 37.62 -41.74 -0.26
N MET D 884 38.25 -42.75 -0.83
CA MET D 884 39.02 -42.62 -2.06
C MET D 884 38.52 -43.63 -3.08
N TYR D 885 38.30 -43.17 -4.30
CA TYR D 885 37.65 -43.97 -5.32
C TYR D 885 38.64 -44.24 -6.45
N PHE D 886 38.79 -45.51 -6.79
CA PHE D 886 39.73 -45.95 -7.81
C PHE D 886 39.02 -46.87 -8.79
N ASN D 887 39.64 -47.09 -9.95
CA ASN D 887 39.03 -47.94 -10.96
C ASN D 887 39.20 -49.41 -10.58
N TYR D 888 38.58 -50.28 -11.38
CA TYR D 888 38.56 -51.71 -11.09
C TYR D 888 39.97 -52.31 -11.09
N GLU D 889 40.79 -51.92 -12.06
CA GLU D 889 42.12 -52.51 -12.16
C GLU D 889 43.05 -51.94 -11.09
N THR D 890 42.74 -50.77 -10.54
CA THR D 890 43.54 -50.23 -9.45
C THR D 890 43.12 -50.80 -8.10
N LYS D 891 41.83 -51.05 -7.90
CA LYS D 891 41.35 -51.52 -6.60
C LYS D 891 41.93 -52.88 -6.23
N SER D 892 42.02 -53.80 -7.19
CA SER D 892 42.48 -55.15 -6.88
C SER D 892 43.96 -55.17 -6.51
N ALA D 893 44.73 -54.17 -6.95
CA ALA D 893 46.16 -54.13 -6.62
C ALA D 893 46.39 -53.96 -5.13
N LEU D 894 45.56 -53.16 -4.45
CA LEU D 894 45.71 -53.01 -3.02
C LEU D 894 45.20 -54.24 -2.26
N GLU D 895 44.25 -54.98 -2.86
CA GLU D 895 43.69 -56.15 -2.19
C GLU D 895 44.75 -57.24 -2.00
N THR D 896 45.56 -57.49 -3.02
CA THR D 896 46.54 -58.57 -2.92
C THR D 896 47.65 -58.23 -1.94
N LEU D 897 47.97 -56.94 -1.76
CA LEU D 897 48.99 -56.55 -0.80
C LEU D 897 48.54 -56.78 0.63
N GLN D 898 47.23 -56.86 0.88
CA GLN D 898 46.75 -57.14 2.23
C GLN D 898 47.17 -58.53 2.69
N GLU D 899 47.07 -59.53 1.80
CA GLU D 899 47.46 -60.89 2.18
C GLU D 899 48.97 -61.03 2.28
N GLU D 900 49.73 -60.27 1.48
CA GLU D 900 51.18 -60.37 1.51
C GLU D 900 51.73 -59.92 2.86
N LYS D 901 51.16 -58.86 3.43
CA LYS D 901 51.64 -58.28 4.69
C LYS D 901 50.51 -58.33 5.71
N PRO D 902 50.36 -59.45 6.43
CA PRO D 902 49.32 -59.50 7.47
C PRO D 902 49.66 -58.71 8.72
N GLU D 903 50.89 -58.25 8.86
CA GLU D 903 51.28 -57.50 10.05
C GLU D 903 50.67 -56.10 10.07
N LEU D 904 50.22 -55.58 8.93
CA LEU D 904 49.55 -54.30 8.86
C LEU D 904 48.16 -54.47 8.28
N THR D 905 47.36 -53.41 8.37
CA THR D 905 45.99 -53.40 7.87
C THR D 905 45.77 -52.07 7.14
N VAL D 906 45.81 -52.11 5.81
CA VAL D 906 45.54 -50.92 5.02
C VAL D 906 44.07 -50.55 5.15
N VAL D 907 43.80 -49.26 5.32
CA VAL D 907 42.44 -48.80 5.53
C VAL D 907 41.98 -47.96 4.34
N PHE D 908 41.33 -48.61 3.38
CA PHE D 908 40.65 -47.94 2.29
C PHE D 908 39.17 -48.28 2.35
N GLU D 909 38.35 -47.54 1.61
CA GLU D 909 36.90 -47.55 1.76
C GLU D 909 36.24 -47.97 0.45
N PRO D 910 36.11 -49.27 0.21
CA PRO D 910 35.25 -49.74 -0.88
C PRO D 910 33.84 -50.09 -0.44
N SER D 911 33.57 -50.04 0.86
CA SER D 911 32.27 -50.39 1.40
C SER D 911 32.04 -49.55 2.67
N TRP D 912 31.04 -49.94 3.45
CA TRP D 912 30.74 -49.24 4.69
C TRP D 912 30.31 -50.22 5.79
N LYS E 10 23.08 -35.27 6.38
CA LYS E 10 23.95 -34.65 5.39
C LYS E 10 25.30 -35.36 5.32
N ASP E 11 25.35 -36.58 5.88
CA ASP E 11 26.59 -37.34 5.88
C ASP E 11 26.85 -37.98 4.52
N TYR E 12 25.94 -38.86 4.07
CA TYR E 12 26.14 -39.52 2.79
C TYR E 12 25.91 -38.57 1.62
N ARG E 13 25.14 -37.50 1.83
CA ARG E 13 24.95 -36.52 0.77
C ARG E 13 26.28 -35.87 0.39
N LYS E 14 27.09 -35.52 1.39
CA LYS E 14 28.42 -34.98 1.12
C LYS E 14 29.30 -36.03 0.46
N LYS E 15 29.25 -37.28 0.93
CA LYS E 15 30.09 -38.34 0.36
C LYS E 15 29.71 -38.61 -1.08
N TYR E 16 28.41 -38.66 -1.39
CA TYR E 16 27.99 -38.87 -2.77
C TYR E 16 28.43 -37.72 -3.66
N ARG E 17 28.28 -36.49 -3.18
CA ARG E 17 28.68 -35.33 -3.98
C ARG E 17 30.17 -35.36 -4.27
N LYS E 18 30.98 -35.74 -3.28
CA LYS E 18 32.42 -35.88 -3.51
C LYS E 18 32.72 -37.07 -4.42
N TYR E 19 31.91 -38.13 -4.32
CA TYR E 19 32.15 -39.32 -5.14
C TYR E 19 32.00 -39.01 -6.62
N VAL E 20 31.02 -38.17 -6.98
CA VAL E 20 30.82 -37.81 -8.37
C VAL E 20 31.99 -36.99 -8.90
N ARG E 21 32.58 -36.15 -8.06
CA ARG E 21 33.66 -35.28 -8.50
C ARG E 21 34.84 -36.07 -9.04
N SER E 22 35.25 -37.12 -8.32
CA SER E 22 36.41 -37.89 -8.76
C SER E 22 36.11 -38.74 -9.99
N ARG E 23 34.90 -39.29 -10.07
CA ARG E 23 34.56 -40.18 -11.18
C ARG E 23 34.57 -39.44 -12.52
N PHE E 24 34.05 -38.21 -12.53
CA PHE E 24 33.81 -37.49 -13.77
C PHE E 24 34.78 -36.32 -13.97
N GLN E 25 35.91 -36.34 -13.25
CA GLN E 25 36.91 -35.29 -13.41
C GLN E 25 37.45 -35.26 -14.84
N CYS E 26 37.64 -36.43 -15.44
CA CYS E 26 38.11 -36.54 -16.81
C CYS E 26 37.24 -37.54 -17.56
N ILE E 27 37.26 -37.46 -18.88
CA ILE E 27 36.45 -38.35 -19.73
C ILE E 27 37.29 -39.60 -19.94
N GLU E 28 37.20 -40.52 -18.98
CA GLU E 28 37.95 -41.77 -19.01
C GLU E 28 39.44 -41.57 -19.22
N SER E 37 42.05 -38.34 -19.25
CA SER E 37 43.35 -37.71 -19.42
C SER E 37 43.27 -36.21 -19.17
N VAL E 38 42.91 -35.46 -20.21
CA VAL E 38 42.77 -34.02 -20.07
C VAL E 38 41.58 -33.71 -19.17
N SER E 39 41.74 -32.69 -18.32
CA SER E 39 40.69 -32.30 -17.40
C SER E 39 39.44 -31.88 -18.16
N LEU E 40 38.28 -32.38 -17.73
CA LEU E 40 37.01 -31.96 -18.31
C LEU E 40 36.77 -30.48 -18.08
N ASN E 41 37.29 -29.93 -16.99
CA ASN E 41 37.20 -28.49 -16.73
C ASN E 41 38.01 -27.67 -17.72
N LYS E 42 38.94 -28.28 -18.44
CA LYS E 42 39.85 -27.55 -19.32
C LYS E 42 39.32 -27.47 -20.75
N ARG E 43 39.11 -28.62 -21.38
CA ARG E 43 38.80 -28.66 -22.81
C ARG E 43 37.33 -28.45 -23.12
N TYR E 44 36.45 -28.46 -22.12
CA TYR E 44 35.03 -28.23 -22.38
C TYR E 44 34.80 -26.79 -22.81
N THR E 45 33.90 -26.62 -23.77
CA THR E 45 33.52 -25.30 -24.25
C THR E 45 32.02 -25.25 -24.46
N ARG E 46 31.49 -24.02 -24.51
CA ARG E 46 30.05 -23.83 -24.58
C ARG E 46 29.49 -24.36 -25.90
N LEU E 47 28.34 -25.02 -25.82
CA LEU E 47 27.60 -25.51 -26.97
C LEU E 47 26.36 -24.66 -27.19
N ARG E 48 25.84 -24.72 -28.42
CA ARG E 48 24.65 -23.95 -28.74
C ARG E 48 23.42 -24.55 -28.10
N LEU E 49 23.08 -24.08 -26.90
CA LEU E 49 21.89 -24.56 -26.19
C LEU E 49 20.67 -23.76 -26.64
N ILE E 50 20.26 -24.04 -27.88
CA ILE E 50 19.12 -23.34 -28.46
C ILE E 50 17.84 -23.94 -27.92
N LYS E 51 17.00 -23.11 -27.31
CA LYS E 51 15.72 -23.57 -26.79
C LYS E 51 14.72 -23.68 -27.93
N GLU E 52 14.25 -24.89 -28.19
CA GLU E 52 13.28 -25.13 -29.25
C GLU E 52 11.92 -24.61 -28.78
N HIS E 53 11.61 -23.37 -29.13
CA HIS E 53 10.36 -22.72 -28.74
C HIS E 53 10.21 -22.66 -27.22
N PHE E 85 19.44 -19.51 -24.46
CA PHE E 85 18.93 -20.26 -23.32
C PHE E 85 20.04 -20.49 -22.30
N ASP E 86 19.87 -19.90 -21.12
CA ASP E 86 20.91 -19.94 -20.10
C ASP E 86 21.11 -21.37 -19.59
N PRO E 87 22.34 -21.77 -19.27
CA PRO E 87 22.52 -23.07 -18.60
C PRO E 87 22.00 -23.08 -17.17
N ASP E 88 21.42 -21.97 -16.71
CA ASP E 88 20.99 -21.86 -15.33
C ASP E 88 19.61 -22.49 -15.12
N ASP E 89 18.70 -22.35 -16.09
CA ASP E 89 17.28 -22.52 -15.82
C ASP E 89 16.57 -23.41 -16.83
N GLU E 90 17.09 -24.62 -17.09
CA GLU E 90 16.29 -25.60 -17.84
C GLU E 90 15.07 -26.02 -17.05
N HIS E 91 15.12 -25.92 -15.72
CA HIS E 91 14.08 -26.46 -14.86
C HIS E 91 13.46 -25.38 -13.96
N SER E 92 13.64 -24.11 -14.29
CA SER E 92 13.03 -23.04 -13.50
C SER E 92 11.51 -23.08 -13.58
N GLU E 93 10.97 -23.30 -14.77
CA GLU E 93 9.53 -23.33 -15.00
C GLU E 93 8.97 -24.62 -14.42
N PRO E 94 7.70 -24.64 -13.99
CA PRO E 94 7.15 -25.85 -13.36
C PRO E 94 7.10 -27.07 -14.28
N VAL E 95 7.57 -26.97 -15.53
CA VAL E 95 7.69 -28.16 -16.35
C VAL E 95 8.72 -29.09 -15.73
N HIS E 96 8.34 -30.36 -15.55
CA HIS E 96 9.16 -31.32 -14.82
C HIS E 96 9.69 -32.41 -15.76
N THR E 97 9.88 -32.07 -17.02
CA THR E 97 10.45 -33.01 -17.98
C THR E 97 11.13 -32.28 -19.13
N VAL E 98 12.42 -32.56 -19.34
CA VAL E 98 13.21 -31.92 -20.38
C VAL E 98 13.81 -32.99 -21.28
N VAL E 99 13.73 -32.78 -22.59
CA VAL E 99 14.32 -33.67 -23.57
C VAL E 99 15.27 -32.86 -24.45
N PHE E 100 16.43 -33.44 -24.73
CA PHE E 100 17.47 -32.79 -25.53
C PHE E 100 17.58 -33.49 -26.87
N GLN E 101 17.51 -32.73 -27.96
CA GLN E 101 17.67 -33.25 -29.30
C GLN E 101 19.04 -32.88 -29.84
N GLY E 102 19.76 -33.86 -30.38
CA GLY E 102 21.07 -33.61 -30.95
C GLY E 102 21.56 -34.73 -31.83
N ALA E 103 22.20 -34.39 -32.93
CA ALA E 103 22.70 -35.41 -33.85
C ALA E 103 23.87 -36.16 -33.23
N ALA E 104 24.20 -37.29 -33.83
CA ALA E 104 25.30 -38.11 -33.34
C ALA E 104 26.61 -37.33 -33.39
N GLY E 105 27.35 -37.35 -32.28
CA GLY E 105 28.60 -36.64 -32.19
C GLY E 105 28.48 -35.16 -31.84
N ILE E 106 27.28 -34.65 -31.63
CA ILE E 106 27.11 -33.24 -31.28
C ILE E 106 27.49 -32.97 -29.83
N GLY E 107 27.64 -34.01 -29.01
CA GLY E 107 28.08 -33.86 -27.65
C GLY E 107 27.02 -34.09 -26.58
N LYS E 108 25.96 -34.85 -26.86
CA LYS E 108 24.95 -35.12 -25.85
C LYS E 108 25.52 -35.93 -24.70
N THR E 109 26.38 -36.91 -25.01
CA THR E 109 26.86 -37.83 -23.98
C THR E 109 27.65 -37.10 -22.91
N ILE E 110 28.53 -36.18 -23.30
CA ILE E 110 29.36 -35.49 -22.30
C ILE E 110 28.80 -34.14 -21.88
N LEU E 111 27.72 -33.68 -22.51
CA LEU E 111 27.04 -32.49 -22.00
C LEU E 111 26.45 -32.76 -20.63
N ALA E 112 25.86 -33.95 -20.43
CA ALA E 112 25.38 -34.33 -19.12
C ALA E 112 26.52 -34.51 -18.13
N ARG E 113 27.65 -35.06 -18.58
CA ARG E 113 28.80 -35.23 -17.70
C ARG E 113 29.32 -33.89 -17.20
N LYS E 114 29.42 -32.91 -18.08
CA LYS E 114 29.79 -31.56 -17.65
C LYS E 114 28.73 -30.99 -16.70
N MET E 115 27.45 -31.23 -17.00
CA MET E 115 26.39 -30.72 -16.16
C MET E 115 26.46 -31.31 -14.75
N MET E 116 26.79 -32.60 -14.64
CA MET E 116 26.79 -33.25 -13.34
C MET E 116 28.05 -32.92 -12.53
N LEU E 117 29.19 -32.73 -13.19
CA LEU E 117 30.35 -32.21 -12.48
C LEU E 117 30.12 -30.75 -12.06
N ASP E 118 29.54 -29.95 -12.96
CA ASP E 118 29.27 -28.56 -12.62
C ASP E 118 28.31 -28.47 -11.45
N TRP E 119 27.35 -29.38 -11.37
CA TRP E 119 26.54 -29.53 -10.17
C TRP E 119 27.40 -29.87 -8.96
N ALA E 120 28.34 -30.81 -9.12
CA ALA E 120 29.07 -31.35 -7.98
C ALA E 120 29.83 -30.27 -7.22
N SER E 121 30.22 -29.21 -7.91
CA SER E 121 30.87 -28.08 -7.26
C SER E 121 29.87 -27.08 -6.68
N GLY E 122 28.58 -27.32 -6.85
CA GLY E 122 27.56 -26.43 -6.33
C GLY E 122 27.22 -25.25 -7.21
N THR E 123 27.84 -25.14 -8.39
CA THR E 123 27.60 -23.99 -9.25
C THR E 123 26.24 -24.06 -9.93
N LEU E 124 25.70 -25.27 -10.11
CA LEU E 124 24.44 -25.45 -10.82
C LEU E 124 23.47 -26.21 -9.92
N TYR E 125 22.31 -25.61 -9.69
CA TYR E 125 21.20 -26.24 -8.95
C TYR E 125 21.65 -26.79 -7.60
N GLN E 126 22.09 -25.87 -6.74
CA GLN E 126 22.47 -26.26 -5.39
C GLN E 126 21.25 -26.36 -4.47
N ASP E 127 20.13 -25.73 -4.86
CA ASP E 127 18.98 -25.64 -3.97
C ASP E 127 17.92 -26.72 -4.20
N ARG E 128 17.36 -26.81 -5.41
CA ARG E 128 16.29 -27.79 -5.61
C ARG E 128 16.83 -29.21 -5.66
N PHE E 129 18.14 -29.37 -5.87
CA PHE E 129 18.58 -30.75 -6.03
C PHE E 129 19.90 -30.96 -5.32
N ASP E 130 20.01 -32.11 -4.65
CA ASP E 130 21.24 -32.55 -4.01
C ASP E 130 21.58 -34.00 -4.35
N TYR E 131 20.78 -34.67 -5.17
CA TYR E 131 21.03 -36.02 -5.63
C TYR E 131 20.84 -36.10 -7.13
N LEU E 132 21.85 -36.63 -7.83
CA LEU E 132 21.80 -36.79 -9.27
C LEU E 132 22.16 -38.22 -9.63
N PHE E 133 21.37 -38.83 -10.51
CA PHE E 133 21.53 -40.23 -10.88
C PHE E 133 21.71 -40.32 -12.39
N TYR E 134 22.78 -40.99 -12.81
CA TYR E 134 23.12 -41.11 -14.22
C TYR E 134 22.66 -42.46 -14.76
N ILE E 135 21.80 -42.43 -15.78
CA ILE E 135 21.29 -43.66 -16.39
C ILE E 135 21.83 -43.77 -17.82
N HIS E 136 22.93 -44.50 -18.00
CA HIS E 136 23.53 -44.69 -19.31
C HIS E 136 22.77 -45.80 -20.04
N CYS E 137 21.98 -45.41 -21.05
CA CYS E 137 21.16 -46.38 -21.76
C CYS E 137 22.02 -47.41 -22.49
N ARG E 138 23.25 -47.05 -22.87
CA ARG E 138 24.14 -48.02 -23.50
C ARG E 138 24.40 -49.21 -22.59
N GLU E 139 24.68 -48.95 -21.31
CA GLU E 139 24.97 -50.02 -20.38
C GLU E 139 23.72 -50.70 -19.85
N VAL E 140 22.53 -50.16 -20.15
CA VAL E 140 21.30 -50.71 -19.58
C VAL E 140 20.93 -52.00 -20.29
N SER E 141 20.73 -53.05 -19.51
CA SER E 141 20.20 -54.33 -19.99
C SER E 141 18.76 -54.41 -19.52
N LEU E 142 17.82 -54.14 -20.44
CA LEU E 142 16.42 -53.95 -20.09
C LEU E 142 15.54 -55.16 -20.35
N VAL E 143 16.11 -56.29 -20.75
CA VAL E 143 15.28 -57.44 -21.05
C VAL E 143 15.04 -58.28 -19.79
N THR E 144 14.11 -57.81 -18.95
CA THR E 144 13.66 -58.51 -17.74
C THR E 144 14.84 -58.84 -16.82
N GLN E 145 15.64 -57.82 -16.49
CA GLN E 145 16.63 -57.96 -15.43
C GLN E 145 16.45 -56.97 -14.29
N ARG E 146 16.35 -55.68 -14.59
CA ARG E 146 16.63 -54.67 -13.59
C ARG E 146 15.41 -54.36 -12.74
N SER E 147 15.66 -54.18 -11.44
CA SER E 147 14.76 -53.68 -10.41
C SER E 147 15.10 -52.21 -10.19
N LEU E 148 14.67 -51.66 -9.05
CA LEU E 148 15.21 -50.35 -8.67
C LEU E 148 16.71 -50.37 -8.42
N GLY E 149 17.38 -51.49 -8.70
CA GLY E 149 18.81 -51.61 -8.56
C GLY E 149 19.63 -50.51 -9.19
N ASP E 150 19.00 -49.72 -10.06
CA ASP E 150 19.65 -48.53 -10.61
C ASP E 150 20.11 -47.59 -9.49
N LEU E 151 19.35 -47.52 -8.39
CA LEU E 151 19.71 -46.60 -7.32
C LEU E 151 20.89 -47.09 -6.49
N ILE E 152 20.96 -48.37 -6.13
CA ILE E 152 22.13 -48.83 -5.37
C ILE E 152 23.38 -48.81 -6.24
N MET E 153 23.26 -49.23 -7.51
CA MET E 153 24.47 -49.41 -8.30
C MET E 153 25.18 -48.09 -8.55
N SER E 154 24.44 -46.98 -8.58
CA SER E 154 25.05 -45.71 -8.95
C SER E 154 25.83 -45.09 -7.78
N CYS E 155 25.23 -45.08 -6.59
CA CYS E 155 25.83 -44.40 -5.45
C CYS E 155 27.18 -45.01 -5.06
N CYS E 156 27.14 -46.24 -4.57
CA CYS E 156 28.33 -46.95 -4.11
C CYS E 156 28.05 -48.44 -4.25
N PRO E 157 29.08 -49.30 -4.06
CA PRO E 157 28.85 -50.75 -4.18
C PRO E 157 27.59 -51.28 -3.53
N ASP E 158 27.41 -51.09 -2.22
CA ASP E 158 26.18 -51.57 -1.62
C ASP E 158 25.81 -50.90 -0.30
N PRO E 159 25.65 -49.56 -0.27
CA PRO E 159 24.99 -48.95 0.89
C PRO E 159 23.51 -48.71 0.64
N ASN E 160 22.68 -48.93 1.66
CA ASN E 160 21.26 -48.63 1.46
C ASN E 160 20.67 -47.65 2.47
N PRO E 161 21.33 -46.54 2.80
CA PRO E 161 20.58 -45.40 3.35
C PRO E 161 19.74 -44.70 2.30
N PRO E 162 20.29 -44.33 1.12
CA PRO E 162 19.46 -43.58 0.17
C PRO E 162 18.30 -44.35 -0.38
N ILE E 163 18.36 -45.68 -0.40
CA ILE E 163 17.26 -46.47 -0.96
C ILE E 163 16.01 -46.31 -0.11
N HIS E 164 16.15 -45.83 1.12
CA HIS E 164 15.01 -45.65 2.01
C HIS E 164 14.81 -44.20 2.44
N LYS E 165 15.89 -43.48 2.77
CA LYS E 165 15.72 -42.12 3.27
C LYS E 165 15.53 -41.12 2.13
N ILE E 166 16.14 -41.37 0.98
CA ILE E 166 16.13 -40.38 -0.10
C ILE E 166 14.89 -40.54 -0.97
N VAL E 167 14.38 -41.77 -1.08
CA VAL E 167 13.23 -42.02 -1.95
C VAL E 167 11.96 -41.42 -1.36
N ARG E 168 12.01 -40.95 -0.11
CA ARG E 168 10.83 -40.42 0.54
C ARG E 168 10.33 -39.15 -0.13
N LYS E 169 11.22 -38.20 -0.40
CA LYS E 169 10.82 -36.92 -0.94
C LYS E 169 11.15 -36.86 -2.42
N PRO E 170 10.15 -36.88 -3.32
CA PRO E 170 10.43 -37.03 -4.75
C PRO E 170 11.12 -35.83 -5.38
N SER E 171 11.09 -34.67 -4.72
CA SER E 171 11.75 -33.46 -5.22
C SER E 171 13.24 -33.45 -4.92
N ARG E 172 13.83 -34.62 -4.70
CA ARG E 172 15.23 -34.77 -4.34
C ARG E 172 16.02 -35.55 -5.38
N ILE E 173 15.35 -36.14 -6.36
CA ILE E 173 15.96 -37.03 -7.34
C ILE E 173 15.55 -36.62 -8.74
N LEU E 174 16.51 -36.53 -9.64
CA LEU E 174 16.27 -36.45 -11.07
C LEU E 174 17.10 -37.52 -11.76
N PHE E 175 16.70 -37.90 -12.96
CA PHE E 175 17.35 -39.00 -13.67
C PHE E 175 17.90 -38.49 -14.99
N LEU E 176 19.19 -38.75 -15.22
CA LEU E 176 19.88 -38.34 -16.45
C LEU E 176 19.99 -39.57 -17.34
N MET E 177 18.95 -39.80 -18.13
CA MET E 177 18.90 -40.93 -19.07
C MET E 177 19.61 -40.50 -20.34
N ASP E 178 20.89 -40.85 -20.44
CA ASP E 178 21.71 -40.41 -21.57
C ASP E 178 21.53 -41.33 -22.75
N GLY E 179 21.31 -40.74 -23.92
CA GLY E 179 21.25 -41.50 -25.17
C GLY E 179 20.13 -42.49 -25.25
N PHE E 180 18.88 -42.00 -25.28
CA PHE E 180 17.74 -42.89 -25.44
C PHE E 180 17.76 -43.58 -26.80
N ASP E 181 18.39 -42.95 -27.80
CA ASP E 181 18.57 -43.61 -29.08
C ASP E 181 19.43 -44.85 -28.97
N GLU E 182 20.30 -44.91 -27.97
CA GLU E 182 21.20 -46.02 -27.79
C GLU E 182 20.57 -47.17 -27.02
N LEU E 183 19.25 -47.18 -26.88
CA LEU E 183 18.55 -48.32 -26.32
C LEU E 183 18.79 -49.56 -27.17
N GLN E 184 18.90 -50.70 -26.50
CA GLN E 184 19.15 -51.98 -27.16
C GLN E 184 17.94 -52.88 -27.02
N GLY E 185 17.72 -53.71 -28.04
CA GLY E 185 16.64 -54.68 -28.02
C GLY E 185 15.38 -54.16 -28.67
N ALA E 186 14.33 -54.95 -28.55
CA ALA E 186 13.02 -54.63 -29.10
C ALA E 186 12.24 -53.81 -28.07
N PHE E 187 12.09 -52.51 -28.32
CA PHE E 187 11.35 -51.63 -27.44
C PHE E 187 9.93 -51.48 -28.00
N ASP E 188 9.02 -52.30 -27.47
CA ASP E 188 7.62 -52.19 -27.86
C ASP E 188 7.02 -50.92 -27.29
N GLU E 189 6.00 -50.40 -27.97
CA GLU E 189 5.42 -49.11 -27.59
C GLU E 189 4.70 -49.19 -26.25
N HIS E 190 4.24 -50.38 -25.86
CA HIS E 190 3.42 -50.55 -24.67
C HIS E 190 3.76 -51.88 -24.00
N ILE E 191 4.51 -51.83 -22.91
CA ILE E 191 4.83 -53.00 -22.10
C ILE E 191 4.70 -52.63 -20.63
N GLY E 192 4.05 -53.49 -19.85
CA GLY E 192 3.87 -53.26 -18.44
C GLY E 192 2.91 -52.12 -18.14
N PRO E 193 1.63 -52.33 -18.43
CA PRO E 193 0.65 -51.27 -18.18
C PRO E 193 0.51 -50.91 -16.71
N LEU E 194 0.33 -51.91 -15.84
CA LEU E 194 0.19 -51.68 -14.41
C LEU E 194 1.56 -51.72 -13.76
N CYS E 195 2.03 -50.56 -13.32
CA CYS E 195 3.33 -50.46 -12.65
C CYS E 195 3.36 -49.30 -11.66
N THR E 196 3.10 -49.60 -10.38
CA THR E 196 3.08 -48.59 -9.34
C THR E 196 3.85 -49.03 -8.10
N ASP E 197 4.02 -50.33 -7.89
CA ASP E 197 4.76 -50.84 -6.73
C ASP E 197 6.19 -50.31 -6.77
N TRP E 198 6.70 -49.91 -5.62
CA TRP E 198 7.93 -49.13 -5.59
C TRP E 198 9.17 -50.00 -5.78
N GLN E 199 9.44 -50.90 -4.85
CA GLN E 199 10.73 -51.55 -4.75
C GLN E 199 10.92 -52.72 -5.72
N LYS E 200 9.86 -53.21 -6.34
CA LYS E 200 9.96 -54.40 -7.19
C LYS E 200 9.24 -54.16 -8.50
N ALA E 201 10.01 -54.03 -9.59
CA ALA E 201 9.44 -54.02 -10.93
C ALA E 201 10.03 -55.17 -11.74
N GLU E 202 11.36 -55.32 -11.68
CA GLU E 202 12.12 -56.44 -12.23
C GLU E 202 12.11 -56.48 -13.76
N ARG E 203 11.38 -55.57 -14.41
CA ARG E 203 11.29 -55.53 -15.86
C ARG E 203 11.91 -54.23 -16.35
N GLY E 204 12.90 -54.34 -17.25
CA GLY E 204 13.56 -53.16 -17.76
C GLY E 204 12.63 -52.25 -18.54
N ASP E 205 11.76 -52.85 -19.38
CA ASP E 205 10.79 -52.05 -20.12
C ASP E 205 9.81 -51.36 -19.19
N ILE E 206 9.42 -52.04 -18.11
CA ILE E 206 8.52 -51.43 -17.13
C ILE E 206 9.19 -50.23 -16.48
N LEU E 207 10.46 -50.38 -16.10
CA LEU E 207 11.17 -49.27 -15.45
C LEU E 207 11.24 -48.05 -16.35
N LEU E 208 11.66 -48.24 -17.60
CA LEU E 208 11.77 -47.10 -18.52
C LEU E 208 10.41 -46.51 -18.82
N SER E 209 9.40 -47.36 -19.03
CA SER E 209 8.05 -46.86 -19.29
C SER E 209 7.48 -46.13 -18.09
N SER E 210 7.65 -46.70 -16.90
CA SER E 210 7.10 -46.07 -15.69
C SER E 210 7.80 -44.77 -15.35
N LEU E 211 9.13 -44.75 -15.40
CA LEU E 211 9.89 -43.56 -15.03
C LEU E 211 9.61 -42.41 -15.99
N ILE E 212 9.54 -42.69 -17.30
CA ILE E 212 9.19 -41.65 -18.26
C ILE E 212 7.78 -41.15 -18.00
N ARG E 213 6.84 -42.06 -17.77
CA ARG E 213 5.47 -41.68 -17.44
C ARG E 213 5.33 -41.17 -16.01
N LYS E 214 6.41 -41.22 -15.22
CA LYS E 214 6.41 -40.74 -13.83
C LYS E 214 5.37 -41.47 -12.99
N LYS E 215 5.26 -42.78 -13.22
CA LYS E 215 4.38 -43.65 -12.44
C LYS E 215 5.12 -44.39 -11.33
N LEU E 216 6.35 -44.82 -11.57
CA LEU E 216 7.15 -45.42 -10.51
C LEU E 216 7.43 -44.42 -9.40
N LEU E 217 7.76 -43.18 -9.76
CA LEU E 217 8.03 -42.14 -8.78
C LEU E 217 7.35 -40.87 -9.24
N PRO E 218 6.14 -40.59 -8.75
CA PRO E 218 5.45 -39.37 -9.14
C PRO E 218 6.22 -38.13 -8.71
N GLU E 219 6.06 -37.06 -9.49
CA GLU E 219 6.82 -35.83 -9.34
C GLU E 219 8.32 -36.12 -9.43
N ALA E 220 8.75 -36.58 -10.59
CA ALA E 220 10.14 -36.91 -10.86
C ALA E 220 10.67 -36.02 -11.97
N SER E 221 11.84 -35.41 -11.72
CA SER E 221 12.47 -34.55 -12.70
C SER E 221 13.28 -35.40 -13.67
N LEU E 222 13.15 -35.10 -14.96
CA LEU E 222 13.81 -35.88 -16.00
C LEU E 222 14.54 -34.98 -16.97
N LEU E 223 15.68 -35.47 -17.46
CA LEU E 223 16.44 -34.79 -18.50
C LEU E 223 17.10 -35.87 -19.34
N ILE E 224 16.58 -36.08 -20.54
CA ILE E 224 16.98 -37.18 -21.40
C ILE E 224 17.58 -36.62 -22.69
N THR E 225 18.64 -37.27 -23.16
CA THR E 225 19.28 -36.90 -24.42
C THR E 225 18.85 -37.89 -25.49
N THR E 226 18.23 -37.38 -26.56
CA THR E 226 17.68 -38.21 -27.62
C THR E 226 18.14 -37.70 -28.98
N ARG E 227 18.46 -38.62 -29.86
CA ARG E 227 18.70 -38.27 -31.25
C ARG E 227 17.40 -37.85 -31.92
N PRO E 228 17.43 -36.82 -32.77
CA PRO E 228 16.18 -36.30 -33.34
C PRO E 228 15.38 -37.34 -34.12
N VAL E 229 16.03 -38.37 -34.67
CA VAL E 229 15.31 -39.40 -35.40
C VAL E 229 14.44 -40.24 -34.47
N ALA E 230 14.71 -40.22 -33.17
CA ALA E 230 14.03 -41.10 -32.23
C ALA E 230 12.78 -40.50 -31.60
N LEU E 231 12.39 -39.28 -32.01
CA LEU E 231 11.24 -38.63 -31.38
C LEU E 231 9.95 -39.39 -31.58
N GLU E 232 9.88 -40.28 -32.57
CA GLU E 232 8.64 -41.05 -32.77
C GLU E 232 8.33 -41.91 -31.56
N LYS E 233 9.34 -42.55 -30.97
CA LYS E 233 9.12 -43.32 -29.75
C LYS E 233 8.80 -42.41 -28.57
N LEU E 234 9.43 -41.24 -28.52
CA LEU E 234 9.21 -40.33 -27.40
C LEU E 234 7.77 -39.83 -27.37
N GLN E 235 7.22 -39.49 -28.54
CA GLN E 235 5.89 -38.91 -28.60
C GLN E 235 4.82 -39.83 -28.05
N HIS E 236 5.04 -41.15 -28.10
CA HIS E 236 4.08 -42.06 -27.48
C HIS E 236 4.10 -41.98 -25.97
N LEU E 237 5.25 -41.59 -25.38
CA LEU E 237 5.43 -41.63 -23.94
C LEU E 237 5.54 -40.26 -23.28
N LEU E 238 5.97 -39.23 -24.01
CA LEU E 238 6.13 -37.92 -23.39
C LEU E 238 4.79 -37.34 -22.99
N ASP E 239 4.75 -36.72 -21.80
CA ASP E 239 3.57 -36.05 -21.29
C ASP E 239 3.98 -34.68 -20.77
N HIS E 240 3.57 -33.64 -21.48
CA HIS E 240 3.94 -32.26 -21.18
C HIS E 240 5.47 -32.09 -21.08
N PRO E 241 6.19 -32.30 -22.16
CA PRO E 241 7.65 -32.21 -22.12
C PRO E 241 8.14 -30.83 -22.53
N ARG E 242 9.46 -30.65 -22.42
CA ARG E 242 10.13 -29.46 -22.91
C ARG E 242 11.27 -29.89 -23.83
N HIS E 243 11.26 -29.36 -25.05
CA HIS E 243 12.20 -29.79 -26.09
C HIS E 243 13.24 -28.70 -26.32
N VAL E 244 14.51 -29.09 -26.34
CA VAL E 244 15.62 -28.19 -26.57
C VAL E 244 16.56 -28.81 -27.59
N GLU E 245 16.90 -28.05 -28.63
CA GLU E 245 17.78 -28.53 -29.68
C GLU E 245 19.22 -28.17 -29.35
N ILE E 246 20.13 -29.10 -29.66
CA ILE E 246 21.56 -28.93 -29.37
C ILE E 246 22.29 -28.84 -30.70
N LEU E 247 22.90 -27.69 -30.98
CA LEU E 247 23.74 -27.49 -32.14
C LEU E 247 25.20 -27.70 -31.75
N GLY E 248 26.11 -27.33 -32.66
CA GLY E 248 27.52 -27.60 -32.43
C GLY E 248 28.42 -26.40 -32.22
N PHE E 249 29.51 -26.35 -32.97
CA PHE E 249 30.56 -25.35 -32.79
C PHE E 249 30.43 -24.20 -33.78
N SER E 250 30.89 -23.02 -33.35
CA SER E 250 30.99 -21.86 -34.22
C SER E 250 32.41 -21.76 -34.76
N GLU E 251 32.62 -20.83 -35.69
CA GLU E 251 33.96 -20.59 -36.21
C GLU E 251 34.90 -20.13 -35.11
N ALA E 252 34.44 -19.21 -34.26
CA ALA E 252 35.24 -18.80 -33.11
C ALA E 252 35.44 -19.95 -32.13
N LYS E 253 34.38 -20.73 -31.89
CA LYS E 253 34.49 -21.87 -30.98
C LYS E 253 35.45 -22.92 -31.52
N ARG E 254 35.45 -23.13 -32.84
CA ARG E 254 36.38 -24.07 -33.43
C ARG E 254 37.82 -23.66 -33.18
N LYS E 255 38.12 -22.36 -33.33
CA LYS E 255 39.46 -21.86 -33.03
C LYS E 255 39.80 -22.06 -31.57
N GLU E 256 38.85 -21.81 -30.67
CA GLU E 256 39.10 -21.99 -29.25
C GLU E 256 39.40 -23.45 -28.92
N TYR E 257 38.67 -24.38 -29.54
CA TYR E 257 38.90 -25.79 -29.29
C TYR E 257 40.30 -26.21 -29.72
N PHE E 258 40.75 -25.71 -30.87
CA PHE E 258 42.10 -26.05 -31.33
C PHE E 258 43.16 -25.53 -30.38
N PHE E 259 42.96 -24.32 -29.85
CA PHE E 259 43.88 -23.79 -28.85
C PHE E 259 43.85 -24.61 -27.57
N LYS E 260 42.65 -25.01 -27.12
CA LYS E 260 42.54 -25.81 -25.91
C LYS E 260 43.04 -27.24 -26.11
N TYR E 261 43.18 -27.68 -27.35
CA TYR E 261 43.64 -29.04 -27.63
C TYR E 261 45.14 -29.08 -27.90
N PHE E 262 45.64 -28.19 -28.74
CA PHE E 262 47.04 -28.21 -29.12
C PHE E 262 47.88 -27.52 -28.05
N SER E 263 48.75 -28.31 -27.39
CA SER E 263 49.60 -27.75 -26.35
C SER E 263 50.60 -26.75 -26.94
N ASP E 264 51.19 -27.08 -28.09
CA ASP E 264 52.17 -26.22 -28.74
C ASP E 264 51.44 -25.29 -29.71
N GLU E 265 51.29 -24.02 -29.31
CA GLU E 265 50.57 -23.05 -30.11
C GLU E 265 51.33 -22.63 -31.37
N ALA E 266 52.61 -23.00 -31.49
CA ALA E 266 53.36 -22.65 -32.68
C ALA E 266 52.77 -23.33 -33.91
N GLN E 267 52.37 -24.58 -33.79
CA GLN E 267 51.73 -25.31 -34.87
C GLN E 267 50.21 -25.23 -34.83
N ALA E 268 49.63 -24.80 -33.70
CA ALA E 268 48.18 -24.71 -33.61
C ALA E 268 47.63 -23.72 -34.62
N ARG E 269 48.26 -22.56 -34.75
CA ARG E 269 47.86 -21.61 -35.78
C ARG E 269 48.08 -22.19 -37.17
N ALA E 270 49.20 -22.88 -37.38
CA ALA E 270 49.46 -23.51 -38.67
C ALA E 270 48.44 -24.61 -38.95
N ALA E 271 48.12 -25.42 -37.94
CA ALA E 271 47.11 -26.45 -38.12
C ALA E 271 45.73 -25.85 -38.35
N PHE E 272 45.39 -24.81 -37.59
CA PHE E 272 44.09 -24.16 -37.77
C PHE E 272 43.99 -23.51 -39.14
N SER E 273 45.07 -22.86 -39.60
CA SER E 273 45.06 -22.26 -40.93
C SER E 273 44.88 -23.31 -42.01
N LEU E 274 45.55 -24.45 -41.86
CA LEU E 274 45.34 -25.57 -42.79
C LEU E 274 43.89 -26.06 -42.71
N ILE E 275 43.34 -26.14 -41.50
CA ILE E 275 41.93 -26.49 -41.35
C ILE E 275 41.04 -25.39 -41.91
N GLN E 276 41.35 -24.14 -41.60
CA GLN E 276 40.54 -23.03 -42.09
C GLN E 276 40.61 -22.91 -43.62
N GLU E 277 41.73 -23.33 -44.22
CA GLU E 277 41.85 -23.26 -45.67
C GLU E 277 40.80 -24.13 -46.36
N ASN E 278 40.55 -25.32 -45.83
CA ASN E 278 39.52 -26.18 -46.38
C ASN E 278 38.14 -25.57 -46.17
N GLU E 279 37.29 -25.69 -47.18
CA GLU E 279 35.96 -25.10 -47.11
C GLU E 279 34.90 -26.10 -46.66
N VAL E 280 35.08 -27.38 -46.93
CA VAL E 280 34.12 -28.39 -46.51
C VAL E 280 34.44 -28.90 -45.11
N LEU E 281 35.72 -29.13 -44.82
CA LEU E 281 36.11 -29.61 -43.50
C LEU E 281 35.77 -28.59 -42.42
N PHE E 282 36.03 -27.30 -42.70
CA PHE E 282 35.80 -26.27 -41.70
C PHE E 282 34.34 -26.19 -41.31
N THR E 283 33.43 -26.24 -42.29
CA THR E 283 32.01 -26.22 -41.98
C THR E 283 31.54 -27.57 -41.44
N MET E 284 32.28 -28.65 -41.70
CA MET E 284 31.98 -29.94 -41.09
C MET E 284 32.49 -30.02 -39.66
N CYS E 285 33.31 -29.06 -39.23
CA CYS E 285 33.79 -29.01 -37.86
C CYS E 285 32.83 -28.30 -36.92
N PHE E 286 31.57 -28.13 -37.32
CA PHE E 286 30.59 -27.65 -36.34
C PHE E 286 30.24 -28.75 -35.34
N ILE E 287 30.32 -30.00 -35.75
CA ILE E 287 30.16 -31.14 -34.86
C ILE E 287 31.44 -31.30 -34.05
N PRO E 288 31.37 -31.28 -32.71
CA PRO E 288 32.60 -31.42 -31.92
C PRO E 288 33.32 -32.74 -32.14
N LEU E 289 32.59 -33.81 -32.46
CA LEU E 289 33.22 -35.10 -32.68
C LEU E 289 34.20 -35.05 -33.85
N VAL E 290 33.81 -34.37 -34.93
CA VAL E 290 34.70 -34.23 -36.08
C VAL E 290 35.96 -33.46 -35.69
N CYS E 291 35.80 -32.44 -34.84
CA CYS E 291 36.97 -31.69 -34.37
C CYS E 291 37.91 -32.59 -33.60
N TRP E 292 37.36 -33.48 -32.77
CA TRP E 292 38.21 -34.42 -32.04
C TRP E 292 38.93 -35.36 -33.00
N ILE E 293 38.25 -35.83 -34.04
CA ILE E 293 38.84 -36.79 -34.96
C ILE E 293 39.93 -36.13 -35.80
N VAL E 294 39.67 -34.93 -36.31
CA VAL E 294 40.67 -34.25 -37.12
C VAL E 294 41.88 -33.87 -36.28
N CYS E 295 41.65 -33.50 -35.02
CA CYS E 295 42.77 -33.14 -34.14
C CYS E 295 43.61 -34.36 -33.80
N THR E 296 42.96 -35.48 -33.45
CA THR E 296 43.69 -36.70 -33.13
C THR E 296 44.47 -37.19 -34.34
N GLY E 297 43.84 -37.21 -35.51
CA GLY E 297 44.52 -37.68 -36.70
C GLY E 297 45.70 -36.81 -37.07
N LEU E 298 45.55 -35.48 -36.96
CA LEU E 298 46.67 -34.59 -37.21
C LEU E 298 47.78 -34.80 -36.18
N LYS E 299 47.40 -34.97 -34.91
CA LYS E 299 48.40 -35.20 -33.87
C LYS E 299 48.99 -36.59 -33.93
N GLN E 300 48.18 -37.59 -34.33
CA GLN E 300 48.73 -38.93 -34.55
C GLN E 300 49.75 -38.92 -35.66
N GLN E 301 49.47 -38.19 -36.74
CA GLN E 301 50.42 -38.04 -37.84
C GLN E 301 51.38 -36.89 -37.63
N MET E 302 51.26 -36.15 -36.53
CA MET E 302 52.24 -35.11 -36.22
C MET E 302 53.62 -35.72 -35.99
N GLU E 303 53.68 -36.87 -35.32
CA GLU E 303 54.94 -37.59 -35.22
C GLU E 303 55.41 -38.11 -36.57
N SER E 304 54.50 -38.21 -37.55
CA SER E 304 54.84 -38.62 -38.91
C SER E 304 55.03 -37.43 -39.84
N GLY E 305 54.19 -36.40 -39.73
CA GLY E 305 54.34 -35.22 -40.56
C GLY E 305 53.37 -35.15 -41.72
N LYS E 306 52.10 -35.45 -41.47
CA LYS E 306 51.07 -35.43 -42.50
C LYS E 306 49.96 -34.46 -42.10
N SER E 307 49.02 -34.24 -43.03
CA SER E 307 47.87 -33.39 -42.77
C SER E 307 46.58 -34.18 -42.97
N LEU E 308 45.43 -33.51 -42.87
CA LEU E 308 44.16 -34.20 -42.97
C LEU E 308 43.21 -33.49 -43.93
N ALA E 309 43.39 -32.19 -44.13
CA ALA E 309 42.41 -31.39 -44.86
C ALA E 309 42.68 -31.42 -46.37
N GLN E 310 42.76 -32.62 -46.92
CA GLN E 310 42.75 -32.81 -48.36
C GLN E 310 41.68 -33.80 -48.81
N THR E 311 41.49 -34.90 -48.08
CA THR E 311 40.38 -35.82 -48.36
C THR E 311 39.23 -35.56 -47.39
N SER E 312 38.67 -34.37 -47.51
CA SER E 312 37.59 -33.90 -46.64
C SER E 312 36.31 -33.68 -47.44
N LYS E 313 36.06 -34.54 -48.42
CA LYS E 313 34.89 -34.38 -49.28
C LYS E 313 33.60 -34.60 -48.50
N THR E 314 33.51 -35.72 -47.78
CA THR E 314 32.28 -36.10 -47.10
C THR E 314 32.63 -36.69 -45.74
N THR E 315 31.59 -37.17 -45.03
CA THR E 315 31.80 -37.77 -43.73
C THR E 315 32.57 -39.09 -43.83
N THR E 316 32.33 -39.86 -44.88
CA THR E 316 33.07 -41.10 -45.07
C THR E 316 34.56 -40.84 -45.25
N ALA E 317 34.90 -39.81 -46.03
CA ALA E 317 36.30 -39.55 -46.34
C ALA E 317 37.11 -39.22 -45.09
N VAL E 318 36.57 -38.38 -44.20
CA VAL E 318 37.31 -37.98 -43.02
C VAL E 318 37.49 -39.14 -42.06
N TYR E 319 36.47 -40.01 -41.94
CA TYR E 319 36.60 -41.17 -41.08
C TYR E 319 37.48 -42.25 -41.70
N VAL E 320 37.35 -42.46 -43.02
CA VAL E 320 38.22 -43.42 -43.69
C VAL E 320 39.67 -42.95 -43.63
N PHE E 321 39.90 -41.66 -43.86
CA PHE E 321 41.26 -41.14 -43.73
C PHE E 321 41.74 -41.17 -42.28
N PHE E 322 40.83 -40.99 -41.32
CA PHE E 322 41.21 -41.20 -39.93
C PHE E 322 41.61 -42.65 -39.71
N LEU E 323 40.80 -43.59 -40.21
CA LEU E 323 41.16 -45.00 -40.13
C LEU E 323 42.47 -45.27 -40.85
N SER E 324 42.74 -44.52 -41.93
CA SER E 324 44.07 -44.58 -42.54
C SER E 324 45.13 -44.20 -41.52
N SER E 325 45.04 -43.00 -40.95
CA SER E 325 45.94 -42.61 -39.89
C SER E 325 45.78 -43.46 -38.64
N LEU E 326 44.63 -44.12 -38.49
CA LEU E 326 44.43 -45.03 -37.37
C LEU E 326 45.10 -46.37 -37.62
N LEU E 327 45.42 -46.68 -38.87
CA LEU E 327 46.05 -47.94 -39.22
C LEU E 327 47.37 -47.79 -39.96
N GLN E 328 47.68 -46.60 -40.48
CA GLN E 328 48.98 -46.41 -41.15
C GLN E 328 50.14 -46.70 -40.21
N PRO E 329 50.19 -46.20 -38.97
CA PRO E 329 51.22 -46.69 -38.05
C PRO E 329 51.06 -48.16 -37.71
N ARG E 330 49.84 -48.69 -37.74
CA ARG E 330 49.59 -50.06 -37.29
C ARG E 330 49.65 -51.06 -38.44
N GLY E 331 48.80 -50.87 -39.46
CA GLY E 331 48.74 -51.78 -40.58
C GLY E 331 47.65 -51.44 -41.58
N GLY E 337 44.49 -60.24 -41.99
CA GLY E 337 44.83 -59.95 -40.60
C GLY E 337 43.94 -58.87 -40.01
N LEU E 338 44.26 -57.61 -40.31
CA LEU E 338 43.44 -56.51 -39.80
C LEU E 338 42.03 -56.56 -40.35
N CYS E 339 41.88 -56.89 -41.63
CA CYS E 339 40.55 -57.03 -42.21
C CYS E 339 39.76 -58.14 -41.53
N ALA E 340 40.42 -59.27 -41.24
CA ALA E 340 39.78 -60.30 -40.44
C ALA E 340 39.44 -59.79 -39.05
N HIS E 341 40.36 -59.03 -38.45
CA HIS E 341 40.04 -58.34 -37.20
C HIS E 341 38.91 -57.34 -37.39
N LEU E 342 38.94 -56.61 -38.51
CA LEU E 342 37.79 -55.79 -38.87
C LEU E 342 36.57 -56.67 -39.10
N TRP E 343 36.74 -57.80 -39.78
CA TRP E 343 35.65 -58.76 -39.92
C TRP E 343 35.21 -59.29 -38.55
N GLY E 344 36.18 -59.52 -37.66
CA GLY E 344 35.84 -59.94 -36.31
C GLY E 344 35.01 -58.91 -35.56
N LEU E 345 35.22 -57.63 -35.85
CA LEU E 345 34.46 -56.57 -35.17
C LEU E 345 33.30 -56.05 -35.99
N CYS E 346 33.41 -56.01 -37.32
CA CYS E 346 32.31 -55.54 -38.14
C CYS E 346 31.12 -56.47 -38.04
N SER E 347 31.36 -57.79 -38.13
CA SER E 347 30.29 -58.75 -37.85
C SER E 347 29.83 -58.64 -36.41
N LEU E 348 30.76 -58.39 -35.49
CA LEU E 348 30.38 -58.08 -34.12
C LEU E 348 29.62 -56.76 -34.04
N ALA E 349 29.99 -55.79 -34.87
CA ALA E 349 29.20 -54.57 -35.00
C ALA E 349 27.93 -54.81 -35.80
N ALA E 350 27.89 -55.86 -36.62
CA ALA E 350 26.68 -56.16 -37.37
C ALA E 350 25.59 -56.68 -36.44
N ASP E 351 25.81 -57.83 -35.80
CA ASP E 351 24.83 -58.33 -34.85
C ASP E 351 24.71 -57.43 -33.64
N GLY E 352 25.67 -56.52 -33.43
CA GLY E 352 25.53 -55.52 -32.39
C GLY E 352 24.56 -54.42 -32.75
N ILE E 353 24.17 -54.32 -34.02
CA ILE E 353 23.09 -53.43 -34.41
C ILE E 353 21.94 -54.29 -34.92
N TRP E 354 22.26 -55.48 -35.44
CA TRP E 354 21.23 -56.39 -35.89
C TRP E 354 20.40 -56.88 -34.70
N ASN E 355 21.07 -57.44 -33.69
CA ASN E 355 20.46 -57.86 -32.44
C ASN E 355 20.64 -56.82 -31.33
N GLN E 356 21.20 -55.65 -31.66
CA GLN E 356 21.34 -54.53 -30.73
C GLN E 356 22.20 -54.91 -29.51
N LYS E 357 23.48 -55.17 -29.78
CA LYS E 357 24.45 -55.46 -28.73
C LYS E 357 25.61 -54.46 -28.86
N ILE E 358 25.47 -53.31 -28.19
CA ILE E 358 26.55 -52.33 -28.20
C ILE E 358 27.76 -52.85 -27.43
N LEU E 359 27.54 -53.38 -26.23
CA LEU E 359 28.64 -53.85 -25.41
C LEU E 359 29.17 -55.19 -25.90
N PHE E 360 30.47 -55.39 -25.72
CA PHE E 360 31.17 -56.56 -26.25
C PHE E 360 31.70 -57.39 -25.09
N GLU E 361 31.44 -58.69 -25.14
CA GLU E 361 31.88 -59.61 -24.11
C GLU E 361 33.23 -60.22 -24.47
N GLU E 362 33.91 -60.76 -23.45
CA GLU E 362 35.17 -61.45 -23.69
C GLU E 362 34.98 -62.67 -24.57
N SER E 363 33.91 -63.44 -24.31
CA SER E 363 33.60 -64.58 -25.18
C SER E 363 33.27 -64.12 -26.59
N ASP E 364 32.50 -63.05 -26.72
CA ASP E 364 32.20 -62.50 -28.04
C ASP E 364 33.47 -62.00 -28.73
N LEU E 365 34.40 -61.45 -27.94
CA LEU E 365 35.68 -61.03 -28.50
C LEU E 365 36.44 -62.22 -29.08
N ARG E 366 36.43 -63.35 -28.38
CA ARG E 366 37.07 -64.55 -28.88
C ARG E 366 36.17 -65.33 -29.84
N ASN E 367 34.86 -65.04 -29.86
CA ASN E 367 33.96 -65.76 -30.75
C ASN E 367 34.27 -65.46 -32.21
N HIS E 368 34.39 -64.17 -32.55
CA HIS E 368 34.75 -63.80 -33.91
C HIS E 368 36.24 -64.01 -34.18
N GLY E 369 37.07 -63.93 -33.15
CA GLY E 369 38.48 -64.17 -33.29
C GLY E 369 39.31 -62.90 -33.30
N LEU E 370 39.88 -62.56 -32.15
CA LEU E 370 40.76 -61.41 -31.99
C LEU E 370 41.98 -61.83 -31.18
N GLN E 371 42.91 -60.89 -31.00
CA GLN E 371 44.07 -61.09 -30.16
C GLN E 371 44.05 -60.06 -29.05
N LYS E 372 44.32 -60.49 -27.82
CA LYS E 372 44.30 -59.56 -26.69
C LYS E 372 45.34 -58.46 -26.87
N ALA E 373 46.54 -58.83 -27.33
CA ALA E 373 47.55 -57.82 -27.62
C ALA E 373 47.08 -56.89 -28.74
N ASP E 374 46.49 -57.46 -29.79
CA ASP E 374 45.94 -56.65 -30.86
C ASP E 374 44.77 -55.80 -30.39
N VAL E 375 43.92 -56.38 -29.53
CA VAL E 375 42.87 -55.59 -28.90
C VAL E 375 43.48 -54.46 -28.06
N SER E 376 44.50 -54.79 -27.27
CA SER E 376 45.22 -53.75 -26.55
C SER E 376 45.89 -52.77 -27.51
N ALA E 377 46.46 -53.28 -28.60
CA ALA E 377 46.95 -52.39 -29.65
C ALA E 377 45.82 -51.57 -30.25
N PHE E 378 44.63 -52.14 -30.35
CA PHE E 378 43.46 -51.36 -30.73
C PHE E 378 43.05 -50.40 -29.62
N LEU E 379 43.23 -50.81 -28.37
CA LEU E 379 42.91 -49.95 -27.23
C LEU E 379 43.82 -48.74 -27.15
N ARG E 380 45.13 -48.95 -27.36
CA ARG E 380 46.11 -47.98 -26.90
C ARG E 380 46.07 -46.68 -27.71
N MET E 381 45.64 -46.74 -28.97
CA MET E 381 45.56 -45.53 -29.79
C MET E 381 44.18 -45.36 -30.41
N ASN E 382 43.15 -45.80 -29.68
CA ASN E 382 41.76 -45.38 -29.86
C ASN E 382 41.18 -45.84 -31.21
N LEU E 383 41.08 -47.16 -31.36
CA LEU E 383 40.08 -47.69 -32.30
C LEU E 383 38.70 -47.67 -31.67
N PHE E 384 38.53 -48.40 -30.58
CA PHE E 384 37.33 -48.31 -29.76
C PHE E 384 37.63 -47.96 -28.32
N GLN E 385 38.69 -48.54 -27.74
CA GLN E 385 39.32 -48.08 -26.50
C GLN E 385 38.32 -47.85 -25.37
N LYS E 386 37.14 -48.47 -25.50
CA LYS E 386 36.05 -48.27 -24.54
C LYS E 386 35.95 -49.54 -23.68
N GLU E 387 36.59 -49.50 -22.52
CA GLU E 387 36.44 -50.51 -21.49
C GLU E 387 35.80 -49.87 -20.28
N VAL E 388 34.67 -50.42 -19.84
CA VAL E 388 33.94 -49.84 -18.73
C VAL E 388 34.74 -50.03 -17.44
N ASP E 389 34.86 -48.95 -16.66
CA ASP E 389 35.56 -49.05 -15.38
C ASP E 389 34.72 -49.78 -14.34
N CYS E 390 33.39 -49.73 -14.47
CA CYS E 390 32.53 -50.42 -13.51
C CYS E 390 32.72 -51.92 -13.58
N GLU E 391 32.81 -52.48 -14.78
CA GLU E 391 33.02 -53.91 -14.96
C GLU E 391 33.76 -54.14 -16.27
N LYS E 392 34.44 -55.28 -16.36
CA LYS E 392 35.29 -55.56 -17.51
C LYS E 392 34.48 -55.91 -18.75
N PHE E 393 33.98 -54.88 -19.45
CA PHE E 393 33.29 -55.07 -20.72
C PHE E 393 34.00 -54.30 -21.83
N TYR E 394 33.42 -54.28 -23.02
CA TYR E 394 34.03 -53.58 -24.14
C TYR E 394 32.94 -52.87 -24.94
N SER E 395 33.34 -51.83 -25.65
CA SER E 395 32.42 -51.04 -26.45
C SER E 395 33.21 -50.27 -27.50
N PHE E 396 32.50 -49.71 -28.47
CA PHE E 396 33.12 -48.85 -29.47
C PHE E 396 33.28 -47.43 -28.93
N ILE E 397 34.24 -46.70 -29.51
CA ILE E 397 34.54 -45.36 -29.03
C ILE E 397 33.37 -44.41 -29.28
N HIS E 398 32.72 -44.51 -30.44
CA HIS E 398 31.59 -43.64 -30.76
C HIS E 398 30.61 -44.39 -31.64
N MET E 399 29.40 -43.81 -31.73
CA MET E 399 28.29 -44.52 -32.36
C MET E 399 28.53 -44.65 -33.86
N THR E 400 29.07 -43.60 -34.47
CA THR E 400 29.31 -43.62 -35.90
C THR E 400 30.41 -44.60 -36.27
N PHE E 401 31.33 -44.87 -35.35
CA PHE E 401 32.40 -45.82 -35.64
C PHE E 401 31.85 -47.24 -35.74
N GLN E 402 30.94 -47.61 -34.83
CA GLN E 402 30.30 -48.91 -34.94
C GLN E 402 29.49 -49.02 -36.21
N GLU E 403 28.74 -47.97 -36.55
CA GLU E 403 27.96 -47.98 -37.78
C GLU E 403 28.85 -47.84 -39.01
N PHE E 404 30.01 -47.21 -38.88
CA PHE E 404 30.97 -47.19 -39.98
C PHE E 404 31.46 -48.60 -40.29
N PHE E 405 31.77 -49.37 -39.25
CA PHE E 405 32.18 -50.76 -39.46
C PHE E 405 30.99 -51.65 -39.80
N ALA E 406 29.78 -51.25 -39.43
CA ALA E 406 28.59 -51.97 -39.88
C ALA E 406 28.48 -51.95 -41.40
N ALA E 407 28.74 -50.78 -42.00
CA ALA E 407 28.77 -50.69 -43.45
C ALA E 407 30.01 -51.35 -44.03
N MET E 408 31.08 -51.48 -43.23
CA MET E 408 32.28 -52.17 -43.70
C MET E 408 31.99 -53.63 -44.02
N TYR E 409 31.16 -54.27 -43.20
CA TYR E 409 30.78 -55.65 -43.45
C TYR E 409 30.02 -55.79 -44.77
N TYR E 410 29.13 -54.85 -45.08
CA TYR E 410 28.36 -54.87 -46.30
C TYR E 410 29.20 -54.62 -47.55
N LEU E 411 30.51 -54.43 -47.40
CA LEU E 411 31.39 -54.20 -48.54
C LEU E 411 32.62 -55.10 -48.52
N LEU E 412 32.88 -55.81 -47.42
CA LEU E 412 34.00 -56.73 -47.38
C LEU E 412 33.82 -57.84 -48.40
N GLU E 413 32.77 -58.64 -48.27
CA GLU E 413 32.48 -59.71 -49.21
C GLU E 413 30.97 -59.85 -49.41
N ARG E 426 28.31 -62.17 -40.41
CA ARG E 426 28.21 -63.62 -40.34
C ARG E 426 26.76 -64.07 -40.10
N LEU E 427 25.84 -63.11 -40.10
CA LEU E 427 24.43 -63.39 -39.89
C LEU E 427 23.53 -62.91 -41.00
N LYS E 428 23.91 -61.87 -41.74
CA LYS E 428 23.13 -61.37 -42.87
C LYS E 428 24.08 -61.07 -44.02
N LEU E 429 23.96 -61.84 -45.10
CA LEU E 429 24.85 -61.65 -46.24
C LEU E 429 24.60 -60.27 -46.86
N PRO E 430 25.64 -59.61 -47.39
CA PRO E 430 25.44 -58.24 -47.90
C PRO E 430 24.52 -58.16 -49.09
N SER E 431 24.76 -58.96 -50.13
CA SER E 431 24.03 -58.78 -51.38
C SER E 431 22.54 -59.08 -51.23
N ARG E 432 22.21 -60.23 -50.61
CA ARG E 432 20.82 -60.62 -50.51
C ARG E 432 20.07 -59.82 -49.44
N ASP E 433 20.71 -59.56 -48.30
CA ASP E 433 20.03 -58.97 -47.16
C ASP E 433 20.17 -57.45 -47.09
N VAL E 434 20.77 -56.81 -48.08
CA VAL E 434 20.70 -55.36 -48.15
C VAL E 434 19.27 -54.93 -48.43
N THR E 435 18.57 -55.67 -49.30
CA THR E 435 17.21 -55.30 -49.67
C THR E 435 16.27 -55.35 -48.46
N VAL E 436 16.38 -56.40 -47.65
CA VAL E 436 15.59 -56.44 -46.43
C VAL E 436 16.05 -55.37 -45.46
N LEU E 437 17.35 -55.07 -45.43
CA LEU E 437 17.84 -53.95 -44.64
C LEU E 437 17.28 -52.63 -45.15
N LEU E 438 17.19 -52.47 -46.47
CA LEU E 438 16.66 -51.23 -47.03
C LEU E 438 15.21 -51.01 -46.63
N GLU E 439 14.44 -52.08 -46.42
CA GLU E 439 13.11 -51.95 -45.86
C GLU E 439 13.10 -52.06 -44.35
N ASN E 440 14.19 -52.56 -43.75
CA ASN E 440 14.40 -52.50 -42.31
C ASN E 440 15.13 -51.22 -41.91
N TYR E 441 15.35 -50.32 -42.87
CA TYR E 441 16.07 -49.08 -42.59
C TYR E 441 15.36 -48.23 -41.55
N GLY E 442 14.03 -48.12 -41.66
CA GLY E 442 13.30 -47.25 -40.76
C GLY E 442 12.81 -47.90 -39.48
N LYS E 443 12.78 -49.22 -39.43
CA LYS E 443 12.22 -49.90 -38.26
C LYS E 443 13.12 -49.71 -37.05
N PHE E 444 12.52 -49.26 -35.95
CA PHE E 444 13.23 -49.06 -34.69
C PHE E 444 13.64 -50.37 -34.03
N GLU E 445 13.06 -51.49 -34.47
CA GLU E 445 13.40 -52.80 -33.88
C GLU E 445 14.90 -53.05 -33.94
N LYS E 446 15.55 -52.69 -35.05
CA LYS E 446 16.99 -52.80 -35.20
C LYS E 446 17.67 -51.46 -34.98
N GLY E 447 17.14 -50.63 -34.09
CA GLY E 447 17.67 -49.30 -33.93
C GLY E 447 17.36 -48.44 -35.13
N TYR E 448 18.24 -47.49 -35.41
CA TYR E 448 18.14 -46.65 -36.60
C TYR E 448 19.45 -46.77 -37.38
N LEU E 449 19.33 -47.05 -38.67
CA LEU E 449 20.48 -47.28 -39.54
C LEU E 449 20.75 -46.10 -40.46
N ILE E 450 20.54 -44.88 -39.96
CA ILE E 450 20.71 -43.69 -40.79
C ILE E 450 22.15 -43.57 -41.26
N PHE E 451 23.11 -43.77 -40.37
CA PHE E 451 24.51 -43.73 -40.75
C PHE E 451 24.99 -45.01 -41.43
N VAL E 452 24.27 -46.11 -41.25
CA VAL E 452 24.71 -47.39 -41.82
C VAL E 452 24.75 -47.30 -43.34
N VAL E 453 23.66 -46.85 -43.95
CA VAL E 453 23.63 -46.69 -45.39
C VAL E 453 24.54 -45.55 -45.84
N ARG E 454 24.60 -44.46 -45.05
CA ARG E 454 25.38 -43.30 -45.45
C ARG E 454 26.84 -43.67 -45.68
N PHE E 455 27.45 -44.35 -44.71
CA PHE E 455 28.80 -44.85 -44.91
C PHE E 455 28.86 -45.88 -46.03
N LEU E 456 27.84 -46.75 -46.11
CA LEU E 456 27.76 -47.69 -47.21
C LEU E 456 27.66 -46.96 -48.55
N PHE E 457 26.85 -45.91 -48.61
CA PHE E 457 26.79 -45.09 -49.81
C PHE E 457 28.13 -44.44 -50.10
N GLY E 458 28.78 -43.91 -49.06
CA GLY E 458 30.06 -43.25 -49.26
C GLY E 458 31.19 -44.20 -49.62
N LEU E 459 31.21 -45.38 -48.99
CA LEU E 459 32.38 -46.26 -49.11
C LEU E 459 32.52 -46.82 -50.52
N VAL E 460 31.41 -47.04 -51.22
CA VAL E 460 31.45 -47.61 -52.56
C VAL E 460 32.13 -46.70 -53.57
N ASN E 461 32.33 -45.43 -53.21
CA ASN E 461 32.96 -44.46 -54.10
C ASN E 461 34.49 -44.55 -54.08
N GLN E 462 35.04 -45.68 -53.61
CA GLN E 462 36.47 -45.97 -53.60
C GLN E 462 37.30 -44.78 -53.12
N GLU E 463 37.12 -44.39 -51.85
CA GLU E 463 37.84 -43.28 -51.26
C GLU E 463 39.34 -43.37 -51.53
N ARG E 464 39.99 -42.23 -51.73
CA ARG E 464 41.36 -42.17 -52.24
C ARG E 464 42.40 -42.72 -51.28
N THR E 465 42.00 -43.29 -50.14
CA THR E 465 42.94 -43.88 -49.22
C THR E 465 43.64 -45.07 -49.86
N SER E 466 44.92 -45.26 -49.53
CA SER E 466 45.74 -46.27 -50.17
C SER E 466 45.17 -47.67 -49.98
N TYR E 467 45.08 -48.12 -48.73
CA TYR E 467 44.66 -49.50 -48.44
C TYR E 467 43.19 -49.60 -48.05
N LEU E 468 42.35 -48.68 -48.52
CA LEU E 468 40.92 -48.82 -48.40
C LEU E 468 40.21 -49.03 -49.72
N GLU E 469 40.96 -49.25 -50.82
CA GLU E 469 40.36 -49.51 -52.11
C GLU E 469 40.58 -50.95 -52.54
N LYS E 470 41.81 -51.45 -52.40
CA LYS E 470 42.25 -52.67 -53.07
C LYS E 470 42.15 -53.92 -52.18
N LYS E 471 41.62 -53.84 -50.96
CA LYS E 471 41.32 -55.06 -50.22
C LYS E 471 39.87 -55.47 -50.31
N LEU E 472 39.01 -54.59 -50.81
CA LEU E 472 37.60 -54.92 -50.97
C LEU E 472 37.31 -55.32 -52.42
N SER E 473 36.12 -55.89 -52.62
CA SER E 473 35.76 -56.51 -53.88
C SER E 473 34.82 -55.61 -54.67
N CYS E 474 35.16 -55.37 -55.93
CA CYS E 474 34.33 -54.54 -56.80
C CYS E 474 33.08 -55.26 -57.28
N LYS E 475 33.08 -56.60 -57.26
CA LYS E 475 31.92 -57.34 -57.75
C LYS E 475 30.67 -57.04 -56.93
N ILE E 476 30.80 -57.06 -55.60
CA ILE E 476 29.68 -56.69 -54.73
C ILE E 476 29.39 -55.20 -54.80
N SER E 477 30.44 -54.37 -54.83
CA SER E 477 30.23 -52.92 -54.86
C SER E 477 29.46 -52.50 -56.09
N GLN E 478 29.78 -53.07 -57.26
CA GLN E 478 29.02 -52.77 -58.46
C GLN E 478 27.57 -53.23 -58.31
N GLN E 479 27.37 -54.41 -57.73
CA GLN E 479 26.01 -54.86 -57.44
C GLN E 479 25.34 -53.96 -56.42
N ILE E 480 26.10 -53.49 -55.43
CA ILE E 480 25.55 -52.56 -54.45
C ILE E 480 25.12 -51.25 -55.12
N ARG E 481 25.93 -50.75 -56.06
CA ARG E 481 25.61 -49.49 -56.73
C ARG E 481 24.24 -49.58 -57.41
N LEU E 482 23.99 -50.66 -58.13
CA LEU E 482 22.69 -50.83 -58.78
C LEU E 482 21.58 -50.97 -57.75
N GLU E 483 21.84 -51.69 -56.66
CA GLU E 483 20.83 -51.85 -55.61
C GLU E 483 20.53 -50.52 -54.93
N LEU E 484 21.56 -49.74 -54.62
CA LEU E 484 21.34 -48.41 -54.05
C LEU E 484 20.60 -47.51 -55.03
N LEU E 485 21.00 -47.55 -56.30
CA LEU E 485 20.29 -46.77 -57.31
C LEU E 485 18.83 -47.20 -57.43
N LYS E 486 18.58 -48.50 -57.36
CA LYS E 486 17.21 -48.99 -57.35
C LYS E 486 16.47 -48.54 -56.10
N TRP E 487 17.17 -48.54 -54.95
CA TRP E 487 16.52 -48.17 -53.69
C TRP E 487 16.11 -46.71 -53.68
N ILE E 488 16.94 -45.83 -54.24
CA ILE E 488 16.60 -44.41 -54.27
C ILE E 488 15.30 -44.20 -55.01
N GLU E 489 15.13 -44.86 -56.16
CA GLU E 489 13.88 -44.78 -56.88
C GLU E 489 12.72 -45.34 -56.05
N VAL E 490 12.96 -46.43 -55.33
CA VAL E 490 11.92 -47.03 -54.52
C VAL E 490 11.43 -46.04 -53.46
N LYS E 491 12.37 -45.39 -52.77
CA LYS E 491 11.99 -44.39 -51.77
C LYS E 491 11.38 -43.15 -52.43
N ALA E 492 11.91 -42.75 -53.59
CA ALA E 492 11.39 -41.58 -54.27
C ALA E 492 9.96 -41.80 -54.74
N LYS E 493 9.66 -42.99 -55.26
CA LYS E 493 8.32 -43.30 -55.73
C LYS E 493 7.36 -43.68 -54.61
N ALA E 494 7.85 -43.80 -53.38
CA ALA E 494 7.00 -44.15 -52.25
C ALA E 494 6.00 -43.02 -52.01
N LYS E 495 4.74 -43.27 -52.35
CA LYS E 495 3.71 -42.24 -52.18
C LYS E 495 3.46 -41.95 -50.71
N LYS E 496 3.49 -42.98 -49.86
CA LYS E 496 3.23 -42.79 -48.44
C LYS E 496 4.30 -41.91 -47.81
N LEU E 497 3.89 -41.13 -46.82
CA LEU E 497 4.78 -40.18 -46.16
C LEU E 497 5.61 -40.88 -45.09
N GLN E 498 6.55 -41.70 -45.56
CA GLN E 498 7.52 -42.35 -44.68
C GLN E 498 8.43 -41.28 -44.08
N ILE E 499 8.35 -41.10 -42.76
CA ILE E 499 9.02 -39.97 -42.13
C ILE E 499 10.54 -40.16 -42.14
N GLN E 500 11.02 -41.38 -41.91
CA GLN E 500 12.45 -41.58 -41.72
C GLN E 500 13.28 -41.43 -43.00
N PRO E 501 12.85 -41.94 -44.19
CA PRO E 501 13.67 -41.73 -45.39
C PRO E 501 13.29 -40.45 -46.12
N SER E 502 13.45 -39.32 -45.43
CA SER E 502 13.03 -38.03 -45.99
C SER E 502 13.90 -37.65 -47.18
N GLN E 503 13.39 -36.70 -47.96
CA GLN E 503 14.13 -36.25 -49.15
C GLN E 503 15.47 -35.65 -48.76
N LEU E 504 15.52 -34.90 -47.65
CA LEU E 504 16.78 -34.36 -47.19
C LEU E 504 17.76 -35.47 -46.81
N GLU E 505 17.26 -36.53 -46.16
CA GLU E 505 18.12 -37.64 -45.76
C GLU E 505 18.73 -38.32 -46.99
N LEU E 506 17.93 -38.51 -48.04
CA LEU E 506 18.47 -39.09 -49.27
C LEU E 506 19.55 -38.20 -49.86
N PHE E 507 19.33 -36.89 -49.85
CA PHE E 507 20.35 -35.98 -50.36
C PHE E 507 21.63 -36.03 -49.54
N TYR E 508 21.52 -36.34 -48.24
CA TYR E 508 22.73 -36.56 -47.45
C TYR E 508 23.53 -37.73 -48.00
N CYS E 509 22.84 -38.83 -48.32
CA CYS E 509 23.51 -39.95 -48.97
C CYS E 509 23.97 -39.58 -50.37
N LEU E 510 23.14 -38.84 -51.11
CA LEU E 510 23.52 -38.45 -52.47
C LEU E 510 24.73 -37.53 -52.47
N TYR E 511 24.80 -36.60 -51.52
CA TYR E 511 25.98 -35.75 -51.41
C TYR E 511 27.22 -36.57 -51.09
N GLU E 512 27.06 -37.65 -50.32
CA GLU E 512 28.18 -38.52 -49.99
C GLU E 512 28.67 -39.34 -51.18
N MET E 513 27.92 -39.36 -52.28
CA MET E 513 28.36 -40.07 -53.47
C MET E 513 29.63 -39.45 -54.04
N GLN E 514 29.62 -38.14 -54.26
CA GLN E 514 30.69 -37.41 -54.96
C GLN E 514 30.94 -37.96 -56.35
N GLU E 515 29.98 -38.69 -56.91
CA GLU E 515 30.07 -39.23 -58.26
C GLU E 515 29.14 -38.43 -59.16
N GLU E 516 29.70 -37.82 -60.21
CA GLU E 516 28.92 -36.87 -61.01
C GLU E 516 27.81 -37.58 -61.78
N ASP E 517 28.13 -38.68 -62.47
CA ASP E 517 27.14 -39.31 -63.33
C ASP E 517 26.12 -40.10 -62.53
N PHE E 518 26.52 -40.68 -61.40
CA PHE E 518 25.59 -41.50 -60.62
C PHE E 518 24.48 -40.64 -60.02
N VAL E 519 24.82 -39.51 -59.42
CA VAL E 519 23.81 -38.63 -58.86
C VAL E 519 22.93 -38.03 -59.96
N GLN E 520 23.45 -37.92 -61.18
CA GLN E 520 22.64 -37.42 -62.28
C GLN E 520 21.47 -38.34 -62.56
N ARG E 521 21.75 -39.64 -62.72
CA ARG E 521 20.69 -40.59 -63.00
C ARG E 521 19.88 -40.93 -61.76
N ALA E 522 20.51 -40.96 -60.59
CA ALA E 522 19.80 -41.30 -59.36
C ALA E 522 18.74 -40.25 -59.02
N MET E 523 19.07 -38.96 -59.16
CA MET E 523 18.16 -37.90 -58.78
C MET E 523 17.17 -37.56 -59.89
N ASP E 524 17.35 -38.12 -61.09
CA ASP E 524 16.37 -37.92 -62.16
C ASP E 524 14.99 -38.48 -61.82
N TYR E 525 14.86 -39.17 -60.69
CA TYR E 525 13.57 -39.64 -60.19
C TYR E 525 12.96 -38.67 -59.19
N PHE E 526 13.24 -37.37 -59.32
CA PHE E 526 12.76 -36.34 -58.40
C PHE E 526 11.95 -35.32 -59.18
N PRO E 527 10.64 -35.54 -59.34
CA PRO E 527 9.83 -34.52 -60.03
C PRO E 527 9.57 -33.29 -59.18
N LYS E 528 9.27 -33.47 -57.90
CA LYS E 528 9.00 -32.38 -56.99
C LYS E 528 9.97 -32.44 -55.82
N ILE E 529 10.56 -31.30 -55.49
CA ILE E 529 11.57 -31.21 -54.44
C ILE E 529 11.04 -30.33 -53.32
N GLU E 530 11.00 -30.88 -52.10
CA GLU E 530 10.57 -30.14 -50.92
C GLU E 530 11.65 -30.30 -49.85
N ILE E 531 12.29 -29.18 -49.50
CA ILE E 531 13.47 -29.20 -48.64
C ILE E 531 13.23 -28.29 -47.45
N ASN E 532 13.58 -28.77 -46.26
CA ASN E 532 13.63 -27.96 -45.05
C ASN E 532 15.07 -27.96 -44.55
N LEU E 533 15.59 -26.78 -44.24
CA LEU E 533 16.99 -26.61 -43.87
C LEU E 533 17.10 -26.06 -42.46
N SER E 534 18.14 -26.47 -41.75
CA SER E 534 18.36 -26.02 -40.38
C SER E 534 19.76 -25.47 -40.14
N THR E 535 20.79 -26.07 -40.73
CA THR E 535 22.17 -25.72 -40.43
C THR E 535 22.90 -25.30 -41.69
N ARG E 536 24.12 -24.78 -41.48
CA ARG E 536 24.96 -24.39 -42.61
C ARG E 536 25.33 -25.59 -43.47
N MET E 537 25.65 -26.72 -42.83
CA MET E 537 25.96 -27.93 -43.59
C MET E 537 24.75 -28.39 -44.40
N ASP E 538 23.54 -28.17 -43.90
CA ASP E 538 22.34 -28.51 -44.64
C ASP E 538 22.25 -27.72 -45.95
N HIS E 539 22.85 -26.52 -45.98
CA HIS E 539 22.78 -25.72 -47.21
C HIS E 539 23.69 -26.29 -48.29
N MET E 540 24.88 -26.76 -47.90
CA MET E 540 25.82 -27.26 -48.91
C MET E 540 25.41 -28.63 -49.45
N VAL E 541 24.84 -29.49 -48.60
CA VAL E 541 24.37 -30.79 -49.09
C VAL E 541 23.26 -30.61 -50.10
N SER E 542 22.34 -29.67 -49.84
CA SER E 542 21.29 -29.38 -50.80
C SER E 542 21.85 -28.67 -52.04
N SER E 543 22.84 -27.80 -51.85
CA SER E 543 23.41 -27.08 -52.98
C SER E 543 24.07 -28.03 -53.98
N PHE E 544 24.76 -29.06 -53.48
CA PHE E 544 25.41 -30.01 -54.37
C PHE E 544 24.40 -30.80 -55.18
N CYS E 545 23.18 -30.94 -54.66
CA CYS E 545 22.15 -31.67 -55.38
C CYS E 545 21.53 -30.82 -56.48
N ILE E 546 20.99 -29.65 -56.11
CA ILE E 546 20.28 -28.82 -57.07
C ILE E 546 21.19 -28.34 -58.19
N GLU E 547 22.51 -28.36 -57.99
CA GLU E 547 23.41 -27.81 -58.99
C GLU E 547 23.50 -28.70 -60.22
N ASN E 548 23.04 -29.94 -60.12
CA ASN E 548 23.03 -30.86 -61.25
C ASN E 548 21.73 -31.63 -61.40
N CYS E 549 20.64 -31.14 -60.82
CA CYS E 549 19.31 -31.72 -61.03
C CYS E 549 18.71 -31.11 -62.28
N HIS E 550 18.72 -31.86 -63.37
CA HIS E 550 18.26 -31.36 -64.66
C HIS E 550 16.80 -31.71 -64.94
N ARG E 551 16.09 -32.33 -64.00
CA ARG E 551 14.70 -32.71 -64.20
C ARG E 551 13.78 -32.10 -63.14
N VAL E 552 14.25 -31.13 -62.36
CA VAL E 552 13.42 -30.55 -61.31
C VAL E 552 12.42 -29.59 -61.95
N GLU E 553 11.16 -29.69 -61.53
CA GLU E 553 10.10 -28.81 -61.99
C GLU E 553 9.65 -27.83 -60.92
N SER E 554 9.26 -28.33 -59.75
CA SER E 554 8.83 -27.49 -58.63
C SER E 554 9.81 -27.67 -57.48
N LEU E 555 10.19 -26.54 -56.87
CA LEU E 555 11.18 -26.55 -55.80
C LEU E 555 10.70 -25.67 -54.66
N SER E 556 11.15 -25.97 -53.46
CA SER E 556 10.77 -25.22 -52.27
C SER E 556 11.89 -25.28 -51.25
N LEU E 557 11.86 -24.35 -50.30
CA LEU E 557 12.83 -24.29 -49.23
C LEU E 557 12.12 -24.13 -47.89
N GLY E 558 12.75 -24.64 -46.84
CA GLY E 558 12.26 -24.47 -45.49
C GLY E 558 13.35 -24.01 -44.55
N PHE E 559 13.20 -22.83 -43.98
CA PHE E 559 14.17 -22.25 -43.07
C PHE E 559 13.60 -22.26 -41.65
N LEU E 560 14.41 -22.68 -40.69
CA LEU E 560 14.03 -22.66 -39.29
C LEU E 560 15.04 -22.01 -38.37
N HIS E 561 16.28 -21.79 -38.81
CA HIS E 561 17.30 -21.16 -37.98
C HIS E 561 16.94 -19.71 -37.67
N HIS E 600 21.50 -18.19 -41.02
CA HIS E 600 22.14 -18.35 -42.32
C HIS E 600 21.40 -17.57 -43.40
N LEU E 601 20.44 -16.75 -42.98
CA LEU E 601 19.71 -15.90 -43.91
C LEU E 601 20.55 -14.73 -44.42
N THR E 602 21.72 -14.51 -43.84
CA THR E 602 22.61 -13.45 -44.30
C THR E 602 23.09 -13.74 -45.73
N SER E 603 23.33 -12.67 -46.48
CA SER E 603 23.72 -12.81 -47.89
C SER E 603 25.01 -13.59 -48.06
N SER E 604 25.83 -13.72 -47.02
CA SER E 604 27.05 -14.51 -47.12
C SER E 604 26.77 -16.01 -47.15
N PHE E 605 25.54 -16.44 -46.85
CA PHE E 605 25.21 -17.85 -46.80
C PHE E 605 24.18 -18.26 -47.84
N CYS E 606 23.05 -17.57 -47.92
CA CYS E 606 22.01 -17.95 -48.87
C CYS E 606 22.41 -17.69 -50.31
N ARG E 607 23.44 -16.88 -50.54
CA ARG E 607 23.85 -16.59 -51.91
C ARG E 607 24.32 -17.84 -52.64
N GLY E 608 25.06 -18.71 -51.94
CA GLY E 608 25.54 -19.91 -52.57
C GLY E 608 24.43 -20.82 -53.06
N LEU E 609 23.38 -20.97 -52.24
CA LEU E 609 22.26 -21.80 -52.66
C LEU E 609 21.40 -21.10 -53.71
N PHE E 610 21.18 -19.79 -53.54
CA PHE E 610 20.36 -19.06 -54.50
C PHE E 610 21.04 -18.96 -55.87
N SER E 611 22.37 -18.93 -55.89
CA SER E 611 23.08 -18.93 -57.17
C SER E 611 22.82 -20.20 -57.95
N VAL E 612 22.50 -21.29 -57.25
CA VAL E 612 22.18 -22.55 -57.92
C VAL E 612 20.90 -22.41 -58.75
N LEU E 613 19.89 -21.76 -58.18
CA LEU E 613 18.60 -21.68 -58.85
C LEU E 613 18.70 -20.93 -60.17
N SER E 614 19.48 -19.85 -60.21
CA SER E 614 19.59 -19.04 -61.43
C SER E 614 20.23 -19.83 -62.57
N THR E 615 21.05 -20.81 -62.26
CA THR E 615 21.75 -21.61 -63.26
C THR E 615 21.05 -22.92 -63.56
N SER E 616 19.84 -23.14 -63.03
CA SER E 616 19.10 -24.37 -63.27
C SER E 616 18.09 -24.13 -64.39
N GLN E 617 18.27 -24.82 -65.50
CA GLN E 617 17.41 -24.62 -66.66
C GLN E 617 16.02 -25.20 -66.44
N SER E 618 15.94 -26.42 -65.91
CA SER E 618 14.65 -27.09 -65.78
C SER E 618 13.76 -26.44 -64.73
N LEU E 619 14.32 -25.63 -63.84
CA LEU E 619 13.54 -25.04 -62.77
C LEU E 619 12.49 -24.08 -63.33
N THR E 620 11.28 -24.19 -62.82
CA THR E 620 10.17 -23.35 -63.27
C THR E 620 9.45 -22.66 -62.12
N GLU E 621 9.29 -23.32 -60.98
CA GLU E 621 8.54 -22.78 -59.85
C GLU E 621 9.41 -22.75 -58.61
N LEU E 622 9.27 -21.68 -57.83
CA LEU E 622 10.01 -21.51 -56.58
C LEU E 622 9.00 -21.14 -55.49
N ASP E 623 8.94 -21.95 -54.44
CA ASP E 623 7.98 -21.77 -53.35
C ASP E 623 8.75 -21.41 -52.08
N LEU E 624 8.91 -20.11 -51.84
CA LEU E 624 9.59 -19.61 -50.66
C LEU E 624 8.61 -19.12 -49.59
N SER E 625 7.35 -19.50 -49.68
CA SER E 625 6.34 -18.99 -48.78
C SER E 625 6.54 -19.54 -47.37
N ASP E 626 5.90 -18.87 -46.41
CA ASP E 626 5.89 -19.28 -45.01
C ASP E 626 7.31 -19.39 -44.44
N ASN E 627 8.12 -18.38 -44.71
CA ASN E 627 9.48 -18.28 -44.19
C ASN E 627 9.70 -16.92 -43.57
N SER E 628 10.78 -16.80 -42.80
CA SER E 628 11.18 -15.54 -42.19
C SER E 628 12.26 -14.84 -43.00
N LEU E 629 12.26 -15.05 -44.31
CA LEU E 629 13.25 -14.43 -45.19
C LEU E 629 13.04 -12.91 -45.17
N GLY E 630 14.01 -12.19 -44.63
CA GLY E 630 13.92 -10.75 -44.47
C GLY E 630 14.34 -10.00 -45.72
N ASP E 631 14.33 -8.67 -45.60
CA ASP E 631 14.71 -7.81 -46.72
C ASP E 631 16.14 -8.04 -47.18
N PRO E 632 17.16 -8.11 -46.30
CA PRO E 632 18.51 -8.43 -46.80
C PRO E 632 18.58 -9.76 -47.54
N GLY E 633 17.85 -10.77 -47.04
CA GLY E 633 17.76 -12.01 -47.78
C GLY E 633 17.00 -11.85 -49.09
N MET E 634 15.95 -11.02 -49.08
CA MET E 634 15.22 -10.77 -50.31
C MET E 634 16.06 -10.01 -51.32
N ARG E 635 16.96 -9.15 -50.85
CA ARG E 635 17.78 -8.36 -51.76
C ARG E 635 18.70 -9.25 -52.58
N VAL E 636 19.33 -10.26 -51.95
CA VAL E 636 20.24 -11.12 -52.69
C VAL E 636 19.45 -12.05 -53.62
N LEU E 637 18.19 -12.34 -53.29
CA LEU E 637 17.37 -13.14 -54.18
C LEU E 637 17.13 -12.44 -55.51
N CYS E 638 16.86 -11.13 -55.46
CA CYS E 638 16.64 -10.38 -56.69
C CYS E 638 17.93 -10.23 -57.49
N GLU E 639 19.07 -10.22 -56.80
CA GLU E 639 20.35 -10.19 -57.51
C GLU E 639 20.54 -11.44 -58.36
N THR E 640 20.16 -12.60 -57.82
CA THR E 640 20.29 -13.85 -58.56
C THR E 640 19.26 -13.94 -59.68
N LEU E 641 18.06 -13.41 -59.45
CA LEU E 641 17.01 -13.49 -60.47
C LEU E 641 17.37 -12.71 -61.72
N GLN E 642 18.13 -11.63 -61.58
CA GLN E 642 18.55 -10.84 -62.74
C GLN E 642 19.56 -11.56 -63.61
N HIS E 643 20.12 -12.67 -63.15
CA HIS E 643 21.09 -13.41 -63.95
C HIS E 643 20.40 -13.95 -65.19
N PRO E 644 21.00 -13.81 -66.37
CA PRO E 644 20.39 -14.35 -67.59
C PRO E 644 20.29 -15.87 -67.51
N GLY E 645 19.26 -16.41 -68.16
CA GLY E 645 19.04 -17.83 -68.17
C GLY E 645 18.20 -18.36 -67.02
N CYS E 646 17.84 -17.52 -66.06
CA CYS E 646 16.98 -17.94 -64.96
C CYS E 646 15.58 -18.20 -65.49
N ASN E 647 15.17 -19.46 -65.52
CA ASN E 647 13.92 -19.88 -66.12
C ASN E 647 12.79 -19.97 -65.12
N ILE E 648 12.92 -19.32 -63.96
CA ILE E 648 11.86 -19.33 -62.97
C ILE E 648 10.69 -18.50 -63.47
N ARG E 649 9.50 -19.10 -63.51
CA ARG E 649 8.31 -18.43 -64.00
C ARG E 649 7.38 -17.96 -62.89
N ARG E 650 7.13 -18.80 -61.89
CA ARG E 650 6.17 -18.51 -60.83
C ARG E 650 6.88 -18.63 -59.50
N LEU E 651 6.82 -17.58 -58.69
CA LEU E 651 7.36 -17.58 -57.34
C LEU E 651 6.28 -17.19 -56.35
N TRP E 652 6.24 -17.89 -55.22
CA TRP E 652 5.26 -17.65 -54.17
C TRP E 652 6.01 -17.15 -52.94
N LEU E 653 5.64 -15.96 -52.45
CA LEU E 653 6.31 -15.32 -51.35
C LEU E 653 5.33 -14.95 -50.24
N GLY E 654 4.37 -15.83 -49.97
CA GLY E 654 3.41 -15.56 -48.92
C GLY E 654 4.01 -15.72 -47.54
N ARG E 655 3.46 -14.96 -46.59
CA ARG E 655 3.83 -15.00 -45.17
C ARG E 655 5.29 -14.69 -44.92
N CYS E 656 6.02 -14.20 -45.93
CA CYS E 656 7.41 -13.84 -45.73
C CYS E 656 7.51 -12.55 -44.91
N GLY E 657 8.68 -12.33 -44.33
CA GLY E 657 8.91 -11.15 -43.52
C GLY E 657 9.27 -9.92 -44.36
N LEU E 658 8.76 -9.88 -45.59
CA LEU E 658 9.08 -8.77 -46.48
C LEU E 658 8.41 -7.49 -46.01
N SER E 659 9.11 -6.38 -46.20
CA SER E 659 8.60 -5.05 -45.84
C SER E 659 8.55 -4.19 -47.11
N HIS E 660 8.28 -2.90 -46.92
CA HIS E 660 8.13 -2.00 -48.05
C HIS E 660 9.42 -1.88 -48.86
N GLU E 661 10.57 -1.84 -48.17
CA GLU E 661 11.85 -1.59 -48.84
C GLU E 661 12.29 -2.72 -49.76
N CYS E 662 11.66 -3.89 -49.67
CA CYS E 662 11.99 -4.97 -50.59
C CYS E 662 11.43 -4.74 -51.98
N CYS E 663 10.34 -3.99 -52.11
CA CYS E 663 9.70 -3.78 -53.40
C CYS E 663 10.61 -3.06 -54.38
N PHE E 664 11.60 -2.30 -53.88
CA PHE E 664 12.53 -1.63 -54.79
C PHE E 664 13.33 -2.64 -55.60
N ASP E 665 13.77 -3.72 -54.97
CA ASP E 665 14.51 -4.75 -55.69
C ASP E 665 13.61 -5.51 -56.66
N ILE E 666 12.37 -5.79 -56.24
CA ILE E 666 11.46 -6.57 -57.08
C ILE E 666 11.12 -5.80 -58.35
N SER E 667 11.02 -4.47 -58.25
CA SER E 667 10.79 -3.67 -59.44
C SER E 667 11.93 -3.79 -60.44
N LEU E 668 13.14 -4.07 -59.95
CA LEU E 668 14.28 -4.19 -60.85
C LEU E 668 14.24 -5.47 -61.68
N VAL E 669 13.91 -6.60 -61.05
CA VAL E 669 13.90 -7.87 -61.78
C VAL E 669 12.78 -7.87 -62.80
N LEU E 670 11.64 -7.26 -62.49
CA LEU E 670 10.58 -7.14 -63.47
C LEU E 670 11.01 -6.30 -64.66
N SER E 671 11.69 -5.19 -64.40
CA SER E 671 12.17 -4.32 -65.48
C SER E 671 13.30 -4.95 -66.27
N SER E 672 13.88 -6.05 -65.80
CA SER E 672 14.97 -6.73 -66.50
C SER E 672 14.56 -8.10 -67.01
N ASN E 673 14.05 -8.97 -66.13
CA ASN E 673 13.69 -10.31 -66.51
C ASN E 673 12.28 -10.36 -67.10
N GLN E 674 12.14 -11.06 -68.21
CA GLN E 674 10.85 -11.24 -68.88
C GLN E 674 10.27 -12.62 -68.68
N LYS E 675 10.82 -13.41 -67.74
CA LYS E 675 10.36 -14.77 -67.54
C LYS E 675 9.27 -14.88 -66.47
N LEU E 676 9.24 -13.97 -65.50
CA LEU E 676 8.21 -14.02 -64.47
C LEU E 676 6.83 -13.83 -65.08
N VAL E 677 5.90 -14.71 -64.73
CA VAL E 677 4.55 -14.67 -65.26
C VAL E 677 3.55 -14.61 -64.11
N GLU E 678 3.93 -15.16 -62.96
CA GLU E 678 3.08 -15.19 -61.78
C GLU E 678 3.89 -14.78 -60.57
N LEU E 679 3.40 -13.79 -59.84
CA LEU E 679 4.06 -13.29 -58.65
C LEU E 679 3.05 -13.20 -57.52
N ASP E 680 3.39 -13.79 -56.36
CA ASP E 680 2.51 -13.79 -55.20
C ASP E 680 3.22 -13.09 -54.05
N LEU E 681 2.57 -12.08 -53.49
CA LEU E 681 3.09 -11.33 -52.35
C LEU E 681 2.05 -11.25 -51.23
N SER E 682 1.18 -12.24 -51.14
CA SER E 682 0.12 -12.21 -50.15
C SER E 682 0.68 -12.25 -48.73
N ASP E 683 -0.02 -11.60 -47.81
CA ASP E 683 0.33 -11.56 -46.39
C ASP E 683 1.72 -10.95 -46.19
N ASN E 684 1.86 -9.70 -46.59
CA ASN E 684 3.07 -8.93 -46.37
C ASN E 684 2.70 -7.55 -45.83
N ALA E 685 3.54 -7.03 -44.94
CA ALA E 685 3.28 -5.75 -44.30
C ALA E 685 3.92 -4.59 -45.08
N LEU E 686 3.58 -4.50 -46.35
CA LEU E 686 4.05 -3.42 -47.22
C LEU E 686 2.90 -2.45 -47.45
N GLY E 687 3.18 -1.17 -47.26
CA GLY E 687 2.16 -0.14 -47.32
C GLY E 687 1.94 0.39 -48.73
N ASP E 688 1.30 1.55 -48.81
CA ASP E 688 1.06 2.18 -50.10
C ASP E 688 2.37 2.52 -50.81
N PHE E 689 3.43 2.79 -50.06
CA PHE E 689 4.72 3.07 -50.66
C PHE E 689 5.26 1.84 -51.41
N GLY E 690 5.04 0.65 -50.86
CA GLY E 690 5.48 -0.56 -51.53
C GLY E 690 4.84 -0.74 -52.89
N ILE E 691 3.53 -0.50 -52.98
CA ILE E 691 2.86 -0.56 -54.27
C ILE E 691 3.35 0.54 -55.18
N ARG E 692 3.66 1.71 -54.62
CA ARG E 692 4.18 2.82 -55.42
C ARG E 692 5.48 2.43 -56.10
N LEU E 693 6.36 1.73 -55.40
CA LEU E 693 7.58 1.24 -56.02
C LEU E 693 7.29 0.06 -56.95
N LEU E 694 6.41 -0.85 -56.52
CA LEU E 694 6.10 -2.03 -57.32
C LEU E 694 5.46 -1.65 -58.65
N CYS E 695 4.52 -0.71 -58.63
CA CYS E 695 3.82 -0.32 -59.85
C CYS E 695 4.76 0.30 -60.87
N VAL E 696 5.89 0.85 -60.44
CA VAL E 696 6.85 1.43 -61.38
C VAL E 696 7.42 0.35 -62.28
N GLY E 697 7.82 -0.78 -61.70
CA GLY E 697 8.35 -1.87 -62.49
C GLY E 697 7.29 -2.50 -63.39
N LEU E 698 6.07 -2.63 -62.89
CA LEU E 698 4.99 -3.19 -63.70
C LEU E 698 4.66 -2.30 -64.88
N LYS E 699 4.73 -0.97 -64.70
CA LYS E 699 4.46 -0.06 -65.81
C LYS E 699 5.48 -0.17 -66.92
N HIS E 700 6.67 -0.70 -66.63
CA HIS E 700 7.67 -0.86 -67.67
C HIS E 700 7.20 -1.87 -68.72
N LEU E 701 7.43 -1.53 -69.98
CA LEU E 701 6.91 -2.36 -71.07
C LEU E 701 7.68 -3.67 -71.22
N LEU E 702 8.87 -3.77 -70.63
CA LEU E 702 9.66 -4.99 -70.77
C LEU E 702 9.04 -6.15 -70.01
N CYS E 703 8.51 -5.89 -68.81
CA CYS E 703 7.92 -6.95 -68.00
C CYS E 703 6.62 -7.43 -68.61
N ASN E 704 6.35 -8.73 -68.44
CA ASN E 704 5.10 -9.36 -68.87
C ASN E 704 4.62 -10.27 -67.74
N LEU E 705 3.85 -9.70 -66.82
CA LEU E 705 3.31 -10.42 -65.68
C LEU E 705 1.81 -10.56 -65.85
N LYS E 706 1.30 -11.78 -65.66
CA LYS E 706 -0.12 -12.06 -65.84
C LYS E 706 -0.88 -12.09 -64.52
N LYS E 707 -0.48 -12.95 -63.59
CA LYS E 707 -1.14 -13.09 -62.31
C LYS E 707 -0.41 -12.27 -61.26
N LEU E 708 -1.14 -11.92 -60.19
CA LEU E 708 -0.58 -11.06 -59.15
C LEU E 708 -1.46 -11.16 -57.92
N TRP E 709 -0.87 -11.48 -56.77
CA TRP E 709 -1.59 -11.58 -55.51
C TRP E 709 -1.09 -10.50 -54.56
N LEU E 710 -2.03 -9.73 -54.01
CA LEU E 710 -1.74 -8.74 -52.98
C LEU E 710 -2.65 -8.92 -51.78
N VAL E 711 -3.05 -10.17 -51.52
CA VAL E 711 -4.02 -10.45 -50.48
C VAL E 711 -3.41 -10.16 -49.11
N SER E 712 -4.22 -9.53 -48.25
CA SER E 712 -3.89 -9.23 -46.85
C SER E 712 -2.74 -8.26 -46.69
N CYS E 713 -2.29 -7.61 -47.77
CA CYS E 713 -1.29 -6.58 -47.64
C CYS E 713 -1.90 -5.32 -47.04
N CYS E 714 -1.15 -4.65 -46.18
CA CYS E 714 -1.64 -3.44 -45.53
C CYS E 714 -1.72 -2.33 -46.57
N LEU E 715 -2.92 -2.10 -47.09
CA LEU E 715 -3.12 -1.13 -48.16
C LEU E 715 -4.36 -0.30 -47.89
N THR E 716 -4.39 0.89 -48.48
CA THR E 716 -5.52 1.79 -48.37
C THR E 716 -5.94 2.29 -49.74
N SER E 717 -6.84 3.27 -49.78
CA SER E 717 -7.30 3.80 -51.06
C SER E 717 -6.20 4.54 -51.80
N ALA E 718 -5.14 4.95 -51.12
CA ALA E 718 -4.05 5.67 -51.78
C ALA E 718 -3.37 4.80 -52.84
N CYS E 719 -3.15 3.52 -52.52
CA CYS E 719 -2.50 2.63 -53.47
C CYS E 719 -3.36 2.36 -54.70
N CYS E 720 -4.68 2.57 -54.60
CA CYS E 720 -5.55 2.33 -55.74
C CYS E 720 -5.23 3.28 -56.89
N GLN E 721 -4.89 4.53 -56.57
CA GLN E 721 -4.50 5.48 -57.62
C GLN E 721 -3.25 5.01 -58.35
N ASP E 722 -2.26 4.52 -57.59
CA ASP E 722 -1.03 4.04 -58.22
C ASP E 722 -1.27 2.76 -59.02
N LEU E 723 -2.05 1.84 -58.47
CA LEU E 723 -2.30 0.57 -59.15
C LEU E 723 -3.19 0.73 -60.38
N ALA E 724 -4.01 1.77 -60.43
CA ALA E 724 -4.89 1.97 -61.57
C ALA E 724 -4.08 2.22 -62.85
N SER E 725 -2.97 2.96 -62.73
CA SER E 725 -2.16 3.26 -63.90
C SER E 725 -1.60 1.98 -64.52
N VAL E 726 -1.14 1.05 -63.69
CA VAL E 726 -0.64 -0.23 -64.20
C VAL E 726 -1.75 -0.98 -64.93
N LEU E 727 -2.95 -1.00 -64.35
CA LEU E 727 -4.07 -1.73 -64.93
C LEU E 727 -4.41 -1.23 -66.33
N SER E 728 -4.05 0.01 -66.66
CA SER E 728 -4.34 0.57 -67.98
C SER E 728 -3.22 0.30 -68.98
N THR E 729 -1.97 0.47 -68.56
CA THR E 729 -0.85 0.39 -69.50
C THR E 729 -0.20 -0.98 -69.57
N SER E 730 -0.29 -1.78 -68.51
CA SER E 730 0.31 -3.12 -68.52
C SER E 730 -0.58 -4.05 -69.32
N HIS E 731 -0.23 -4.24 -70.59
CA HIS E 731 -1.04 -5.09 -71.47
C HIS E 731 -1.03 -6.53 -71.01
N SER E 732 0.04 -6.98 -70.36
CA SER E 732 0.18 -8.37 -69.97
C SER E 732 -0.58 -8.72 -68.69
N LEU E 733 -1.04 -7.74 -67.94
CA LEU E 733 -1.73 -8.00 -66.68
C LEU E 733 -3.15 -8.46 -66.97
N THR E 734 -3.50 -9.65 -66.50
CA THR E 734 -4.83 -10.21 -66.70
C THR E 734 -5.57 -10.44 -65.39
N ARG E 735 -4.95 -11.11 -64.44
CA ARG E 735 -5.58 -11.42 -63.16
C ARG E 735 -4.93 -10.58 -62.06
N LEU E 736 -5.77 -10.07 -61.14
CA LEU E 736 -5.28 -9.20 -60.07
C LEU E 736 -6.16 -9.44 -58.85
N TYR E 737 -5.69 -10.30 -57.95
CA TYR E 737 -6.39 -10.61 -56.71
C TYR E 737 -5.86 -9.69 -55.62
N VAL E 738 -6.62 -8.64 -55.32
CA VAL E 738 -6.19 -7.61 -54.37
C VAL E 738 -7.12 -7.60 -53.16
N GLY E 739 -7.73 -8.76 -52.88
CA GLY E 739 -8.66 -8.85 -51.78
C GLY E 739 -7.99 -8.70 -50.42
N GLU E 740 -8.83 -8.68 -49.39
CA GLU E 740 -8.47 -8.61 -47.97
C GLU E 740 -7.88 -7.26 -47.58
N ASN E 741 -7.70 -6.34 -48.52
CA ASN E 741 -7.12 -5.04 -48.20
C ASN E 741 -8.15 -4.14 -47.53
N ALA E 742 -7.66 -3.06 -46.93
CA ALA E 742 -8.50 -2.11 -46.21
C ALA E 742 -9.05 -1.02 -47.10
N LEU E 743 -8.80 -1.07 -48.40
CA LEU E 743 -9.33 -0.05 -49.30
C LEU E 743 -10.85 -0.08 -49.30
N GLY E 744 -11.45 1.11 -49.22
CA GLY E 744 -12.89 1.24 -49.16
C GLY E 744 -13.52 1.40 -50.53
N ASP E 745 -14.78 1.82 -50.52
CA ASP E 745 -15.49 2.05 -51.78
C ASP E 745 -14.84 3.15 -52.60
N SER E 746 -14.19 4.11 -51.95
CA SER E 746 -13.53 5.19 -52.68
C SER E 746 -12.39 4.65 -53.55
N GLY E 747 -11.63 3.69 -53.03
CA GLY E 747 -10.54 3.13 -53.80
C GLY E 747 -11.02 2.35 -55.01
N VAL E 748 -12.13 1.64 -54.87
CA VAL E 748 -12.66 0.84 -55.98
C VAL E 748 -13.12 1.75 -57.11
N ALA E 749 -13.67 2.92 -56.77
CA ALA E 749 -14.11 3.86 -57.81
C ALA E 749 -12.95 4.31 -58.68
N ILE E 750 -11.81 4.61 -58.06
CA ILE E 750 -10.62 4.98 -58.82
C ILE E 750 -10.14 3.80 -59.66
N LEU E 751 -10.13 2.61 -59.08
CA LEU E 751 -9.68 1.43 -59.81
C LEU E 751 -10.60 1.07 -60.96
N CYS E 752 -11.92 1.17 -60.74
CA CYS E 752 -12.86 0.76 -61.77
C CYS E 752 -12.93 1.76 -62.92
N GLU E 753 -12.86 3.06 -62.61
CA GLU E 753 -13.00 4.07 -63.65
C GLU E 753 -11.92 3.94 -64.72
N LYS E 754 -10.76 3.40 -64.36
CA LYS E 754 -9.73 3.07 -65.34
C LYS E 754 -9.90 1.66 -65.92
N ALA E 755 -10.70 0.82 -65.29
CA ALA E 755 -10.91 -0.55 -65.74
C ALA E 755 -12.10 -0.70 -66.68
N LYS E 756 -12.80 0.39 -66.97
CA LYS E 756 -13.94 0.35 -67.88
C LYS E 756 -13.54 0.56 -69.33
N ASN E 757 -12.26 0.70 -69.61
CA ASN E 757 -11.81 0.87 -70.99
C ASN E 757 -12.07 -0.42 -71.76
N PRO E 758 -12.66 -0.34 -72.96
CA PRO E 758 -12.91 -1.58 -73.73
C PRO E 758 -11.66 -2.30 -74.15
N GLN E 759 -10.51 -1.62 -74.19
CA GLN E 759 -9.25 -2.24 -74.57
C GLN E 759 -8.50 -2.84 -73.38
N CYS E 760 -9.06 -2.74 -72.18
CA CYS E 760 -8.41 -3.30 -71.00
C CYS E 760 -8.37 -4.82 -71.08
N ASN E 761 -7.29 -5.40 -70.53
CA ASN E 761 -7.07 -6.84 -70.56
C ASN E 761 -7.33 -7.51 -69.23
N LEU E 762 -7.92 -6.81 -68.27
CA LEU E 762 -8.15 -7.38 -66.95
C LEU E 762 -9.27 -8.42 -67.01
N GLN E 763 -8.90 -9.69 -67.17
CA GLN E 763 -9.88 -10.76 -67.29
C GLN E 763 -10.30 -11.34 -65.96
N LYS E 764 -9.66 -10.95 -64.86
CA LYS E 764 -10.03 -11.43 -63.53
C LYS E 764 -9.79 -10.32 -62.53
N LEU E 765 -10.55 -10.37 -61.42
CA LEU E 765 -10.42 -9.37 -60.38
C LEU E 765 -11.10 -9.90 -59.12
N GLY E 766 -10.39 -9.85 -58.01
CA GLY E 766 -10.92 -10.29 -56.73
C GLY E 766 -10.86 -9.16 -55.71
N LEU E 767 -11.94 -9.03 -54.94
CA LEU E 767 -12.03 -7.99 -53.92
C LEU E 767 -12.61 -8.56 -52.64
N VAL E 768 -12.15 -9.75 -52.26
CA VAL E 768 -12.73 -10.45 -51.12
C VAL E 768 -12.42 -9.72 -49.83
N ASN E 769 -13.44 -9.48 -49.01
CA ASN E 769 -13.37 -8.90 -47.68
C ASN E 769 -12.91 -7.45 -47.67
N SER E 770 -12.67 -6.84 -48.83
CA SER E 770 -12.34 -5.42 -48.87
C SER E 770 -13.58 -4.60 -48.54
N GLY E 771 -13.37 -3.45 -47.89
CA GLY E 771 -14.47 -2.59 -47.51
C GLY E 771 -15.29 -2.14 -48.70
N LEU E 772 -16.52 -2.63 -48.80
CA LEU E 772 -17.36 -2.36 -49.95
C LEU E 772 -18.75 -1.91 -49.49
N THR E 773 -19.38 -1.09 -50.32
CA THR E 773 -20.74 -0.61 -50.09
C THR E 773 -21.51 -0.71 -51.40
N SER E 774 -22.69 -0.11 -51.44
CA SER E 774 -23.50 -0.11 -52.65
C SER E 774 -23.01 0.89 -53.69
N VAL E 775 -22.13 1.82 -53.31
CA VAL E 775 -21.67 2.84 -54.25
C VAL E 775 -20.83 2.20 -55.36
N CYS E 776 -19.96 1.26 -55.00
CA CYS E 776 -19.07 0.65 -55.99
C CYS E 776 -19.83 -0.19 -57.02
N CYS E 777 -21.09 -0.55 -56.74
CA CYS E 777 -21.86 -1.34 -57.69
C CYS E 777 -22.08 -0.57 -58.99
N SER E 778 -22.33 0.74 -58.89
CA SER E 778 -22.50 1.55 -60.09
C SER E 778 -21.23 1.56 -60.93
N ALA E 779 -20.08 1.74 -60.28
CA ALA E 779 -18.82 1.66 -61.00
C ALA E 779 -18.57 0.25 -61.53
N LEU E 780 -18.87 -0.76 -60.72
CA LEU E 780 -18.70 -2.14 -61.18
C LEU E 780 -19.66 -2.46 -62.33
N SER E 781 -20.88 -1.90 -62.29
CA SER E 781 -21.81 -2.10 -63.39
C SER E 781 -21.26 -1.48 -64.67
N SER E 782 -20.66 -0.30 -64.58
CA SER E 782 -20.14 0.37 -65.76
C SER E 782 -19.03 -0.42 -66.42
N VAL E 783 -18.11 -0.98 -65.62
CA VAL E 783 -17.00 -1.72 -66.19
C VAL E 783 -17.48 -3.03 -66.82
N LEU E 784 -18.49 -3.66 -66.22
CA LEU E 784 -18.96 -4.95 -66.72
C LEU E 784 -19.51 -4.82 -68.13
N SER E 785 -20.27 -3.76 -68.39
CA SER E 785 -20.85 -3.56 -69.72
C SER E 785 -19.85 -3.05 -70.74
N THR E 786 -18.72 -2.51 -70.30
CA THR E 786 -17.75 -1.89 -71.20
C THR E 786 -16.46 -2.69 -71.36
N ASN E 787 -16.00 -3.35 -70.30
CA ASN E 787 -14.75 -4.11 -70.39
C ASN E 787 -14.88 -5.26 -71.41
N GLN E 788 -16.00 -5.97 -71.38
CA GLN E 788 -16.36 -7.03 -72.31
C GLN E 788 -15.48 -8.27 -72.20
N ASN E 789 -14.48 -8.27 -71.30
CA ASN E 789 -13.66 -9.46 -71.13
C ASN E 789 -13.36 -9.74 -69.66
N LEU E 790 -14.08 -9.13 -68.73
CA LEU E 790 -13.93 -9.41 -67.31
C LEU E 790 -14.60 -10.75 -67.03
N THR E 791 -13.85 -11.83 -67.22
CA THR E 791 -14.42 -13.16 -67.15
C THR E 791 -14.86 -13.51 -65.73
N HIS E 792 -14.07 -13.15 -64.73
CA HIS E 792 -14.36 -13.51 -63.35
C HIS E 792 -14.35 -12.27 -62.47
N LEU E 793 -15.16 -12.32 -61.41
CA LEU E 793 -15.20 -11.26 -60.41
C LEU E 793 -15.63 -11.88 -59.09
N TYR E 794 -14.77 -11.78 -58.08
CA TYR E 794 -14.97 -12.46 -56.81
C TYR E 794 -15.26 -11.43 -55.73
N LEU E 795 -16.37 -11.61 -55.03
CA LEU E 795 -16.73 -10.79 -53.88
C LEU E 795 -17.14 -11.71 -52.74
N ARG E 796 -16.79 -11.35 -51.51
CA ARG E 796 -17.08 -12.18 -50.36
C ARG E 796 -16.77 -11.40 -49.10
N GLY E 797 -17.57 -11.62 -48.06
CA GLY E 797 -17.32 -10.99 -46.77
C GLY E 797 -17.44 -9.49 -46.78
N ASN E 798 -18.02 -8.91 -47.83
CA ASN E 798 -18.14 -7.47 -47.93
C ASN E 798 -19.38 -6.99 -47.18
N THR E 799 -19.63 -5.69 -47.25
CA THR E 799 -20.84 -5.06 -46.74
C THR E 799 -21.67 -4.49 -47.88
N LEU E 800 -21.77 -5.26 -48.97
CA LEU E 800 -22.42 -4.81 -50.18
C LEU E 800 -23.86 -4.39 -49.87
N GLY E 801 -24.27 -3.27 -50.45
CA GLY E 801 -25.60 -2.75 -50.19
C GLY E 801 -26.67 -3.75 -50.62
N ASP E 802 -27.72 -3.86 -49.80
CA ASP E 802 -28.83 -4.73 -50.13
C ASP E 802 -29.49 -4.29 -51.42
N LYS E 803 -29.61 -2.97 -51.62
CA LYS E 803 -30.04 -2.40 -52.89
C LYS E 803 -28.95 -2.40 -53.93
N GLY E 804 -27.71 -2.71 -53.54
CA GLY E 804 -26.61 -2.67 -54.49
C GLY E 804 -26.74 -3.71 -55.59
N ILE E 805 -27.29 -4.88 -55.27
CA ILE E 805 -27.46 -5.92 -56.28
C ILE E 805 -28.39 -5.44 -57.38
N LYS E 806 -29.42 -4.66 -57.02
CA LYS E 806 -30.28 -4.07 -58.04
C LYS E 806 -29.49 -3.19 -58.98
N LEU E 807 -28.59 -2.36 -58.43
CA LEU E 807 -27.69 -1.58 -59.28
C LEU E 807 -26.65 -2.47 -59.94
N LEU E 808 -26.15 -3.47 -59.21
CA LEU E 808 -25.13 -4.36 -59.78
C LEU E 808 -25.70 -5.18 -60.93
N CYS E 809 -26.92 -5.69 -60.78
CA CYS E 809 -27.52 -6.46 -61.86
C CYS E 809 -27.92 -5.59 -63.03
N GLU E 810 -28.03 -4.28 -62.84
CA GLU E 810 -28.39 -3.38 -63.94
C GLU E 810 -27.35 -3.44 -65.05
N GLY E 811 -26.07 -3.48 -64.68
CA GLY E 811 -25.02 -3.66 -65.68
C GLY E 811 -24.91 -5.06 -66.23
N LEU E 812 -25.20 -6.07 -65.40
CA LEU E 812 -25.14 -7.46 -65.86
C LEU E 812 -26.28 -7.81 -66.81
N LEU E 813 -27.42 -7.14 -66.71
CA LEU E 813 -28.50 -7.37 -67.67
C LEU E 813 -28.18 -6.81 -69.05
N HIS E 814 -27.11 -6.04 -69.19
CA HIS E 814 -26.70 -5.57 -70.50
C HIS E 814 -26.31 -6.76 -71.38
N PRO E 815 -26.65 -6.73 -72.67
CA PRO E 815 -26.43 -7.92 -73.51
C PRO E 815 -24.97 -8.28 -73.68
N ASP E 816 -24.14 -7.32 -74.09
CA ASP E 816 -22.74 -7.59 -74.43
C ASP E 816 -21.86 -7.56 -73.18
N CYS E 817 -22.16 -8.46 -72.25
CA CYS E 817 -21.32 -8.74 -71.10
C CYS E 817 -21.06 -10.23 -71.03
N LYS E 818 -19.82 -10.60 -70.71
CA LYS E 818 -19.39 -11.98 -70.75
C LYS E 818 -18.88 -12.44 -69.38
N LEU E 819 -19.48 -11.95 -68.32
CA LEU E 819 -19.15 -12.43 -66.98
C LEU E 819 -19.55 -13.89 -66.86
N GLN E 820 -18.57 -14.76 -66.60
CA GLN E 820 -18.81 -16.20 -66.55
C GLN E 820 -19.01 -16.72 -65.14
N VAL E 821 -18.21 -16.28 -64.17
CA VAL E 821 -18.27 -16.77 -62.80
C VAL E 821 -18.41 -15.57 -61.88
N LEU E 822 -19.42 -15.58 -61.02
CA LEU E 822 -19.62 -14.56 -60.01
C LEU E 822 -19.76 -15.23 -58.65
N GLU E 823 -18.96 -14.80 -57.69
CA GLU E 823 -19.02 -15.29 -56.32
C GLU E 823 -19.40 -14.14 -55.41
N LEU E 824 -20.40 -14.38 -54.55
CA LEU E 824 -20.88 -13.33 -53.64
C LEU E 824 -21.43 -14.01 -52.39
N ASP E 825 -20.63 -14.00 -51.32
CA ASP E 825 -20.98 -14.67 -50.09
C ASP E 825 -20.81 -13.71 -48.92
N ASN E 826 -21.51 -14.04 -47.82
CA ASN E 826 -21.40 -13.32 -46.55
C ASN E 826 -21.87 -11.87 -46.65
N CYS E 827 -22.40 -11.48 -47.80
CA CYS E 827 -22.96 -10.15 -47.95
C CYS E 827 -24.35 -10.09 -47.34
N ASN E 828 -24.64 -8.99 -46.65
CA ASN E 828 -25.96 -8.83 -46.03
C ASN E 828 -27.03 -8.70 -47.11
N LEU E 829 -27.84 -9.75 -47.25
CA LEU E 829 -28.87 -9.79 -48.28
C LEU E 829 -30.21 -10.12 -47.62
N THR E 830 -31.28 -9.77 -48.34
CA THR E 830 -32.63 -10.00 -47.86
C THR E 830 -33.45 -10.59 -49.01
N SER E 831 -34.44 -11.41 -48.66
CA SER E 831 -35.27 -12.06 -49.66
C SER E 831 -36.09 -11.09 -50.50
N HIS E 832 -36.23 -9.84 -50.06
CA HIS E 832 -37.00 -8.88 -50.83
C HIS E 832 -36.33 -8.57 -52.17
N CYS E 833 -35.00 -8.58 -52.20
CA CYS E 833 -34.24 -8.36 -53.43
C CYS E 833 -33.89 -9.65 -54.14
N CYS E 834 -34.31 -10.81 -53.60
CA CYS E 834 -34.00 -12.08 -54.22
C CYS E 834 -34.66 -12.24 -55.59
N TRP E 835 -35.69 -11.44 -55.87
CA TRP E 835 -36.35 -11.51 -57.18
C TRP E 835 -35.38 -11.11 -58.29
N ASP E 836 -34.58 -10.06 -58.06
CA ASP E 836 -33.65 -9.60 -59.09
C ASP E 836 -32.61 -10.65 -59.43
N LEU E 837 -32.23 -11.49 -58.46
CA LEU E 837 -31.29 -12.56 -58.75
C LEU E 837 -31.86 -13.54 -59.76
N SER E 838 -33.15 -13.87 -59.62
CA SER E 838 -33.79 -14.79 -60.56
C SER E 838 -33.83 -14.22 -61.97
N THR E 839 -34.12 -12.92 -62.09
CA THR E 839 -34.19 -12.30 -63.41
C THR E 839 -32.85 -12.36 -64.12
N LEU E 840 -31.76 -12.07 -63.41
CA LEU E 840 -30.44 -12.17 -64.01
C LEU E 840 -30.11 -13.60 -64.41
N LEU E 841 -30.49 -14.56 -63.56
CA LEU E 841 -30.16 -15.96 -63.82
C LEU E 841 -30.80 -16.44 -65.13
N THR E 842 -32.05 -16.07 -65.37
CA THR E 842 -32.73 -16.50 -66.59
C THR E 842 -32.28 -15.72 -67.81
N SER E 843 -31.98 -14.44 -67.64
CA SER E 843 -31.69 -13.59 -68.79
C SER E 843 -30.28 -13.79 -69.33
N SER E 844 -29.28 -13.52 -68.49
CA SER E 844 -27.89 -13.56 -68.95
C SER E 844 -27.47 -15.00 -69.21
N GLN E 845 -26.94 -15.25 -70.40
CA GLN E 845 -26.46 -16.58 -70.77
C GLN E 845 -24.96 -16.75 -70.57
N SER E 846 -24.24 -15.68 -70.20
CA SER E 846 -22.80 -15.79 -70.02
C SER E 846 -22.44 -16.46 -68.70
N LEU E 847 -23.28 -16.34 -67.68
CA LEU E 847 -22.96 -16.89 -66.37
C LEU E 847 -22.86 -18.42 -66.44
N ARG E 848 -21.91 -18.96 -65.70
CA ARG E 848 -21.70 -20.40 -65.60
C ARG E 848 -21.97 -20.94 -64.21
N LYS E 849 -21.31 -20.39 -63.20
CA LYS E 849 -21.53 -20.80 -61.82
C LYS E 849 -21.63 -19.57 -60.94
N LEU E 850 -22.68 -19.51 -60.12
CA LEU E 850 -22.91 -18.41 -59.20
C LEU E 850 -23.15 -18.98 -57.82
N SER E 851 -22.43 -18.46 -56.82
CA SER E 851 -22.50 -18.96 -55.46
C SER E 851 -22.95 -17.85 -54.53
N LEU E 852 -23.88 -18.18 -53.64
CA LEU E 852 -24.38 -17.27 -52.60
C LEU E 852 -24.27 -18.03 -51.28
N GLY E 853 -23.09 -17.97 -50.66
CA GLY E 853 -22.83 -18.73 -49.45
C GLY E 853 -23.25 -17.98 -48.21
N ASN E 854 -23.99 -18.68 -47.33
CA ASN E 854 -24.40 -18.20 -46.02
C ASN E 854 -25.02 -16.79 -46.06
N ASN E 855 -25.59 -16.40 -47.21
CA ASN E 855 -26.31 -15.14 -47.30
C ASN E 855 -27.73 -15.37 -46.78
N ASP E 856 -28.03 -14.82 -45.62
CA ASP E 856 -29.29 -15.08 -44.93
C ASP E 856 -30.44 -14.44 -45.69
N LEU E 857 -31.18 -15.26 -46.44
CA LEU E 857 -32.34 -14.81 -47.19
C LEU E 857 -33.48 -15.78 -46.97
N GLY E 858 -34.71 -15.28 -47.14
CA GLY E 858 -35.87 -16.07 -46.84
C GLY E 858 -36.01 -17.28 -47.76
N ASP E 859 -36.65 -18.32 -47.22
CA ASP E 859 -36.84 -19.55 -47.97
C ASP E 859 -37.76 -19.36 -49.17
N LEU E 860 -38.54 -18.28 -49.21
CA LEU E 860 -39.36 -17.99 -50.38
C LEU E 860 -38.49 -17.70 -51.60
N GLY E 861 -37.38 -16.98 -51.41
CA GLY E 861 -36.50 -16.68 -52.52
C GLY E 861 -35.81 -17.89 -53.08
N VAL E 862 -35.53 -18.89 -52.25
CA VAL E 862 -34.95 -20.14 -52.73
C VAL E 862 -35.91 -20.84 -53.67
N MET E 863 -37.19 -20.89 -53.29
CA MET E 863 -38.23 -21.46 -54.14
C MET E 863 -38.52 -20.60 -55.35
N MET E 864 -38.21 -19.30 -55.30
CA MET E 864 -38.29 -18.50 -56.51
C MET E 864 -37.31 -18.99 -57.57
N PHE E 865 -36.19 -19.58 -57.14
CA PHE E 865 -35.21 -20.13 -58.07
C PHE E 865 -35.59 -21.52 -58.57
N CYS E 866 -36.48 -22.21 -57.86
CA CYS E 866 -36.81 -23.59 -58.25
C CYS E 866 -37.47 -23.64 -59.62
N GLU E 867 -38.41 -22.73 -59.88
CA GLU E 867 -39.08 -22.73 -61.18
C GLU E 867 -38.21 -22.14 -62.28
N VAL E 868 -37.42 -21.10 -61.98
CA VAL E 868 -36.61 -20.47 -63.02
C VAL E 868 -35.53 -21.42 -63.51
N LEU E 869 -34.99 -22.26 -62.62
CA LEU E 869 -34.11 -23.33 -63.06
C LEU E 869 -34.89 -24.36 -63.87
N LYS E 870 -36.13 -24.62 -63.50
CA LYS E 870 -36.98 -25.54 -64.26
C LYS E 870 -37.41 -24.95 -65.60
N GLN E 871 -37.24 -23.65 -65.79
CA GLN E 871 -37.64 -22.98 -67.02
C GLN E 871 -36.54 -22.99 -68.09
N GLN E 872 -35.61 -23.94 -68.01
CA GLN E 872 -34.49 -24.06 -68.95
C GLN E 872 -33.67 -22.78 -68.97
N SER E 873 -33.08 -22.47 -67.81
CA SER E 873 -32.29 -21.25 -67.65
C SER E 873 -30.88 -21.48 -68.17
N CYS E 874 -30.02 -20.48 -67.99
CA CYS E 874 -28.67 -20.49 -68.56
C CYS E 874 -27.57 -20.76 -67.54
N LEU E 875 -27.92 -20.99 -66.27
CA LEU E 875 -26.94 -21.39 -65.27
C LEU E 875 -26.70 -22.89 -65.43
N LEU E 876 -25.49 -23.26 -65.86
CA LEU E 876 -25.22 -24.63 -66.29
C LEU E 876 -24.22 -25.38 -65.44
N GLN E 877 -23.36 -24.69 -64.68
CA GLN E 877 -22.25 -25.36 -64.01
C GLN E 877 -22.52 -25.59 -62.52
N ASN E 878 -22.77 -24.54 -61.76
CA ASN E 878 -22.92 -24.68 -60.32
C ASN E 878 -23.79 -23.56 -59.78
N LEU E 879 -24.35 -23.79 -58.59
CA LEU E 879 -25.15 -22.80 -57.89
C LEU E 879 -24.95 -23.03 -56.40
N GLY E 880 -24.08 -22.23 -55.79
CA GLY E 880 -23.70 -22.42 -54.40
C GLY E 880 -24.60 -21.75 -53.39
N LEU E 881 -25.20 -22.54 -52.51
CA LEU E 881 -26.07 -22.05 -51.45
C LEU E 881 -25.73 -22.74 -50.14
N SER E 882 -24.43 -22.91 -49.88
CA SER E 882 -23.99 -23.62 -48.69
C SER E 882 -24.22 -22.76 -47.44
N GLU E 883 -24.15 -23.43 -46.28
CA GLU E 883 -24.37 -22.79 -44.99
C GLU E 883 -25.74 -22.12 -44.91
N MET E 884 -26.73 -22.76 -45.52
CA MET E 884 -28.11 -22.28 -45.50
C MET E 884 -29.02 -23.38 -44.97
N TYR E 885 -29.89 -23.02 -44.04
CA TYR E 885 -30.69 -23.99 -43.32
C TYR E 885 -32.16 -23.79 -43.67
N PHE E 886 -32.81 -24.88 -44.07
CA PHE E 886 -34.20 -24.85 -44.50
C PHE E 886 -34.97 -25.95 -43.79
N ASN E 887 -36.30 -25.86 -43.81
CA ASN E 887 -37.11 -26.87 -43.14
C ASN E 887 -37.18 -28.13 -43.99
N TYR E 888 -37.82 -29.16 -43.42
CA TYR E 888 -37.87 -30.47 -44.06
C TYR E 888 -38.60 -30.41 -45.40
N GLU E 889 -39.71 -29.69 -45.45
CA GLU E 889 -40.50 -29.66 -46.68
C GLU E 889 -39.84 -28.78 -47.74
N THR E 890 -38.95 -27.87 -47.33
CA THR E 890 -38.21 -27.07 -48.30
C THR E 890 -36.98 -27.80 -48.82
N LYS E 891 -36.31 -28.59 -47.96
CA LYS E 891 -35.07 -29.25 -48.37
C LYS E 891 -35.30 -30.24 -49.50
N SER E 892 -36.38 -31.01 -49.44
CA SER E 892 -36.61 -32.05 -50.45
C SER E 892 -36.92 -31.45 -51.83
N ALA E 893 -37.41 -30.20 -51.86
CA ALA E 893 -37.72 -29.59 -53.14
C ALA E 893 -36.47 -29.37 -53.99
N LEU E 894 -35.36 -29.01 -53.36
CA LEU E 894 -34.11 -28.86 -54.12
C LEU E 894 -33.52 -30.20 -54.51
N GLU E 895 -33.80 -31.25 -53.73
CA GLU E 895 -33.24 -32.56 -54.02
C GLU E 895 -33.76 -33.12 -55.35
N THR E 896 -35.06 -32.97 -55.60
CA THR E 896 -35.64 -33.54 -56.82
C THR E 896 -35.17 -32.80 -58.07
N LEU E 897 -34.87 -31.50 -57.93
CA LEU E 897 -34.37 -30.75 -59.08
C LEU E 897 -32.97 -31.17 -59.50
N GLN E 898 -32.21 -31.80 -58.59
CA GLN E 898 -30.89 -32.29 -58.95
C GLN E 898 -30.97 -33.39 -60.00
N GLU E 899 -31.93 -34.31 -59.86
CA GLU E 899 -32.07 -35.38 -60.84
C GLU E 899 -32.67 -34.89 -62.15
N GLU E 900 -33.51 -33.86 -62.09
CA GLU E 900 -34.12 -33.34 -63.31
C GLU E 900 -33.08 -32.74 -64.24
N LYS E 901 -32.09 -32.02 -63.68
CA LYS E 901 -31.07 -31.33 -64.45
C LYS E 901 -29.70 -31.88 -64.06
N PRO E 902 -29.25 -32.97 -64.68
CA PRO E 902 -27.91 -33.49 -64.36
C PRO E 902 -26.78 -32.67 -64.95
N GLU E 903 -27.08 -31.73 -65.85
CA GLU E 903 -26.03 -30.91 -66.46
C GLU E 903 -25.44 -29.90 -65.48
N LEU E 904 -26.13 -29.60 -64.38
CA LEU E 904 -25.63 -28.71 -63.35
C LEU E 904 -25.59 -29.45 -62.03
N THR E 905 -24.92 -28.82 -61.05
CA THR E 905 -24.79 -29.37 -59.70
C THR E 905 -25.03 -28.25 -58.71
N VAL E 906 -26.23 -28.23 -58.12
CA VAL E 906 -26.53 -27.24 -57.09
C VAL E 906 -25.72 -27.53 -55.84
N VAL E 907 -25.16 -26.48 -55.24
CA VAL E 907 -24.29 -26.64 -54.09
C VAL E 907 -24.95 -26.05 -52.86
N PHE E 908 -25.66 -26.89 -52.11
CA PHE E 908 -26.18 -26.54 -50.79
C PHE E 908 -25.57 -27.47 -49.76
N GLU E 909 -25.72 -27.12 -48.48
CA GLU E 909 -24.96 -27.75 -47.40
C GLU E 909 -25.93 -28.37 -46.39
N PRO E 910 -26.38 -29.60 -46.63
CA PRO E 910 -27.08 -30.35 -45.60
C PRO E 910 -26.17 -31.28 -44.81
N SER E 911 -24.89 -31.38 -45.19
CA SER E 911 -23.94 -32.26 -44.54
C SER E 911 -22.55 -31.63 -44.66
N TRP E 912 -21.53 -32.43 -44.38
CA TRP E 912 -20.15 -31.96 -44.49
C TRP E 912 -19.24 -33.06 -45.01
N LYS F 10 -12.10 -22.19 -34.12
CA LYS F 10 -13.20 -21.23 -34.12
C LYS F 10 -13.99 -21.31 -35.42
N ASP F 11 -13.80 -22.41 -36.16
CA ASP F 11 -14.49 -22.58 -37.43
C ASP F 11 -15.93 -23.01 -37.22
N TYR F 12 -16.13 -24.18 -36.60
CA TYR F 12 -17.49 -24.66 -36.37
C TYR F 12 -18.21 -23.87 -35.29
N ARG F 13 -17.47 -23.24 -34.39
CA ARG F 13 -18.09 -22.40 -33.37
C ARG F 13 -18.84 -21.23 -34.02
N LYS F 14 -18.24 -20.60 -35.03
CA LYS F 14 -18.93 -19.55 -35.77
C LYS F 14 -20.11 -20.11 -36.54
N LYS F 15 -19.95 -21.28 -37.16
CA LYS F 15 -21.04 -21.86 -37.93
C LYS F 15 -22.22 -22.24 -37.04
N TYR F 16 -21.93 -22.82 -35.87
CA TYR F 16 -23.01 -23.16 -34.94
C TYR F 16 -23.73 -21.90 -34.47
N ARG F 17 -22.97 -20.86 -34.13
CA ARG F 17 -23.58 -19.63 -33.65
C ARG F 17 -24.48 -19.01 -34.72
N LYS F 18 -24.04 -19.04 -35.98
CA LYS F 18 -24.89 -18.56 -37.07
C LYS F 18 -26.07 -19.49 -37.30
N TYR F 19 -25.88 -20.80 -37.07
CA TYR F 19 -26.96 -21.75 -37.30
C TYR F 19 -28.13 -21.49 -36.36
N VAL F 20 -27.84 -21.13 -35.10
CA VAL F 20 -28.89 -20.86 -34.14
C VAL F 20 -29.68 -19.61 -34.53
N ARG F 21 -29.00 -18.62 -35.11
CA ARG F 21 -29.66 -17.36 -35.44
C ARG F 21 -30.81 -17.56 -36.42
N SER F 22 -30.59 -18.37 -37.47
CA SER F 22 -31.63 -18.57 -38.46
C SER F 22 -32.78 -19.43 -37.93
N ARG F 23 -32.46 -20.44 -37.12
CA ARG F 23 -33.49 -21.36 -36.64
C ARG F 23 -34.49 -20.65 -35.73
N PHE F 24 -34.01 -19.75 -34.88
CA PHE F 24 -34.83 -19.16 -33.82
C PHE F 24 -35.16 -17.70 -34.10
N GLN F 25 -35.02 -17.26 -35.34
CA GLN F 25 -35.35 -15.88 -35.68
C GLN F 25 -36.82 -15.58 -35.42
N CYS F 26 -37.69 -16.55 -35.71
CA CYS F 26 -39.12 -16.42 -35.46
C CYS F 26 -39.62 -17.68 -34.77
N ILE F 27 -40.78 -17.56 -34.13
CA ILE F 27 -41.38 -18.69 -33.39
C ILE F 27 -42.20 -19.47 -34.40
N GLU F 28 -41.53 -20.35 -35.13
CA GLU F 28 -42.14 -21.19 -36.16
C GLU F 28 -42.92 -20.35 -37.18
N SER F 37 -43.34 -16.33 -38.09
CA SER F 37 -43.90 -15.20 -38.83
C SER F 37 -43.31 -13.89 -38.35
N VAL F 38 -43.90 -13.33 -37.29
CA VAL F 38 -43.41 -12.08 -36.72
C VAL F 38 -42.04 -12.32 -36.09
N SER F 39 -41.14 -11.35 -36.27
CA SER F 39 -39.79 -11.48 -35.72
C SER F 39 -39.83 -11.59 -34.21
N LEU F 40 -39.07 -12.55 -33.68
CA LEU F 40 -38.96 -12.69 -32.23
C LEU F 40 -38.31 -11.46 -31.61
N ASN F 41 -37.45 -10.77 -32.35
CA ASN F 41 -36.86 -9.51 -31.89
C ASN F 41 -37.89 -8.39 -31.77
N LYS F 42 -39.06 -8.55 -32.39
CA LYS F 42 -40.06 -7.48 -32.43
C LYS F 42 -41.07 -7.58 -31.29
N ARG F 43 -41.79 -8.70 -31.22
CA ARG F 43 -42.91 -8.84 -30.32
C ARG F 43 -42.52 -9.26 -28.90
N TYR F 44 -41.26 -9.66 -28.69
CA TYR F 44 -40.83 -10.04 -27.35
C TYR F 44 -40.80 -8.83 -26.44
N THR F 45 -41.21 -9.02 -25.18
CA THR F 45 -41.18 -7.97 -24.19
C THR F 45 -40.71 -8.56 -22.86
N ARG F 46 -40.26 -7.67 -21.98
CA ARG F 46 -39.66 -8.10 -20.72
C ARG F 46 -40.70 -8.78 -19.82
N LEU F 47 -40.27 -9.86 -19.19
CA LEU F 47 -41.09 -10.59 -18.22
C LEU F 47 -40.57 -10.34 -16.82
N ARG F 48 -41.43 -10.58 -15.82
CA ARG F 48 -41.04 -10.37 -14.44
C ARG F 48 -40.09 -11.46 -13.99
N LEU F 49 -38.79 -11.21 -14.11
CA LEU F 49 -37.76 -12.16 -13.68
C LEU F 49 -37.46 -11.93 -12.20
N ILE F 50 -38.42 -12.33 -11.38
CA ILE F 50 -38.30 -12.16 -9.93
C ILE F 50 -37.41 -13.26 -9.38
N LYS F 51 -36.33 -12.87 -8.71
CA LYS F 51 -35.43 -13.83 -8.10
C LYS F 51 -36.03 -14.33 -6.79
N GLU F 52 -36.32 -15.63 -6.72
CA GLU F 52 -36.90 -16.22 -5.52
C GLU F 52 -35.78 -16.34 -4.48
N HIS F 53 -35.69 -15.34 -3.61
CA HIS F 53 -34.67 -15.28 -2.57
C HIS F 53 -33.26 -15.34 -3.16
N PHE F 85 -34.07 -8.66 -10.74
CA PHE F 85 -33.01 -9.57 -11.15
C PHE F 85 -32.65 -9.34 -12.61
N ASP F 86 -31.41 -8.91 -12.83
CA ASP F 86 -30.97 -8.54 -14.17
C ASP F 86 -30.92 -9.75 -15.08
N PRO F 87 -31.26 -9.61 -16.36
CA PRO F 87 -31.03 -10.73 -17.30
C PRO F 87 -29.56 -10.99 -17.57
N ASP F 88 -28.67 -10.24 -16.93
CA ASP F 88 -27.24 -10.37 -17.21
C ASP F 88 -26.62 -11.52 -16.43
N ASP F 89 -27.04 -11.75 -15.20
CA ASP F 89 -26.25 -12.51 -14.24
C ASP F 89 -27.02 -13.60 -13.51
N GLU F 90 -27.75 -14.46 -14.23
CA GLU F 90 -28.29 -15.66 -13.59
C GLU F 90 -27.16 -16.58 -13.13
N HIS F 91 -26.00 -16.51 -13.78
CA HIS F 91 -24.91 -17.45 -13.55
C HIS F 91 -23.62 -16.77 -13.10
N SER F 92 -23.71 -15.53 -12.63
CA SER F 92 -22.51 -14.83 -12.15
C SER F 92 -21.95 -15.51 -10.91
N GLU F 93 -22.82 -15.90 -9.97
CA GLU F 93 -22.40 -16.54 -8.72
C GLU F 93 -21.93 -17.95 -9.01
N PRO F 94 -21.02 -18.52 -8.21
CA PRO F 94 -20.51 -19.87 -8.51
C PRO F 94 -21.57 -20.97 -8.46
N VAL F 95 -22.83 -20.65 -8.21
CA VAL F 95 -23.87 -21.66 -8.33
C VAL F 95 -23.99 -22.08 -9.80
N HIS F 96 -23.95 -23.39 -10.03
CA HIS F 96 -23.88 -23.95 -11.37
C HIS F 96 -25.15 -24.67 -11.74
N THR F 97 -26.28 -24.25 -11.16
CA THR F 97 -27.56 -24.85 -11.49
C THR F 97 -28.70 -23.88 -11.23
N VAL F 98 -29.49 -23.59 -12.26
CA VAL F 98 -30.60 -22.63 -12.16
C VAL F 98 -31.88 -23.33 -12.60
N VAL F 99 -32.95 -23.14 -11.83
CA VAL F 99 -34.26 -23.67 -12.14
C VAL F 99 -35.26 -22.52 -12.20
N PHE F 100 -36.12 -22.54 -13.20
CA PHE F 100 -37.12 -21.50 -13.40
C PHE F 100 -38.51 -22.05 -13.11
N GLN F 101 -39.27 -21.36 -12.26
CA GLN F 101 -40.63 -21.74 -11.93
C GLN F 101 -41.59 -20.80 -12.63
N GLY F 102 -42.59 -21.38 -13.29
CA GLY F 102 -43.58 -20.58 -13.99
C GLY F 102 -44.82 -21.38 -14.35
N ALA F 103 -45.99 -20.77 -14.21
CA ALA F 103 -47.23 -21.46 -14.53
C ALA F 103 -47.35 -21.66 -16.04
N ALA F 104 -48.28 -22.53 -16.42
CA ALA F 104 -48.50 -22.82 -17.84
C ALA F 104 -48.92 -21.56 -18.57
N GLY F 105 -48.27 -21.30 -19.71
CA GLY F 105 -48.56 -20.13 -20.50
C GLY F 105 -47.89 -18.86 -20.06
N ILE F 106 -47.07 -18.90 -19.00
CA ILE F 106 -46.38 -17.71 -18.54
C ILE F 106 -45.21 -17.33 -19.43
N GLY F 107 -44.79 -18.23 -20.32
CA GLY F 107 -43.74 -17.94 -21.27
C GLY F 107 -42.40 -18.62 -21.02
N LYS F 108 -42.38 -19.75 -20.31
CA LYS F 108 -41.11 -20.45 -20.08
C LYS F 108 -40.53 -20.98 -21.38
N THR F 109 -41.38 -21.49 -22.27
CA THR F 109 -40.90 -22.15 -23.47
C THR F 109 -40.12 -21.19 -24.37
N ILE F 110 -40.64 -19.97 -24.55
CA ILE F 110 -39.98 -19.02 -25.45
C ILE F 110 -39.06 -18.05 -24.72
N LEU F 111 -39.05 -18.05 -23.38
CA LEU F 111 -38.04 -17.28 -22.66
C LEU F 111 -36.64 -17.81 -22.95
N ALA F 112 -36.49 -19.13 -22.99
CA ALA F 112 -35.22 -19.72 -23.38
C ALA F 112 -34.88 -19.43 -24.83
N ARG F 113 -35.88 -19.44 -25.71
CA ARG F 113 -35.64 -19.14 -27.12
C ARG F 113 -35.12 -17.71 -27.30
N LYS F 114 -35.72 -16.75 -26.59
CA LYS F 114 -35.19 -15.39 -26.62
C LYS F 114 -33.80 -15.35 -26.02
N MET F 115 -33.56 -16.10 -24.94
CA MET F 115 -32.24 -16.10 -24.30
C MET F 115 -31.18 -16.65 -25.25
N MET F 116 -31.51 -17.68 -26.03
CA MET F 116 -30.52 -18.30 -26.90
C MET F 116 -30.26 -17.49 -28.16
N LEU F 117 -31.30 -16.82 -28.71
CA LEU F 117 -31.04 -15.87 -29.79
C LEU F 117 -30.27 -14.67 -29.27
N ASP F 118 -30.62 -14.15 -28.10
CA ASP F 118 -29.90 -13.02 -27.54
C ASP F 118 -28.44 -13.37 -27.31
N TRP F 119 -28.17 -14.61 -26.90
CA TRP F 119 -26.80 -15.11 -26.88
C TRP F 119 -26.19 -15.09 -28.27
N ALA F 120 -26.93 -15.53 -29.28
CA ALA F 120 -26.37 -15.76 -30.60
C ALA F 120 -25.79 -14.47 -31.20
N SER F 121 -26.32 -13.32 -30.80
CA SER F 121 -25.77 -12.03 -31.23
C SER F 121 -24.62 -11.57 -30.35
N GLY F 122 -24.27 -12.33 -29.32
CA GLY F 122 -23.18 -11.97 -28.43
C GLY F 122 -23.55 -11.01 -27.32
N THR F 123 -24.82 -10.63 -27.20
CA THR F 123 -25.21 -9.66 -26.19
C THR F 123 -25.24 -10.29 -24.80
N LEU F 124 -25.44 -11.60 -24.70
CA LEU F 124 -25.57 -12.28 -23.42
C LEU F 124 -24.54 -13.41 -23.35
N TYR F 125 -23.70 -13.36 -22.31
CA TYR F 125 -22.72 -14.40 -22.01
C TYR F 125 -21.85 -14.75 -23.22
N GLN F 126 -21.09 -13.75 -23.66
CA GLN F 126 -20.15 -13.99 -24.74
C GLN F 126 -18.84 -14.60 -24.24
N ASP F 127 -18.58 -14.51 -22.93
CA ASP F 127 -17.27 -14.93 -22.42
C ASP F 127 -17.27 -16.34 -21.84
N ARG F 128 -18.11 -16.63 -20.85
CA ARG F 128 -18.04 -17.97 -20.24
C ARG F 128 -18.64 -19.02 -21.16
N PHE F 129 -19.42 -18.62 -22.16
CA PHE F 129 -20.04 -19.67 -22.94
C PHE F 129 -20.03 -19.33 -24.42
N ASP F 130 -19.75 -20.34 -25.23
CA ASP F 130 -19.81 -20.24 -26.68
C ASP F 130 -20.58 -21.40 -27.32
N TYR F 131 -21.11 -22.32 -26.51
CA TYR F 131 -21.92 -23.44 -26.99
C TYR F 131 -23.18 -23.54 -26.14
N LEU F 132 -24.34 -23.58 -26.80
CA LEU F 132 -25.61 -23.71 -26.11
C LEU F 132 -26.40 -24.84 -26.76
N PHE F 133 -26.97 -25.71 -25.92
CA PHE F 133 -27.67 -26.91 -26.37
C PHE F 133 -29.09 -26.87 -25.81
N TYR F 134 -30.07 -27.02 -26.71
CA TYR F 134 -31.47 -26.94 -26.34
C TYR F 134 -32.05 -28.35 -26.20
N ILE F 135 -32.57 -28.66 -25.01
CA ILE F 135 -33.17 -29.97 -24.76
C ILE F 135 -34.67 -29.82 -24.55
N HIS F 136 -35.45 -30.01 -25.60
CA HIS F 136 -36.91 -29.89 -25.52
C HIS F 136 -37.47 -31.19 -24.96
N CYS F 137 -37.93 -31.15 -23.70
CA CYS F 137 -38.43 -32.36 -23.06
C CYS F 137 -39.66 -32.91 -23.76
N ARG F 138 -40.44 -32.06 -24.42
CA ARG F 138 -41.58 -32.54 -25.18
C ARG F 138 -41.15 -33.54 -26.26
N GLU F 139 -40.11 -33.21 -27.00
CA GLU F 139 -39.65 -34.10 -28.07
C GLU F 139 -38.80 -35.25 -27.56
N VAL F 140 -38.44 -35.25 -26.28
CA VAL F 140 -37.54 -36.27 -25.76
C VAL F 140 -38.30 -37.58 -25.59
N SER F 141 -37.75 -38.65 -26.18
CA SER F 141 -38.23 -40.01 -25.98
C SER F 141 -37.23 -40.71 -25.08
N LEU F 142 -37.57 -40.83 -23.80
CA LEU F 142 -36.62 -41.25 -22.77
C LEU F 142 -36.75 -42.72 -22.38
N VAL F 143 -37.59 -43.50 -23.05
CA VAL F 143 -37.76 -44.89 -22.65
C VAL F 143 -36.74 -45.77 -23.36
N THR F 144 -35.50 -45.77 -22.85
CA THR F 144 -34.41 -46.61 -23.33
C THR F 144 -34.16 -46.43 -24.83
N GLN F 145 -34.00 -45.19 -25.27
CA GLN F 145 -33.52 -44.93 -26.62
C GLN F 145 -32.23 -44.13 -26.67
N ARG F 146 -32.16 -43.00 -25.98
CA ARG F 146 -31.18 -41.99 -26.32
C ARG F 146 -29.84 -42.24 -25.64
N SER F 147 -28.76 -42.01 -26.40
CA SER F 147 -27.37 -41.96 -26.00
C SER F 147 -26.99 -40.48 -25.85
N LEU F 148 -25.69 -40.20 -25.86
CA LEU F 148 -25.30 -38.80 -26.00
C LEU F 148 -25.72 -38.19 -27.32
N GLY F 149 -26.50 -38.91 -28.13
CA GLY F 149 -27.02 -38.42 -29.39
C GLY F 149 -27.68 -37.06 -29.34
N ASP F 150 -27.99 -36.58 -28.13
CA ASP F 150 -28.49 -35.22 -27.97
C ASP F 150 -27.49 -34.21 -28.53
N LEU F 151 -26.19 -34.49 -28.44
CA LEU F 151 -25.19 -33.54 -28.90
C LEU F 151 -25.08 -33.49 -30.43
N ILE F 152 -25.07 -34.64 -31.11
CA ILE F 152 -25.01 -34.58 -32.57
C ILE F 152 -26.31 -34.02 -33.16
N MET F 153 -27.46 -34.41 -32.60
CA MET F 153 -28.72 -34.06 -33.25
C MET F 153 -28.94 -32.55 -33.22
N SER F 154 -28.40 -31.85 -32.23
CA SER F 154 -28.70 -30.43 -32.08
C SER F 154 -27.87 -29.58 -33.04
N CYS F 155 -26.57 -29.84 -33.13
CA CYS F 155 -25.67 -29.00 -33.92
C CYS F 155 -26.04 -29.00 -35.40
N CYS F 156 -25.87 -30.14 -36.04
CA CYS F 156 -26.14 -30.30 -37.47
C CYS F 156 -26.47 -31.76 -37.72
N PRO F 157 -26.93 -32.12 -38.94
CA PRO F 157 -27.27 -33.52 -39.22
C PRO F 157 -26.27 -34.56 -38.72
N ASP F 158 -25.01 -34.49 -39.13
CA ASP F 158 -24.05 -35.46 -38.61
C ASP F 158 -22.59 -35.04 -38.69
N PRO F 159 -22.20 -33.89 -38.11
CA PRO F 159 -20.77 -33.65 -37.92
C PRO F 159 -20.30 -34.05 -36.53
N ASN F 160 -19.11 -34.62 -36.43
CA ASN F 160 -18.61 -34.94 -35.10
C ASN F 160 -17.25 -34.33 -34.75
N PRO F 161 -16.99 -33.05 -35.04
CA PRO F 161 -15.95 -32.34 -34.30
C PRO F 161 -16.35 -32.05 -32.86
N PRO F 162 -17.54 -31.45 -32.61
CA PRO F 162 -17.85 -31.08 -31.22
C PRO F 162 -18.01 -32.27 -30.30
N ILE F 163 -18.34 -33.45 -30.83
CA ILE F 163 -18.54 -34.61 -29.96
C ILE F 163 -17.23 -35.02 -29.30
N HIS F 164 -16.11 -34.55 -29.84
CA HIS F 164 -14.80 -34.88 -29.29
C HIS F 164 -14.01 -33.67 -28.81
N LYS F 165 -14.02 -32.57 -29.57
CA LYS F 165 -13.21 -31.42 -29.19
C LYS F 165 -13.90 -30.57 -28.13
N ILE F 166 -15.24 -30.51 -28.17
CA ILE F 166 -15.95 -29.60 -27.29
C ILE F 166 -16.22 -30.24 -25.93
N VAL F 167 -16.37 -31.56 -25.91
CA VAL F 167 -16.70 -32.25 -24.66
C VAL F 167 -15.51 -32.25 -23.70
N ARG F 168 -14.33 -31.85 -24.19
CA ARG F 168 -13.13 -31.88 -23.35
C ARG F 168 -13.23 -30.92 -22.18
N LYS F 169 -13.63 -29.67 -22.43
CA LYS F 169 -13.65 -28.66 -21.37
C LYS F 169 -15.08 -28.44 -20.92
N PRO F 170 -15.45 -28.85 -19.69
CA PRO F 170 -16.85 -28.83 -19.28
C PRO F 170 -17.44 -27.44 -19.10
N SER F 171 -16.58 -26.42 -18.98
CA SER F 171 -17.03 -25.03 -18.83
C SER F 171 -17.41 -24.40 -20.17
N ARG F 172 -17.72 -25.21 -21.16
CA ARG F 172 -18.04 -24.78 -22.51
C ARG F 172 -19.46 -25.13 -22.91
N ILE F 173 -20.16 -25.92 -22.12
CA ILE F 173 -21.48 -26.44 -22.47
C ILE F 173 -22.44 -26.21 -21.31
N LEU F 174 -23.62 -25.69 -21.62
CA LEU F 174 -24.76 -25.70 -20.70
C LEU F 174 -25.95 -26.29 -21.43
N PHE F 175 -26.92 -26.78 -20.67
CA PHE F 175 -28.05 -27.48 -21.23
C PHE F 175 -29.34 -26.75 -20.86
N LEU F 176 -30.15 -26.44 -21.87
CA LEU F 176 -31.42 -25.74 -21.69
C LEU F 176 -32.53 -26.79 -21.79
N MET F 177 -32.83 -27.42 -20.66
CA MET F 177 -33.89 -28.43 -20.58
C MET F 177 -35.21 -27.72 -20.38
N ASP F 178 -35.92 -27.49 -21.48
CA ASP F 178 -37.16 -26.72 -21.44
C ASP F 178 -38.32 -27.61 -21.05
N GLY F 179 -39.13 -27.13 -20.11
CA GLY F 179 -40.36 -27.80 -19.74
C GLY F 179 -40.18 -29.18 -19.14
N PHE F 180 -39.56 -29.25 -17.96
CA PHE F 180 -39.41 -30.54 -17.30
C PHE F 180 -40.76 -31.12 -16.90
N ASP F 181 -41.77 -30.26 -16.70
CA ASP F 181 -43.12 -30.75 -16.45
C ASP F 181 -43.66 -31.52 -17.65
N GLU F 182 -43.17 -31.22 -18.85
CA GLU F 182 -43.64 -31.87 -20.06
C GLU F 182 -42.96 -33.19 -20.34
N LEU F 183 -42.28 -33.75 -19.34
CA LEU F 183 -41.74 -35.09 -19.47
C LEU F 183 -42.86 -36.10 -19.68
N GLN F 184 -42.58 -37.11 -20.51
CA GLN F 184 -43.54 -38.14 -20.86
C GLN F 184 -43.11 -39.48 -20.27
N GLY F 185 -44.09 -40.30 -19.92
CA GLY F 185 -43.83 -41.62 -19.40
C GLY F 185 -43.76 -41.67 -17.89
N ALA F 186 -43.37 -42.84 -17.39
CA ALA F 186 -43.22 -43.07 -15.96
C ALA F 186 -41.80 -42.69 -15.54
N PHE F 187 -41.67 -41.57 -14.85
CA PHE F 187 -40.38 -41.10 -14.35
C PHE F 187 -40.24 -41.56 -12.90
N ASP F 188 -39.57 -42.69 -12.71
CA ASP F 188 -39.29 -43.17 -11.37
C ASP F 188 -38.24 -42.30 -10.70
N GLU F 189 -38.29 -42.23 -9.37
CA GLU F 189 -37.43 -41.32 -8.63
C GLU F 189 -35.97 -41.74 -8.73
N HIS F 190 -35.69 -43.01 -8.98
CA HIS F 190 -34.34 -43.54 -8.96
C HIS F 190 -34.20 -44.63 -10.02
N ILE F 191 -33.54 -44.29 -11.13
CA ILE F 191 -33.24 -45.23 -12.19
C ILE F 191 -31.81 -44.99 -12.65
N GLY F 192 -31.04 -46.06 -12.82
CA GLY F 192 -29.67 -45.96 -13.28
C GLY F 192 -28.75 -45.34 -12.25
N PRO F 193 -28.51 -46.07 -11.16
CA PRO F 193 -27.63 -45.53 -10.11
C PRO F 193 -26.20 -45.29 -10.58
N LEU F 194 -25.59 -46.29 -11.20
CA LEU F 194 -24.22 -46.19 -11.69
C LEU F 194 -24.24 -45.66 -13.12
N CYS F 195 -23.79 -44.42 -13.30
CA CYS F 195 -23.75 -43.81 -14.62
C CYS F 195 -22.63 -42.77 -14.70
N THR F 196 -21.47 -43.18 -15.21
CA THR F 196 -20.32 -42.29 -15.33
C THR F 196 -19.65 -42.39 -16.70
N ASP F 197 -19.82 -43.51 -17.41
CA ASP F 197 -19.25 -43.69 -18.74
C ASP F 197 -19.79 -42.61 -19.68
N TRP F 198 -18.89 -42.05 -20.49
CA TRP F 198 -19.22 -40.83 -21.21
C TRP F 198 -20.11 -41.10 -22.42
N GLN F 199 -19.60 -41.83 -23.41
CA GLN F 199 -20.21 -41.87 -24.73
C GLN F 199 -21.40 -42.83 -24.83
N LYS F 200 -21.61 -43.71 -23.86
CA LYS F 200 -22.67 -44.71 -23.96
C LYS F 200 -23.45 -44.78 -22.67
N ALA F 201 -24.70 -44.31 -22.71
CA ALA F 201 -25.63 -44.50 -21.61
C ALA F 201 -26.85 -45.27 -22.11
N GLU F 202 -27.40 -44.85 -23.25
CA GLU F 202 -28.45 -45.53 -23.99
C GLU F 202 -29.80 -45.53 -23.27
N ARG F 203 -29.86 -45.01 -22.05
CA ARG F 203 -31.09 -44.96 -21.28
C ARG F 203 -31.49 -43.51 -21.06
N GLY F 204 -32.72 -43.18 -21.46
CA GLY F 204 -33.18 -41.81 -21.31
C GLY F 204 -33.27 -41.36 -19.87
N ASP F 205 -33.76 -42.24 -19.00
CA ASP F 205 -33.83 -41.91 -17.57
C ASP F 205 -32.43 -41.72 -16.99
N ILE F 206 -31.47 -42.53 -17.43
CA ILE F 206 -30.10 -42.38 -16.97
C ILE F 206 -29.55 -41.03 -17.38
N LEU F 207 -29.79 -40.63 -18.64
CA LEU F 207 -29.28 -39.35 -19.12
C LEU F 207 -29.82 -38.19 -18.30
N LEU F 208 -31.14 -38.15 -18.11
CA LEU F 208 -31.73 -37.06 -17.35
C LEU F 208 -31.29 -37.08 -15.90
N SER F 209 -31.23 -38.27 -15.31
CA SER F 209 -30.78 -38.38 -13.91
C SER F 209 -29.31 -37.99 -13.78
N SER F 210 -28.47 -38.46 -14.69
CA SER F 210 -27.04 -38.16 -14.59
C SER F 210 -26.75 -36.69 -14.86
N LEU F 211 -27.35 -36.12 -15.90
CA LEU F 211 -27.09 -34.72 -16.24
C LEU F 211 -27.55 -33.77 -15.15
N ILE F 212 -28.72 -34.03 -14.57
CA ILE F 212 -29.20 -33.21 -13.46
C ILE F 212 -28.25 -33.35 -12.27
N ARG F 213 -27.85 -34.58 -11.96
CA ARG F 213 -26.90 -34.82 -10.88
C ARG F 213 -25.48 -34.45 -11.27
N LYS F 214 -25.25 -34.06 -12.53
CA LYS F 214 -23.93 -33.66 -13.03
C LYS F 214 -22.90 -34.79 -12.85
N LYS F 215 -23.36 -36.01 -13.14
CA LYS F 215 -22.49 -37.18 -13.13
C LYS F 215 -21.99 -37.57 -14.51
N LEU F 216 -22.83 -37.44 -15.54
CA LEU F 216 -22.37 -37.68 -16.90
C LEU F 216 -21.29 -36.69 -17.29
N LEU F 217 -21.47 -35.42 -16.94
CA LEU F 217 -20.49 -34.37 -17.26
C LEU F 217 -20.33 -33.50 -16.03
N PRO F 218 -19.33 -33.77 -15.20
CA PRO F 218 -19.10 -32.93 -14.02
C PRO F 218 -18.77 -31.50 -14.41
N GLU F 219 -19.15 -30.59 -13.51
CA GLU F 219 -19.06 -29.15 -13.75
C GLU F 219 -19.85 -28.78 -15.02
N ALA F 220 -21.15 -28.99 -14.96
CA ALA F 220 -22.05 -28.69 -16.06
C ALA F 220 -23.06 -27.62 -15.64
N SER F 221 -23.21 -26.60 -16.47
CA SER F 221 -24.14 -25.52 -16.21
C SER F 221 -25.53 -25.93 -16.69
N LEU F 222 -26.54 -25.68 -15.87
CA LEU F 222 -27.90 -26.09 -16.16
C LEU F 222 -28.86 -24.93 -15.96
N LEU F 223 -29.88 -24.89 -16.82
CA LEU F 223 -30.97 -23.92 -16.69
C LEU F 223 -32.23 -24.60 -17.19
N ILE F 224 -33.12 -24.97 -16.27
CA ILE F 224 -34.28 -25.78 -16.58
C ILE F 224 -35.53 -25.01 -16.23
N THR F 225 -36.54 -25.12 -17.09
CA THR F 225 -37.84 -24.49 -16.86
C THR F 225 -38.82 -25.54 -16.36
N THR F 226 -39.36 -25.32 -15.17
CA THR F 226 -40.26 -26.27 -14.52
C THR F 226 -41.52 -25.57 -14.06
N ARG F 227 -42.65 -26.26 -14.21
CA ARG F 227 -43.89 -25.81 -13.62
C ARG F 227 -43.83 -25.96 -12.10
N PRO F 228 -44.35 -24.99 -11.35
CA PRO F 228 -44.20 -25.04 -9.88
C PRO F 228 -44.77 -26.28 -9.24
N VAL F 229 -45.77 -26.92 -9.87
CA VAL F 229 -46.33 -28.15 -9.30
C VAL F 229 -45.34 -29.31 -9.37
N ALA F 230 -44.30 -29.20 -10.19
CA ALA F 230 -43.38 -30.31 -10.43
C ALA F 230 -42.17 -30.31 -9.50
N LEU F 231 -42.09 -29.36 -8.56
CA LEU F 231 -40.90 -29.27 -7.72
C LEU F 231 -40.68 -30.50 -6.85
N GLU F 232 -41.72 -31.32 -6.64
CA GLU F 232 -41.55 -32.52 -5.83
C GLU F 232 -40.55 -33.47 -6.46
N LYS F 233 -40.60 -33.62 -7.80
CA LYS F 233 -39.61 -34.45 -8.48
C LYS F 233 -38.24 -33.80 -8.46
N LEU F 234 -38.20 -32.47 -8.58
CA LEU F 234 -36.92 -31.76 -8.61
C LEU F 234 -36.17 -31.92 -7.30
N GLN F 235 -36.89 -31.82 -6.16
CA GLN F 235 -36.25 -31.85 -4.86
C GLN F 235 -35.50 -33.15 -4.60
N HIS F 236 -35.93 -34.24 -5.22
CA HIS F 236 -35.20 -35.50 -5.09
C HIS F 236 -33.85 -35.45 -5.80
N LEU F 237 -33.75 -34.64 -6.86
CA LEU F 237 -32.56 -34.62 -7.71
C LEU F 237 -31.73 -33.36 -7.62
N LEU F 238 -32.32 -32.22 -7.24
CA LEU F 238 -31.57 -30.98 -7.20
C LEU F 238 -30.50 -31.04 -6.11
N ASP F 239 -29.31 -30.52 -6.43
CA ASP F 239 -28.21 -30.42 -5.50
C ASP F 239 -27.63 -29.01 -5.58
N HIS F 240 -27.85 -28.23 -4.53
CA HIS F 240 -27.41 -26.82 -4.49
C HIS F 240 -27.94 -26.04 -5.68
N PRO F 241 -29.25 -25.90 -5.83
CA PRO F 241 -29.82 -25.20 -6.98
C PRO F 241 -30.09 -23.73 -6.68
N ARG F 242 -30.51 -23.01 -7.72
CA ARG F 242 -30.95 -21.63 -7.61
C ARG F 242 -32.35 -21.52 -8.22
N HIS F 243 -33.30 -21.02 -7.45
CA HIS F 243 -34.70 -20.98 -7.84
C HIS F 243 -35.10 -19.55 -8.18
N VAL F 244 -35.75 -19.38 -9.32
CA VAL F 244 -36.22 -18.07 -9.78
C VAL F 244 -37.66 -18.22 -10.26
N GLU F 245 -38.54 -17.37 -9.76
CA GLU F 245 -39.95 -17.39 -10.14
C GLU F 245 -40.20 -16.47 -11.32
N ILE F 246 -41.06 -16.92 -12.24
CA ILE F 246 -41.38 -16.18 -13.45
C ILE F 246 -42.84 -15.76 -13.38
N LEU F 247 -43.08 -14.45 -13.31
CA LEU F 247 -44.41 -13.89 -13.35
C LEU F 247 -44.74 -13.47 -14.78
N GLY F 248 -45.83 -12.72 -14.95
CA GLY F 248 -46.31 -12.39 -16.28
C GLY F 248 -46.24 -10.92 -16.67
N PHE F 249 -47.35 -10.39 -17.17
CA PHE F 249 -47.41 -9.05 -17.74
C PHE F 249 -47.97 -8.05 -16.74
N SER F 250 -47.54 -6.80 -16.89
CA SER F 250 -48.08 -5.68 -16.14
C SER F 250 -49.14 -4.98 -16.98
N GLU F 251 -49.83 -4.01 -16.36
CA GLU F 251 -50.81 -3.22 -17.11
C GLU F 251 -50.14 -2.43 -18.22
N ALA F 252 -48.99 -1.82 -17.94
CA ALA F 252 -48.24 -1.13 -18.98
C ALA F 252 -47.71 -2.12 -20.02
N LYS F 253 -47.23 -3.27 -19.57
CA LYS F 253 -46.73 -4.28 -20.51
C LYS F 253 -47.84 -4.82 -21.38
N ARG F 254 -49.05 -4.97 -20.83
CA ARG F 254 -50.18 -5.43 -21.63
C ARG F 254 -50.49 -4.44 -22.75
N LYS F 255 -50.44 -3.14 -22.45
CA LYS F 255 -50.65 -2.14 -23.49
C LYS F 255 -49.56 -2.20 -24.54
N GLU F 256 -48.31 -2.41 -24.12
CA GLU F 256 -47.20 -2.50 -25.07
C GLU F 256 -47.37 -3.70 -25.99
N TYR F 257 -47.81 -4.83 -25.43
CA TYR F 257 -48.00 -6.03 -26.25
C TYR F 257 -49.07 -5.81 -27.31
N PHE F 258 -50.17 -5.14 -26.95
CA PHE F 258 -51.22 -4.87 -27.92
C PHE F 258 -50.71 -3.97 -29.04
N PHE F 259 -49.89 -2.97 -28.70
CA PHE F 259 -49.29 -2.12 -29.72
C PHE F 259 -48.34 -2.91 -30.61
N LYS F 260 -47.53 -3.79 -30.01
CA LYS F 260 -46.60 -4.59 -30.79
C LYS F 260 -47.29 -5.67 -31.61
N TYR F 261 -48.55 -5.99 -31.28
CA TYR F 261 -49.29 -7.02 -32.00
C TYR F 261 -50.17 -6.42 -33.09
N PHE F 262 -50.93 -5.38 -32.77
CA PHE F 262 -51.87 -4.79 -33.72
C PHE F 262 -51.13 -3.85 -34.65
N SER F 263 -51.09 -4.21 -35.94
CA SER F 263 -50.43 -3.36 -36.93
C SER F 263 -51.14 -2.03 -37.09
N ASP F 264 -52.48 -2.04 -37.13
CA ASP F 264 -53.27 -0.84 -37.29
C ASP F 264 -53.60 -0.27 -35.90
N GLU F 265 -52.91 0.79 -35.52
CA GLU F 265 -53.09 1.40 -34.20
C GLU F 265 -54.42 2.12 -34.06
N ALA F 266 -55.15 2.34 -35.16
CA ALA F 266 -56.44 3.00 -35.06
C ALA F 266 -57.42 2.17 -34.25
N GLN F 267 -57.42 0.86 -34.44
CA GLN F 267 -58.26 -0.05 -33.66
C GLN F 267 -57.56 -0.61 -32.44
N ALA F 268 -56.23 -0.50 -32.36
CA ALA F 268 -55.50 -1.02 -31.21
C ALA F 268 -55.94 -0.34 -29.93
N ARG F 269 -56.06 0.99 -29.96
CA ARG F 269 -56.59 1.70 -28.80
C ARG F 269 -58.03 1.30 -28.52
N ALA F 270 -58.84 1.16 -29.56
CA ALA F 270 -60.22 0.73 -29.38
C ALA F 270 -60.28 -0.69 -28.82
N ALA F 271 -59.43 -1.59 -29.34
CA ALA F 271 -59.40 -2.95 -28.82
C ALA F 271 -58.87 -2.98 -27.39
N PHE F 272 -57.82 -2.20 -27.11
CA PHE F 272 -57.29 -2.15 -25.75
C PHE F 272 -58.30 -1.56 -24.77
N SER F 273 -59.02 -0.51 -25.19
CA SER F 273 -60.05 0.07 -24.32
C SER F 273 -61.16 -0.93 -24.04
N LEU F 274 -61.56 -1.70 -25.06
CA LEU F 274 -62.53 -2.76 -24.84
C LEU F 274 -61.96 -3.83 -23.90
N ILE F 275 -60.67 -4.16 -24.06
CA ILE F 275 -60.02 -5.08 -23.14
C ILE F 275 -59.89 -4.45 -21.75
N GLN F 276 -59.48 -3.18 -21.70
CA GLN F 276 -59.31 -2.51 -20.42
C GLN F 276 -60.64 -2.33 -19.71
N GLU F 277 -61.75 -2.23 -20.46
CA GLU F 277 -63.06 -2.08 -19.83
C GLU F 277 -63.41 -3.28 -18.97
N ASN F 278 -63.11 -4.48 -19.46
CA ASN F 278 -63.35 -5.69 -18.67
C ASN F 278 -62.43 -5.71 -17.46
N GLU F 279 -62.98 -6.16 -16.33
CA GLU F 279 -62.22 -6.19 -15.08
C GLU F 279 -61.59 -7.54 -14.81
N VAL F 280 -62.19 -8.63 -15.29
CA VAL F 280 -61.64 -9.96 -15.08
C VAL F 280 -60.66 -10.33 -16.19
N LEU F 281 -61.01 -10.00 -17.44
CA LEU F 281 -60.12 -10.30 -18.56
C LEU F 281 -58.81 -9.54 -18.44
N PHE F 282 -58.87 -8.26 -18.04
CA PHE F 282 -57.67 -7.45 -17.98
C PHE F 282 -56.68 -8.01 -16.96
N THR F 283 -57.17 -8.41 -15.79
CA THR F 283 -56.29 -9.01 -14.79
C THR F 283 -55.91 -10.44 -15.16
N MET F 284 -56.70 -11.09 -16.02
CA MET F 284 -56.31 -12.40 -16.53
C MET F 284 -55.30 -12.30 -17.66
N CYS F 285 -55.06 -11.10 -18.17
CA CYS F 285 -54.05 -10.88 -19.20
C CYS F 285 -52.66 -10.67 -18.62
N PHE F 286 -52.42 -11.03 -17.36
CA PHE F 286 -51.05 -11.03 -16.87
C PHE F 286 -50.27 -12.20 -17.47
N ILE F 287 -50.95 -13.29 -17.79
CA ILE F 287 -50.35 -14.42 -18.50
C ILE F 287 -50.22 -14.05 -19.97
N PRO F 288 -49.02 -14.09 -20.55
CA PRO F 288 -48.88 -13.72 -21.96
C PRO F 288 -49.67 -14.61 -22.90
N LEU F 289 -49.87 -15.87 -22.55
CA LEU F 289 -50.63 -16.77 -23.42
C LEU F 289 -52.05 -16.29 -23.62
N VAL F 290 -52.69 -15.80 -22.54
CA VAL F 290 -54.05 -15.28 -22.66
C VAL F 290 -54.07 -14.05 -23.56
N CYS F 291 -53.03 -13.22 -23.49
CA CYS F 291 -52.94 -12.06 -24.37
C CYS F 291 -52.87 -12.50 -25.82
N TRP F 292 -52.11 -13.55 -26.11
CA TRP F 292 -52.04 -14.08 -27.47
C TRP F 292 -53.39 -14.59 -27.92
N ILE F 293 -54.12 -15.28 -27.04
CA ILE F 293 -55.39 -15.88 -27.42
C ILE F 293 -56.45 -14.81 -27.66
N VAL F 294 -56.52 -13.81 -26.78
CA VAL F 294 -57.51 -12.76 -26.95
C VAL F 294 -57.20 -11.92 -28.18
N CYS F 295 -55.91 -11.71 -28.46
CA CYS F 295 -55.55 -10.94 -29.65
C CYS F 295 -55.87 -11.70 -30.93
N THR F 296 -55.53 -12.99 -30.97
CA THR F 296 -55.85 -13.79 -32.15
C THR F 296 -57.35 -13.89 -32.38
N GLY F 297 -58.10 -14.15 -31.31
CA GLY F 297 -59.55 -14.24 -31.45
C GLY F 297 -60.18 -12.95 -31.91
N LEU F 298 -59.71 -11.82 -31.36
CA LEU F 298 -60.21 -10.53 -31.81
C LEU F 298 -59.83 -10.28 -33.27
N LYS F 299 -58.60 -10.62 -33.65
CA LYS F 299 -58.16 -10.43 -35.03
C LYS F 299 -58.79 -11.46 -35.96
N GLN F 300 -59.01 -12.68 -35.49
CA GLN F 300 -59.73 -13.66 -36.31
C GLN F 300 -61.14 -13.20 -36.58
N GLN F 301 -61.80 -12.63 -35.58
CA GLN F 301 -63.14 -12.06 -35.75
C GLN F 301 -63.11 -10.61 -36.21
N MET F 302 -61.92 -10.03 -36.38
CA MET F 302 -61.84 -8.68 -36.94
C MET F 302 -62.36 -8.65 -38.37
N GLU F 303 -62.06 -9.69 -39.15
CA GLU F 303 -62.66 -9.83 -40.47
C GLU F 303 -64.17 -10.06 -40.38
N SER F 304 -64.65 -10.50 -39.22
CA SER F 304 -66.08 -10.69 -38.99
C SER F 304 -66.73 -9.52 -38.26
N GLY F 305 -66.04 -8.94 -37.27
CA GLY F 305 -66.57 -7.78 -36.57
C GLY F 305 -67.15 -8.09 -35.21
N LYS F 306 -66.47 -8.91 -34.43
CA LYS F 306 -66.92 -9.30 -33.10
C LYS F 306 -65.88 -8.91 -32.05
N SER F 307 -66.24 -9.08 -30.78
CA SER F 307 -65.34 -8.79 -29.67
C SER F 307 -65.13 -10.04 -28.83
N LEU F 308 -64.41 -9.93 -27.72
CA LEU F 308 -64.10 -11.08 -26.90
C LEU F 308 -64.39 -10.83 -25.43
N ALA F 309 -64.35 -9.56 -25.01
CA ALA F 309 -64.40 -9.22 -23.59
C ALA F 309 -65.84 -9.09 -23.09
N GLN F 310 -66.62 -10.15 -23.33
CA GLN F 310 -67.92 -10.29 -22.69
C GLN F 310 -68.09 -11.62 -21.97
N THR F 311 -67.62 -12.71 -22.55
CA THR F 311 -67.59 -14.01 -21.88
C THR F 311 -66.19 -14.29 -21.32
N SER F 312 -65.78 -13.44 -20.39
CA SER F 312 -64.46 -13.49 -19.77
C SER F 312 -64.57 -13.81 -18.29
N LYS F 313 -65.52 -14.67 -17.93
CA LYS F 313 -65.73 -14.99 -16.52
C LYS F 313 -64.55 -15.75 -15.94
N THR F 314 -64.13 -16.83 -16.61
CA THR F 314 -63.09 -17.71 -16.08
C THR F 314 -62.18 -18.13 -17.23
N THR F 315 -61.23 -19.03 -16.92
CA THR F 315 -60.30 -19.51 -17.93
C THR F 315 -61.02 -20.38 -18.96
N THR F 316 -62.01 -21.16 -18.55
CA THR F 316 -62.76 -21.97 -19.49
C THR F 316 -63.49 -21.10 -20.50
N ALA F 317 -64.10 -20.00 -20.04
CA ALA F 317 -64.91 -19.16 -20.91
C ALA F 317 -64.08 -18.55 -22.04
N VAL F 318 -62.89 -18.04 -21.73
CA VAL F 318 -62.07 -17.39 -22.75
C VAL F 318 -61.58 -18.41 -23.78
N TYR F 319 -61.23 -19.61 -23.33
CA TYR F 319 -60.78 -20.64 -24.26
C TYR F 319 -61.95 -21.22 -25.05
N VAL F 320 -63.08 -21.45 -24.39
CA VAL F 320 -64.27 -21.93 -25.12
C VAL F 320 -64.71 -20.89 -26.13
N PHE F 321 -64.74 -19.62 -25.75
CA PHE F 321 -65.08 -18.57 -26.71
C PHE F 321 -64.03 -18.43 -27.79
N PHE F 322 -62.76 -18.68 -27.46
CA PHE F 322 -61.75 -18.76 -28.52
C PHE F 322 -62.05 -19.90 -29.46
N LEU F 323 -62.35 -21.08 -28.91
CA LEU F 323 -62.75 -22.22 -29.74
C LEU F 323 -64.00 -21.89 -30.53
N SER F 324 -64.89 -21.07 -29.97
CA SER F 324 -66.00 -20.56 -30.75
C SER F 324 -65.49 -19.79 -31.96
N SER F 325 -64.68 -18.74 -31.73
CA SER F 325 -64.05 -18.03 -32.82
C SER F 325 -63.06 -18.91 -33.60
N LEU F 326 -62.60 -19.99 -32.99
CA LEU F 326 -61.73 -20.94 -33.69
C LEU F 326 -62.53 -21.86 -34.60
N LEU F 327 -63.84 -21.98 -34.35
CA LEU F 327 -64.69 -22.85 -35.15
C LEU F 327 -65.87 -22.13 -35.79
N GLN F 328 -66.19 -20.91 -35.36
CA GLN F 328 -67.29 -20.18 -36.01
C GLN F 328 -67.04 -19.97 -37.50
N PRO F 329 -65.84 -19.53 -37.95
CA PRO F 329 -65.58 -19.56 -39.40
C PRO F 329 -65.55 -20.96 -39.96
N ARG F 330 -65.17 -21.96 -39.16
CA ARG F 330 -64.98 -23.32 -39.67
C ARG F 330 -66.24 -24.17 -39.51
N GLY F 331 -66.72 -24.33 -38.28
CA GLY F 331 -67.88 -25.15 -38.02
C GLY F 331 -68.22 -25.28 -36.55
N GLY F 337 -69.19 -34.58 -36.98
CA GLY F 337 -68.06 -34.21 -37.81
C GLY F 337 -66.92 -33.62 -37.00
N LEU F 338 -67.03 -32.33 -36.66
CA LEU F 338 -66.00 -31.68 -35.85
C LEU F 338 -65.88 -32.33 -34.48
N CYS F 339 -67.03 -32.65 -33.85
CA CYS F 339 -67.00 -33.32 -32.56
C CYS F 339 -66.30 -34.68 -32.67
N ALA F 340 -66.58 -35.43 -33.72
CA ALA F 340 -65.84 -36.66 -33.97
C ALA F 340 -64.37 -36.36 -34.19
N HIS F 341 -64.05 -35.30 -34.93
CA HIS F 341 -62.67 -34.85 -35.04
C HIS F 341 -62.14 -34.41 -33.69
N LEU F 342 -62.96 -33.70 -32.91
CA LEU F 342 -62.60 -33.45 -31.52
C LEU F 342 -62.47 -34.76 -30.74
N TRP F 343 -63.41 -35.70 -30.96
CA TRP F 343 -63.28 -37.01 -30.36
C TRP F 343 -62.01 -37.71 -30.86
N GLY F 344 -61.68 -37.54 -32.14
CA GLY F 344 -60.46 -38.09 -32.66
C GLY F 344 -59.22 -37.53 -32.01
N LEU F 345 -59.27 -36.27 -31.56
CA LEU F 345 -58.12 -35.66 -30.91
C LEU F 345 -58.23 -35.64 -29.40
N CYS F 346 -59.44 -35.52 -28.83
CA CYS F 346 -59.58 -35.55 -27.38
C CYS F 346 -59.18 -36.90 -26.82
N SER F 347 -59.66 -37.99 -27.44
CA SER F 347 -59.18 -39.31 -27.07
C SER F 347 -57.70 -39.44 -27.34
N LEU F 348 -57.23 -38.86 -28.44
CA LEU F 348 -55.80 -38.76 -28.70
C LEU F 348 -55.12 -37.89 -27.65
N ALA F 349 -55.78 -36.83 -27.20
CA ALA F 349 -55.28 -36.06 -26.07
C ALA F 349 -55.49 -36.78 -24.74
N ALA F 350 -56.43 -37.74 -24.71
CA ALA F 350 -56.64 -38.50 -23.48
C ALA F 350 -55.48 -39.46 -23.23
N ASP F 351 -55.27 -40.42 -24.14
CA ASP F 351 -54.13 -41.31 -23.99
C ASP F 351 -52.81 -40.58 -24.15
N GLY F 352 -52.84 -39.35 -24.69
CA GLY F 352 -51.64 -38.54 -24.72
C GLY F 352 -51.30 -37.93 -23.37
N ILE F 353 -52.22 -37.98 -22.42
CA ILE F 353 -51.90 -37.62 -21.04
C ILE F 353 -52.06 -38.87 -20.18
N TRP F 354 -52.92 -39.79 -20.63
CA TRP F 354 -53.07 -41.05 -19.90
C TRP F 354 -51.78 -41.86 -19.99
N ASN F 355 -51.31 -42.12 -21.22
CA ASN F 355 -50.04 -42.78 -21.47
C ASN F 355 -48.92 -41.80 -21.78
N GLN F 356 -49.18 -40.49 -21.65
CA GLN F 356 -48.18 -39.44 -21.81
C GLN F 356 -47.56 -39.45 -23.22
N LYS F 357 -48.40 -39.16 -24.20
CA LYS F 357 -47.97 -39.02 -25.60
C LYS F 357 -48.34 -37.63 -26.10
N ILE F 358 -47.44 -36.66 -25.90
CA ILE F 358 -47.68 -35.31 -26.41
C ILE F 358 -47.65 -35.30 -27.93
N LEU F 359 -46.62 -35.90 -28.52
CA LEU F 359 -46.47 -35.88 -29.96
C LEU F 359 -47.44 -36.86 -30.63
N PHE F 360 -47.88 -36.50 -31.83
CA PHE F 360 -48.89 -37.25 -32.56
C PHE F 360 -48.29 -37.81 -33.84
N GLU F 361 -48.51 -39.10 -34.07
CA GLU F 361 -48.00 -39.77 -35.26
C GLU F 361 -49.03 -39.75 -36.37
N GLU F 362 -48.54 -39.98 -37.60
CA GLU F 362 -49.45 -40.07 -38.74
C GLU F 362 -50.40 -41.24 -38.60
N SER F 363 -49.90 -42.38 -38.14
CA SER F 363 -50.77 -43.53 -37.90
C SER F 363 -51.78 -43.22 -36.80
N ASP F 364 -51.32 -42.57 -35.72
CA ASP F 364 -52.23 -42.16 -34.65
C ASP F 364 -53.26 -41.15 -35.16
N LEU F 365 -52.84 -40.29 -36.08
CA LEU F 365 -53.78 -39.35 -36.69
C LEU F 365 -54.88 -40.09 -37.44
N ARG F 366 -54.51 -41.14 -38.18
CA ARG F 366 -55.50 -41.95 -38.88
C ARG F 366 -56.13 -43.01 -37.98
N ASN F 367 -55.52 -43.29 -36.82
CA ASN F 367 -56.08 -44.31 -35.93
C ASN F 367 -57.43 -43.86 -35.36
N HIS F 368 -57.48 -42.64 -34.84
CA HIS F 368 -58.75 -42.12 -34.34
C HIS F 368 -59.67 -41.67 -35.47
N GLY F 369 -59.09 -41.28 -36.61
CA GLY F 369 -59.88 -40.89 -37.76
C GLY F 369 -59.96 -39.39 -37.97
N LEU F 370 -59.11 -38.88 -38.84
CA LEU F 370 -59.09 -37.46 -39.21
C LEU F 370 -59.01 -37.35 -40.73
N GLN F 371 -59.04 -36.12 -41.22
CA GLN F 371 -58.83 -35.83 -42.63
C GLN F 371 -57.62 -34.92 -42.77
N LYS F 372 -56.74 -35.24 -43.74
CA LYS F 372 -55.54 -34.44 -43.93
C LYS F 372 -55.90 -32.99 -44.28
N ALA F 373 -56.90 -32.81 -45.16
CA ALA F 373 -57.36 -31.45 -45.46
C ALA F 373 -57.94 -30.79 -44.21
N ASP F 374 -58.72 -31.52 -43.44
CA ASP F 374 -59.26 -30.99 -42.19
C ASP F 374 -58.15 -30.73 -41.18
N VAL F 375 -57.16 -31.63 -41.12
CA VAL F 375 -55.98 -31.38 -40.30
C VAL F 375 -55.26 -30.13 -40.78
N SER F 376 -55.08 -30.01 -42.09
CA SER F 376 -54.52 -28.77 -42.65
C SER F 376 -55.43 -27.58 -42.36
N ALA F 377 -56.75 -27.77 -42.49
CA ALA F 377 -57.68 -26.74 -42.06
C ALA F 377 -57.54 -26.45 -40.57
N PHE F 378 -57.24 -27.48 -39.78
CA PHE F 378 -56.91 -27.25 -38.37
C PHE F 378 -55.55 -26.59 -38.24
N LEU F 379 -54.61 -26.91 -39.14
CA LEU F 379 -53.28 -26.29 -39.10
C LEU F 379 -53.33 -24.81 -39.46
N ARG F 380 -54.12 -24.45 -40.47
CA ARG F 380 -53.92 -23.16 -41.12
C ARG F 380 -54.33 -21.98 -40.24
N MET F 381 -55.26 -22.19 -39.31
CA MET F 381 -55.67 -21.11 -38.43
C MET F 381 -55.58 -21.52 -36.95
N ASN F 382 -54.61 -22.36 -36.63
CA ASN F 382 -54.09 -22.57 -35.28
C ASN F 382 -55.12 -23.20 -34.34
N LEU F 383 -55.51 -24.43 -34.66
CA LEU F 383 -56.03 -25.30 -33.60
C LEU F 383 -54.88 -25.88 -32.79
N PHE F 384 -54.01 -26.64 -33.44
CA PHE F 384 -52.77 -27.09 -32.83
C PHE F 384 -51.55 -26.69 -33.65
N GLN F 385 -51.62 -26.78 -34.97
CA GLN F 385 -50.70 -26.13 -35.92
C GLN F 385 -49.23 -26.38 -35.58
N LYS F 386 -48.98 -27.42 -34.79
CA LYS F 386 -47.63 -27.73 -34.32
C LYS F 386 -47.12 -28.93 -35.09
N GLU F 387 -46.37 -28.66 -36.16
CA GLU F 387 -45.62 -29.68 -36.89
C GLU F 387 -44.14 -29.38 -36.73
N VAL F 388 -43.40 -30.38 -36.23
CA VAL F 388 -41.98 -30.19 -35.98
C VAL F 388 -41.24 -30.05 -37.29
N ASP F 389 -40.37 -29.05 -37.39
CA ASP F 389 -39.57 -28.88 -38.59
C ASP F 389 -38.46 -29.91 -38.70
N CYS F 390 -37.99 -30.42 -37.55
CA CYS F 390 -36.94 -31.44 -37.56
C CYS F 390 -37.41 -32.72 -38.23
N GLU F 391 -38.63 -33.16 -37.91
CA GLU F 391 -39.19 -34.36 -38.51
C GLU F 391 -40.70 -34.22 -38.56
N LYS F 392 -41.33 -34.97 -39.46
CA LYS F 392 -42.76 -34.83 -39.70
C LYS F 392 -43.58 -35.47 -38.56
N PHE F 393 -43.77 -34.72 -37.48
CA PHE F 393 -44.61 -35.15 -36.38
C PHE F 393 -45.73 -34.13 -36.15
N TYR F 394 -46.51 -34.32 -35.09
CA TYR F 394 -47.60 -33.40 -34.79
C TYR F 394 -47.68 -33.21 -33.29
N SER F 395 -48.23 -32.06 -32.88
CA SER F 395 -48.38 -31.72 -31.48
C SER F 395 -49.46 -30.66 -31.34
N PHE F 396 -49.88 -30.43 -30.10
CA PHE F 396 -50.83 -29.36 -29.81
C PHE F 396 -50.11 -28.02 -29.68
N ILE F 397 -50.86 -26.94 -29.91
CA ILE F 397 -50.27 -25.61 -29.90
C ILE F 397 -49.79 -25.23 -28.51
N HIS F 398 -50.54 -25.57 -27.46
CA HIS F 398 -50.15 -25.25 -26.09
C HIS F 398 -50.66 -26.32 -25.15
N MET F 399 -50.11 -26.31 -23.94
CA MET F 399 -50.34 -27.39 -22.99
C MET F 399 -51.78 -27.38 -22.52
N THR F 400 -52.32 -26.18 -22.27
CA THR F 400 -53.68 -26.06 -21.78
C THR F 400 -54.70 -26.48 -22.85
N PHE F 401 -54.33 -26.36 -24.12
CA PHE F 401 -55.25 -26.77 -25.18
C PHE F 401 -55.42 -28.28 -25.20
N GLN F 402 -54.33 -29.02 -25.04
CA GLN F 402 -54.44 -30.47 -24.95
C GLN F 402 -55.23 -30.88 -23.71
N GLU F 403 -54.98 -30.22 -22.58
CA GLU F 403 -55.72 -30.53 -21.37
C GLU F 403 -57.15 -30.00 -21.43
N PHE F 404 -57.39 -28.95 -22.20
CA PHE F 404 -58.76 -28.49 -22.45
C PHE F 404 -59.55 -29.57 -23.18
N PHE F 405 -58.95 -30.15 -24.22
CA PHE F 405 -59.61 -31.24 -24.94
C PHE F 405 -59.60 -32.53 -24.15
N ALA F 406 -58.68 -32.69 -23.20
CA ALA F 406 -58.72 -33.84 -22.31
C ALA F 406 -59.99 -33.82 -21.47
N ALA F 407 -60.37 -32.64 -20.97
CA ALA F 407 -61.65 -32.51 -20.27
C ALA F 407 -62.83 -32.57 -21.23
N MET F 408 -62.62 -32.26 -22.51
CA MET F 408 -63.70 -32.36 -23.48
C MET F 408 -64.17 -33.80 -23.63
N TYR F 409 -63.24 -34.76 -23.58
CA TYR F 409 -63.60 -36.16 -23.65
C TYR F 409 -64.47 -36.57 -22.47
N TYR F 410 -64.15 -36.09 -21.27
CA TYR F 410 -64.90 -36.39 -20.06
C TYR F 410 -66.30 -35.79 -20.05
N LEU F 411 -66.68 -35.07 -21.10
CA LEU F 411 -68.00 -34.46 -21.18
C LEU F 411 -68.71 -34.75 -22.49
N LEU F 412 -68.01 -35.31 -23.48
CA LEU F 412 -68.66 -35.69 -24.73
C LEU F 412 -69.74 -36.74 -24.50
N GLU F 413 -69.34 -37.91 -24.00
CA GLU F 413 -70.28 -38.98 -23.70
C GLU F 413 -69.85 -39.73 -22.44
N ARG F 426 -61.33 -43.19 -25.47
CA ARG F 426 -61.55 -44.56 -25.95
C ARG F 426 -60.83 -45.56 -25.07
N LEU F 427 -60.23 -45.09 -23.98
CA LEU F 427 -59.50 -45.94 -23.07
C LEU F 427 -59.98 -45.85 -21.62
N LYS F 428 -60.57 -44.73 -21.21
CA LYS F 428 -61.11 -44.58 -19.86
C LYS F 428 -62.46 -43.88 -19.96
N LEU F 429 -63.52 -44.59 -19.63
CA LEU F 429 -64.86 -44.02 -19.72
C LEU F 429 -64.99 -42.87 -18.73
N PRO F 430 -65.74 -41.82 -19.07
CA PRO F 430 -65.80 -40.64 -18.18
C PRO F 430 -66.43 -40.92 -16.83
N SER F 431 -67.62 -41.53 -16.81
CA SER F 431 -68.38 -41.64 -15.56
C SER F 431 -67.67 -42.54 -14.56
N ARG F 432 -67.25 -43.73 -14.99
CA ARG F 432 -66.64 -44.68 -14.07
C ARG F 432 -65.21 -44.30 -13.70
N ASP F 433 -64.43 -43.82 -14.67
CA ASP F 433 -63.01 -43.60 -14.46
C ASP F 433 -62.66 -42.17 -14.07
N VAL F 434 -63.66 -41.32 -13.84
CA VAL F 434 -63.36 -40.03 -13.23
C VAL F 434 -62.90 -40.23 -11.79
N THR F 435 -63.54 -41.17 -11.07
CA THR F 435 -63.18 -41.40 -9.68
C THR F 435 -61.75 -41.87 -9.53
N VAL F 436 -61.31 -42.80 -10.38
CA VAL F 436 -59.92 -43.21 -10.35
C VAL F 436 -59.02 -42.05 -10.79
N LEU F 437 -59.49 -41.24 -11.75
CA LEU F 437 -58.75 -40.04 -12.12
C LEU F 437 -58.65 -39.06 -10.95
N LEU F 438 -59.75 -38.92 -10.19
CA LEU F 438 -59.73 -38.02 -9.05
C LEU F 438 -58.72 -38.43 -8.00
N GLU F 439 -58.45 -39.73 -7.87
CA GLU F 439 -57.36 -40.18 -7.02
C GLU F 439 -56.05 -40.33 -7.79
N ASN F 440 -56.11 -40.34 -9.12
CA ASN F 440 -54.92 -40.23 -9.96
C ASN F 440 -54.60 -38.77 -10.27
N TYR F 441 -55.33 -37.84 -9.68
CA TYR F 441 -55.12 -36.42 -9.94
C TYR F 441 -53.72 -35.98 -9.57
N GLY F 442 -53.21 -36.44 -8.42
CA GLY F 442 -51.92 -35.97 -7.94
C GLY F 442 -50.73 -36.80 -8.40
N LYS F 443 -50.97 -38.02 -8.87
CA LYS F 443 -49.87 -38.90 -9.23
C LYS F 443 -49.14 -38.37 -10.46
N PHE F 444 -47.82 -38.25 -10.35
CA PHE F 444 -46.98 -37.79 -11.46
C PHE F 444 -46.87 -38.84 -12.57
N GLU F 445 -47.26 -40.08 -12.30
CA GLU F 445 -47.17 -41.14 -13.31
C GLU F 445 -47.92 -40.74 -14.58
N LYS F 446 -49.08 -40.11 -14.43
CA LYS F 446 -49.86 -39.59 -15.56
C LYS F 446 -49.66 -38.10 -15.73
N GLY F 447 -48.46 -37.59 -15.43
CA GLY F 447 -48.25 -36.16 -15.46
C GLY F 447 -48.98 -35.48 -14.32
N TYR F 448 -49.40 -34.24 -14.56
CA TYR F 448 -50.20 -33.50 -13.61
C TYR F 448 -51.47 -33.03 -14.31
N LEU F 449 -52.62 -33.31 -13.71
CA LEU F 449 -53.93 -33.01 -14.29
C LEU F 449 -54.57 -31.80 -13.64
N ILE F 450 -53.77 -30.80 -13.27
CA ILE F 450 -54.31 -29.63 -12.58
C ILE F 450 -55.33 -28.90 -13.46
N PHE F 451 -54.99 -28.69 -14.74
CA PHE F 451 -55.92 -28.06 -15.66
C PHE F 451 -57.00 -29.00 -16.17
N VAL F 452 -56.78 -30.31 -16.08
CA VAL F 452 -57.75 -31.26 -16.62
C VAL F 452 -59.08 -31.13 -15.89
N VAL F 453 -59.03 -31.16 -14.56
CA VAL F 453 -60.26 -31.00 -13.79
C VAL F 453 -60.78 -29.57 -13.89
N ARG F 454 -59.88 -28.58 -13.93
CA ARG F 454 -60.30 -27.19 -13.94
C ARG F 454 -61.21 -26.90 -15.13
N PHE F 455 -60.77 -27.30 -16.33
CA PHE F 455 -61.64 -27.17 -17.49
C PHE F 455 -62.87 -28.04 -17.37
N LEU F 456 -62.70 -29.25 -16.83
CA LEU F 456 -63.85 -30.11 -16.58
C LEU F 456 -64.81 -29.47 -15.59
N PHE F 457 -64.29 -28.86 -14.53
CA PHE F 457 -65.13 -28.11 -13.61
C PHE F 457 -65.81 -26.94 -14.32
N GLY F 458 -65.06 -26.22 -15.15
CA GLY F 458 -65.63 -25.07 -15.84
C GLY F 458 -66.64 -25.46 -16.91
N LEU F 459 -66.36 -26.52 -17.66
CA LEU F 459 -67.16 -26.83 -18.85
C LEU F 459 -68.58 -27.23 -18.48
N VAL F 460 -68.76 -27.88 -17.33
CA VAL F 460 -70.08 -28.36 -16.94
C VAL F 460 -71.05 -27.22 -16.65
N ASN F 461 -70.55 -25.99 -16.55
CA ASN F 461 -71.38 -24.83 -16.27
C ASN F 461 -72.04 -24.26 -17.54
N GLN F 462 -72.11 -25.07 -18.60
CA GLN F 462 -72.77 -24.73 -19.86
C GLN F 462 -72.44 -23.31 -20.33
N GLU F 463 -71.17 -23.07 -20.66
CA GLU F 463 -70.71 -21.76 -21.12
C GLU F 463 -71.60 -21.22 -22.23
N ARG F 464 -71.81 -19.90 -22.24
CA ARG F 464 -72.82 -19.25 -23.07
C ARG F 464 -72.55 -19.34 -24.56
N THR F 465 -71.51 -20.05 -24.98
CA THR F 465 -71.22 -20.21 -26.40
C THR F 465 -72.35 -20.99 -27.08
N SER F 466 -72.64 -20.62 -28.33
CA SER F 466 -73.80 -21.18 -29.04
C SER F 466 -73.68 -22.69 -29.17
N TYR F 467 -72.65 -23.18 -29.87
CA TYR F 467 -72.53 -24.60 -30.17
C TYR F 467 -71.58 -25.32 -29.20
N LEU F 468 -71.43 -24.82 -27.98
CA LEU F 468 -70.74 -25.57 -26.94
C LEU F 468 -71.65 -26.03 -25.81
N GLU F 469 -72.97 -25.87 -25.97
CA GLU F 469 -73.91 -26.33 -24.96
C GLU F 469 -74.71 -27.54 -25.45
N LYS F 470 -75.22 -27.47 -26.68
CA LYS F 470 -76.26 -28.39 -27.14
C LYS F 470 -75.73 -29.57 -27.93
N LYS F 471 -74.41 -29.76 -28.08
CA LYS F 471 -73.91 -31.01 -28.63
C LYS F 471 -73.46 -31.99 -27.56
N LEU F 472 -73.33 -31.54 -26.31
CA LEU F 472 -72.94 -32.44 -25.24
C LEU F 472 -74.18 -32.88 -24.46
N SER F 473 -73.98 -33.89 -23.61
CA SER F 473 -75.08 -34.58 -22.94
C SER F 473 -75.16 -34.14 -21.49
N CYS F 474 -76.35 -33.73 -21.06
CA CYS F 474 -76.57 -33.31 -19.69
C CYS F 474 -76.63 -34.49 -18.71
N LYS F 475 -76.90 -35.70 -19.20
CA LYS F 475 -77.00 -36.85 -18.31
C LYS F 475 -75.68 -37.12 -17.59
N ILE F 476 -74.57 -37.12 -18.34
CA ILE F 476 -73.26 -37.29 -17.73
C ILE F 476 -72.87 -36.04 -16.93
N SER F 477 -73.15 -34.85 -17.45
CA SER F 477 -72.77 -33.63 -16.77
C SER F 477 -73.42 -33.53 -15.40
N GLN F 478 -74.71 -33.88 -15.30
CA GLN F 478 -75.37 -33.91 -14.00
C GLN F 478 -74.73 -34.94 -13.08
N GLN F 479 -74.39 -36.11 -13.61
CA GLN F 479 -73.66 -37.10 -12.83
C GLN F 479 -72.28 -36.59 -12.46
N ILE F 480 -71.64 -35.86 -13.37
CA ILE F 480 -70.33 -35.27 -13.07
C ILE F 480 -70.44 -34.27 -11.94
N ARG F 481 -71.50 -33.43 -11.96
CA ARG F 481 -71.67 -32.42 -10.93
C ARG F 481 -71.71 -33.05 -9.54
N LEU F 482 -72.47 -34.12 -9.38
CA LEU F 482 -72.52 -34.81 -8.09
C LEU F 482 -71.17 -35.43 -7.74
N GLU F 483 -70.49 -36.00 -8.74
CA GLU F 483 -69.18 -36.59 -8.49
C GLU F 483 -68.16 -35.53 -8.09
N LEU F 484 -68.15 -34.40 -8.79
CA LEU F 484 -67.26 -33.30 -8.41
C LEU F 484 -67.60 -32.78 -7.02
N LEU F 485 -68.89 -32.61 -6.74
CA LEU F 485 -69.31 -32.17 -5.41
C LEU F 485 -68.88 -33.17 -4.35
N LYS F 486 -69.01 -34.47 -4.64
CA LYS F 486 -68.52 -35.48 -3.72
C LYS F 486 -67.01 -35.42 -3.58
N TRP F 487 -66.30 -35.16 -4.69
CA TRP F 487 -64.84 -35.13 -4.64
C TRP F 487 -64.32 -33.98 -3.80
N ILE F 488 -64.98 -32.82 -3.88
CA ILE F 488 -64.54 -31.67 -3.08
C ILE F 488 -64.59 -32.00 -1.60
N GLU F 489 -65.67 -32.65 -1.15
CA GLU F 489 -65.75 -33.08 0.24
C GLU F 489 -64.67 -34.09 0.55
N VAL F 490 -64.37 -35.00 -0.39
CA VAL F 490 -63.35 -36.01 -0.16
C VAL F 490 -62.00 -35.35 0.08
N LYS F 491 -61.64 -34.38 -0.76
CA LYS F 491 -60.38 -33.66 -0.58
C LYS F 491 -60.42 -32.78 0.66
N ALA F 492 -61.57 -32.16 0.94
CA ALA F 492 -61.69 -31.29 2.11
C ALA F 492 -61.53 -32.09 3.41
N LYS F 493 -62.13 -33.28 3.46
CA LYS F 493 -62.05 -34.11 4.66
C LYS F 493 -60.74 -34.90 4.74
N ALA F 494 -59.89 -34.83 3.72
CA ALA F 494 -58.62 -35.52 3.73
C ALA F 494 -57.72 -34.94 4.82
N LYS F 495 -57.55 -35.68 5.91
CA LYS F 495 -56.73 -35.18 7.01
C LYS F 495 -55.27 -35.06 6.60
N LYS F 496 -54.77 -36.01 5.82
CA LYS F 496 -53.37 -35.98 5.41
C LYS F 496 -53.08 -34.74 4.56
N LEU F 497 -51.85 -34.24 4.69
CA LEU F 497 -51.45 -33.01 4.00
C LEU F 497 -51.02 -33.33 2.57
N GLN F 498 -52.02 -33.67 1.75
CA GLN F 498 -51.80 -33.87 0.33
C GLN F 498 -51.43 -32.53 -0.30
N ILE F 499 -50.20 -32.44 -0.81
CA ILE F 499 -49.68 -31.14 -1.25
C ILE F 499 -50.38 -30.68 -2.53
N GLN F 500 -50.64 -31.59 -3.46
CA GLN F 500 -51.14 -31.17 -4.77
C GLN F 500 -52.59 -30.65 -4.76
N PRO F 501 -53.55 -31.26 -4.03
CA PRO F 501 -54.91 -30.70 -4.04
C PRO F 501 -55.10 -29.68 -2.92
N SER F 502 -54.32 -28.61 -2.97
CA SER F 502 -54.34 -27.61 -1.91
C SER F 502 -55.67 -26.86 -1.90
N GLN F 503 -55.92 -26.19 -0.78
CA GLN F 503 -57.18 -25.44 -0.63
C GLN F 503 -57.28 -24.35 -1.68
N LEU F 504 -56.16 -23.67 -1.98
CA LEU F 504 -56.17 -22.66 -3.02
C LEU F 504 -56.50 -23.26 -4.38
N GLU F 505 -55.95 -24.45 -4.67
CA GLU F 505 -56.23 -25.10 -5.95
C GLU F 505 -57.70 -25.43 -6.09
N LEU F 506 -58.33 -25.92 -5.02
CA LEU F 506 -59.76 -26.18 -5.06
C LEU F 506 -60.55 -24.91 -5.34
N PHE F 507 -60.16 -23.80 -4.70
CA PHE F 507 -60.83 -22.54 -4.92
C PHE F 507 -60.67 -22.07 -6.37
N TYR F 508 -59.56 -22.42 -7.02
CA TYR F 508 -59.43 -22.14 -8.44
C TYR F 508 -60.50 -22.85 -9.24
N CYS F 509 -60.74 -24.14 -8.93
CA CYS F 509 -61.84 -24.85 -9.56
C CYS F 509 -63.19 -24.28 -9.12
N LEU F 510 -63.32 -23.94 -7.83
CA LEU F 510 -64.58 -23.40 -7.33
C LEU F 510 -64.89 -22.05 -7.98
N TYR F 511 -63.89 -21.21 -8.17
CA TYR F 511 -64.11 -19.94 -8.85
C TYR F 511 -64.53 -20.16 -10.29
N GLU F 512 -64.04 -21.24 -10.92
CA GLU F 512 -64.41 -21.55 -12.29
C GLU F 512 -65.84 -22.07 -12.40
N MET F 513 -66.49 -22.37 -11.28
CA MET F 513 -67.88 -22.80 -11.32
C MET F 513 -68.79 -21.69 -11.83
N GLN F 514 -68.69 -20.49 -11.25
CA GLN F 514 -69.58 -19.38 -11.52
C GLN F 514 -71.04 -19.72 -11.25
N GLU F 515 -71.29 -20.78 -10.47
CA GLU F 515 -72.63 -21.19 -10.09
C GLU F 515 -72.84 -20.84 -8.62
N GLU F 516 -73.86 -20.01 -8.34
CA GLU F 516 -74.03 -19.47 -6.99
C GLU F 516 -74.39 -20.57 -5.99
N ASP F 517 -75.36 -21.41 -6.32
CA ASP F 517 -75.84 -22.38 -5.33
C ASP F 517 -74.87 -23.54 -5.18
N PHE F 518 -74.20 -23.93 -6.25
CA PHE F 518 -73.29 -25.07 -6.17
C PHE F 518 -72.11 -24.79 -5.27
N VAL F 519 -71.47 -23.63 -5.43
CA VAL F 519 -70.35 -23.28 -4.56
C VAL F 519 -70.80 -23.08 -3.12
N GLN F 520 -72.07 -22.72 -2.91
CA GLN F 520 -72.58 -22.58 -1.55
C GLN F 520 -72.53 -23.91 -0.82
N ARG F 521 -73.08 -24.96 -1.43
CA ARG F 521 -73.09 -26.27 -0.79
C ARG F 521 -71.73 -26.95 -0.85
N ALA F 522 -70.97 -26.73 -1.93
CA ALA F 522 -69.67 -27.36 -2.07
C ALA F 522 -68.69 -26.88 -1.01
N MET F 523 -68.67 -25.57 -0.75
CA MET F 523 -67.71 -25.00 0.18
C MET F 523 -68.18 -25.09 1.62
N ASP F 524 -69.43 -25.47 1.86
CA ASP F 524 -69.91 -25.68 3.22
C ASP F 524 -69.15 -26.78 3.95
N TYR F 525 -68.26 -27.49 3.27
CA TYR F 525 -67.37 -28.47 3.91
C TYR F 525 -66.02 -27.87 4.26
N PHE F 526 -65.97 -26.58 4.57
CA PHE F 526 -64.72 -25.87 4.88
C PHE F 526 -64.83 -25.27 6.27
N PRO F 527 -64.46 -26.01 7.31
CA PRO F 527 -64.50 -25.41 8.66
C PRO F 527 -63.38 -24.43 8.90
N LYS F 528 -62.16 -24.76 8.46
CA LYS F 528 -60.99 -23.90 8.63
C LYS F 528 -60.41 -23.57 7.27
N ILE F 529 -60.10 -22.30 7.04
CA ILE F 529 -59.61 -21.82 5.76
C ILE F 529 -58.20 -21.28 5.97
N GLU F 530 -57.24 -21.82 5.22
CA GLU F 530 -55.85 -21.35 5.26
C GLU F 530 -55.42 -21.07 3.83
N ILE F 531 -55.13 -19.81 3.54
CA ILE F 531 -54.88 -19.35 2.18
C ILE F 531 -53.53 -18.65 2.13
N ASN F 532 -52.75 -18.97 1.10
CA ASN F 532 -51.53 -18.24 0.77
C ASN F 532 -51.70 -17.65 -0.62
N LEU F 533 -51.39 -16.36 -0.77
CA LEU F 533 -51.62 -15.64 -2.00
C LEU F 533 -50.31 -15.12 -2.57
N SER F 534 -50.23 -15.08 -3.90
CA SER F 534 -49.01 -14.61 -4.56
C SER F 534 -49.27 -13.53 -5.61
N THR F 535 -50.37 -13.62 -6.36
CA THR F 535 -50.62 -12.74 -7.48
C THR F 535 -51.94 -12.01 -7.31
N ARG F 536 -52.16 -11.03 -8.20
CA ARG F 536 -53.42 -10.29 -8.18
C ARG F 536 -54.60 -11.20 -8.50
N MET F 537 -54.43 -12.11 -9.47
CA MET F 537 -55.50 -13.06 -9.79
C MET F 537 -55.80 -13.96 -8.60
N ASP F 538 -54.78 -14.28 -7.79
CA ASP F 538 -55.01 -15.08 -6.59
C ASP F 538 -55.93 -14.37 -5.62
N HIS F 539 -55.96 -13.03 -5.64
CA HIS F 539 -56.82 -12.30 -4.72
C HIS F 539 -58.29 -12.40 -5.13
N MET F 540 -58.56 -12.34 -6.43
CA MET F 540 -59.95 -12.37 -6.88
C MET F 540 -60.55 -13.77 -6.79
N VAL F 541 -59.76 -14.81 -7.04
CA VAL F 541 -60.28 -16.17 -6.91
C VAL F 541 -60.65 -16.46 -5.46
N SER F 542 -59.82 -16.00 -4.52
CA SER F 542 -60.15 -16.15 -3.10
C SER F 542 -61.32 -15.25 -2.71
N SER F 543 -61.38 -14.04 -3.28
CA SER F 543 -62.46 -13.12 -2.93
C SER F 543 -63.83 -13.68 -3.32
N PHE F 544 -63.90 -14.33 -4.49
CA PHE F 544 -65.17 -14.90 -4.93
C PHE F 544 -65.63 -16.02 -4.00
N CYS F 545 -64.69 -16.67 -3.33
CA CYS F 545 -65.04 -17.76 -2.42
C CYS F 545 -65.54 -17.21 -1.09
N ILE F 546 -64.74 -16.40 -0.42
CA ILE F 546 -65.09 -15.92 0.91
C ILE F 546 -66.36 -15.07 0.90
N GLU F 547 -66.74 -14.52 -0.26
CA GLU F 547 -67.90 -13.62 -0.30
C GLU F 547 -69.21 -14.37 -0.11
N ASN F 548 -69.19 -15.70 -0.23
CA ASN F 548 -70.39 -16.50 -0.01
C ASN F 548 -70.13 -17.74 0.82
N CYS F 549 -69.05 -17.77 1.59
CA CYS F 549 -68.79 -18.85 2.54
C CYS F 549 -69.50 -18.51 3.86
N HIS F 550 -70.64 -19.16 4.10
CA HIS F 550 -71.45 -18.88 5.27
C HIS F 550 -71.16 -19.80 6.44
N ARG F 551 -70.16 -20.68 6.33
CA ARG F 551 -69.83 -21.60 7.41
C ARG F 551 -68.38 -21.47 7.86
N VAL F 552 -67.67 -20.42 7.45
CA VAL F 552 -66.28 -20.27 7.83
C VAL F 552 -66.19 -19.80 9.27
N GLU F 553 -65.31 -20.44 10.04
CA GLU F 553 -65.06 -20.07 11.43
C GLU F 553 -63.71 -19.39 11.62
N SER F 554 -62.63 -20.04 11.20
CA SER F 554 -61.28 -19.50 11.31
C SER F 554 -60.73 -19.26 9.90
N LEU F 555 -60.10 -18.12 9.71
CA LEU F 555 -59.59 -17.73 8.40
C LEU F 555 -58.19 -17.15 8.56
N SER F 556 -57.40 -17.27 7.50
CA SER F 556 -56.03 -16.78 7.51
C SER F 556 -55.62 -16.39 6.11
N LEU F 557 -54.58 -15.58 6.01
CA LEU F 557 -54.03 -15.14 4.73
C LEU F 557 -52.52 -15.32 4.73
N GLY F 558 -51.98 -15.57 3.52
CA GLY F 558 -50.56 -15.64 3.33
C GLY F 558 -50.09 -14.79 2.17
N PHE F 559 -49.26 -13.79 2.45
CA PHE F 559 -48.74 -12.89 1.43
C PHE F 559 -47.27 -13.17 1.20
N LEU F 560 -46.87 -13.24 -0.06
CA LEU F 560 -45.47 -13.41 -0.41
C LEU F 560 -44.94 -12.42 -1.43
N HIS F 561 -45.81 -11.70 -2.14
CA HIS F 561 -45.37 -10.72 -3.12
C HIS F 561 -44.64 -9.56 -2.47
N HIS F 600 -49.18 -6.17 -3.96
CA HIS F 600 -50.62 -6.02 -3.90
C HIS F 600 -51.08 -5.59 -2.52
N LEU F 601 -50.12 -5.26 -1.66
CA LEU F 601 -50.45 -4.77 -0.32
C LEU F 601 -50.98 -3.35 -0.33
N THR F 602 -50.93 -2.66 -1.47
CA THR F 602 -51.47 -1.32 -1.57
C THR F 602 -52.98 -1.35 -1.37
N SER F 603 -53.52 -0.25 -0.82
CA SER F 603 -54.94 -0.18 -0.51
C SER F 603 -55.83 -0.35 -1.74
N SER F 604 -55.29 -0.14 -2.94
CA SER F 604 -56.06 -0.34 -4.15
C SER F 604 -56.31 -1.82 -4.46
N PHE F 605 -55.62 -2.73 -3.76
CA PHE F 605 -55.75 -4.16 -4.03
C PHE F 605 -56.31 -4.94 -2.86
N CYS F 606 -55.74 -4.79 -1.66
CA CYS F 606 -56.22 -5.54 -0.50
C CYS F 606 -57.60 -5.10 -0.04
N ARG F 607 -58.07 -3.93 -0.47
CA ARG F 607 -59.37 -3.45 -0.03
C ARG F 607 -60.48 -4.37 -0.51
N GLY F 608 -60.38 -4.86 -1.74
CA GLY F 608 -61.41 -5.75 -2.28
C GLY F 608 -61.56 -7.01 -1.46
N LEU F 609 -60.44 -7.63 -1.07
CA LEU F 609 -60.51 -8.84 -0.27
C LEU F 609 -60.90 -8.52 1.17
N PHE F 610 -60.37 -7.44 1.74
CA PHE F 610 -60.70 -7.10 3.12
C PHE F 610 -62.16 -6.69 3.26
N SER F 611 -62.75 -6.09 2.22
CA SER F 611 -64.17 -5.76 2.27
C SER F 611 -65.03 -7.01 2.38
N VAL F 612 -64.52 -8.15 1.93
CA VAL F 612 -65.26 -9.41 2.05
C VAL F 612 -65.40 -9.81 3.51
N LEU F 613 -64.32 -9.65 4.30
CA LEU F 613 -64.34 -10.11 5.69
C LEU F 613 -65.39 -9.35 6.50
N SER F 614 -65.51 -8.04 6.29
CA SER F 614 -66.44 -7.23 7.07
C SER F 614 -67.88 -7.65 6.82
N THR F 615 -68.19 -8.20 5.65
CA THR F 615 -69.54 -8.60 5.30
C THR F 615 -69.81 -10.08 5.53
N SER F 616 -68.87 -10.79 6.16
CA SER F 616 -69.03 -12.22 6.44
C SER F 616 -69.52 -12.40 7.86
N GLN F 617 -70.75 -12.93 8.00
CA GLN F 617 -71.35 -13.07 9.33
C GLN F 617 -70.69 -14.19 10.13
N SER F 618 -70.46 -15.34 9.50
CA SER F 618 -69.94 -16.49 10.22
C SER F 618 -68.49 -16.31 10.67
N LEU F 619 -67.78 -15.36 10.09
CA LEU F 619 -66.37 -15.18 10.41
C LEU F 619 -66.21 -14.74 11.86
N THR F 620 -65.26 -15.37 12.55
CA THR F 620 -64.99 -15.06 13.94
C THR F 620 -63.52 -14.76 14.22
N GLU F 621 -62.61 -15.46 13.56
CA GLU F 621 -61.19 -15.32 13.82
C GLU F 621 -60.45 -14.96 12.52
N LEU F 622 -59.47 -14.06 12.65
CA LEU F 622 -58.65 -13.63 11.52
C LEU F 622 -57.19 -13.75 11.94
N ASP F 623 -56.41 -14.53 11.18
CA ASP F 623 -55.02 -14.79 11.50
C ASP F 623 -54.16 -14.18 10.41
N LEU F 624 -53.72 -12.95 10.63
CA LEU F 624 -52.86 -12.23 9.70
C LEU F 624 -51.40 -12.22 10.14
N SER F 625 -51.03 -13.10 11.06
CA SER F 625 -49.69 -13.09 11.62
C SER F 625 -48.66 -13.54 10.59
N ASP F 626 -47.40 -13.22 10.87
CA ASP F 626 -46.25 -13.64 10.05
C ASP F 626 -46.38 -13.15 8.62
N ASN F 627 -46.75 -11.88 8.46
CA ASN F 627 -46.85 -11.24 7.15
C ASN F 627 -46.08 -9.92 7.16
N SER F 628 -45.86 -9.38 5.98
CA SER F 628 -45.20 -8.09 5.82
C SER F 628 -46.22 -6.97 5.59
N LEU F 629 -47.41 -7.13 6.14
CA LEU F 629 -48.47 -6.13 6.01
C LEU F 629 -48.03 -4.84 6.70
N GLY F 630 -47.81 -3.79 5.91
CA GLY F 630 -47.31 -2.54 6.43
C GLY F 630 -48.41 -1.65 6.97
N ASP F 631 -48.01 -0.45 7.39
CA ASP F 631 -48.96 0.53 7.92
C ASP F 631 -50.03 0.93 6.92
N PRO F 632 -49.71 1.27 5.66
CA PRO F 632 -50.80 1.57 4.72
C PRO F 632 -51.76 0.41 4.53
N GLY F 633 -51.25 -0.82 4.51
CA GLY F 633 -52.13 -1.98 4.50
C GLY F 633 -52.92 -2.12 5.78
N MET F 634 -52.28 -1.81 6.92
CA MET F 634 -52.98 -1.86 8.20
C MET F 634 -54.07 -0.79 8.27
N ARG F 635 -53.83 0.37 7.64
CA ARG F 635 -54.81 1.44 7.69
C ARG F 635 -56.13 1.04 7.04
N VAL F 636 -56.06 0.39 5.88
CA VAL F 636 -57.29 0.00 5.20
C VAL F 636 -57.98 -1.15 5.93
N LEU F 637 -57.21 -1.95 6.68
CA LEU F 637 -57.83 -3.00 7.47
C LEU F 637 -58.73 -2.43 8.56
N CYS F 638 -58.28 -1.37 9.23
CA CYS F 638 -59.10 -0.74 10.26
C CYS F 638 -60.31 -0.04 9.66
N GLU F 639 -60.20 0.44 8.42
CA GLU F 639 -61.36 1.02 7.74
C GLU F 639 -62.46 -0.02 7.55
N THR F 640 -62.08 -1.24 7.18
CA THR F 640 -63.07 -2.30 6.98
C THR F 640 -63.63 -2.78 8.32
N LEU F 641 -62.80 -2.82 9.36
CA LEU F 641 -63.26 -3.31 10.65
C LEU F 641 -64.34 -2.42 11.25
N GLN F 642 -64.30 -1.11 10.96
CA GLN F 642 -65.31 -0.20 11.47
C GLN F 642 -66.67 -0.40 10.82
N HIS F 643 -66.75 -1.18 9.75
CA HIS F 643 -68.03 -1.43 9.10
C HIS F 643 -68.95 -2.18 10.05
N PRO F 644 -70.21 -1.76 10.19
CA PRO F 644 -71.14 -2.49 11.06
C PRO F 644 -71.38 -3.91 10.56
N GLY F 645 -71.62 -4.81 11.50
CA GLY F 645 -71.84 -6.20 11.18
C GLY F 645 -70.61 -7.06 11.12
N CYS F 646 -69.41 -6.47 11.24
CA CYS F 646 -68.18 -7.24 11.25
C CYS F 646 -68.11 -8.06 12.53
N ASN F 647 -68.25 -9.37 12.42
CA ASN F 647 -68.33 -10.26 13.56
C ASN F 647 -66.98 -10.84 13.95
N ILE F 648 -65.88 -10.23 13.52
CA ILE F 648 -64.56 -10.71 13.89
C ILE F 648 -64.31 -10.43 15.37
N ARG F 649 -63.98 -11.47 16.12
CA ARG F 649 -63.75 -11.36 17.55
C ARG F 649 -62.28 -11.35 17.93
N ARG F 650 -61.49 -12.25 17.35
CA ARG F 650 -60.09 -12.41 17.71
C ARG F 650 -59.24 -12.26 16.46
N LEU F 651 -58.27 -11.36 16.50
CA LEU F 651 -57.31 -11.16 15.41
C LEU F 651 -55.90 -11.28 15.94
N TRP F 652 -55.05 -11.97 15.18
CA TRP F 652 -53.65 -12.19 15.55
C TRP F 652 -52.78 -11.46 14.53
N LEU F 653 -51.94 -10.55 15.03
CA LEU F 653 -51.10 -9.71 14.19
C LEU F 653 -49.64 -9.82 14.56
N GLY F 654 -49.19 -11.02 14.89
CA GLY F 654 -47.80 -11.22 15.26
C GLY F 654 -46.88 -11.13 14.05
N ARG F 655 -45.65 -10.70 14.31
CA ARG F 655 -44.57 -10.62 13.33
C ARG F 655 -44.91 -9.72 12.15
N CYS F 656 -45.98 -8.95 12.23
CA CYS F 656 -46.32 -8.05 11.14
C CYS F 656 -45.36 -6.86 11.12
N GLY F 657 -45.30 -6.17 9.98
CA GLY F 657 -44.44 -5.02 9.85
C GLY F 657 -45.04 -3.75 10.40
N LEU F 658 -45.90 -3.89 11.41
CA LEU F 658 -46.58 -2.74 11.99
C LEU F 658 -45.59 -1.86 12.75
N SER F 659 -45.80 -0.56 12.68
CA SER F 659 -44.98 0.42 13.38
C SER F 659 -45.87 1.22 14.35
N HIS F 660 -45.30 2.27 14.94
CA HIS F 660 -46.03 3.05 15.92
C HIS F 660 -47.26 3.73 15.31
N GLU F 661 -47.14 4.23 14.09
CA GLU F 661 -48.21 5.01 13.47
C GLU F 661 -49.45 4.19 13.16
N CYS F 662 -49.38 2.87 13.20
CA CYS F 662 -50.56 2.05 12.99
C CYS F 662 -51.50 2.05 14.19
N CYS F 663 -50.97 2.29 15.40
CA CYS F 663 -51.78 2.24 16.60
C CYS F 663 -52.87 3.31 16.60
N PHE F 664 -52.70 4.39 15.84
CA PHE F 664 -53.72 5.42 15.77
C PHE F 664 -55.01 4.85 15.17
N ASP F 665 -54.89 4.05 14.12
CA ASP F 665 -56.07 3.44 13.50
C ASP F 665 -56.69 2.39 14.41
N ILE F 666 -55.87 1.61 15.09
CA ILE F 666 -56.38 0.54 15.95
C ILE F 666 -57.18 1.13 17.11
N SER F 667 -56.75 2.28 17.61
CA SER F 667 -57.52 2.95 18.67
C SER F 667 -58.90 3.35 18.19
N LEU F 668 -59.06 3.58 16.88
CA LEU F 668 -60.37 3.99 16.36
C LEU F 668 -61.35 2.83 16.35
N VAL F 669 -60.92 1.64 15.88
CA VAL F 669 -61.83 0.51 15.79
C VAL F 669 -62.26 0.06 17.18
N LEU F 670 -61.36 0.14 18.16
CA LEU F 670 -61.73 -0.18 19.53
C LEU F 670 -62.77 0.79 20.06
N SER F 671 -62.59 2.08 19.78
CA SER F 671 -63.55 3.10 20.22
C SER F 671 -64.86 3.02 19.48
N SER F 672 -64.94 2.25 18.39
CA SER F 672 -66.17 2.11 17.61
C SER F 672 -66.75 0.71 17.69
N ASN F 673 -65.95 -0.30 17.37
CA ASN F 673 -66.43 -1.68 17.36
C ASN F 673 -66.36 -2.29 18.76
N GLN F 674 -67.44 -2.96 19.15
CA GLN F 674 -67.50 -3.64 20.44
C GLN F 674 -67.40 -5.16 20.30
N LYS F 675 -66.97 -5.66 19.14
CA LYS F 675 -66.90 -7.09 18.93
C LYS F 675 -65.54 -7.68 19.24
N LEU F 676 -64.47 -6.89 19.13
CA LEU F 676 -63.14 -7.40 19.44
C LEU F 676 -63.04 -7.79 20.90
N VAL F 677 -62.53 -8.99 21.16
CA VAL F 677 -62.41 -9.51 22.52
C VAL F 677 -60.97 -9.91 22.78
N GLU F 678 -60.24 -10.26 21.72
CA GLU F 678 -58.85 -10.70 21.84
C GLU F 678 -58.05 -10.01 20.75
N LEU F 679 -56.98 -9.33 21.14
CA LEU F 679 -56.09 -8.63 20.21
C LEU F 679 -54.65 -9.01 20.51
N ASP F 680 -53.93 -9.43 19.48
CA ASP F 680 -52.53 -9.82 19.62
C ASP F 680 -51.67 -8.92 18.76
N LEU F 681 -50.66 -8.29 19.37
CA LEU F 681 -49.72 -7.43 18.67
C LEU F 681 -48.29 -7.81 19.01
N SER F 682 -48.05 -9.08 19.29
CA SER F 682 -46.72 -9.53 19.68
C SER F 682 -45.74 -9.37 18.53
N ASP F 683 -44.48 -9.09 18.90
CA ASP F 683 -43.38 -8.93 17.94
C ASP F 683 -43.67 -7.81 16.95
N ASN F 684 -43.79 -6.60 17.48
CA ASN F 684 -43.95 -5.40 16.68
C ASN F 684 -43.01 -4.33 17.22
N ALA F 685 -42.47 -3.53 16.30
CA ALA F 685 -41.50 -2.48 16.65
C ALA F 685 -42.20 -1.16 16.94
N LEU F 686 -43.16 -1.18 17.85
CA LEU F 686 -43.88 0.02 18.28
C LEU F 686 -43.37 0.43 19.65
N GLY F 687 -43.04 1.70 19.81
CA GLY F 687 -42.44 2.21 21.02
C GLY F 687 -43.46 2.62 22.06
N ASP F 688 -42.99 3.42 23.02
CA ASP F 688 -43.89 3.92 24.06
C ASP F 688 -44.99 4.79 23.48
N PHE F 689 -44.72 5.46 22.37
CA PHE F 689 -45.74 6.28 21.72
C PHE F 689 -46.88 5.41 21.22
N GLY F 690 -46.58 4.22 20.71
CA GLY F 690 -47.63 3.33 20.23
C GLY F 690 -48.59 2.93 21.33
N ILE F 691 -48.06 2.60 22.51
CA ILE F 691 -48.92 2.28 23.64
C ILE F 691 -49.68 3.52 24.09
N ARG F 692 -49.06 4.69 23.99
CA ARG F 692 -49.73 5.94 24.35
C ARG F 692 -50.98 6.16 23.50
N LEU F 693 -50.89 5.87 22.20
CA LEU F 693 -52.07 5.96 21.36
C LEU F 693 -53.01 4.79 21.61
N LEU F 694 -52.47 3.58 21.78
CA LEU F 694 -53.30 2.41 21.99
C LEU F 694 -54.11 2.52 23.28
N CYS F 695 -53.48 2.98 24.36
CA CYS F 695 -54.17 3.05 25.64
C CYS F 695 -55.32 4.05 25.62
N VAL F 696 -55.31 5.01 24.70
CA VAL F 696 -56.41 5.96 24.58
C VAL F 696 -57.69 5.24 24.17
N GLY F 697 -57.58 4.37 23.16
CA GLY F 697 -58.76 3.63 22.73
C GLY F 697 -59.23 2.64 23.78
N LEU F 698 -58.30 1.99 24.47
CA LEU F 698 -58.67 1.05 25.52
C LEU F 698 -59.37 1.75 26.67
N LYS F 699 -58.95 2.96 27.01
CA LYS F 699 -59.60 3.71 28.09
C LYS F 699 -61.04 4.07 27.76
N HIS F 700 -61.41 4.09 26.48
CA HIS F 700 -62.79 4.39 26.12
C HIS F 700 -63.71 3.31 26.64
N LEU F 701 -64.85 3.73 27.19
CA LEU F 701 -65.77 2.78 27.83
C LEU F 701 -66.53 1.94 26.82
N LEU F 702 -66.53 2.33 25.54
CA LEU F 702 -67.27 1.56 24.54
C LEU F 702 -66.59 0.22 24.26
N CYS F 703 -65.26 0.21 24.20
CA CYS F 703 -64.54 -1.02 23.90
C CYS F 703 -64.62 -1.99 25.06
N ASN F 704 -64.65 -3.29 24.72
CA ASN F 704 -64.63 -4.37 25.71
C ASN F 704 -63.64 -5.42 25.22
N LEU F 705 -62.38 -5.25 25.60
CA LEU F 705 -61.31 -6.17 25.23
C LEU F 705 -60.84 -6.92 26.46
N LYS F 706 -60.74 -8.25 26.34
CA LYS F 706 -60.35 -9.10 27.46
C LYS F 706 -58.87 -9.48 27.42
N LYS F 707 -58.43 -10.11 26.35
CA LYS F 707 -57.04 -10.55 26.22
C LYS F 707 -56.25 -9.52 25.42
N LEU F 708 -54.94 -9.53 25.62
CA LEU F 708 -54.07 -8.55 24.97
C LEU F 708 -52.63 -9.04 25.06
N TRP F 709 -51.95 -9.10 23.92
CA TRP F 709 -50.57 -9.54 23.85
C TRP F 709 -49.69 -8.37 23.39
N LEU F 710 -48.64 -8.08 24.14
CA LEU F 710 -47.65 -7.09 23.77
C LEU F 710 -46.25 -7.68 23.86
N VAL F 711 -46.13 -8.98 23.61
CA VAL F 711 -44.86 -9.67 23.77
C VAL F 711 -43.86 -9.19 22.74
N SER F 712 -42.61 -8.98 23.19
CA SER F 712 -41.47 -8.61 22.37
C SER F 712 -41.59 -7.23 21.73
N CYS F 713 -42.58 -6.44 22.12
CA CYS F 713 -42.67 -5.07 21.62
C CYS F 713 -41.60 -4.22 22.28
N CYS F 714 -41.02 -3.31 21.50
CA CYS F 714 -39.97 -2.43 22.01
C CYS F 714 -40.61 -1.44 22.97
N LEU F 715 -40.50 -1.72 24.27
CA LEU F 715 -41.14 -0.90 25.29
C LEU F 715 -40.19 -0.68 26.45
N THR F 716 -40.43 0.40 27.19
CA THR F 716 -39.64 0.74 28.37
C THR F 716 -40.56 1.05 29.54
N SER F 717 -39.99 1.55 30.63
CA SER F 717 -40.79 1.88 31.80
C SER F 717 -41.75 3.04 31.55
N ALA F 718 -41.52 3.84 30.51
CA ALA F 718 -42.39 4.96 30.22
C ALA F 718 -43.80 4.49 29.87
N CYS F 719 -43.91 3.42 29.08
CA CYS F 719 -45.22 2.91 28.70
C CYS F 719 -45.99 2.33 29.88
N CYS F 720 -45.30 1.96 30.96
CA CYS F 720 -45.99 1.41 32.12
C CYS F 720 -46.91 2.43 32.76
N GLN F 721 -46.50 3.70 32.79
CA GLN F 721 -47.37 4.76 33.31
C GLN F 721 -48.64 4.87 32.48
N ASP F 722 -48.52 4.83 31.16
CA ASP F 722 -49.70 4.92 30.31
C ASP F 722 -50.57 3.68 30.43
N LEU F 723 -49.97 2.49 30.46
CA LEU F 723 -50.74 1.26 30.52
C LEU F 723 -51.41 1.07 31.88
N ALA F 724 -50.87 1.67 32.94
CA ALA F 724 -51.45 1.51 34.26
C ALA F 724 -52.85 2.11 34.33
N SER F 725 -53.06 3.24 33.64
CA SER F 725 -54.37 3.88 33.66
C SER F 725 -55.44 2.97 33.05
N VAL F 726 -55.11 2.30 31.95
CA VAL F 726 -56.06 1.36 31.34
C VAL F 726 -56.39 0.24 32.31
N LEU F 727 -55.37 -0.30 32.98
CA LEU F 727 -55.57 -1.42 33.89
C LEU F 727 -56.54 -1.07 35.01
N SER F 728 -56.70 0.21 35.33
CA SER F 728 -57.61 0.63 36.40
C SER F 728 -59.03 0.89 35.89
N THR F 729 -59.16 1.55 34.74
CA THR F 729 -60.47 1.98 34.28
C THR F 729 -61.12 1.00 33.30
N SER F 730 -60.33 0.22 32.56
CA SER F 730 -60.89 -0.74 31.61
C SER F 730 -61.42 -1.94 32.39
N HIS F 731 -62.73 -1.92 32.64
CA HIS F 731 -63.34 -3.01 33.41
C HIS F 731 -63.26 -4.34 32.66
N SER F 732 -63.24 -4.31 31.34
CA SER F 732 -63.27 -5.52 30.53
C SER F 732 -61.91 -6.19 30.40
N LEU F 733 -60.83 -5.51 30.76
CA LEU F 733 -59.50 -6.07 30.61
C LEU F 733 -59.24 -7.08 31.73
N THR F 734 -58.96 -8.32 31.36
CA THR F 734 -58.68 -9.38 32.31
C THR F 734 -57.27 -9.93 32.20
N ARG F 735 -56.84 -10.31 31.01
CA ARG F 735 -55.52 -10.88 30.78
C ARG F 735 -54.65 -9.88 30.04
N LEU F 736 -53.38 -9.79 30.44
CA LEU F 736 -52.46 -8.82 29.85
C LEU F 736 -51.06 -9.44 29.87
N TYR F 737 -50.66 -10.05 28.76
CA TYR F 737 -49.35 -10.65 28.62
C TYR F 737 -48.41 -9.62 28.00
N VAL F 738 -47.59 -9.00 28.84
CA VAL F 738 -46.72 -7.91 28.41
C VAL F 738 -45.26 -8.33 28.58
N GLY F 739 -45.01 -9.63 28.51
CA GLY F 739 -43.67 -10.13 28.69
C GLY F 739 -42.73 -9.76 27.56
N GLU F 740 -41.46 -10.12 27.74
CA GLU F 740 -40.36 -9.93 26.80
C GLU F 740 -39.97 -8.47 26.62
N ASN F 741 -40.66 -7.53 27.27
CA ASN F 741 -40.33 -6.13 27.11
C ASN F 741 -39.11 -5.77 27.94
N ALA F 742 -38.55 -4.59 27.64
CA ALA F 742 -37.35 -4.11 28.30
C ALA F 742 -37.65 -3.32 29.57
N LEU F 743 -38.91 -3.23 29.98
CA LEU F 743 -39.25 -2.50 31.19
C LEU F 743 -38.60 -3.17 32.41
N GLY F 744 -38.01 -2.35 33.27
CA GLY F 744 -37.32 -2.84 34.44
C GLY F 744 -38.22 -2.93 35.66
N ASP F 745 -37.58 -3.07 36.82
CA ASP F 745 -38.33 -3.14 38.08
C ASP F 745 -39.08 -1.84 38.34
N SER F 746 -38.57 -0.71 37.85
CA SER F 746 -39.26 0.56 38.06
C SER F 746 -40.62 0.57 37.38
N GLY F 747 -40.70 0.01 36.17
CA GLY F 747 -41.97 -0.02 35.47
C GLY F 747 -43.00 -0.89 36.15
N VAL F 748 -42.56 -2.02 36.72
CA VAL F 748 -43.49 -2.93 37.39
C VAL F 748 -44.08 -2.27 38.63
N ALA F 749 -43.29 -1.46 39.33
CA ALA F 749 -43.80 -0.76 40.52
C ALA F 749 -44.95 0.15 40.16
N ILE F 750 -44.83 0.90 39.05
CA ILE F 750 -45.92 1.75 38.61
C ILE F 750 -47.13 0.91 38.21
N LEU F 751 -46.89 -0.20 37.49
CA LEU F 751 -47.99 -1.04 37.05
C LEU F 751 -48.68 -1.73 38.23
N CYS F 752 -47.91 -2.20 39.20
CA CYS F 752 -48.49 -2.94 40.30
C CYS F 752 -49.25 -2.04 41.28
N GLU F 753 -48.72 -0.83 41.52
CA GLU F 753 -49.35 0.05 42.51
C GLU F 753 -50.77 0.41 42.11
N LYS F 754 -51.07 0.39 40.81
CA LYS F 754 -52.44 0.56 40.34
C LYS F 754 -53.19 -0.76 40.24
N ALA F 755 -52.49 -1.89 40.28
CA ALA F 755 -53.09 -3.20 40.18
C ALA F 755 -53.45 -3.82 41.53
N LYS F 756 -53.16 -3.12 42.63
CA LYS F 756 -53.47 -3.62 43.96
C LYS F 756 -54.87 -3.22 44.41
N ASN F 757 -55.63 -2.54 43.57
CA ASN F 757 -57.00 -2.18 43.93
C ASN F 757 -57.86 -3.43 44.05
N PRO F 758 -58.63 -3.58 45.12
CA PRO F 758 -59.48 -4.78 45.26
C PRO F 758 -60.54 -4.89 44.18
N GLN F 759 -60.91 -3.80 43.54
CA GLN F 759 -61.92 -3.81 42.48
C GLN F 759 -61.34 -4.07 41.11
N CYS F 760 -60.02 -4.25 41.00
CA CYS F 760 -59.39 -4.51 39.71
C CYS F 760 -59.81 -5.87 39.17
N ASN F 761 -59.92 -5.96 37.85
CA ASN F 761 -60.36 -7.16 37.18
C ASN F 761 -59.23 -7.92 36.50
N LEU F 762 -57.98 -7.56 36.75
CA LEU F 762 -56.86 -8.22 36.11
C LEU F 762 -56.66 -9.63 36.65
N GLN F 763 -57.25 -10.61 35.99
CA GLN F 763 -57.17 -11.99 36.46
C GLN F 763 -55.95 -12.73 35.93
N LYS F 764 -55.17 -12.14 35.03
CA LYS F 764 -53.96 -12.76 34.52
C LYS F 764 -52.93 -11.68 34.23
N LEU F 765 -51.66 -12.07 34.30
CA LEU F 765 -50.57 -11.14 34.06
C LEU F 765 -49.30 -11.94 33.80
N GLY F 766 -48.62 -11.62 32.71
CA GLY F 766 -47.36 -12.27 32.36
C GLY F 766 -46.24 -11.25 32.23
N LEU F 767 -45.08 -11.60 32.77
CA LEU F 767 -43.91 -10.73 32.73
C LEU F 767 -42.67 -11.53 32.38
N VAL F 768 -42.79 -12.42 31.39
CA VAL F 768 -41.71 -13.33 31.06
C VAL F 768 -40.55 -12.56 30.45
N ASN F 769 -39.35 -12.80 30.97
CA ASN F 769 -38.07 -12.27 30.48
C ASN F 769 -37.95 -10.77 30.63
N SER F 770 -38.92 -10.08 31.21
CA SER F 770 -38.78 -8.66 31.48
C SER F 770 -37.78 -8.44 32.60
N GLY F 771 -37.05 -7.33 32.53
CA GLY F 771 -36.05 -7.02 33.54
C GLY F 771 -36.65 -6.92 34.92
N LEU F 772 -36.32 -7.88 35.79
CA LEU F 772 -36.91 -7.97 37.12
C LEU F 772 -35.81 -8.16 38.16
N THR F 773 -36.08 -7.66 39.36
CA THR F 773 -35.20 -7.81 40.50
C THR F 773 -36.04 -8.18 41.72
N SER F 774 -35.44 -8.12 42.90
CA SER F 774 -36.16 -8.44 44.12
C SER F 774 -37.05 -7.31 44.60
N VAL F 775 -36.90 -6.10 44.04
CA VAL F 775 -37.69 -4.96 44.49
C VAL F 775 -39.15 -5.15 44.12
N CYS F 776 -39.42 -5.66 42.91
CA CYS F 776 -40.80 -5.82 42.46
C CYS F 776 -41.56 -6.85 43.27
N CYS F 777 -40.86 -7.72 44.00
CA CYS F 777 -41.54 -8.74 44.80
C CYS F 777 -42.42 -8.10 45.87
N SER F 778 -41.93 -7.03 46.50
CA SER F 778 -42.73 -6.33 47.50
C SER F 778 -44.01 -5.77 46.89
N ALA F 779 -43.89 -5.14 45.72
CA ALA F 779 -45.07 -4.65 45.02
C ALA F 779 -45.96 -5.81 44.58
N LEU F 780 -45.35 -6.88 44.06
CA LEU F 780 -46.13 -8.05 43.66
C LEU F 780 -46.80 -8.71 44.86
N SER F 781 -46.12 -8.73 46.01
CA SER F 781 -46.74 -9.26 47.21
C SER F 781 -47.95 -8.44 47.62
N SER F 782 -47.86 -7.12 47.52
CA SER F 782 -48.97 -6.26 47.91
C SER F 782 -50.21 -6.50 47.05
N VAL F 783 -50.02 -6.63 45.73
CA VAL F 783 -51.17 -6.82 44.86
C VAL F 783 -51.79 -8.19 45.06
N LEU F 784 -50.98 -9.21 45.36
CA LEU F 784 -51.50 -10.56 45.51
C LEU F 784 -52.48 -10.65 46.69
N SER F 785 -52.16 -10.00 47.80
CA SER F 785 -53.01 -10.03 48.97
C SER F 785 -54.22 -9.12 48.85
N THR F 786 -54.21 -8.16 47.91
CA THR F 786 -55.27 -7.16 47.80
C THR F 786 -56.13 -7.35 46.55
N ASN F 787 -55.55 -7.78 45.44
CA ASN F 787 -56.34 -7.95 44.22
C ASN F 787 -57.42 -9.00 44.40
N GLN F 788 -57.08 -10.12 45.02
CA GLN F 788 -57.98 -11.22 45.38
C GLN F 788 -58.53 -11.97 44.17
N ASN F 789 -58.17 -11.58 42.94
CA ASN F 789 -58.63 -12.31 41.77
C ASN F 789 -57.53 -12.48 40.73
N LEU F 790 -56.27 -12.24 41.08
CA LEU F 790 -55.15 -12.47 40.17
C LEU F 790 -54.92 -13.98 40.10
N THR F 791 -55.66 -14.63 39.20
CA THR F 791 -55.65 -16.09 39.15
C THR F 791 -54.29 -16.63 38.69
N HIS F 792 -53.68 -15.99 37.71
CA HIS F 792 -52.42 -16.47 37.15
C HIS F 792 -51.38 -15.37 37.16
N LEU F 793 -50.12 -15.78 37.28
CA LEU F 793 -48.98 -14.86 37.22
C LEU F 793 -47.78 -15.63 36.70
N TYR F 794 -47.24 -15.21 35.57
CA TYR F 794 -46.19 -15.93 34.87
C TYR F 794 -44.89 -15.16 34.95
N LEU F 795 -43.84 -15.81 35.45
CA LEU F 795 -42.50 -15.25 35.47
C LEU F 795 -41.52 -16.29 34.93
N ARG F 796 -40.53 -15.83 34.17
CA ARG F 796 -39.57 -16.74 33.56
C ARG F 796 -38.43 -15.94 32.97
N GLY F 797 -37.22 -16.50 33.05
CA GLY F 797 -36.06 -15.85 32.45
C GLY F 797 -35.69 -14.54 33.09
N ASN F 798 -36.22 -14.24 34.27
CA ASN F 798 -35.94 -12.98 34.94
C ASN F 798 -34.65 -13.08 35.74
N THR F 799 -34.32 -12.01 36.44
CA THR F 799 -33.21 -11.97 37.38
C THR F 799 -33.73 -11.78 38.80
N LEU F 800 -34.81 -12.49 39.12
CA LEU F 800 -35.49 -12.31 40.40
C LEU F 800 -34.52 -12.55 41.55
N GLY F 801 -34.60 -11.68 42.56
CA GLY F 801 -33.69 -11.80 43.69
C GLY F 801 -33.84 -13.13 44.39
N ASP F 802 -32.69 -13.69 44.79
CA ASP F 802 -32.70 -14.94 45.53
C ASP F 802 -33.46 -14.79 46.85
N LYS F 803 -33.28 -13.65 47.51
CA LYS F 803 -34.08 -13.28 48.67
C LYS F 803 -35.47 -12.78 48.28
N GLY F 804 -35.72 -12.56 46.99
CA GLY F 804 -37.01 -12.03 46.58
C GLY F 804 -38.16 -13.00 46.84
N ILE F 805 -37.90 -14.30 46.70
CA ILE F 805 -38.94 -15.30 46.96
C ILE F 805 -39.41 -15.21 48.40
N LYS F 806 -38.48 -14.96 49.33
CA LYS F 806 -38.87 -14.76 50.73
C LYS F 806 -39.84 -13.59 50.86
N LEU F 807 -39.56 -12.48 50.18
CA LEU F 807 -40.51 -11.39 50.15
C LEU F 807 -41.73 -11.73 49.31
N LEU F 808 -41.52 -12.44 48.20
CA LEU F 808 -42.65 -12.81 47.33
C LEU F 808 -43.60 -13.75 48.05
N CYS F 809 -43.07 -14.74 48.77
CA CYS F 809 -43.92 -15.67 49.49
C CYS F 809 -44.60 -15.01 50.69
N GLU F 810 -44.09 -13.87 51.16
CA GLU F 810 -44.70 -13.19 52.29
C GLU F 810 -46.13 -12.78 51.97
N GLY F 811 -46.36 -12.28 50.75
CA GLY F 811 -47.72 -11.97 50.33
C GLY F 811 -48.56 -13.19 50.00
N LEU F 812 -47.94 -14.25 49.47
CA LEU F 812 -48.68 -15.46 49.16
C LEU F 812 -49.10 -16.24 50.39
N LEU F 813 -48.38 -16.11 51.50
CA LEU F 813 -48.81 -16.75 52.74
C LEU F 813 -50.03 -16.08 53.35
N HIS F 814 -50.44 -14.93 52.83
CA HIS F 814 -51.65 -14.29 53.30
C HIS F 814 -52.86 -15.19 52.99
N PRO F 815 -53.84 -15.27 53.89
CA PRO F 815 -54.94 -16.23 53.69
C PRO F 815 -55.79 -15.94 52.48
N ASP F 816 -56.29 -14.71 52.36
CA ASP F 816 -57.23 -14.36 51.30
C ASP F 816 -56.51 -13.99 50.00
N CYS F 817 -55.77 -14.97 49.48
CA CYS F 817 -55.17 -14.88 48.16
C CYS F 817 -55.57 -16.12 47.37
N LYS F 818 -55.89 -15.94 46.10
CA LYS F 818 -56.42 -17.01 45.27
C LYS F 818 -55.55 -17.26 44.04
N LEU F 819 -54.23 -17.09 44.19
CA LEU F 819 -53.32 -17.42 43.11
C LEU F 819 -53.37 -18.92 42.84
N GLN F 820 -53.75 -19.29 41.63
CA GLN F 820 -53.92 -20.70 41.28
C GLN F 820 -52.71 -21.30 40.58
N VAL F 821 -52.13 -20.58 39.63
CA VAL F 821 -50.99 -21.09 38.85
C VAL F 821 -49.86 -20.08 38.94
N LEU F 822 -48.68 -20.55 39.33
CA LEU F 822 -47.48 -19.72 39.37
C LEU F 822 -46.38 -20.43 38.59
N GLU F 823 -45.77 -19.72 37.65
CA GLU F 823 -44.66 -20.23 36.86
C GLU F 823 -43.44 -19.37 37.15
N LEU F 824 -42.32 -20.02 37.43
CA LEU F 824 -41.09 -19.30 37.77
C LEU F 824 -39.91 -20.18 37.36
N ASP F 825 -39.31 -19.86 36.22
CA ASP F 825 -38.22 -20.64 35.66
C ASP F 825 -37.05 -19.74 35.32
N ASN F 826 -35.87 -20.35 35.22
CA ASN F 826 -34.65 -19.69 34.78
C ASN F 826 -34.21 -18.58 35.73
N CYS F 827 -34.90 -18.42 36.84
CA CYS F 827 -34.50 -17.44 37.85
C CYS F 827 -33.36 -17.99 38.69
N ASN F 828 -32.38 -17.14 38.98
CA ASN F 828 -31.24 -17.55 39.79
C ASN F 828 -31.71 -17.86 41.20
N LEU F 829 -31.72 -19.15 41.56
CA LEU F 829 -32.19 -19.60 42.85
C LEU F 829 -31.12 -20.47 43.50
N THR F 830 -31.21 -20.58 44.82
CA THR F 830 -30.27 -21.39 45.60
C THR F 830 -31.05 -22.23 46.59
N SER F 831 -30.51 -23.40 46.91
CA SER F 831 -31.18 -24.33 47.82
C SER F 831 -31.34 -23.76 49.23
N HIS F 832 -30.63 -22.70 49.58
CA HIS F 832 -30.76 -22.13 50.92
C HIS F 832 -32.14 -21.54 51.14
N CYS F 833 -32.75 -20.99 50.07
CA CYS F 833 -34.09 -20.43 50.14
C CYS F 833 -35.16 -21.44 49.74
N CYS F 834 -34.76 -22.67 49.41
CA CYS F 834 -35.72 -23.69 49.00
C CYS F 834 -36.67 -24.08 50.13
N TRP F 835 -36.31 -23.78 51.38
CA TRP F 835 -37.19 -24.08 52.50
C TRP F 835 -38.48 -23.29 52.41
N ASP F 836 -38.40 -22.00 52.03
CA ASP F 836 -39.58 -21.16 51.94
C ASP F 836 -40.56 -21.67 50.89
N LEU F 837 -40.06 -22.29 49.83
CA LEU F 837 -40.96 -22.86 48.82
C LEU F 837 -41.81 -23.97 49.41
N SER F 838 -41.22 -24.81 50.27
CA SER F 838 -41.97 -25.89 50.89
C SER F 838 -43.06 -25.36 51.81
N THR F 839 -42.75 -24.28 52.56
CA THR F 839 -43.74 -23.72 53.48
C THR F 839 -44.96 -23.20 52.73
N LEU F 840 -44.73 -22.49 51.62
CA LEU F 840 -45.85 -22.01 50.81
C LEU F 840 -46.65 -23.16 50.23
N LEU F 841 -45.96 -24.21 49.78
CA LEU F 841 -46.63 -25.34 49.14
C LEU F 841 -47.62 -26.01 50.10
N THR F 842 -47.22 -26.20 51.36
CA THR F 842 -48.08 -26.84 52.33
C THR F 842 -49.18 -25.92 52.83
N SER F 843 -48.87 -24.63 52.98
CA SER F 843 -49.81 -23.70 53.61
C SER F 843 -50.93 -23.29 52.66
N SER F 844 -50.57 -22.63 51.55
CA SER F 844 -51.56 -22.08 50.65
C SER F 844 -52.30 -23.20 49.92
N GLN F 845 -53.63 -23.18 49.97
CA GLN F 845 -54.45 -24.16 49.30
C GLN F 845 -54.94 -23.69 47.94
N SER F 846 -54.70 -22.44 47.57
CA SER F 846 -55.17 -21.92 46.29
C SER F 846 -54.32 -22.42 45.12
N LEU F 847 -53.04 -22.69 45.35
CA LEU F 847 -52.15 -23.09 44.27
C LEU F 847 -52.60 -24.42 43.67
N ARG F 848 -52.47 -24.53 42.35
CA ARG F 848 -52.80 -25.76 41.64
C ARG F 848 -51.58 -26.39 40.99
N LYS F 849 -50.86 -25.64 40.16
CA LYS F 849 -49.65 -26.14 39.53
C LYS F 849 -48.55 -25.09 39.64
N LEU F 850 -47.37 -25.50 40.11
CA LEU F 850 -46.22 -24.63 40.24
C LEU F 850 -45.04 -25.27 39.56
N SER F 851 -44.36 -24.52 38.69
CA SER F 851 -43.24 -25.04 37.91
C SER F 851 -41.98 -24.25 38.22
N LEU F 852 -40.88 -24.97 38.43
CA LEU F 852 -39.56 -24.37 38.65
C LEU F 852 -38.61 -25.04 37.66
N GLY F 853 -38.56 -24.51 36.44
CA GLY F 853 -37.79 -25.12 35.38
C GLY F 853 -36.35 -24.66 35.39
N ASN F 854 -35.42 -25.61 35.30
CA ASN F 854 -33.97 -25.39 35.18
C ASN F 854 -33.45 -24.37 36.19
N ASN F 855 -34.12 -24.23 37.34
CA ASN F 855 -33.61 -23.40 38.42
C ASN F 855 -32.61 -24.22 39.22
N ASP F 856 -31.33 -23.87 39.10
CA ASP F 856 -30.25 -24.66 39.68
C ASP F 856 -30.30 -24.54 41.20
N LEU F 857 -30.82 -25.58 41.86
CA LEU F 857 -30.88 -25.64 43.31
C LEU F 857 -30.41 -27.01 43.77
N GLY F 858 -29.92 -27.06 45.00
CA GLY F 858 -29.35 -28.28 45.52
C GLY F 858 -30.36 -29.40 45.64
N ASP F 859 -29.85 -30.63 45.51
CA ASP F 859 -30.70 -31.81 45.59
C ASP F 859 -31.32 -31.99 46.97
N LEU F 860 -30.77 -31.34 47.99
CA LEU F 860 -31.38 -31.40 49.32
C LEU F 860 -32.76 -30.74 49.32
N GLY F 861 -32.90 -29.63 48.59
CA GLY F 861 -34.19 -28.95 48.53
C GLY F 861 -35.25 -29.75 47.81
N VAL F 862 -34.86 -30.55 46.83
CA VAL F 862 -35.81 -31.42 46.14
C VAL F 862 -36.37 -32.45 47.12
N MET F 863 -35.50 -33.04 47.94
CA MET F 863 -35.94 -33.97 48.97
C MET F 863 -36.69 -33.29 50.10
N MET F 864 -36.49 -31.99 50.29
CA MET F 864 -37.34 -31.25 51.22
C MET F 864 -38.78 -31.26 50.77
N PHE F 865 -39.02 -31.33 49.46
CA PHE F 865 -40.38 -31.39 48.93
C PHE F 865 -40.96 -32.80 48.97
N CYS F 866 -40.12 -33.82 49.10
CA CYS F 866 -40.62 -35.20 49.05
C CYS F 866 -41.55 -35.48 50.22
N GLU F 867 -41.18 -35.06 51.43
CA GLU F 867 -42.02 -35.30 52.58
C GLU F 867 -43.23 -34.38 52.63
N VAL F 868 -43.07 -33.11 52.23
CA VAL F 868 -44.19 -32.16 52.30
C VAL F 868 -45.29 -32.56 51.33
N LEU F 869 -44.92 -33.11 50.17
CA LEU F 869 -45.93 -33.71 49.29
C LEU F 869 -46.55 -34.94 49.94
N LYS F 870 -45.74 -35.72 50.66
CA LYS F 870 -46.24 -36.88 51.38
C LYS F 870 -47.11 -36.50 52.56
N GLN F 871 -47.06 -35.24 53.00
CA GLN F 871 -47.82 -34.77 54.15
C GLN F 871 -49.23 -34.30 53.77
N GLN F 872 -49.76 -34.77 52.65
CA GLN F 872 -51.08 -34.38 52.17
C GLN F 872 -51.18 -32.87 51.98
N SER F 873 -50.34 -32.36 51.07
CA SER F 873 -50.26 -30.94 50.79
C SER F 873 -51.37 -30.53 49.82
N CYS F 874 -51.36 -29.26 49.40
CA CYS F 874 -52.43 -28.69 48.60
C CYS F 874 -52.06 -28.51 47.13
N LEU F 875 -50.86 -28.90 46.72
CA LEU F 875 -50.49 -28.87 45.31
C LEU F 875 -51.08 -30.12 44.66
N LEU F 876 -52.03 -29.94 43.75
CA LEU F 876 -52.84 -31.05 43.27
C LEU F 876 -52.69 -31.33 41.78
N GLN F 877 -52.24 -30.36 40.98
CA GLN F 877 -52.27 -30.52 39.53
C GLN F 877 -50.91 -30.89 38.94
N ASN F 878 -49.90 -30.05 39.16
CA ASN F 878 -48.60 -30.27 38.54
C ASN F 878 -47.51 -29.64 39.38
N LEU F 879 -46.28 -30.13 39.16
CA LEU F 879 -45.10 -29.58 39.83
C LEU F 879 -43.92 -29.74 38.86
N GLY F 880 -43.59 -28.67 38.16
CA GLY F 880 -42.57 -28.72 37.12
C GLY F 880 -41.16 -28.51 37.61
N LEU F 881 -40.30 -29.51 37.39
CA LEU F 881 -38.89 -29.45 37.74
C LEU F 881 -38.04 -29.97 36.58
N SER F 882 -38.41 -29.58 35.37
CA SER F 882 -37.71 -30.06 34.19
C SER F 882 -36.33 -29.42 34.08
N GLU F 883 -35.49 -30.03 33.23
CA GLU F 883 -34.12 -29.57 33.01
C GLU F 883 -33.33 -29.54 34.31
N MET F 884 -33.57 -30.53 35.17
CA MET F 884 -32.85 -30.67 36.42
C MET F 884 -32.26 -32.07 36.51
N TYR F 885 -30.98 -32.13 36.89
CA TYR F 885 -30.23 -33.37 36.84
C TYR F 885 -29.86 -33.79 38.24
N PHE F 886 -30.18 -35.04 38.58
CA PHE F 886 -29.96 -35.59 39.91
C PHE F 886 -29.26 -36.94 39.78
N ASN F 887 -28.69 -37.40 40.89
CA ASN F 887 -27.98 -38.68 40.86
C ASN F 887 -28.97 -39.84 40.87
N TYR F 888 -28.43 -41.05 40.73
CA TYR F 888 -29.26 -42.24 40.61
C TYR F 888 -30.10 -42.47 41.86
N GLU F 889 -29.52 -42.28 43.04
CA GLU F 889 -30.25 -42.55 44.26
C GLU F 889 -31.27 -41.45 44.56
N THR F 890 -31.08 -40.26 43.98
CA THR F 890 -32.07 -39.19 44.14
C THR F 890 -33.22 -39.32 43.14
N LYS F 891 -32.92 -39.77 41.92
CA LYS F 891 -33.96 -39.85 40.89
C LYS F 891 -35.07 -40.81 41.26
N SER F 892 -34.73 -41.97 41.83
CA SER F 892 -35.74 -42.98 42.12
C SER F 892 -36.69 -42.53 43.23
N ALA F 893 -36.24 -41.62 44.09
CA ALA F 893 -37.09 -41.15 45.19
C ALA F 893 -38.31 -40.40 44.67
N LEU F 894 -38.17 -39.63 43.59
CA LEU F 894 -39.32 -38.95 43.02
C LEU F 894 -40.22 -39.90 42.25
N GLU F 895 -39.65 -40.99 41.72
CA GLU F 895 -40.43 -41.94 40.94
C GLU F 895 -41.50 -42.62 41.80
N THR F 896 -41.14 -43.04 43.01
CA THR F 896 -42.08 -43.76 43.86
C THR F 896 -43.21 -42.85 44.34
N LEU F 897 -42.93 -41.56 44.50
CA LEU F 897 -43.98 -40.63 44.93
C LEU F 897 -45.04 -40.43 43.86
N GLN F 898 -44.71 -40.69 42.59
CA GLN F 898 -45.70 -40.58 41.52
C GLN F 898 -46.83 -41.58 41.70
N GLU F 899 -46.50 -42.82 42.07
CA GLU F 899 -47.53 -43.83 42.27
C GLU F 899 -48.31 -43.59 43.55
N GLU F 900 -47.68 -43.02 44.57
CA GLU F 900 -48.37 -42.77 45.84
C GLU F 900 -49.50 -41.76 45.66
N LYS F 901 -49.27 -40.73 44.85
CA LYS F 901 -50.23 -39.65 44.66
C LYS F 901 -50.59 -39.57 43.18
N PRO F 902 -51.57 -40.35 42.72
CA PRO F 902 -51.98 -40.28 41.31
C PRO F 902 -52.80 -39.03 40.99
N GLU F 903 -53.24 -38.28 42.00
CA GLU F 903 -54.04 -37.09 41.75
C GLU F 903 -53.21 -35.95 41.15
N LEU F 904 -51.89 -35.99 41.29
CA LEU F 904 -51.01 -35.00 40.71
C LEU F 904 -50.02 -35.68 39.78
N THR F 905 -49.31 -34.86 39.00
CA THR F 905 -48.31 -35.33 38.05
C THR F 905 -47.08 -34.44 38.17
N VAL F 906 -46.05 -34.94 38.85
CA VAL F 906 -44.80 -34.20 38.96
C VAL F 906 -44.11 -34.16 37.60
N VAL F 907 -43.60 -32.99 37.24
CA VAL F 907 -42.99 -32.80 35.93
C VAL F 907 -41.49 -32.57 36.09
N PHE F 908 -40.72 -33.65 35.99
CA PHE F 908 -39.27 -33.58 35.91
C PHE F 908 -38.84 -34.19 34.58
N GLU F 909 -37.57 -33.97 34.22
CA GLU F 909 -37.09 -34.25 32.87
C GLU F 909 -35.93 -35.25 32.92
N PRO F 910 -36.23 -36.55 32.97
CA PRO F 910 -35.19 -37.56 32.75
C PRO F 910 -35.09 -38.02 31.32
N SER F 911 -35.98 -37.57 30.45
CA SER F 911 -36.02 -37.99 29.05
C SER F 911 -36.58 -36.84 28.23
N TRP F 912 -36.94 -37.12 26.99
CA TRP F 912 -37.52 -36.11 26.10
C TRP F 912 -38.62 -36.71 25.24
PB ADP G . -13.73 42.38 -32.28
O1B ADP G . -14.18 43.66 -31.63
O2B ADP G . -13.57 41.23 -31.32
O3B ADP G . -12.60 42.54 -33.26
PA ADP G . -16.44 41.73 -32.54
O1A ADP G . -16.89 43.06 -31.98
O2A ADP G . -16.39 40.51 -31.65
O3A ADP G . -14.98 41.94 -33.19
O5' ADP G . -17.36 41.39 -33.81
C5' ADP G . -18.78 41.58 -33.71
C4' ADP G . -19.47 40.90 -34.87
O4' ADP G . -18.87 39.62 -35.10
C3' ADP G . -20.94 40.66 -34.55
O3' ADP G . -21.75 41.42 -35.45
C2' ADP G . -21.17 39.18 -34.76
O2' ADP G . -22.22 38.98 -35.72
C1' ADP G . -19.87 38.62 -35.31
N9 ADP G . -19.49 37.39 -34.58
C8 ADP G . -18.39 37.23 -33.84
N7 ADP G . -18.32 35.99 -33.30
C5 ADP G . -19.41 35.32 -33.72
C6 ADP G . -19.97 33.96 -33.53
N6 ADP G . -19.32 33.05 -32.76
N1 ADP G . -21.14 33.67 -34.13
C2 ADP G . -21.78 34.56 -34.89
N3 ADP G . -21.34 35.82 -35.11
C4 ADP G . -20.18 36.24 -34.56
PB ADP H . 49.36 23.88 2.30
O1B ADP H . 49.57 25.19 1.56
O2B ADP H . 48.03 23.23 2.01
O3B ADP H . 49.75 23.94 3.75
PA ADP H . 50.42 22.60 0.06
O1A ADP H . 50.74 23.90 -0.65
O2A ADP H . 49.18 21.82 -0.28
O3A ADP H . 50.44 22.89 1.65
O5' ADP H . 51.70 21.64 -0.14
C5' ADP H . 52.29 21.52 -1.43
C4' ADP H . 53.22 20.32 -1.47
O4' ADP H . 52.61 19.22 -0.79
C3' ADP H . 53.48 19.90 -2.90
O3' ADP H . 54.87 20.07 -3.22
C2' ADP H . 53.13 18.43 -2.97
O2' ADP H . 54.25 17.66 -3.43
C1' ADP H . 52.77 18.01 -1.54
N9 ADP H . 51.50 17.25 -1.53
C8 ADP H . 50.38 17.63 -0.91
N7 ADP H . 49.39 16.71 -1.07
C5 ADP H . 49.90 15.71 -1.81
C6 ADP H . 49.40 14.42 -2.35
N6 ADP H . 48.13 14.01 -2.12
N1 ADP H . 50.26 13.67 -3.07
C2 ADP H . 51.52 14.06 -3.31
N3 ADP H . 52.05 15.21 -2.85
C4 ADP H . 51.29 16.06 -2.11
PB ADP I . -12.81 33.51 41.56
O1B ADP I . -11.77 34.47 42.06
O2B ADP I . -12.31 32.50 40.55
O3B ADP I . -14.13 34.15 41.18
PA ADP I . -12.04 31.78 43.62
O1A ADP I . -11.05 32.77 44.19
O2A ADP I . -11.56 30.67 42.72
O3A ADP I . -13.19 32.61 42.85
O5' ADP I . -12.83 31.13 44.85
C5' ADP I . -12.10 30.69 46.00
C4' ADP I . -12.99 29.81 46.86
O4' ADP I . -13.73 28.91 46.04
C3' ADP I . -12.14 28.97 47.81
O3' ADP I . -12.41 29.33 49.16
C2' ADP I . -12.56 27.54 47.56
O2' ADP I . -12.99 26.94 48.79
C1' ADP I . -13.71 27.60 46.58
N9 ADP I . -13.51 26.61 45.48
C8 ADP I . -13.36 26.93 44.18
N7 ADP I . -13.21 25.80 43.43
C5 ADP I . -13.26 24.75 44.27
C6 ADP I . -13.16 23.28 44.13
N6 ADP I . -12.97 22.71 42.91
N1 ADP I . -13.27 22.54 45.25
C2 ADP I . -13.46 23.10 46.45
N3 ADP I . -13.55 24.42 46.65
C4 ADP I . -13.47 25.29 45.61
PB ADP J . -4.81 -38.80 38.60
O1B ADP J . -4.88 -37.67 37.62
O2B ADP J . -5.95 -39.80 38.49
O3B ADP J . -3.45 -39.44 38.74
PA ADP J . -6.43 -37.33 40.36
O1A ADP J . -6.52 -36.11 39.48
O2A ADP J . -7.54 -38.37 40.33
O3A ADP J . -5.04 -38.09 40.04
O5' ADP J . -6.24 -36.87 41.87
C5' ADP J . -7.39 -36.58 42.66
C4' ADP J . -6.98 -35.82 43.92
O4' ADP J . -5.98 -34.85 43.60
C3' ADP J . -8.16 -35.08 44.51
O3' ADP J . -8.48 -35.63 45.80
C2' ADP J . -7.73 -33.64 44.65
O2' ADP J . -7.86 -33.22 46.02
C1' ADP J . -6.26 -33.61 44.25
N9 ADP J . -6.02 -32.49 43.31
C8 ADP J . -5.60 -32.64 42.04
N7 ADP J . -5.46 -31.42 41.44
C5 ADP J . -5.79 -30.48 42.34
C6 ADP J . -5.86 -29.01 42.36
N6 ADP J . -5.54 -28.28 41.27
N1 ADP J . -6.25 -28.42 43.51
C2 ADP J . -6.57 -29.13 44.60
N3 ADP J . -6.53 -30.48 44.65
C4 ADP J . -6.16 -31.19 43.57
PB ADP K . 27.04 -38.42 -28.54
O1B ADP K . 26.46 -37.39 -27.61
O2B ADP K . 27.21 -39.79 -27.93
O3B ADP K . 26.44 -38.42 -29.92
PA ADP K . 29.59 -37.82 -27.55
O1A ADP K . 29.15 -36.71 -26.63
O2A ADP K . 29.81 -39.21 -27.03
O3A ADP K . 28.56 -37.90 -28.78
O5' ADP K . 30.95 -37.34 -28.28
C5' ADP K . 32.20 -37.58 -27.62
C4' ADP K . 33.29 -36.77 -28.28
O4' ADP K . 32.80 -35.46 -28.58
C3' ADP K . 34.49 -36.62 -27.35
O3' ADP K . 35.62 -37.28 -27.91
C2' ADP K . 34.74 -35.13 -27.26
O2' ADP K . 36.08 -34.85 -27.65
C1' ADP K . 33.77 -34.47 -28.22
N9 ADP K . 33.09 -33.33 -27.56
C8 ADP K . 31.76 -33.25 -27.34
N7 ADP K . 31.46 -32.07 -26.73
C5 ADP K . 32.59 -31.38 -26.56
C6 ADP K . 32.98 -30.08 -25.99
N6 ADP K . 32.05 -29.26 -25.45
N1 ADP K . 34.28 -29.74 -26.01
C2 ADP K . 35.22 -30.55 -26.53
N3 ADP K . 34.94 -31.75 -27.07
C4 ADP K . 33.67 -32.22 -27.12
PB ADP L . -45.10 -22.48 -21.65
O1B ADP L . -43.81 -21.82 -21.26
O2B ADP L . -44.95 -23.67 -22.57
O3B ADP L . -46.06 -22.71 -20.50
PA ADP L . -45.19 -20.89 -23.94
O1A ADP L . -43.94 -20.10 -23.63
O2A ADP L . -45.13 -22.08 -24.87
O3A ADP L . -45.84 -21.38 -22.55
O5' ADP L . -46.29 -19.88 -24.51
C5' ADP L . -46.30 -19.58 -25.91
C4' ADP L . -47.17 -18.37 -26.18
O4' ADP L . -46.93 -17.39 -25.18
C3' ADP L . -46.83 -17.75 -27.53
O3' ADP L . -47.95 -17.86 -28.41
C2' ADP L . -46.53 -16.30 -27.24
O2' ADP L . -47.38 -15.46 -28.03
C1' ADP L . -46.81 -16.08 -25.77
N9 ADP L . -45.69 -15.35 -25.13
C8 ADP L . -44.91 -15.84 -24.15
N7 ADP L . -43.98 -14.92 -23.77
C5 ADP L . -44.17 -13.83 -24.52
C6 ADP L . -43.53 -12.50 -24.63
N6 ADP L . -42.49 -12.15 -23.85
N1 ADP L . -44.03 -11.64 -25.55
C2 ADP L . -45.07 -11.97 -26.33
N3 ADP L . -45.70 -13.15 -26.28
C4 ADP L . -45.30 -14.11 -25.41
#